data_8JYL
#
_entry.id   8JYL
#
_cell.length_a   1.00
_cell.length_b   1.00
_cell.length_c   1.00
_cell.angle_alpha   90.00
_cell.angle_beta   90.00
_cell.angle_gamma   90.00
#
_symmetry.space_group_name_H-M   'P 1'
#
loop_
_entity.id
_entity.type
_entity.pdbx_description
1 polymer 'Acyl-acyl carrier protein synthetase'
2 non-polymer '[(2R,3S,4R,5R)-5-(6-aminopurin-9-yl)-3,4-bis(oxidanyl)oxolan-2-yl]methyl N-decanoylsulfamate'
3 non-polymer 'MAGNESIUM ION'
#
_entity_poly.entity_id   1
_entity_poly.type   'polypeptide(L)'
_entity_poly.pdbx_seq_one_letter_code
;MNQYVNDPSNYQLLIKNLLFSPVAFNPEQEIVYANHRRHSYKTFHDRVRQFANALTKMGVKKGDTVAVMDYDSHRYLECY
FAIPMIGAKLHMINVRLSPEQILYTIDHAEDDIILIHEEFLPILDQIKGRIDTVTRYVVLRDDEECEYERLLEQESTEYN
FPDFDENTVATTFYTTGTTGFPKGVFFTHRQLVLHTMGILSTIGTNASQGRLHQGDIYMPITPMFHVHAWGLPYMATMLG
VKQVYPGKYVPDVLLNLIEQEKVTFSHCVPTILHLLLSSPKSKAMDFSGWKVVIGGAALPKALCKSALERDIDVFAGYGM
SETGPILSIVQLTPEQLELDVDQQAEYRSKTGKKVALVEAYIVDEDMNKLPHDGETAGEIVVRAPWLTPNYYKDNKNSKA
LWRGGYLHTGDVAHIDDEGFIKITDRVKDMIKISGEWVSSLELEDILHQHQSVSEVAVIGMPHNKWGEVPLALVTLKEDA
QVTEKELLGFAKDFINKGILAREALLLKVKIVDEIAKTSVGKVDKKELRKLH
;
_entity_poly.pdbx_strand_id   A,B,C,D,E,F
#
# COMPACT_ATOMS: atom_id res chain seq x y z
N ASN A 6 9.84 -6.02 16.88
CA ASN A 6 10.04 -7.26 17.62
C ASN A 6 8.84 -7.61 18.51
N ASP A 7 7.99 -8.51 18.04
CA ASP A 7 6.90 -9.03 18.84
C ASP A 7 7.42 -10.16 19.71
N PRO A 8 7.31 -10.06 21.05
CA PRO A 8 7.89 -11.09 21.91
C PRO A 8 7.32 -12.48 21.68
N SER A 9 6.04 -12.61 21.34
CA SER A 9 5.48 -13.92 21.07
C SER A 9 5.90 -14.44 19.70
N ASN A 10 6.29 -13.56 18.80
CA ASN A 10 6.77 -13.95 17.46
C ASN A 10 8.23 -14.35 17.58
N TYR A 11 8.46 -15.62 17.93
CA TYR A 11 9.81 -16.11 18.16
C TYR A 11 10.61 -16.12 16.86
N GLN A 12 11.85 -15.66 16.94
CA GLN A 12 12.76 -15.67 15.81
C GLN A 12 13.86 -16.69 16.08
N LEU A 13 14.11 -17.54 15.08
CA LEU A 13 15.19 -18.53 15.16
C LEU A 13 16.50 -17.82 14.92
N LEU A 14 17.19 -17.47 15.99
CA LEU A 14 18.42 -16.70 15.94
C LEU A 14 19.58 -17.52 16.49
N ILE A 15 20.77 -17.26 15.95
CA ILE A 15 21.96 -17.98 16.39
C ILE A 15 22.26 -17.71 17.86
N LYS A 16 21.85 -16.55 18.37
CA LYS A 16 21.97 -16.28 19.80
C LYS A 16 21.16 -17.24 20.64
N ASN A 17 20.09 -17.81 20.08
CA ASN A 17 19.33 -18.81 20.81
C ASN A 17 20.06 -20.15 20.86
N LEU A 18 20.90 -20.43 19.85
CA LEU A 18 21.74 -21.63 19.91
C LEU A 18 22.72 -21.54 21.07
N LEU A 19 23.21 -20.33 21.37
CA LEU A 19 24.21 -20.12 22.39
C LEU A 19 23.61 -20.02 23.79
N PHE A 20 22.60 -19.18 23.96
CA PHE A 20 22.04 -18.91 25.28
C PHE A 20 20.83 -19.76 25.61
N SER A 21 20.28 -20.51 24.65
CA SER A 21 19.23 -21.48 24.90
C SER A 21 19.63 -22.82 24.31
N PRO A 22 20.75 -23.40 24.77
CA PRO A 22 21.22 -24.63 24.16
C PRO A 22 20.55 -25.88 24.72
N VAL A 23 20.85 -27.03 24.13
CA VAL A 23 20.40 -28.29 24.71
C VAL A 23 20.99 -28.48 26.10
N ALA A 24 22.28 -28.18 26.24
CA ALA A 24 22.96 -28.29 27.52
C ALA A 24 24.00 -27.20 27.61
N PHE A 25 24.18 -26.66 28.81
CA PHE A 25 25.23 -25.68 29.08
C PHE A 25 25.92 -26.04 30.39
N ASN A 26 27.17 -26.45 30.31
CA ASN A 26 28.03 -26.59 31.48
C ASN A 26 29.00 -25.42 31.49
N PRO A 27 28.89 -24.48 32.43
CA PRO A 27 29.79 -23.33 32.41
C PRO A 27 31.25 -23.69 32.62
N GLU A 28 31.54 -24.86 33.19
CA GLU A 28 32.91 -25.30 33.42
C GLU A 28 33.40 -26.27 32.35
N GLN A 29 32.58 -26.58 31.35
CA GLN A 29 33.05 -27.36 30.21
C GLN A 29 34.04 -26.53 29.39
N GLU A 30 35.03 -27.19 28.83
CA GLU A 30 36.17 -26.50 28.24
C GLU A 30 36.05 -26.38 26.73
N ILE A 31 36.53 -25.24 26.21
CA ILE A 31 36.89 -25.10 24.80
C ILE A 31 38.41 -25.13 24.74
N VAL A 32 38.95 -26.09 24.00
CA VAL A 32 40.39 -26.33 23.93
C VAL A 32 40.86 -25.96 22.53
N TYR A 33 41.88 -25.11 22.45
CA TYR A 33 42.51 -24.76 21.19
C TYR A 33 43.89 -25.41 21.16
N ALA A 34 43.93 -26.65 20.66
CA ALA A 34 45.16 -27.41 20.50
C ALA A 34 45.98 -27.41 21.80
N ASN A 35 47.17 -26.82 21.76
CA ASN A 35 47.99 -26.64 22.95
C ASN A 35 48.26 -25.16 23.23
N HIS A 36 47.53 -24.27 22.57
CA HIS A 36 47.72 -22.84 22.74
C HIS A 36 46.87 -22.26 23.86
N ARG A 37 45.60 -22.62 23.91
CA ARG A 37 44.67 -21.98 24.83
C ARG A 37 43.66 -23.01 25.32
N ARG A 38 43.07 -22.72 26.48
CA ARG A 38 42.08 -23.59 27.08
C ARG A 38 41.27 -22.75 28.07
N HIS A 39 39.96 -22.67 27.86
CA HIS A 39 39.08 -21.94 28.75
C HIS A 39 37.74 -22.64 28.83
N SER A 40 36.87 -22.13 29.68
CA SER A 40 35.57 -22.74 29.93
C SER A 40 34.51 -22.19 29.00
N TYR A 41 33.34 -22.83 29.02
CA TYR A 41 32.20 -22.33 28.25
C TYR A 41 31.74 -20.98 28.77
N LYS A 42 31.84 -20.77 30.07
CA LYS A 42 31.50 -19.47 30.66
C LYS A 42 32.43 -18.38 30.13
N THR A 43 33.73 -18.69 30.00
CA THR A 43 34.66 -17.76 29.36
C THR A 43 34.31 -17.56 27.89
N PHE A 44 33.92 -18.64 27.20
CA PHE A 44 33.57 -18.55 25.79
C PHE A 44 32.38 -17.62 25.59
N HIS A 45 31.39 -17.68 26.48
CA HIS A 45 30.28 -16.74 26.39
C HIS A 45 30.73 -15.31 26.69
N ASP A 46 31.68 -15.16 27.61
CA ASP A 46 32.24 -13.83 27.88
C ASP A 46 32.98 -13.30 26.65
N ARG A 47 33.77 -14.14 26.00
CA ARG A 47 34.55 -13.68 24.86
C ARG A 47 33.68 -13.38 23.65
N VAL A 48 32.51 -14.02 23.55
CA VAL A 48 31.57 -13.66 22.49
C VAL A 48 31.01 -12.27 22.73
N ARG A 49 30.67 -11.95 23.98
CA ARG A 49 30.19 -10.62 24.29
C ARG A 49 31.30 -9.58 24.18
N GLN A 50 32.52 -9.92 24.57
CA GLN A 50 33.65 -9.03 24.37
C GLN A 50 33.88 -8.76 22.88
N PHE A 51 33.81 -9.82 22.07
CA PHE A 51 33.95 -9.66 20.63
C PHE A 51 32.82 -8.80 20.06
N ALA A 52 31.60 -9.02 20.53
CA ALA A 52 30.48 -8.18 20.10
C ALA A 52 30.70 -6.72 20.47
N ASN A 53 31.24 -6.47 21.67
CA ASN A 53 31.61 -5.11 22.06
C ASN A 53 32.71 -4.56 21.15
N ALA A 54 33.74 -5.36 20.89
CA ALA A 54 34.83 -4.92 20.03
C ALA A 54 34.35 -4.65 18.61
N LEU A 55 33.46 -5.51 18.09
CA LEU A 55 32.91 -5.28 16.76
C LEU A 55 32.08 -4.00 16.70
N THR A 56 31.31 -3.74 17.76
CA THR A 56 30.54 -2.50 17.81
C THR A 56 31.45 -1.28 17.83
N LYS A 57 32.55 -1.36 18.58
CA LYS A 57 33.51 -0.26 18.63
C LYS A 57 34.18 -0.06 17.27
N MET A 58 34.50 -1.14 16.56
CA MET A 58 35.06 -1.02 15.23
C MET A 58 34.05 -0.56 14.19
N GLY A 59 32.83 -0.23 14.61
CA GLY A 59 31.83 0.24 13.67
C GLY A 59 31.16 -0.82 12.82
N VAL A 60 31.18 -2.07 13.26
CA VAL A 60 30.42 -3.10 12.56
C VAL A 60 28.96 -2.95 12.93
N LYS A 61 28.11 -2.72 11.93
CA LYS A 61 26.67 -2.61 12.11
C LYS A 61 25.99 -3.84 11.52
N LYS A 62 24.69 -3.95 11.78
CA LYS A 62 23.90 -4.99 11.16
C LYS A 62 23.95 -4.84 9.65
N GLY A 63 24.20 -5.95 8.95
CA GLY A 63 24.37 -5.94 7.52
C GLY A 63 25.79 -5.81 7.04
N ASP A 64 26.73 -5.52 7.93
CA ASP A 64 28.14 -5.47 7.55
C ASP A 64 28.69 -6.89 7.39
N THR A 65 29.80 -6.98 6.65
CA THR A 65 30.47 -8.25 6.42
C THR A 65 31.81 -8.23 7.14
N VAL A 66 32.02 -9.21 8.01
CA VAL A 66 33.31 -9.45 8.64
C VAL A 66 33.86 -10.74 8.07
N ALA A 67 35.03 -10.65 7.45
CA ALA A 67 35.68 -11.80 6.84
C ALA A 67 36.70 -12.39 7.79
N VAL A 68 36.84 -13.72 7.76
CA VAL A 68 37.74 -14.44 8.64
C VAL A 68 38.66 -15.31 7.79
N MET A 69 39.96 -15.17 8.01
CA MET A 69 40.99 -16.00 7.37
C MET A 69 41.78 -16.61 8.52
N ASP A 70 41.37 -17.80 8.96
CA ASP A 70 41.89 -18.37 10.19
C ASP A 70 41.87 -19.88 10.09
N TYR A 71 42.63 -20.52 10.98
CA TYR A 71 42.58 -21.96 11.14
C TYR A 71 41.42 -22.33 12.07
N ASP A 72 41.28 -23.63 12.33
CA ASP A 72 40.28 -24.14 13.24
C ASP A 72 40.66 -23.82 14.68
N SER A 73 40.11 -22.75 15.23
CA SER A 73 40.53 -22.26 16.53
C SER A 73 39.30 -21.88 17.36
N HIS A 74 39.56 -21.46 18.60
CA HIS A 74 38.52 -20.86 19.43
C HIS A 74 38.05 -19.52 18.87
N ARG A 75 38.96 -18.75 18.25
CA ARG A 75 38.58 -17.47 17.67
C ARG A 75 37.54 -17.66 16.57
N TYR A 76 37.72 -18.69 15.74
CA TYR A 76 36.74 -18.98 14.70
C TYR A 76 35.38 -19.36 15.30
N LEU A 77 35.39 -20.12 16.40
CA LEU A 77 34.13 -20.47 17.05
C LEU A 77 33.43 -19.23 17.58
N GLU A 78 34.19 -18.30 18.17
CA GLU A 78 33.60 -17.03 18.60
C GLU A 78 33.10 -16.23 17.41
N CYS A 79 33.81 -16.31 16.27
CA CYS A 79 33.34 -15.64 15.07
C CYS A 79 32.04 -16.26 14.56
N TYR A 80 31.85 -17.56 14.76
CA TYR A 80 30.60 -18.21 14.35
C TYR A 80 29.40 -17.62 15.05
N PHE A 81 29.58 -17.15 16.28
CA PHE A 81 28.48 -16.63 17.07
C PHE A 81 28.45 -15.10 17.08
N ALA A 82 29.55 -14.47 17.50
CA ALA A 82 29.50 -13.03 17.78
C ALA A 82 29.16 -12.21 16.53
N ILE A 83 29.75 -12.55 15.38
CA ILE A 83 29.49 -11.77 14.17
C ILE A 83 28.04 -11.88 13.72
N PRO A 84 27.46 -13.08 13.52
CA PRO A 84 26.02 -13.11 13.17
C PRO A 84 25.12 -12.57 14.26
N MET A 85 25.57 -12.65 15.51
CA MET A 85 24.69 -12.35 16.64
C MET A 85 24.47 -10.85 16.82
N ILE A 86 25.34 -10.02 16.26
CA ILE A 86 25.12 -8.58 16.24
C ILE A 86 24.43 -8.19 14.94
N GLY A 87 24.05 -9.18 14.15
CA GLY A 87 23.40 -8.93 12.88
C GLY A 87 24.33 -8.74 11.71
N ALA A 88 25.62 -8.96 11.88
CA ALA A 88 26.58 -8.84 10.80
C ALA A 88 26.69 -10.14 10.02
N LYS A 89 27.27 -10.04 8.84
CA LYS A 89 27.47 -11.17 7.94
C LYS A 89 28.87 -11.72 8.15
N LEU A 90 28.97 -13.00 8.48
CA LEU A 90 30.26 -13.66 8.62
C LEU A 90 30.64 -14.26 7.26
N HIS A 91 31.77 -13.84 6.73
CA HIS A 91 32.29 -14.37 5.48
C HIS A 91 33.48 -15.27 5.79
N MET A 92 33.31 -16.57 5.57
CA MET A 92 34.38 -17.54 5.77
C MET A 92 35.19 -17.63 4.48
N ILE A 93 36.41 -17.09 4.50
CA ILE A 93 37.27 -17.10 3.33
C ILE A 93 37.95 -18.45 3.23
N ASN A 94 37.77 -19.13 2.10
CA ASN A 94 38.45 -20.38 1.82
C ASN A 94 39.91 -20.06 1.51
N VAL A 95 40.78 -20.26 2.50
CA VAL A 95 42.20 -19.93 2.33
C VAL A 95 42.93 -20.92 1.44
N ARG A 96 42.29 -22.02 1.05
CA ARG A 96 42.89 -22.97 0.13
C ARG A 96 42.65 -22.61 -1.32
N LEU A 97 41.87 -21.58 -1.61
CA LEU A 97 41.73 -21.11 -2.98
C LEU A 97 42.97 -20.34 -3.39
N SER A 98 43.11 -20.16 -4.71
CA SER A 98 44.20 -19.35 -5.20
C SER A 98 43.99 -17.90 -4.77
N PRO A 99 45.07 -17.12 -4.63
CA PRO A 99 44.91 -15.72 -4.20
C PRO A 99 44.00 -14.91 -5.10
N GLU A 100 44.01 -15.17 -6.41
CA GLU A 100 43.09 -14.46 -7.32
C GLU A 100 41.64 -14.79 -7.00
N GLN A 101 41.35 -16.05 -6.72
CA GLN A 101 40.00 -16.44 -6.32
C GLN A 101 39.63 -15.81 -4.99
N ILE A 102 40.57 -15.80 -4.03
CA ILE A 102 40.32 -15.18 -2.74
C ILE A 102 40.04 -13.69 -2.90
N LEU A 103 40.81 -13.02 -3.74
CA LEU A 103 40.59 -11.61 -4.00
C LEU A 103 39.19 -11.37 -4.57
N TYR A 104 38.75 -12.24 -5.47
CA TYR A 104 37.41 -12.10 -6.03
C TYR A 104 36.34 -12.16 -4.95
N THR A 105 36.43 -13.15 -4.05
CA THR A 105 35.39 -13.33 -3.05
C THR A 105 35.39 -12.19 -2.03
N ILE A 106 36.56 -11.63 -1.73
CA ILE A 106 36.62 -10.49 -0.81
C ILE A 106 35.96 -9.26 -1.43
N ASP A 107 36.23 -9.00 -2.71
CA ASP A 107 35.63 -7.85 -3.38
C ASP A 107 34.16 -8.09 -3.69
N HIS A 108 33.81 -9.31 -4.08
CA HIS A 108 32.41 -9.65 -4.34
C HIS A 108 31.57 -9.53 -3.07
N ALA A 109 32.08 -10.03 -1.94
CA ALA A 109 31.35 -9.97 -0.69
C ALA A 109 31.42 -8.60 -0.04
N GLU A 110 32.36 -7.75 -0.45
CA GLU A 110 32.55 -6.42 0.11
C GLU A 110 32.74 -6.48 1.63
N ASP A 111 33.79 -7.19 2.02
CA ASP A 111 34.11 -7.32 3.44
C ASP A 111 34.55 -5.98 4.01
N ASP A 112 34.09 -5.62 5.18
CA ASP A 112 34.51 -4.41 5.84
C ASP A 112 35.74 -4.66 6.67
N ILE A 113 35.75 -5.76 7.41
CA ILE A 113 36.87 -6.07 8.28
C ILE A 113 37.29 -7.50 8.01
N ILE A 114 38.60 -7.73 7.97
CA ILE A 114 39.16 -9.06 7.75
C ILE A 114 39.93 -9.47 9.00
N LEU A 115 39.53 -10.57 9.60
CA LEU A 115 40.30 -11.21 10.67
C LEU A 115 41.15 -12.28 10.00
N ILE A 116 42.44 -12.00 9.85
CA ILE A 116 43.34 -12.87 9.11
C ILE A 116 44.43 -13.36 10.06
N HIS A 117 44.72 -14.65 9.99
CA HIS A 117 45.86 -15.18 10.73
C HIS A 117 47.17 -14.71 10.11
N GLU A 118 48.21 -14.60 10.94
CA GLU A 118 49.50 -14.12 10.46
C GLU A 118 50.08 -15.02 9.37
N GLU A 119 49.79 -16.32 9.43
CA GLU A 119 50.33 -17.25 8.43
C GLU A 119 49.68 -17.07 7.06
N PHE A 120 48.52 -16.41 6.99
CA PHE A 120 47.88 -16.13 5.72
C PHE A 120 48.21 -14.76 5.17
N LEU A 121 49.00 -13.98 5.90
CA LEU A 121 49.43 -12.67 5.39
C LEU A 121 50.15 -12.75 4.05
N PRO A 122 51.01 -13.73 3.77
CA PRO A 122 51.58 -13.81 2.41
C PRO A 122 50.54 -13.89 1.31
N ILE A 123 49.39 -14.51 1.55
CA ILE A 123 48.30 -14.47 0.58
C ILE A 123 47.80 -13.04 0.41
N LEU A 124 47.69 -12.30 1.53
CA LEU A 124 47.18 -10.94 1.47
C LEU A 124 48.08 -10.03 0.64
N ASP A 125 49.40 -10.16 0.81
CA ASP A 125 50.33 -9.29 0.09
C ASP A 125 50.26 -9.47 -1.42
N GLN A 126 49.74 -10.60 -1.88
CA GLN A 126 49.56 -10.81 -3.31
C GLN A 126 48.35 -10.07 -3.87
N ILE A 127 47.36 -9.75 -3.03
CA ILE A 127 46.08 -9.24 -3.51
C ILE A 127 45.68 -7.99 -2.75
N LYS A 128 46.55 -7.51 -1.85
CA LYS A 128 46.19 -6.39 -0.98
C LYS A 128 45.88 -5.13 -1.80
N GLY A 129 46.63 -4.90 -2.87
CA GLY A 129 46.44 -3.68 -3.65
C GLY A 129 45.10 -3.62 -4.36
N ARG A 130 44.51 -4.78 -4.66
CA ARG A 130 43.25 -4.83 -5.38
C ARG A 130 42.05 -5.02 -4.45
N ILE A 131 42.25 -4.90 -3.14
CA ILE A 131 41.17 -4.95 -2.16
C ILE A 131 40.75 -3.52 -1.85
N ASP A 132 39.47 -3.22 -2.06
CA ASP A 132 38.98 -1.86 -1.91
C ASP A 132 37.94 -1.67 -0.80
N THR A 133 37.27 -2.72 -0.36
CA THR A 133 36.20 -2.58 0.63
C THR A 133 36.67 -2.68 2.07
N VAL A 134 37.82 -3.30 2.31
CA VAL A 134 38.26 -3.58 3.68
C VAL A 134 38.91 -2.34 4.27
N THR A 135 38.43 -1.93 5.44
CA THR A 135 38.98 -0.78 6.13
C THR A 135 39.90 -1.15 7.29
N ARG A 136 39.81 -2.39 7.79
CA ARG A 136 40.62 -2.80 8.92
C ARG A 136 41.00 -4.26 8.78
N TYR A 137 42.26 -4.57 9.07
CA TYR A 137 42.76 -5.94 9.15
C TYR A 137 43.14 -6.22 10.59
N VAL A 138 42.54 -7.26 11.16
CA VAL A 138 42.91 -7.74 12.48
C VAL A 138 43.74 -9.00 12.28
N VAL A 139 45.00 -8.95 12.71
CA VAL A 139 45.91 -10.07 12.53
C VAL A 139 45.75 -11.01 13.72
N LEU A 140 45.62 -12.30 13.43
CA LEU A 140 45.41 -13.31 14.45
C LEU A 140 46.69 -14.07 14.69
N ARG A 141 47.04 -14.26 15.95
CA ARG A 141 48.25 -14.95 16.34
C ARG A 141 47.91 -15.95 17.44
N ASP A 142 48.66 -17.05 17.47
CA ASP A 142 48.44 -18.09 18.47
C ASP A 142 49.10 -17.79 19.80
N ASP A 143 49.83 -16.67 19.89
CA ASP A 143 50.48 -16.25 21.12
C ASP A 143 49.73 -15.07 21.71
N GLU A 144 50.32 -14.46 22.74
CA GLU A 144 49.72 -13.32 23.43
C GLU A 144 49.70 -12.04 22.60
N GLU A 145 50.44 -12.00 21.49
CA GLU A 145 50.52 -10.80 20.66
C GLU A 145 49.41 -10.72 19.62
N CYS A 146 48.32 -11.47 19.82
CA CYS A 146 47.21 -11.48 18.87
C CYS A 146 46.44 -10.17 18.92
N GLU A 147 46.18 -9.59 17.75
CA GLU A 147 45.37 -8.37 17.69
C GLU A 147 43.93 -8.64 18.08
N TYR A 148 43.42 -9.83 17.75
CA TYR A 148 42.07 -10.21 18.17
C TYR A 148 41.98 -10.31 19.68
N GLU A 149 42.99 -10.93 20.32
CA GLU A 149 42.97 -11.06 21.77
C GLU A 149 43.08 -9.70 22.45
N ARG A 150 43.86 -8.79 21.88
CA ARG A 150 43.98 -7.45 22.46
C ARG A 150 42.70 -6.65 22.28
N LEU A 151 42.01 -6.82 21.14
CA LEU A 151 40.73 -6.15 20.95
C LEU A 151 39.70 -6.63 21.97
N LEU A 152 39.72 -7.93 22.28
CA LEU A 152 38.75 -8.47 23.24
C LEU A 152 39.04 -8.02 24.66
N GLU A 153 40.32 -7.90 25.03
CA GLU A 153 40.68 -7.53 26.39
C GLU A 153 40.18 -6.13 26.76
N GLN A 154 40.06 -5.25 25.77
CA GLN A 154 39.61 -3.88 25.99
C GLN A 154 38.10 -3.73 26.05
N GLU A 155 37.35 -4.81 26.24
CA GLU A 155 35.90 -4.76 26.19
C GLU A 155 35.30 -5.44 27.41
N SER A 156 34.07 -5.05 27.74
CA SER A 156 33.33 -5.70 28.82
C SER A 156 32.74 -7.01 28.34
N THR A 157 32.52 -7.91 29.29
CA THR A 157 31.87 -9.19 29.04
C THR A 157 30.36 -9.08 29.06
N GLU A 158 29.81 -7.87 28.91
CA GLU A 158 28.39 -7.63 28.93
C GLU A 158 27.95 -7.07 27.58
N TYR A 159 26.92 -7.68 27.00
CA TYR A 159 26.40 -7.22 25.72
C TYR A 159 24.96 -7.70 25.60
N ASN A 160 24.08 -6.82 25.15
CA ASN A 160 22.69 -7.16 24.87
C ASN A 160 22.57 -7.41 23.37
N PHE A 161 22.40 -8.66 23.00
CA PHE A 161 22.38 -9.03 21.59
C PHE A 161 21.04 -8.70 20.96
N PRO A 162 21.00 -8.11 19.78
CA PRO A 162 19.74 -7.65 19.20
C PRO A 162 18.83 -8.81 18.81
N ASP A 163 17.54 -8.50 18.83
CA ASP A 163 16.52 -9.32 18.19
C ASP A 163 16.27 -8.74 16.81
N PHE A 164 16.41 -9.58 15.78
CA PHE A 164 16.05 -9.17 14.42
C PHE A 164 15.26 -10.30 13.77
N ASP A 165 14.91 -10.08 12.51
CA ASP A 165 14.27 -11.12 11.72
C ASP A 165 15.18 -12.33 11.58
N GLU A 166 14.59 -13.52 11.70
CA GLU A 166 15.34 -14.76 11.54
C GLU A 166 15.85 -14.95 10.13
N ASN A 167 15.35 -14.20 9.16
CA ASN A 167 15.81 -14.25 7.78
C ASN A 167 16.98 -13.32 7.51
N THR A 168 17.49 -12.66 8.54
CA THR A 168 18.76 -11.95 8.42
C THR A 168 19.85 -12.93 8.00
N VAL A 169 20.61 -12.56 6.97
CA VAL A 169 21.73 -13.39 6.54
C VAL A 169 22.80 -13.40 7.63
N ALA A 170 23.21 -14.59 8.04
CA ALA A 170 24.19 -14.76 9.09
C ALA A 170 25.58 -15.09 8.57
N THR A 171 25.68 -15.93 7.54
CA THR A 171 26.95 -16.43 7.05
C THR A 171 26.97 -16.40 5.53
N THR A 172 28.13 -16.04 4.97
CA THR A 172 28.38 -16.15 3.55
C THR A 172 29.71 -16.84 3.33
N PHE A 173 29.81 -17.56 2.22
CA PHE A 173 31.08 -18.10 1.76
C PHE A 173 30.93 -18.46 0.29
N TYR A 174 32.05 -18.72 -0.36
CA TYR A 174 32.08 -18.89 -1.80
C TYR A 174 32.54 -20.30 -2.13
N THR A 175 31.79 -20.96 -3.00
CA THR A 175 32.14 -22.27 -3.50
C THR A 175 32.68 -22.14 -4.91
N THR A 176 33.74 -22.89 -5.19
CA THR A 176 34.29 -22.98 -6.54
C THR A 176 33.82 -24.23 -7.26
N GLY A 177 32.78 -24.89 -6.75
CA GLY A 177 32.25 -26.10 -7.34
C GLY A 177 31.49 -25.93 -8.62
N THR A 178 31.34 -24.70 -9.09
CA THR A 178 30.67 -24.42 -10.36
C THR A 178 31.69 -23.87 -11.35
N THR A 179 31.25 -23.71 -12.59
CA THR A 179 32.08 -23.09 -13.60
C THR A 179 32.08 -21.57 -13.42
N GLY A 180 33.11 -20.94 -13.98
CA GLY A 180 33.23 -19.50 -13.89
C GLY A 180 33.87 -19.02 -12.60
N PHE A 181 33.36 -17.94 -12.06
CA PHE A 181 33.90 -17.36 -10.83
C PHE A 181 33.30 -18.05 -9.61
N PRO A 182 33.94 -17.94 -8.46
CA PRO A 182 33.35 -18.49 -7.24
C PRO A 182 31.97 -17.91 -6.97
N LYS A 183 31.05 -18.76 -6.56
CA LYS A 183 29.67 -18.38 -6.32
C LYS A 183 29.42 -18.21 -4.83
N GLY A 184 28.78 -17.11 -4.47
CA GLY A 184 28.48 -16.84 -3.08
C GLY A 184 27.19 -17.44 -2.60
N VAL A 185 27.29 -18.35 -1.64
CA VAL A 185 26.12 -18.91 -0.97
C VAL A 185 26.02 -18.28 0.40
N PHE A 186 24.79 -18.05 0.83
CA PHE A 186 24.54 -17.37 2.09
C PHE A 186 23.47 -18.15 2.85
N PHE A 187 23.47 -17.99 4.16
CA PHE A 187 22.51 -18.68 5.01
C PHE A 187 22.06 -17.73 6.10
N THR A 188 20.77 -17.83 6.44
CA THR A 188 20.19 -16.95 7.43
C THR A 188 20.32 -17.56 8.82
N HIS A 189 19.94 -16.79 9.83
CA HIS A 189 19.92 -17.32 11.19
C HIS A 189 18.96 -18.48 11.31
N ARG A 190 17.77 -18.36 10.72
CA ARG A 190 16.78 -19.43 10.80
C ARG A 190 17.30 -20.70 10.16
N GLN A 191 17.96 -20.58 8.99
CA GLN A 191 18.47 -21.76 8.31
C GLN A 191 19.54 -22.46 9.13
N LEU A 192 20.45 -21.69 9.75
CA LEU A 192 21.50 -22.28 10.56
C LEU A 192 20.94 -22.92 11.81
N VAL A 193 19.95 -22.29 12.44
CA VAL A 193 19.32 -22.88 13.62
C VAL A 193 18.60 -24.18 13.25
N LEU A 194 17.89 -24.17 12.12
CA LEU A 194 17.18 -25.38 11.70
C LEU A 194 18.15 -26.48 11.30
N HIS A 195 19.27 -26.12 10.69
CA HIS A 195 20.28 -27.11 10.35
C HIS A 195 20.87 -27.75 11.60
N THR A 196 21.05 -26.95 12.66
CA THR A 196 21.54 -27.50 13.92
C THR A 196 20.53 -28.47 14.53
N MET A 197 19.27 -28.05 14.68
CA MET A 197 18.26 -28.93 15.26
C MET A 197 17.95 -30.09 14.33
N GLY A 198 17.89 -29.85 13.03
CA GLY A 198 17.55 -30.90 12.09
C GLY A 198 18.53 -32.05 12.13
N ILE A 199 19.83 -31.74 12.15
CA ILE A 199 20.82 -32.82 12.13
C ILE A 199 21.01 -33.41 13.53
N LEU A 200 20.84 -32.59 14.59
CA LEU A 200 20.87 -33.14 15.93
C LEU A 200 19.73 -34.14 16.14
N SER A 201 18.54 -33.82 15.63
CA SER A 201 17.44 -34.77 15.69
C SER A 201 17.73 -36.04 14.89
N THR A 202 18.59 -35.95 13.87
CA THR A 202 18.91 -37.11 13.04
C THR A 202 19.99 -37.96 13.68
N ILE A 203 21.16 -37.39 13.95
CA ILE A 203 22.26 -38.17 14.49
C ILE A 203 22.24 -38.29 16.01
N GLY A 204 21.54 -37.39 16.71
CA GLY A 204 21.36 -37.57 18.13
C GLY A 204 20.50 -38.76 18.48
N THR A 205 19.48 -39.04 17.68
CA THR A 205 18.50 -40.07 17.97
C THR A 205 18.89 -41.44 17.42
N ASN A 206 20.09 -41.58 16.88
CA ASN A 206 20.59 -42.90 16.51
C ASN A 206 20.67 -43.79 17.75
N ALA A 207 20.28 -45.03 17.64
CA ALA A 207 20.24 -45.93 18.79
C ALA A 207 21.58 -46.21 19.41
N SER A 208 22.57 -46.51 18.62
CA SER A 208 23.85 -46.90 19.12
C SER A 208 25.00 -46.35 18.29
N GLN A 209 24.96 -46.56 17.00
CA GLN A 209 26.05 -46.17 16.12
C GLN A 209 25.86 -44.74 15.60
N GLY A 210 26.98 -44.06 15.38
CA GLY A 210 26.96 -42.76 14.73
C GLY A 210 26.24 -41.68 15.51
N ARG A 211 26.46 -41.64 16.81
CA ARG A 211 25.74 -40.73 17.70
C ARG A 211 26.57 -39.49 17.98
N LEU A 212 25.95 -38.33 17.88
CA LEU A 212 26.47 -37.09 18.44
C LEU A 212 25.61 -36.77 19.65
N HIS A 213 26.17 -36.90 20.85
CA HIS A 213 25.40 -36.72 22.07
C HIS A 213 26.16 -35.82 23.04
N GLN A 214 25.52 -35.54 24.17
CA GLN A 214 26.03 -34.57 25.14
C GLN A 214 27.30 -35.03 25.84
N GLY A 215 27.58 -36.32 25.84
CA GLY A 215 28.81 -36.82 26.42
C GLY A 215 30.00 -36.88 25.50
N ASP A 216 29.83 -36.51 24.23
CA ASP A 216 30.90 -36.57 23.25
C ASP A 216 31.92 -35.47 23.49
N ILE A 217 33.12 -35.68 22.98
CA ILE A 217 34.15 -34.66 22.91
C ILE A 217 34.42 -34.37 21.44
N TYR A 218 34.26 -33.12 21.04
CA TYR A 218 34.21 -32.74 19.64
C TYR A 218 35.53 -32.15 19.19
N MET A 219 36.03 -32.63 18.06
CA MET A 219 37.18 -32.04 17.39
C MET A 219 36.93 -32.01 15.89
N PRO A 220 36.76 -30.85 15.29
CA PRO A 220 36.63 -30.80 13.82
C PRO A 220 37.95 -31.06 13.13
N ILE A 221 37.91 -31.85 12.07
CA ILE A 221 39.01 -31.92 11.11
C ILE A 221 38.52 -31.51 9.72
N THR A 222 37.38 -30.85 9.67
CA THR A 222 36.93 -30.12 8.50
C THR A 222 37.16 -28.64 8.75
N PRO A 223 37.78 -27.93 7.82
CA PRO A 223 38.05 -26.50 8.03
C PRO A 223 36.76 -25.74 8.32
N MET A 224 36.88 -24.73 9.17
CA MET A 224 35.71 -23.97 9.56
C MET A 224 35.24 -23.00 8.48
N PHE A 225 36.01 -22.82 7.40
CA PHE A 225 35.49 -22.08 6.26
C PHE A 225 34.75 -22.96 5.27
N HIS A 226 34.71 -24.27 5.48
CA HIS A 226 34.01 -25.18 4.58
C HIS A 226 32.61 -25.43 5.12
N VAL A 227 31.64 -24.74 4.51
CA VAL A 227 30.24 -24.81 4.89
C VAL A 227 30.03 -24.91 6.39
N HIS A 228 30.54 -23.95 7.17
CA HIS A 228 30.43 -23.92 8.65
C HIS A 228 31.04 -25.10 9.38
N ALA A 229 32.11 -25.69 8.87
CA ALA A 229 32.69 -26.93 9.39
C ALA A 229 31.56 -27.97 9.39
N TRP A 230 30.79 -28.00 8.32
CA TRP A 230 29.63 -28.89 8.18
C TRP A 230 28.52 -28.63 9.14
N GLY A 231 28.63 -27.52 9.82
CA GLY A 231 27.65 -27.17 10.83
C GLY A 231 27.86 -27.80 12.19
N LEU A 232 28.89 -28.64 12.35
CA LEU A 232 29.10 -29.32 13.63
C LEU A 232 29.49 -28.40 14.79
N PRO A 233 30.29 -27.34 14.61
CA PRO A 233 30.55 -26.45 15.77
C PRO A 233 29.29 -25.84 16.36
N TYR A 234 28.29 -25.52 15.52
CA TYR A 234 27.01 -25.05 16.05
C TYR A 234 26.31 -26.15 16.85
N MET A 235 26.35 -27.39 16.36
CA MET A 235 25.74 -28.50 17.08
C MET A 235 26.53 -28.85 18.33
N ALA A 236 27.86 -28.76 18.27
CA ALA A 236 28.68 -29.05 19.43
C ALA A 236 28.47 -28.02 20.53
N THR A 237 28.34 -26.75 20.16
CA THR A 237 28.01 -25.72 21.14
C THR A 237 26.60 -25.93 21.68
N MET A 238 25.66 -26.32 20.82
CA MET A 238 24.29 -26.56 21.25
C MET A 238 24.22 -27.67 22.30
N LEU A 239 25.02 -28.72 22.12
CA LEU A 239 25.09 -29.80 23.09
C LEU A 239 25.95 -29.46 24.30
N GLY A 240 26.68 -28.35 24.26
CA GLY A 240 27.53 -27.97 25.38
C GLY A 240 28.68 -28.93 25.63
N VAL A 241 29.10 -29.67 24.60
CA VAL A 241 30.16 -30.65 24.78
C VAL A 241 31.52 -29.96 24.77
N LYS A 242 32.53 -30.69 25.23
CA LYS A 242 33.90 -30.23 25.13
C LYS A 242 34.33 -30.18 23.68
N GLN A 243 34.85 -29.03 23.26
CA GLN A 243 35.27 -28.81 21.88
C GLN A 243 36.78 -28.61 21.84
N VAL A 244 37.44 -29.38 20.99
CA VAL A 244 38.88 -29.29 20.79
C VAL A 244 39.13 -28.77 19.39
N TYR A 245 39.80 -27.62 19.28
CA TYR A 245 40.11 -27.05 17.99
C TYR A 245 41.59 -27.23 17.68
N PRO A 246 41.92 -27.94 16.60
CA PRO A 246 43.31 -28.35 16.39
C PRO A 246 44.21 -27.30 15.74
N GLY A 247 43.66 -26.17 15.30
CA GLY A 247 44.47 -25.24 14.54
C GLY A 247 44.84 -25.81 13.19
N LYS A 248 46.05 -25.50 12.73
CA LYS A 248 46.53 -26.03 11.47
C LYS A 248 46.68 -27.55 11.55
N TYR A 249 46.20 -28.24 10.52
CA TYR A 249 46.10 -29.70 10.55
C TYR A 249 47.48 -30.32 10.37
N VAL A 250 47.98 -30.96 11.41
CA VAL A 250 49.19 -31.76 11.36
C VAL A 250 48.84 -33.16 11.86
N PRO A 251 49.14 -34.21 11.09
CA PRO A 251 48.67 -35.56 11.48
C PRO A 251 49.12 -35.98 12.87
N ASP A 252 50.35 -35.66 13.27
CA ASP A 252 50.79 -36.00 14.62
C ASP A 252 50.08 -35.14 15.66
N VAL A 253 49.88 -33.86 15.36
CA VAL A 253 49.15 -32.99 16.28
C VAL A 253 47.71 -33.44 16.43
N LEU A 254 47.07 -33.81 15.33
CA LEU A 254 45.69 -34.30 15.39
C LEU A 254 45.60 -35.58 16.19
N LEU A 255 46.53 -36.52 15.97
CA LEU A 255 46.51 -37.78 16.70
C LEU A 255 46.78 -37.58 18.19
N ASN A 256 47.66 -36.64 18.52
CA ASN A 256 47.92 -36.35 19.92
C ASN A 256 46.70 -35.77 20.61
N LEU A 257 45.96 -34.90 19.91
CA LEU A 257 44.76 -34.30 20.50
C LEU A 257 43.68 -35.35 20.74
N ILE A 258 43.53 -36.30 19.83
CA ILE A 258 42.53 -37.35 20.01
C ILE A 258 42.83 -38.17 21.26
N GLU A 259 44.10 -38.52 21.46
CA GLU A 259 44.47 -39.30 22.64
C GLU A 259 44.44 -38.45 23.90
N GLN A 260 45.00 -37.25 23.85
CA GLN A 260 45.17 -36.44 25.06
C GLN A 260 43.84 -35.87 25.55
N GLU A 261 43.01 -35.38 24.62
CA GLU A 261 41.74 -34.79 24.98
C GLU A 261 40.59 -35.80 24.93
N LYS A 262 40.87 -37.06 24.59
CA LYS A 262 39.87 -38.12 24.52
C LYS A 262 38.73 -37.75 23.57
N VAL A 263 39.11 -37.34 22.36
CA VAL A 263 38.13 -36.96 21.35
C VAL A 263 37.31 -38.18 20.95
N THR A 264 36.00 -38.02 20.91
CA THR A 264 35.10 -39.09 20.50
C THR A 264 34.33 -38.81 19.22
N PHE A 265 34.17 -37.55 18.82
CA PHE A 265 33.44 -37.22 17.61
C PHE A 265 34.24 -36.23 16.77
N SER A 266 34.44 -36.58 15.51
CA SER A 266 35.14 -35.71 14.57
C SER A 266 34.54 -35.90 13.19
N HIS A 267 35.03 -35.13 12.23
CA HIS A 267 34.60 -35.24 10.85
C HIS A 267 35.69 -34.70 9.94
N CYS A 268 35.76 -35.23 8.73
CA CYS A 268 36.81 -34.86 7.79
C CYS A 268 36.47 -35.41 6.42
N VAL A 269 37.26 -35.00 5.44
CA VAL A 269 37.21 -35.55 4.08
C VAL A 269 37.97 -36.87 4.09
N PRO A 270 37.75 -37.76 3.11
CA PRO A 270 38.46 -39.05 3.12
C PRO A 270 39.97 -38.93 3.07
N THR A 271 40.50 -37.85 2.49
CA THR A 271 41.95 -37.67 2.44
C THR A 271 42.55 -37.53 3.84
N ILE A 272 41.87 -36.78 4.71
CA ILE A 272 42.37 -36.59 6.07
C ILE A 272 42.40 -37.92 6.82
N LEU A 273 41.34 -38.71 6.70
CA LEU A 273 41.31 -40.00 7.37
C LEU A 273 42.39 -40.93 6.83
N HIS A 274 42.63 -40.88 5.52
CA HIS A 274 43.75 -41.62 4.94
C HIS A 274 45.07 -41.19 5.57
N LEU A 275 45.26 -39.88 5.75
CA LEU A 275 46.50 -39.38 6.33
C LEU A 275 46.61 -39.74 7.81
N LEU A 276 45.48 -39.68 8.55
CA LEU A 276 45.51 -40.03 9.96
C LEU A 276 45.82 -41.51 10.16
N LEU A 277 45.22 -42.38 9.34
CA LEU A 277 45.42 -43.82 9.51
C LEU A 277 46.79 -44.26 9.01
N SER A 278 47.37 -43.55 8.05
CA SER A 278 48.68 -43.91 7.53
C SER A 278 49.83 -43.39 8.38
N SER A 279 49.56 -42.50 9.33
CA SER A 279 50.63 -41.94 10.13
C SER A 279 51.22 -43.01 11.05
N PRO A 280 52.55 -43.08 11.17
CA PRO A 280 53.15 -44.13 12.02
C PRO A 280 52.71 -44.06 13.47
N LYS A 281 52.42 -42.86 13.99
CA LYS A 281 52.02 -42.73 15.38
C LYS A 281 50.63 -43.30 15.63
N SER A 282 49.79 -43.36 14.59
CA SER A 282 48.44 -43.89 14.75
C SER A 282 48.42 -45.39 15.01
N LYS A 283 49.52 -46.11 14.72
CA LYS A 283 49.54 -47.55 14.89
C LYS A 283 49.36 -47.93 16.36
N ALA A 284 50.02 -47.23 17.25
CA ALA A 284 49.93 -47.50 18.69
C ALA A 284 48.77 -46.77 19.35
N MET A 285 47.99 -46.01 18.59
CA MET A 285 46.88 -45.27 19.16
C MET A 285 45.66 -46.16 19.35
N ASP A 286 44.81 -45.79 20.29
CA ASP A 286 43.54 -46.46 20.55
C ASP A 286 42.41 -45.60 20.01
N PHE A 287 41.62 -46.16 19.11
CA PHE A 287 40.51 -45.46 18.47
C PHE A 287 39.16 -46.07 18.82
N SER A 288 39.06 -46.74 19.97
CA SER A 288 37.83 -47.47 20.29
C SER A 288 36.64 -46.53 20.43
N GLY A 289 36.83 -45.42 21.12
CA GLY A 289 35.76 -44.46 21.35
C GLY A 289 35.64 -43.35 20.32
N TRP A 290 36.41 -43.40 19.25
CA TRP A 290 36.45 -42.31 18.27
C TRP A 290 35.44 -42.58 17.17
N LYS A 291 34.55 -41.63 16.94
CA LYS A 291 33.64 -41.65 15.80
C LYS A 291 34.01 -40.52 14.87
N VAL A 292 34.04 -40.81 13.57
CA VAL A 292 34.31 -39.81 12.56
C VAL A 292 33.33 -40.00 11.41
N VAL A 293 32.69 -38.92 10.99
CA VAL A 293 31.83 -38.95 9.82
C VAL A 293 32.59 -38.36 8.65
N ILE A 294 32.55 -39.04 7.51
CA ILE A 294 33.35 -38.70 6.34
C ILE A 294 32.45 -38.10 5.29
N GLY A 295 32.75 -36.87 4.89
CA GLY A 295 31.99 -36.21 3.85
C GLY A 295 32.85 -35.54 2.83
N GLY A 296 32.23 -34.78 1.93
CA GLY A 296 32.97 -34.03 0.93
C GLY A 296 33.34 -34.86 -0.29
N ALA A 297 33.59 -36.15 -0.07
CA ALA A 297 33.96 -37.05 -1.15
C ALA A 297 33.47 -38.44 -0.80
N ALA A 298 33.39 -39.28 -1.82
CA ALA A 298 33.01 -40.68 -1.60
C ALA A 298 34.04 -41.35 -0.71
N LEU A 299 33.56 -42.08 0.28
CA LEU A 299 34.44 -42.84 1.16
C LEU A 299 34.79 -44.16 0.51
N PRO A 300 36.06 -44.43 0.23
CA PRO A 300 36.41 -45.74 -0.33
C PRO A 300 36.14 -46.85 0.65
N LYS A 301 35.71 -48.00 0.12
CA LYS A 301 35.43 -49.16 0.97
C LYS A 301 36.70 -49.63 1.66
N ALA A 302 37.84 -49.53 0.99
CA ALA A 302 39.10 -49.94 1.59
C ALA A 302 39.48 -49.03 2.76
N LEU A 303 39.27 -47.72 2.61
CA LEU A 303 39.56 -46.80 3.71
C LEU A 303 38.60 -47.03 4.87
N CYS A 304 37.32 -47.23 4.58
CA CYS A 304 36.35 -47.52 5.63
C CYS A 304 36.69 -48.81 6.36
N LYS A 305 37.10 -49.84 5.62
CA LYS A 305 37.47 -51.11 6.22
C LYS A 305 38.69 -50.96 7.12
N SER A 306 39.69 -50.19 6.68
CA SER A 306 40.88 -49.97 7.50
C SER A 306 40.55 -49.24 8.78
N ALA A 307 39.66 -48.25 8.72
CA ALA A 307 39.23 -47.56 9.92
C ALA A 307 38.43 -48.49 10.84
N LEU A 308 37.61 -49.36 10.25
CA LEU A 308 36.85 -50.31 11.07
C LEU A 308 37.74 -51.28 11.81
N GLU A 309 38.85 -51.72 11.19
CA GLU A 309 39.79 -52.59 11.88
C GLU A 309 40.44 -51.89 13.07
N ARG A 310 40.50 -50.57 13.07
CA ARG A 310 40.97 -49.81 14.21
C ARG A 310 39.87 -49.52 15.22
N ASP A 311 38.70 -50.15 15.06
CA ASP A 311 37.55 -49.96 15.94
C ASP A 311 37.03 -48.53 15.89
N ILE A 312 37.12 -47.88 14.74
CA ILE A 312 36.58 -46.53 14.55
C ILE A 312 35.15 -46.63 14.05
N ASP A 313 34.24 -45.93 14.71
CA ASP A 313 32.88 -45.74 14.19
C ASP A 313 32.96 -44.73 13.06
N VAL A 314 33.23 -45.24 11.86
CA VAL A 314 33.38 -44.43 10.67
C VAL A 314 32.15 -44.62 9.79
N PHE A 315 31.52 -43.52 9.44
CA PHE A 315 30.36 -43.52 8.55
C PHE A 315 30.44 -42.31 7.65
N ALA A 316 29.68 -42.34 6.57
CA ALA A 316 29.76 -41.31 5.55
C ALA A 316 28.60 -40.33 5.65
N GLY A 317 28.84 -39.13 5.12
CA GLY A 317 27.80 -38.13 5.01
C GLY A 317 27.95 -37.39 3.70
N TYR A 318 26.88 -36.72 3.31
CA TYR A 318 26.81 -36.05 2.02
C TYR A 318 26.24 -34.66 2.18
N GLY A 319 26.78 -33.72 1.42
CA GLY A 319 26.30 -32.36 1.45
C GLY A 319 27.00 -31.47 0.46
N MET A 320 26.66 -30.19 0.50
CA MET A 320 27.17 -29.20 -0.43
C MET A 320 27.35 -27.88 0.29
N SER A 321 28.12 -27.00 -0.33
CA SER A 321 28.17 -25.61 0.12
C SER A 321 26.81 -24.94 0.02
N GLU A 322 26.07 -25.24 -1.05
CA GLU A 322 24.77 -24.62 -1.31
C GLU A 322 23.67 -25.13 -0.41
N THR A 323 23.86 -26.26 0.26
CA THR A 323 22.74 -26.98 0.86
C THR A 323 22.81 -27.04 2.37
N GLY A 324 23.45 -26.05 3.02
CA GLY A 324 23.43 -25.99 4.46
C GLY A 324 23.94 -27.32 4.98
N PRO A 325 25.24 -27.51 4.90
CA PRO A 325 25.79 -28.65 4.13
C PRO A 325 24.94 -29.91 4.12
N ILE A 326 24.51 -30.40 5.27
CA ILE A 326 24.18 -31.81 5.39
C ILE A 326 22.85 -32.10 4.72
N LEU A 327 22.86 -33.08 3.81
CA LEU A 327 21.67 -33.60 3.18
C LEU A 327 21.37 -35.04 3.55
N SER A 328 22.39 -35.86 3.75
CA SER A 328 22.19 -37.27 4.05
C SER A 328 23.36 -37.76 4.91
N ILE A 329 23.06 -38.69 5.80
CA ILE A 329 24.06 -39.31 6.67
C ILE A 329 23.79 -40.80 6.70
N VAL A 330 24.85 -41.58 6.87
CA VAL A 330 24.71 -43.03 6.96
C VAL A 330 24.23 -43.39 8.36
N GLN A 331 23.06 -44.03 8.43
CA GLN A 331 22.55 -44.60 9.67
C GLN A 331 22.41 -46.10 9.49
N LEU A 332 22.91 -46.85 10.46
CA LEU A 332 22.89 -48.31 10.40
C LEU A 332 21.85 -48.86 11.36
N THR A 333 20.98 -49.73 10.85
CA THR A 333 20.03 -50.43 11.68
C THR A 333 20.75 -51.46 12.56
N PRO A 334 20.11 -51.90 13.64
CA PRO A 334 20.76 -52.92 14.50
C PRO A 334 21.13 -54.19 13.75
N GLU A 335 20.34 -54.60 12.76
CA GLU A 335 20.70 -55.75 11.94
C GLU A 335 21.96 -55.48 11.13
N GLN A 336 22.08 -54.27 10.58
CA GLN A 336 23.27 -53.92 9.80
C GLN A 336 24.51 -53.81 10.68
N LEU A 337 24.33 -53.50 11.96
CA LEU A 337 25.48 -53.38 12.86
C LEU A 337 26.04 -54.75 13.26
N GLU A 338 25.31 -55.83 13.00
CA GLU A 338 25.77 -57.17 13.32
C GLU A 338 26.48 -57.84 12.16
N LEU A 339 26.64 -57.15 11.03
CA LEU A 339 27.29 -57.74 9.87
C LEU A 339 28.80 -57.79 10.06
N ASP A 340 29.46 -58.51 9.16
CA ASP A 340 30.91 -58.60 9.19
C ASP A 340 31.53 -57.29 8.70
N VAL A 341 32.84 -57.15 8.92
CA VAL A 341 33.52 -55.89 8.62
C VAL A 341 33.45 -55.56 7.14
N ASP A 342 33.50 -56.56 6.27
CA ASP A 342 33.42 -56.29 4.83
C ASP A 342 32.05 -55.80 4.44
N GLN A 343 30.99 -56.43 4.96
CA GLN A 343 29.63 -55.99 4.65
C GLN A 343 29.31 -54.67 5.35
N GLN A 344 29.81 -54.47 6.56
CA GLN A 344 29.59 -53.21 7.27
C GLN A 344 30.27 -52.05 6.55
N ALA A 345 31.47 -52.27 6.01
CA ALA A 345 32.20 -51.20 5.34
C ALA A 345 31.48 -50.74 4.08
N GLU A 346 30.70 -51.62 3.45
CA GLU A 346 29.92 -51.21 2.29
C GLU A 346 28.80 -50.26 2.67
N TYR A 347 28.07 -50.57 3.75
CA TYR A 347 26.98 -49.71 4.19
C TYR A 347 27.50 -48.39 4.73
N ARG A 348 28.61 -48.43 5.48
CA ARG A 348 29.16 -47.21 6.07
C ARG A 348 29.74 -46.26 5.03
N SER A 349 30.07 -46.76 3.84
CA SER A 349 30.64 -45.93 2.79
C SER A 349 29.60 -45.44 1.79
N LYS A 350 28.33 -45.68 2.04
CA LYS A 350 27.28 -45.19 1.16
C LYS A 350 27.13 -43.67 1.31
N THR A 351 26.46 -43.07 0.33
CA THR A 351 26.19 -41.64 0.41
C THR A 351 25.29 -41.32 1.60
N GLY A 352 24.36 -42.22 1.91
CA GLY A 352 23.57 -42.11 3.13
C GLY A 352 22.09 -41.95 2.92
N LYS A 353 21.33 -42.00 4.00
CA LYS A 353 19.90 -41.71 3.96
C LYS A 353 19.69 -40.24 4.26
N LYS A 354 18.72 -39.64 3.58
CA LYS A 354 18.43 -38.22 3.77
C LYS A 354 18.08 -37.93 5.22
N VAL A 355 18.54 -36.77 5.69
CA VAL A 355 18.31 -36.37 7.08
C VAL A 355 16.92 -35.80 7.20
N ALA A 356 16.50 -35.55 8.43
CA ALA A 356 15.18 -34.99 8.70
C ALA A 356 14.94 -33.70 7.93
N LEU A 357 13.72 -33.57 7.41
CA LEU A 357 13.23 -32.37 6.71
C LEU A 357 13.90 -32.18 5.35
N VAL A 358 14.52 -33.21 4.79
CA VAL A 358 15.15 -33.12 3.49
C VAL A 358 14.36 -33.97 2.51
N GLU A 359 13.97 -33.37 1.40
CA GLU A 359 13.28 -34.07 0.31
C GLU A 359 14.29 -34.24 -0.83
N ALA A 360 14.89 -35.42 -0.92
CA ALA A 360 15.86 -35.72 -1.96
C ALA A 360 15.22 -36.60 -3.04
N TYR A 361 15.33 -36.17 -4.29
CA TYR A 361 14.77 -36.89 -5.42
C TYR A 361 15.81 -37.12 -6.49
N ILE A 362 15.63 -38.20 -7.24
CA ILE A 362 16.41 -38.50 -8.43
C ILE A 362 15.56 -38.14 -9.64
N VAL A 363 16.07 -37.23 -10.48
CA VAL A 363 15.36 -36.76 -11.65
C VAL A 363 16.27 -36.88 -12.87
N ASP A 364 15.67 -36.73 -14.05
CA ASP A 364 16.40 -36.67 -15.30
C ASP A 364 16.48 -35.21 -15.75
N GLU A 365 17.00 -34.99 -16.96
CA GLU A 365 17.18 -33.63 -17.46
C GLU A 365 15.86 -32.90 -17.66
N ASP A 366 14.74 -33.62 -17.71
CA ASP A 366 13.43 -33.02 -17.84
C ASP A 366 12.73 -32.83 -16.50
N MET A 367 13.46 -33.00 -15.40
CA MET A 367 12.94 -32.88 -14.03
C MET A 367 11.86 -33.90 -13.72
N ASN A 368 11.87 -35.05 -14.41
CA ASN A 368 10.95 -36.14 -14.13
C ASN A 368 11.54 -37.02 -13.03
N LYS A 369 10.78 -37.24 -11.98
CA LYS A 369 11.27 -38.03 -10.85
C LYS A 369 11.39 -39.49 -11.24
N LEU A 370 12.52 -40.08 -10.92
CA LEU A 370 12.83 -41.46 -11.30
C LEU A 370 12.55 -42.43 -10.16
N PRO A 371 12.24 -43.68 -10.48
CA PRO A 371 11.98 -44.66 -9.42
C PRO A 371 13.22 -44.90 -8.57
N HIS A 372 12.98 -45.21 -7.30
CA HIS A 372 14.07 -45.42 -6.34
C HIS A 372 14.43 -46.90 -6.26
N ASP A 373 14.86 -47.44 -7.40
CA ASP A 373 15.54 -48.73 -7.42
C ASP A 373 17.04 -48.51 -7.28
N GLY A 374 17.75 -49.57 -6.97
CA GLY A 374 19.17 -49.44 -6.77
C GLY A 374 20.01 -49.32 -8.01
N GLU A 375 19.40 -49.10 -9.17
CA GLU A 375 20.14 -49.03 -10.42
C GLU A 375 19.90 -47.73 -11.19
N THR A 376 18.67 -47.24 -11.24
CA THR A 376 18.36 -46.06 -12.05
C THR A 376 19.02 -44.83 -11.45
N ALA A 377 19.78 -44.11 -12.26
CA ALA A 377 20.58 -43.00 -11.80
C ALA A 377 20.05 -41.69 -12.39
N GLY A 378 20.19 -40.61 -11.63
CA GLY A 378 19.78 -39.30 -12.06
C GLY A 378 20.34 -38.26 -11.13
N GLU A 379 20.10 -37.00 -11.46
CA GLU A 379 20.58 -35.91 -10.63
C GLU A 379 19.79 -35.84 -9.33
N ILE A 380 20.50 -35.64 -8.22
CA ILE A 380 19.85 -35.39 -6.94
C ILE A 380 19.34 -33.96 -6.92
N VAL A 381 18.06 -33.79 -6.65
CA VAL A 381 17.46 -32.49 -6.43
C VAL A 381 16.84 -32.51 -5.04
N VAL A 382 16.99 -31.42 -4.30
CA VAL A 382 16.65 -31.41 -2.89
C VAL A 382 15.76 -30.23 -2.56
N ARG A 383 14.92 -30.42 -1.54
CA ARG A 383 14.25 -29.36 -0.83
C ARG A 383 14.51 -29.56 0.65
N ALA A 384 14.93 -28.49 1.33
CA ALA A 384 15.32 -28.59 2.72
C ALA A 384 15.20 -27.20 3.34
N PRO A 385 15.12 -27.11 4.67
CA PRO A 385 15.02 -25.79 5.31
C PRO A 385 16.33 -25.02 5.39
N TRP A 386 17.43 -25.52 4.82
CA TRP A 386 18.73 -24.84 4.93
C TRP A 386 19.44 -24.81 3.59
N LEU A 387 18.72 -24.50 2.53
CA LEU A 387 19.33 -24.36 1.21
C LEU A 387 19.49 -22.88 0.88
N THR A 388 20.57 -22.56 0.17
CA THR A 388 20.74 -21.20 -0.30
C THR A 388 19.68 -20.91 -1.37
N PRO A 389 18.97 -19.77 -1.28
CA PRO A 389 17.90 -19.52 -2.25
C PRO A 389 18.44 -19.16 -3.63
N ASN A 390 19.66 -18.66 -3.69
CA ASN A 390 20.28 -18.21 -4.93
C ASN A 390 21.76 -18.01 -4.64
N TYR A 391 22.51 -17.70 -5.68
CA TYR A 391 23.88 -17.23 -5.51
C TYR A 391 23.89 -15.73 -5.29
N TYR A 392 24.86 -15.27 -4.52
CA TYR A 392 24.94 -13.84 -4.18
C TYR A 392 25.21 -13.02 -5.43
N LYS A 393 24.39 -11.98 -5.64
CA LYS A 393 24.52 -11.06 -6.77
C LYS A 393 24.61 -11.81 -8.09
N ASP A 394 23.77 -12.83 -8.24
CA ASP A 394 23.79 -13.69 -9.40
C ASP A 394 22.36 -14.05 -9.76
N ASN A 395 22.03 -14.01 -11.05
CA ASN A 395 20.69 -14.28 -11.52
C ASN A 395 20.60 -15.54 -12.37
N LYS A 396 21.39 -15.63 -13.43
CA LYS A 396 21.26 -16.75 -14.37
C LYS A 396 21.70 -18.06 -13.74
N ASN A 397 22.82 -18.05 -13.02
CA ASN A 397 23.28 -19.27 -12.35
C ASN A 397 22.35 -19.65 -11.20
N SER A 398 21.74 -18.67 -10.56
CA SER A 398 20.77 -18.93 -9.51
C SER A 398 19.53 -19.63 -10.06
N LYS A 399 19.08 -19.23 -11.25
CA LYS A 399 17.93 -19.87 -11.87
C LYS A 399 18.22 -21.33 -12.20
N ALA A 400 19.42 -21.62 -12.67
CA ALA A 400 19.79 -23.01 -12.97
C ALA A 400 19.91 -23.83 -11.70
N LEU A 401 20.33 -23.21 -10.59
CA LEU A 401 20.45 -23.92 -9.32
C LEU A 401 19.08 -24.37 -8.82
N TRP A 402 18.06 -23.56 -9.03
CA TRP A 402 16.71 -23.85 -8.55
C TRP A 402 15.76 -24.15 -9.70
N ARG A 403 16.26 -24.80 -10.76
CA ARG A 403 15.44 -25.14 -11.91
C ARG A 403 14.39 -26.18 -11.52
N GLY A 404 13.15 -25.93 -11.93
CA GLY A 404 12.08 -26.87 -11.63
C GLY A 404 11.60 -26.86 -10.20
N GLY A 405 11.98 -25.85 -9.42
CA GLY A 405 11.55 -25.75 -8.04
C GLY A 405 12.33 -26.58 -7.06
N TYR A 406 13.44 -27.18 -7.46
CA TYR A 406 14.29 -27.93 -6.56
C TYR A 406 15.73 -27.46 -6.74
N LEU A 407 16.51 -27.56 -5.67
CA LEU A 407 17.92 -27.25 -5.77
C LEU A 407 18.66 -28.41 -6.43
N HIS A 408 19.42 -28.10 -7.47
CA HIS A 408 20.14 -29.10 -8.24
C HIS A 408 21.54 -29.29 -7.66
N THR A 409 21.84 -30.51 -7.24
CA THR A 409 23.13 -30.80 -6.63
C THR A 409 24.24 -30.97 -7.64
N GLY A 410 23.91 -31.32 -8.89
CA GLY A 410 24.93 -31.66 -9.85
C GLY A 410 25.53 -33.03 -9.66
N ASP A 411 24.92 -33.86 -8.82
CA ASP A 411 25.41 -35.19 -8.51
C ASP A 411 24.45 -36.23 -9.07
N VAL A 412 25.01 -37.25 -9.70
CA VAL A 412 24.22 -38.35 -10.25
C VAL A 412 24.25 -39.50 -9.25
N ALA A 413 23.07 -40.00 -8.90
CA ALA A 413 22.99 -41.03 -7.87
C ALA A 413 21.81 -41.95 -8.15
N HIS A 414 21.83 -43.11 -7.51
CA HIS A 414 20.67 -43.98 -7.41
C HIS A 414 20.32 -44.16 -5.94
N ILE A 415 19.02 -44.18 -5.66
CA ILE A 415 18.50 -44.39 -4.31
C ILE A 415 17.82 -45.75 -4.29
N ASP A 416 18.22 -46.60 -3.35
CA ASP A 416 17.66 -47.94 -3.31
C ASP A 416 16.32 -47.96 -2.56
N ASP A 417 15.78 -49.16 -2.35
CA ASP A 417 14.47 -49.29 -1.72
C ASP A 417 14.50 -48.80 -0.28
N GLU A 418 15.58 -49.10 0.45
CA GLU A 418 15.69 -48.70 1.85
C GLU A 418 16.08 -47.24 2.02
N GLY A 419 16.16 -46.46 0.94
CA GLY A 419 16.49 -45.06 1.03
C GLY A 419 17.96 -44.73 0.98
N PHE A 420 18.84 -45.71 0.84
CA PHE A 420 20.27 -45.46 0.79
C PHE A 420 20.65 -44.85 -0.55
N ILE A 421 21.14 -43.62 -0.52
CA ILE A 421 21.63 -42.94 -1.71
C ILE A 421 23.03 -43.45 -2.03
N LYS A 422 23.35 -43.56 -3.31
CA LYS A 422 24.69 -43.90 -3.77
C LYS A 422 25.02 -43.02 -4.96
N ILE A 423 25.95 -42.09 -4.78
CA ILE A 423 26.36 -41.19 -5.84
C ILE A 423 27.23 -41.94 -6.84
N THR A 424 26.88 -41.83 -8.12
CA THR A 424 27.60 -42.54 -9.18
C THR A 424 28.60 -41.64 -9.90
N ASP A 425 28.18 -40.47 -10.36
CA ASP A 425 29.10 -39.54 -11.01
C ASP A 425 28.52 -38.13 -10.89
N ARG A 426 29.07 -37.19 -11.65
CA ARG A 426 28.75 -35.78 -11.56
C ARG A 426 28.10 -35.28 -12.84
N VAL A 427 27.15 -34.37 -12.69
CA VAL A 427 26.63 -33.63 -13.84
C VAL A 427 27.62 -32.56 -14.27
N LYS A 428 28.07 -31.75 -13.30
CA LYS A 428 29.00 -30.68 -13.58
C LYS A 428 30.37 -31.22 -13.99
N ASP A 429 31.05 -30.47 -14.85
CA ASP A 429 32.38 -30.86 -15.33
C ASP A 429 33.44 -30.30 -14.38
N MET A 430 33.40 -30.80 -13.14
CA MET A 430 34.28 -30.35 -12.09
C MET A 430 34.95 -31.55 -11.43
N ILE A 431 36.15 -31.32 -10.91
CA ILE A 431 36.95 -32.34 -10.24
C ILE A 431 37.28 -31.84 -8.84
N LYS A 432 37.02 -32.67 -7.83
CA LYS A 432 37.34 -32.33 -6.45
C LYS A 432 38.60 -33.08 -6.03
N ILE A 433 39.59 -32.33 -5.56
CA ILE A 433 40.89 -32.89 -5.19
C ILE A 433 41.14 -32.56 -3.74
N SER A 434 41.16 -33.58 -2.88
CA SER A 434 41.43 -33.45 -1.45
C SER A 434 40.49 -32.43 -0.79
N GLY A 435 39.26 -32.32 -1.28
CA GLY A 435 38.31 -31.37 -0.74
C GLY A 435 38.27 -30.02 -1.40
N GLU A 436 39.06 -29.80 -2.44
CA GLU A 436 39.05 -28.54 -3.18
C GLU A 436 38.63 -28.77 -4.62
N TRP A 437 37.98 -27.77 -5.20
CA TRP A 437 37.42 -27.88 -6.53
C TRP A 437 38.41 -27.38 -7.59
N VAL A 438 38.41 -28.04 -8.73
CA VAL A 438 39.09 -27.56 -9.92
C VAL A 438 38.15 -27.74 -11.09
N SER A 439 38.14 -26.77 -12.00
CA SER A 439 37.27 -26.81 -13.16
C SER A 439 38.04 -27.39 -14.35
N SER A 440 37.46 -28.42 -14.97
CA SER A 440 38.11 -29.04 -16.12
C SER A 440 38.25 -28.06 -17.27
N LEU A 441 37.19 -27.29 -17.54
CA LEU A 441 37.23 -26.31 -18.63
C LEU A 441 38.28 -25.24 -18.35
N GLU A 442 38.40 -24.78 -17.12
CA GLU A 442 39.44 -23.81 -16.78
C GLU A 442 40.83 -24.42 -16.92
N LEU A 443 40.99 -25.68 -16.53
CA LEU A 443 42.28 -26.35 -16.70
C LEU A 443 42.59 -26.56 -18.18
N GLU A 444 41.57 -26.86 -18.98
CA GLU A 444 41.78 -27.02 -20.42
C GLU A 444 42.23 -25.71 -21.05
N ASP A 445 41.64 -24.59 -20.63
CA ASP A 445 42.00 -23.29 -21.20
C ASP A 445 43.47 -22.96 -20.95
N ILE A 446 43.94 -23.21 -19.73
CA ILE A 446 45.34 -22.90 -19.40
C ILE A 446 46.28 -23.80 -20.20
N LEU A 447 45.98 -25.09 -20.26
CA LEU A 447 46.84 -26.00 -21.03
C LEU A 447 46.73 -25.74 -22.53
N HIS A 448 45.60 -25.20 -22.98
CA HIS A 448 45.46 -24.84 -24.39
C HIS A 448 46.30 -23.63 -24.76
N GLN A 449 46.71 -22.82 -23.78
CA GLN A 449 47.57 -21.68 -24.06
C GLN A 449 48.97 -22.08 -24.49
N HIS A 450 49.34 -23.35 -24.33
CA HIS A 450 50.61 -23.84 -24.85
C HIS A 450 50.61 -23.81 -26.37
N GLN A 451 51.75 -23.43 -26.94
CA GLN A 451 51.85 -23.26 -28.39
C GLN A 451 51.78 -24.60 -29.14
N SER A 452 52.24 -25.68 -28.52
CA SER A 452 52.29 -26.99 -29.16
C SER A 452 51.15 -27.88 -28.67
N VAL A 453 49.98 -27.28 -28.42
CA VAL A 453 48.80 -28.00 -27.98
C VAL A 453 47.68 -27.72 -28.99
N SER A 454 47.03 -28.79 -29.45
CA SER A 454 45.90 -28.66 -30.36
C SER A 454 44.57 -28.83 -29.66
N GLU A 455 44.43 -29.87 -28.83
CA GLU A 455 43.20 -30.11 -28.09
C GLU A 455 43.54 -30.64 -26.71
N VAL A 456 42.78 -30.20 -25.71
CA VAL A 456 42.96 -30.64 -24.32
C VAL A 456 41.61 -31.07 -23.77
N ALA A 457 41.57 -32.23 -23.13
CA ALA A 457 40.39 -32.71 -22.43
C ALA A 457 40.82 -33.18 -21.05
N VAL A 458 40.34 -32.51 -20.01
CA VAL A 458 40.70 -32.82 -18.63
C VAL A 458 39.57 -33.62 -17.99
N ILE A 459 39.91 -34.77 -17.43
CA ILE A 459 38.94 -35.62 -16.75
C ILE A 459 39.46 -35.94 -15.36
N GLY A 460 38.54 -36.24 -14.45
CA GLY A 460 38.92 -36.60 -13.10
C GLY A 460 39.17 -38.08 -12.95
N MET A 461 40.41 -38.44 -12.68
CA MET A 461 40.75 -39.84 -12.41
C MET A 461 40.65 -40.11 -10.92
N PRO A 462 39.93 -41.15 -10.50
CA PRO A 462 39.85 -41.47 -9.07
C PRO A 462 41.22 -41.77 -8.49
N HIS A 463 41.40 -41.38 -7.23
CA HIS A 463 42.66 -41.57 -6.52
C HIS A 463 42.36 -42.11 -5.13
N ASN A 464 43.22 -43.03 -4.67
CA ASN A 464 43.01 -43.64 -3.35
C ASN A 464 43.23 -42.63 -2.23
N LYS A 465 44.15 -41.69 -2.43
CA LYS A 465 44.50 -40.74 -1.38
C LYS A 465 43.83 -39.38 -1.58
N TRP A 466 43.84 -38.86 -2.81
CA TRP A 466 43.29 -37.54 -3.11
C TRP A 466 41.82 -37.56 -3.49
N GLY A 467 41.22 -38.74 -3.68
CA GLY A 467 39.86 -38.82 -4.15
C GLY A 467 39.78 -38.81 -5.66
N GLU A 468 40.05 -37.65 -6.27
CA GLU A 468 40.15 -37.53 -7.71
C GLU A 468 41.39 -36.71 -8.04
N VAL A 469 42.07 -37.07 -9.12
CA VAL A 469 43.17 -36.26 -9.64
C VAL A 469 42.84 -35.87 -11.07
N PRO A 470 43.28 -34.71 -11.55
CA PRO A 470 42.98 -34.32 -12.93
C PRO A 470 43.90 -35.01 -13.92
N LEU A 471 43.29 -35.50 -15.00
CA LEU A 471 44.02 -36.13 -16.09
C LEU A 471 43.75 -35.35 -17.37
N ALA A 472 44.80 -34.83 -17.97
CA ALA A 472 44.70 -34.06 -19.21
C ALA A 472 45.14 -34.93 -20.37
N LEU A 473 44.23 -35.19 -21.29
CA LEU A 473 44.52 -35.93 -22.52
C LEU A 473 44.72 -34.92 -23.64
N VAL A 474 45.98 -34.74 -24.05
CA VAL A 474 46.38 -33.67 -24.94
C VAL A 474 46.68 -34.25 -26.31
N THR A 475 46.06 -33.69 -27.34
CA THR A 475 46.37 -34.03 -28.72
C THR A 475 47.38 -33.02 -29.25
N LEU A 476 48.50 -33.52 -29.76
CA LEU A 476 49.57 -32.64 -30.23
C LEU A 476 49.15 -31.97 -31.54
N LYS A 477 49.92 -30.96 -31.92
CA LYS A 477 49.67 -30.20 -33.13
C LYS A 477 50.07 -31.03 -34.36
N GLU A 478 50.05 -30.41 -35.53
CA GLU A 478 50.29 -31.13 -36.77
C GLU A 478 51.68 -31.75 -36.78
N ASP A 479 52.69 -31.00 -36.34
CA ASP A 479 54.07 -31.50 -36.29
C ASP A 479 54.74 -31.05 -35.00
N ALA A 480 54.04 -31.17 -33.87
CA ALA A 480 54.58 -30.75 -32.58
C ALA A 480 55.03 -31.96 -31.78
N GLN A 481 56.06 -31.75 -30.96
CA GLN A 481 56.58 -32.79 -30.07
C GLN A 481 56.97 -32.11 -28.75
N VAL A 482 56.09 -32.21 -27.76
CA VAL A 482 56.30 -31.63 -26.44
C VAL A 482 56.09 -32.72 -25.40
N THR A 483 57.04 -32.86 -24.49
CA THR A 483 56.95 -33.90 -23.48
C THR A 483 55.83 -33.58 -22.48
N GLU A 484 55.39 -34.61 -21.77
CA GLU A 484 54.28 -34.45 -20.83
C GLU A 484 54.68 -33.61 -19.62
N LYS A 485 55.91 -33.79 -19.12
CA LYS A 485 56.34 -33.05 -17.94
C LYS A 485 56.54 -31.56 -18.22
N GLU A 486 56.74 -31.18 -19.49
CA GLU A 486 56.83 -29.77 -19.83
C GLU A 486 55.52 -29.05 -19.56
N LEU A 487 54.39 -29.69 -19.89
CA LEU A 487 53.09 -29.09 -19.62
C LEU A 487 52.83 -28.97 -18.12
N LEU A 488 53.31 -29.95 -17.34
CA LEU A 488 53.14 -29.86 -15.89
C LEU A 488 53.88 -28.66 -15.32
N GLY A 489 55.12 -28.42 -15.79
CA GLY A 489 55.83 -27.22 -15.41
C GLY A 489 55.19 -25.95 -15.95
N PHE A 490 54.60 -26.03 -17.15
CA PHE A 490 53.89 -24.89 -17.72
C PHE A 490 52.71 -24.49 -16.85
N ALA A 491 51.94 -25.47 -16.37
CA ALA A 491 50.80 -25.17 -15.52
C ALA A 491 51.23 -24.76 -14.12
N LYS A 492 52.41 -25.20 -13.68
CA LYS A 492 52.89 -24.83 -12.35
C LYS A 492 53.12 -23.32 -12.25
N ASP A 493 53.55 -22.70 -13.35
CA ASP A 493 53.80 -21.26 -13.34
C ASP A 493 52.51 -20.48 -13.07
N PHE A 494 51.39 -20.98 -13.58
CA PHE A 494 50.10 -20.35 -13.27
C PHE A 494 49.79 -20.47 -11.78
N ILE A 495 50.18 -21.59 -11.17
CA ILE A 495 49.97 -21.75 -9.73
C ILE A 495 50.87 -20.80 -8.95
N ASN A 496 52.12 -20.64 -9.40
CA ASN A 496 53.04 -19.75 -8.69
C ASN A 496 52.60 -18.31 -8.76
N LYS A 497 51.84 -17.93 -9.78
CA LYS A 497 51.29 -16.59 -9.89
C LYS A 497 49.98 -16.43 -9.14
N GLY A 498 49.45 -17.50 -8.56
CA GLY A 498 48.21 -17.43 -7.82
C GLY A 498 46.96 -17.42 -8.66
N ILE A 499 47.05 -17.79 -9.94
CA ILE A 499 45.89 -17.80 -10.83
C ILE A 499 45.20 -19.16 -10.82
N LEU A 500 45.98 -20.24 -10.91
CA LEU A 500 45.46 -21.59 -10.89
C LEU A 500 45.59 -22.18 -9.48
N ALA A 501 44.67 -23.09 -9.17
CA ALA A 501 44.61 -23.69 -7.84
C ALA A 501 45.83 -24.55 -7.58
N ARG A 502 46.24 -24.59 -6.31
CA ARG A 502 47.38 -25.40 -5.90
C ARG A 502 47.15 -26.89 -6.16
N GLU A 503 45.89 -27.31 -6.17
CA GLU A 503 45.55 -28.72 -6.33
C GLU A 503 45.81 -29.23 -7.74
N ALA A 504 46.08 -28.35 -8.70
CA ALA A 504 46.46 -28.77 -10.04
C ALA A 504 47.90 -29.27 -10.12
N LEU A 505 48.66 -29.16 -9.03
CA LEU A 505 50.00 -29.73 -8.98
C LEU A 505 49.99 -31.24 -9.16
N LEU A 506 48.85 -31.89 -8.94
CA LEU A 506 48.69 -33.33 -9.11
C LEU A 506 48.13 -33.69 -10.48
N LEU A 507 48.15 -32.75 -11.42
CA LEU A 507 47.66 -33.03 -12.76
C LEU A 507 48.57 -34.04 -13.47
N LYS A 508 47.96 -34.95 -14.21
CA LYS A 508 48.67 -35.91 -15.04
C LYS A 508 48.35 -35.63 -16.49
N VAL A 509 49.38 -35.53 -17.32
CA VAL A 509 49.24 -35.28 -18.75
C VAL A 509 49.48 -36.58 -19.49
N LYS A 510 48.49 -36.99 -20.28
CA LYS A 510 48.58 -38.19 -21.11
C LYS A 510 48.40 -37.78 -22.56
N ILE A 511 49.49 -37.80 -23.33
CA ILE A 511 49.43 -37.42 -24.74
C ILE A 511 48.72 -38.52 -25.51
N VAL A 512 47.69 -38.15 -26.27
CA VAL A 512 46.88 -39.09 -27.02
C VAL A 512 46.77 -38.61 -28.45
N ASP A 513 46.65 -39.57 -29.38
CA ASP A 513 46.61 -39.22 -30.79
C ASP A 513 45.29 -38.54 -31.18
N GLU A 514 44.19 -38.91 -30.52
CA GLU A 514 42.89 -38.32 -30.82
C GLU A 514 42.08 -38.23 -29.54
N ILE A 515 41.05 -37.38 -29.58
CA ILE A 515 40.12 -37.21 -28.48
C ILE A 515 38.73 -37.56 -28.98
N ALA A 516 38.10 -38.54 -28.34
CA ALA A 516 36.79 -39.01 -28.77
C ALA A 516 35.76 -37.90 -28.62
N LYS A 517 34.92 -37.74 -29.64
CA LYS A 517 33.90 -36.70 -29.67
C LYS A 517 32.53 -37.31 -29.95
N THR A 518 31.53 -36.45 -30.11
CA THR A 518 30.16 -36.87 -30.38
C THR A 518 29.77 -36.50 -31.80
N SER A 519 28.57 -36.93 -32.19
CA SER A 519 28.05 -36.60 -33.51
C SER A 519 27.84 -35.10 -33.66
N VAL A 520 27.57 -34.40 -32.56
CA VAL A 520 27.37 -32.95 -32.62
C VAL A 520 28.69 -32.20 -32.66
N GLY A 521 29.81 -32.89 -32.39
CA GLY A 521 31.11 -32.27 -32.37
C GLY A 521 31.67 -32.00 -30.99
N LYS A 522 30.85 -32.11 -29.95
CA LYS A 522 31.32 -31.88 -28.59
C LYS A 522 32.20 -33.02 -28.12
N VAL A 523 33.05 -32.72 -27.13
CA VAL A 523 33.91 -33.74 -26.53
C VAL A 523 33.04 -34.67 -25.69
N ASP A 524 33.22 -35.99 -25.89
CA ASP A 524 32.46 -37.00 -25.18
C ASP A 524 33.27 -37.44 -23.97
N LYS A 525 33.14 -36.71 -22.86
CA LYS A 525 33.88 -37.06 -21.66
C LYS A 525 33.37 -38.34 -21.01
N LYS A 526 32.08 -38.64 -21.18
CA LYS A 526 31.53 -39.88 -20.63
C LYS A 526 32.19 -41.09 -21.28
N GLU A 527 32.34 -41.07 -22.60
CA GLU A 527 33.06 -42.13 -23.30
C GLU A 527 34.57 -41.98 -23.11
N LEU A 528 35.04 -40.77 -22.83
CA LEU A 528 36.47 -40.54 -22.70
C LEU A 528 37.03 -41.19 -21.45
N ARG A 529 36.26 -41.21 -20.37
CA ARG A 529 36.72 -41.80 -19.11
C ARG A 529 36.84 -43.31 -19.22
N LYS A 530 35.99 -43.95 -20.04
CA LYS A 530 36.10 -45.38 -20.23
C LYS A 530 37.42 -45.77 -20.89
N LEU A 531 37.84 -45.01 -21.91
CA LEU A 531 39.08 -45.32 -22.61
C LEU A 531 40.29 -45.12 -21.72
N HIS A 532 40.28 -44.05 -20.92
CA HIS A 532 41.41 -43.76 -20.03
C HIS A 532 40.97 -43.65 -18.58
N ASN B 6 3.60 -19.87 -3.14
CA ASN B 6 4.57 -20.87 -2.70
C ASN B 6 5.89 -20.77 -3.46
N ASP B 7 6.88 -20.15 -2.84
CA ASP B 7 8.23 -20.10 -3.38
C ASP B 7 8.96 -21.39 -2.98
N PRO B 8 9.42 -22.20 -3.94
CA PRO B 8 10.06 -23.47 -3.58
C PRO B 8 11.28 -23.33 -2.68
N SER B 9 12.07 -22.28 -2.85
CA SER B 9 13.22 -22.10 -1.97
C SER B 9 12.80 -21.59 -0.59
N ASN B 10 11.63 -20.99 -0.48
CA ASN B 10 11.12 -20.51 0.81
C ASN B 10 10.48 -21.70 1.53
N TYR B 11 11.29 -22.45 2.25
CA TYR B 11 10.83 -23.64 2.92
C TYR B 11 9.86 -23.29 4.05
N GLN B 12 8.77 -24.05 4.12
CA GLN B 12 7.78 -23.89 5.17
C GLN B 12 7.83 -25.09 6.09
N LEU B 13 7.88 -24.84 7.39
CA LEU B 13 7.88 -25.90 8.39
C LEU B 13 6.45 -26.41 8.53
N LEU B 14 6.15 -27.51 7.85
CA LEU B 14 4.82 -28.07 7.80
C LEU B 14 4.81 -29.46 8.42
N ILE B 15 3.66 -29.81 9.01
CA ILE B 15 3.53 -31.12 9.64
C ILE B 15 3.68 -32.24 8.63
N LYS B 16 3.34 -31.98 7.36
CA LYS B 16 3.59 -32.96 6.31
C LYS B 16 5.07 -33.27 6.14
N ASN B 17 5.95 -32.34 6.51
CA ASN B 17 7.37 -32.62 6.46
C ASN B 17 7.81 -33.53 7.60
N LEU B 18 7.10 -33.49 8.74
CA LEU B 18 7.38 -34.44 9.81
C LEU B 18 7.07 -35.86 9.37
N LEU B 19 6.06 -36.04 8.52
CA LEU B 19 5.62 -37.35 8.09
C LEU B 19 6.45 -37.88 6.91
N PHE B 20 6.61 -37.08 5.87
CA PHE B 20 7.25 -37.52 4.64
C PHE B 20 8.74 -37.17 4.57
N SER B 21 9.24 -36.38 5.51
CA SER B 21 10.68 -36.12 5.63
C SER B 21 11.11 -36.38 7.07
N PRO B 22 10.92 -37.60 7.56
CA PRO B 22 11.22 -37.86 8.98
C PRO B 22 12.70 -38.15 9.22
N VAL B 23 13.06 -38.29 10.50
CA VAL B 23 14.41 -38.75 10.83
C VAL B 23 14.64 -40.15 10.29
N ALA B 24 13.64 -41.03 10.45
CA ALA B 24 13.73 -42.38 9.94
C ALA B 24 12.35 -42.83 9.52
N PHE B 25 12.30 -43.62 8.43
CA PHE B 25 11.06 -44.22 7.97
C PHE B 25 11.32 -45.68 7.62
N ASN B 26 10.75 -46.58 8.41
CA ASN B 26 10.70 -47.99 8.06
C ASN B 26 9.29 -48.32 7.60
N PRO B 27 9.06 -48.61 6.32
CA PRO B 27 7.69 -48.87 5.85
C PRO B 27 7.07 -50.10 6.49
N GLU B 28 7.86 -51.02 7.03
CA GLU B 28 7.35 -52.21 7.67
C GLU B 28 7.29 -52.09 9.20
N GLN B 29 7.68 -50.95 9.75
CA GLN B 29 7.49 -50.71 11.17
C GLN B 29 6.00 -50.58 11.47
N GLU B 30 5.59 -51.05 12.64
CA GLU B 30 4.18 -51.21 12.95
C GLU B 30 3.63 -50.06 13.79
N ILE B 31 2.38 -49.70 13.52
CA ILE B 31 1.55 -48.93 14.44
C ILE B 31 0.55 -49.91 15.05
N VAL B 32 0.59 -50.06 16.36
CA VAL B 32 -0.21 -51.04 17.08
C VAL B 32 -1.27 -50.30 17.89
N TYR B 33 -2.53 -50.69 17.72
CA TYR B 33 -3.62 -50.13 18.51
C TYR B 33 -4.09 -51.23 19.47
N ALA B 34 -3.48 -51.26 20.65
CA ALA B 34 -3.82 -52.21 21.70
C ALA B 34 -3.89 -53.63 21.17
N ASN B 35 -5.08 -54.24 21.21
CA ASN B 35 -5.32 -55.55 20.62
C ASN B 35 -6.37 -55.50 19.52
N HIS B 36 -6.73 -54.29 19.07
CA HIS B 36 -7.77 -54.13 18.06
C HIS B 36 -7.20 -54.16 16.65
N ARG B 37 -6.10 -53.45 16.40
CA ARG B 37 -5.60 -53.25 15.05
C ARG B 37 -4.08 -53.22 15.09
N ARG B 38 -3.48 -53.53 13.94
CA ARG B 38 -2.04 -53.53 13.79
C ARG B 38 -1.72 -53.42 12.31
N HIS B 39 -0.99 -52.37 11.93
CA HIS B 39 -0.60 -52.19 10.53
C HIS B 39 0.78 -51.54 10.50
N SER B 40 1.31 -51.39 9.29
CA SER B 40 2.65 -50.88 9.09
C SER B 40 2.64 -49.36 8.93
N TYR B 41 3.84 -48.78 8.94
CA TYR B 41 3.98 -47.35 8.68
C TYR B 41 3.55 -47.00 7.27
N LYS B 42 3.81 -47.90 6.33
CA LYS B 42 3.37 -47.70 4.95
C LYS B 42 1.85 -47.65 4.87
N THR B 43 1.17 -48.51 5.63
CA THR B 43 -0.29 -48.42 5.73
C THR B 43 -0.72 -47.13 6.41
N PHE B 44 0.01 -46.71 7.45
CA PHE B 44 -0.32 -45.48 8.16
C PHE B 44 -0.25 -44.28 7.23
N HIS B 45 0.76 -44.24 6.35
CA HIS B 45 0.83 -43.17 5.37
C HIS B 45 -0.32 -43.27 4.37
N ASP B 46 -0.72 -44.48 4.01
CA ASP B 46 -1.87 -44.66 3.13
C ASP B 46 -3.14 -44.17 3.80
N ARG B 47 -3.33 -44.48 5.08
CA ARG B 47 -4.56 -44.10 5.77
C ARG B 47 -4.62 -42.60 6.03
N VAL B 48 -3.47 -41.93 6.11
CA VAL B 48 -3.47 -40.48 6.21
C VAL B 48 -3.95 -39.86 4.91
N ARG B 49 -3.50 -40.40 3.78
CA ARG B 49 -3.96 -39.90 2.49
C ARG B 49 -5.42 -40.26 2.24
N GLN B 50 -5.85 -41.46 2.67
CA GLN B 50 -7.26 -41.81 2.58
C GLN B 50 -8.11 -40.88 3.44
N PHE B 51 -7.65 -40.57 4.65
CA PHE B 51 -8.36 -39.64 5.51
C PHE B 51 -8.41 -38.24 4.89
N ALA B 52 -7.29 -37.81 4.29
CA ALA B 52 -7.26 -36.52 3.59
C ALA B 52 -8.26 -36.51 2.44
N ASN B 53 -8.36 -37.61 1.71
CA ASN B 53 -9.37 -37.72 0.65
C ASN B 53 -10.78 -37.68 1.24
N ALA B 54 -11.00 -38.43 2.33
CA ALA B 54 -12.32 -38.44 2.96
C ALA B 54 -12.69 -37.07 3.52
N LEU B 55 -11.73 -36.37 4.11
CA LEU B 55 -11.99 -35.02 4.62
C LEU B 55 -12.32 -34.07 3.49
N THR B 56 -11.62 -34.19 2.35
CA THR B 56 -11.92 -33.35 1.20
C THR B 56 -13.33 -33.62 0.68
N LYS B 57 -13.73 -34.90 0.65
CA LYS B 57 -15.07 -35.25 0.21
C LYS B 57 -16.13 -34.71 1.17
N MET B 58 -15.86 -34.76 2.47
CA MET B 58 -16.79 -34.19 3.44
C MET B 58 -16.80 -32.66 3.43
N GLY B 59 -16.08 -32.03 2.51
CA GLY B 59 -16.08 -30.59 2.43
C GLY B 59 -15.24 -29.87 3.45
N VAL B 60 -14.24 -30.55 4.05
CA VAL B 60 -13.31 -29.85 4.92
C VAL B 60 -12.33 -29.08 4.06
N LYS B 61 -12.29 -27.77 4.24
CA LYS B 61 -11.36 -26.90 3.54
C LYS B 61 -10.30 -26.39 4.51
N LYS B 62 -9.29 -25.73 3.96
CA LYS B 62 -8.29 -25.08 4.79
C LYS B 62 -8.96 -24.03 5.67
N GLY B 63 -8.63 -24.05 6.95
CA GLY B 63 -9.25 -23.18 7.92
C GLY B 63 -10.44 -23.77 8.65
N ASP B 64 -10.93 -24.93 8.22
CA ASP B 64 -12.01 -25.60 8.92
C ASP B 64 -11.49 -26.26 10.19
N THR B 65 -12.41 -26.52 11.12
CA THR B 65 -12.09 -27.18 12.37
C THR B 65 -12.71 -28.56 12.38
N VAL B 66 -11.88 -29.58 12.56
CA VAL B 66 -12.33 -30.96 12.78
C VAL B 66 -12.04 -31.30 14.23
N ALA B 67 -13.07 -31.65 14.97
CA ALA B 67 -12.95 -31.99 16.38
C ALA B 67 -12.87 -33.51 16.54
N VAL B 68 -12.09 -33.95 17.51
CA VAL B 68 -11.89 -35.37 17.77
C VAL B 68 -12.20 -35.65 19.23
N MET B 69 -13.07 -36.64 19.46
CA MET B 69 -13.40 -37.13 20.80
C MET B 69 -13.11 -38.62 20.77
N ASP B 70 -11.88 -38.99 21.14
CA ASP B 70 -11.41 -40.34 20.94
C ASP B 70 -10.41 -40.70 22.03
N TYR B 71 -10.16 -42.00 22.17
CA TYR B 71 -9.11 -42.51 23.02
C TYR B 71 -7.77 -42.47 22.28
N ASP B 72 -6.72 -42.93 22.96
CA ASP B 72 -5.40 -43.03 22.37
C ASP B 72 -5.36 -44.17 21.37
N SER B 73 -5.51 -43.88 20.08
CA SER B 73 -5.65 -44.90 19.06
C SER B 73 -4.83 -44.52 17.85
N HIS B 74 -4.84 -45.43 16.86
CA HIS B 74 -4.26 -45.13 15.56
C HIS B 74 -5.05 -44.05 14.83
N ARG B 75 -6.37 -44.01 15.02
CA ARG B 75 -7.19 -42.98 14.39
C ARG B 75 -6.78 -41.58 14.84
N TYR B 76 -6.50 -41.43 16.13
CA TYR B 76 -6.04 -40.15 16.65
C TYR B 76 -4.70 -39.76 16.05
N LEU B 77 -3.79 -40.74 15.87
CA LEU B 77 -2.51 -40.45 15.24
C LEU B 77 -2.69 -39.98 13.81
N GLU B 78 -3.59 -40.63 13.07
CA GLU B 78 -3.91 -40.16 11.72
C GLU B 78 -4.55 -38.78 11.75
N CYS B 79 -5.36 -38.50 12.78
CA CYS B 79 -5.93 -37.16 12.93
C CYS B 79 -4.84 -36.12 13.21
N TYR B 80 -3.78 -36.51 13.90
CA TYR B 80 -2.67 -35.59 14.17
C TYR B 80 -2.04 -35.09 12.89
N PHE B 81 -2.03 -35.91 11.85
CA PHE B 81 -1.38 -35.56 10.60
C PHE B 81 -2.38 -35.11 9.54
N ALA B 82 -3.38 -35.94 9.23
CA ALA B 82 -4.22 -35.69 8.06
C ALA B 82 -4.99 -34.38 8.17
N ILE B 83 -5.55 -34.08 9.34
CA ILE B 83 -6.33 -32.85 9.49
C ILE B 83 -5.46 -31.60 9.33
N PRO B 84 -4.36 -31.42 10.07
CA PRO B 84 -3.53 -30.23 9.82
C PRO B 84 -2.91 -30.23 8.43
N MET B 85 -2.70 -31.39 7.84
CA MET B 85 -1.93 -31.49 6.61
C MET B 85 -2.72 -31.03 5.39
N ILE B 86 -4.05 -30.98 5.49
CA ILE B 86 -4.88 -30.41 4.43
C ILE B 86 -5.15 -28.95 4.75
N GLY B 87 -4.53 -28.44 5.80
CA GLY B 87 -4.72 -27.07 6.20
C GLY B 87 -5.88 -26.83 7.15
N ALA B 88 -6.50 -27.88 7.66
CA ALA B 88 -7.59 -27.75 8.60
C ALA B 88 -7.07 -27.67 10.03
N LYS B 89 -7.94 -27.22 10.92
CA LYS B 89 -7.62 -27.07 12.33
C LYS B 89 -8.10 -28.31 13.08
N LEU B 90 -7.19 -28.97 13.77
CA LEU B 90 -7.54 -30.11 14.59
C LEU B 90 -7.86 -29.62 16.00
N HIS B 91 -9.07 -29.90 16.46
CA HIS B 91 -9.50 -29.54 17.81
C HIS B 91 -9.56 -30.81 18.64
N MET B 92 -8.66 -30.92 19.61
CA MET B 92 -8.64 -32.05 20.53
C MET B 92 -9.57 -31.74 21.70
N ILE B 93 -10.71 -32.42 21.74
CA ILE B 93 -11.68 -32.19 22.80
C ILE B 93 -11.25 -32.98 24.04
N ASN B 94 -11.08 -32.28 25.15
CA ASN B 94 -10.79 -32.90 26.43
C ASN B 94 -12.06 -33.58 26.93
N VAL B 95 -12.15 -34.90 26.75
CA VAL B 95 -13.35 -35.63 27.13
C VAL B 95 -13.49 -35.80 28.63
N ARG B 96 -12.46 -35.43 29.41
CA ARG B 96 -12.55 -35.48 30.86
C ARG B 96 -13.15 -34.22 31.45
N LEU B 97 -13.42 -33.20 30.64
CA LEU B 97 -14.14 -32.03 31.15
C LEU B 97 -15.61 -32.36 31.34
N SER B 98 -16.29 -31.50 32.09
CA SER B 98 -17.73 -31.65 32.24
C SER B 98 -18.41 -31.39 30.90
N PRO B 99 -19.58 -31.99 30.67
CA PRO B 99 -20.26 -31.77 29.38
C PRO B 99 -20.52 -30.31 29.07
N GLU B 100 -20.81 -29.48 30.09
CA GLU B 100 -21.02 -28.06 29.86
C GLU B 100 -19.75 -27.39 29.37
N GLN B 101 -18.61 -27.76 29.95
CA GLN B 101 -17.33 -27.23 29.48
C GLN B 101 -17.03 -27.72 28.06
N ILE B 102 -17.31 -28.99 27.78
CA ILE B 102 -17.10 -29.54 26.45
C ILE B 102 -17.97 -28.81 25.43
N LEU B 103 -19.23 -28.56 25.79
CA LEU B 103 -20.12 -27.82 24.91
C LEU B 103 -19.58 -26.42 24.61
N TYR B 104 -19.02 -25.77 25.62
CA TYR B 104 -18.45 -24.44 25.41
C TYR B 104 -17.32 -24.48 24.38
N THR B 105 -16.40 -25.44 24.52
CA THR B 105 -15.24 -25.48 23.63
C THR B 105 -15.64 -25.84 22.20
N ILE B 106 -16.68 -26.67 22.04
CA ILE B 106 -17.15 -27.01 20.71
C ILE B 106 -17.76 -25.79 20.02
N ASP B 107 -18.57 -25.03 20.75
CA ASP B 107 -19.19 -23.83 20.18
C ASP B 107 -18.17 -22.71 20.02
N HIS B 108 -17.27 -22.56 20.98
CA HIS B 108 -16.22 -21.54 20.88
C HIS B 108 -15.31 -21.81 19.69
N ALA B 109 -14.90 -23.07 19.50
CA ALA B 109 -14.02 -23.41 18.39
C ALA B 109 -14.75 -23.51 17.06
N GLU B 110 -16.08 -23.61 17.09
CA GLU B 110 -16.90 -23.73 15.88
C GLU B 110 -16.45 -24.92 15.02
N ASP B 111 -16.51 -26.10 15.63
CA ASP B 111 -16.13 -27.32 14.93
C ASP B 111 -17.11 -27.62 13.81
N ASP B 112 -16.65 -27.99 12.65
CA ASP B 112 -17.49 -28.38 11.55
C ASP B 112 -17.84 -29.84 11.64
N ILE B 113 -16.84 -30.68 11.91
CA ILE B 113 -17.05 -32.11 11.97
C ILE B 113 -16.46 -32.63 13.27
N ILE B 114 -17.17 -33.54 13.91
CA ILE B 114 -16.73 -34.15 15.16
C ILE B 114 -16.52 -35.63 14.91
N LEU B 115 -15.30 -36.11 15.15
CA LEU B 115 -14.99 -37.54 15.18
C LEU B 115 -15.07 -37.96 16.63
N ILE B 116 -16.14 -38.64 17.00
CA ILE B 116 -16.42 -38.98 18.38
C ILE B 116 -16.46 -40.50 18.50
N HIS B 117 -15.82 -41.03 19.53
CA HIS B 117 -15.94 -42.44 19.82
C HIS B 117 -17.33 -42.76 20.36
N GLU B 118 -17.78 -43.99 20.13
CA GLU B 118 -19.12 -44.39 20.56
C GLU B 118 -19.27 -44.30 22.07
N GLU B 119 -18.19 -44.52 22.82
CA GLU B 119 -18.28 -44.47 24.28
C GLU B 119 -18.46 -43.05 24.81
N PHE B 120 -18.18 -42.04 23.99
CA PHE B 120 -18.39 -40.65 24.38
C PHE B 120 -19.73 -40.11 23.92
N LEU B 121 -20.51 -40.90 23.19
CA LEU B 121 -21.84 -40.47 22.78
C LEU B 121 -22.74 -40.05 23.95
N PRO B 122 -22.74 -40.72 25.10
CA PRO B 122 -23.54 -40.20 26.23
C PRO B 122 -23.20 -38.77 26.61
N ILE B 123 -21.95 -38.34 26.47
CA ILE B 123 -21.60 -36.94 26.68
C ILE B 123 -22.30 -36.08 25.63
N LEU B 124 -22.34 -36.55 24.38
CA LEU B 124 -22.93 -35.77 23.30
C LEU B 124 -24.42 -35.55 23.53
N ASP B 125 -25.13 -36.59 23.97
CA ASP B 125 -26.58 -36.47 24.17
C ASP B 125 -26.94 -35.44 25.23
N GLN B 126 -26.01 -35.10 26.12
CA GLN B 126 -26.26 -34.07 27.10
C GLN B 126 -26.17 -32.66 26.52
N ILE B 127 -25.44 -32.48 25.42
CA ILE B 127 -25.12 -31.14 24.92
C ILE B 127 -25.41 -31.03 23.44
N LYS B 128 -26.00 -32.09 22.85
CA LYS B 128 -26.20 -32.11 21.41
C LYS B 128 -27.13 -30.99 20.95
N GLY B 129 -28.16 -30.69 21.74
CA GLY B 129 -29.12 -29.68 21.35
C GLY B 129 -28.55 -28.28 21.29
N ARG B 130 -27.50 -28.01 22.05
CA ARG B 130 -26.88 -26.69 22.10
C ARG B 130 -25.65 -26.57 21.20
N ILE B 131 -25.39 -27.57 20.36
CA ILE B 131 -24.31 -27.53 19.39
C ILE B 131 -24.88 -27.04 18.07
N ASP B 132 -24.32 -25.96 17.53
CA ASP B 132 -24.87 -25.34 16.33
C ASP B 132 -23.93 -25.35 15.13
N THR B 133 -22.62 -25.51 15.34
CA THR B 133 -21.68 -25.42 14.23
C THR B 133 -21.39 -26.75 13.55
N VAL B 134 -21.65 -27.87 14.21
CA VAL B 134 -21.26 -29.18 13.69
C VAL B 134 -22.30 -29.67 12.70
N THR B 135 -21.85 -30.02 11.50
CA THR B 135 -22.73 -30.53 10.47
C THR B 135 -22.67 -32.04 10.31
N ARG B 136 -21.62 -32.68 10.81
CA ARG B 136 -21.46 -34.12 10.65
C ARG B 136 -20.78 -34.70 11.88
N TYR B 137 -21.29 -35.83 12.36
CA TYR B 137 -20.67 -36.61 13.41
C TYR B 137 -20.21 -37.93 12.82
N VAL B 138 -18.93 -38.22 12.95
CA VAL B 138 -18.38 -39.52 12.57
C VAL B 138 -18.14 -40.31 13.85
N VAL B 139 -18.84 -41.42 13.99
CA VAL B 139 -18.76 -42.24 15.19
C VAL B 139 -17.60 -43.22 15.03
N LEU B 140 -16.76 -43.30 16.05
CA LEU B 140 -15.58 -44.14 16.01
C LEU B 140 -15.82 -45.39 16.84
N ARG B 141 -15.47 -46.54 16.27
CA ARG B 141 -15.66 -47.83 16.93
C ARG B 141 -14.38 -48.63 16.79
N ASP B 142 -14.12 -49.48 17.79
CA ASP B 142 -12.93 -50.31 17.80
C ASP B 142 -13.09 -51.57 16.97
N ASP B 143 -14.27 -51.81 16.41
CA ASP B 143 -14.56 -52.96 15.57
C ASP B 143 -14.64 -52.51 14.11
N GLU B 144 -15.07 -53.44 13.25
CA GLU B 144 -15.19 -53.18 11.83
C GLU B 144 -16.33 -52.23 11.48
N GLU B 145 -17.23 -51.95 12.41
CA GLU B 145 -18.39 -51.09 12.16
C GLU B 145 -18.08 -49.61 12.36
N CYS B 146 -16.80 -49.24 12.36
CA CYS B 146 -16.42 -47.85 12.59
C CYS B 146 -16.78 -46.99 11.37
N GLU B 147 -17.40 -45.84 11.63
CA GLU B 147 -17.71 -44.91 10.55
C GLU B 147 -16.46 -44.28 9.98
N TYR B 148 -15.44 -44.06 10.82
CA TYR B 148 -14.16 -43.56 10.34
C TYR B 148 -13.49 -44.56 9.41
N GLU B 149 -13.51 -45.85 9.78
CA GLU B 149 -12.91 -46.87 8.94
C GLU B 149 -13.64 -47.01 7.61
N ARG B 150 -14.96 -46.88 7.63
CA ARG B 150 -15.73 -46.97 6.39
C ARG B 150 -15.49 -45.75 5.50
N LEU B 151 -15.33 -44.57 6.10
CA LEU B 151 -15.01 -43.38 5.31
C LEU B 151 -13.67 -43.52 4.63
N LEU B 152 -12.69 -44.13 5.31
CA LEU B 152 -11.36 -44.30 4.74
C LEU B 152 -11.34 -45.33 3.62
N GLU B 153 -12.13 -46.40 3.76
CA GLU B 153 -12.12 -47.46 2.76
C GLU B 153 -12.60 -46.97 1.40
N GLN B 154 -13.48 -45.96 1.38
CA GLN B 154 -14.02 -45.42 0.15
C GLN B 154 -13.11 -44.40 -0.53
N GLU B 155 -11.83 -44.34 -0.18
CA GLU B 155 -10.93 -43.32 -0.71
C GLU B 155 -9.65 -43.95 -1.22
N SER B 156 -9.00 -43.25 -2.14
CA SER B 156 -7.71 -43.67 -2.64
C SER B 156 -6.60 -43.33 -1.65
N THR B 157 -5.52 -44.09 -1.72
CA THR B 157 -4.33 -43.86 -0.91
C THR B 157 -3.41 -42.82 -1.54
N GLU B 158 -3.92 -42.01 -2.47
CA GLU B 158 -3.14 -41.00 -3.15
C GLU B 158 -3.71 -39.63 -2.82
N TYR B 159 -2.85 -38.71 -2.40
CA TYR B 159 -3.25 -37.35 -2.08
C TYR B 159 -2.04 -36.44 -2.19
N ASN B 160 -2.22 -35.29 -2.82
CA ASN B 160 -1.18 -34.27 -2.91
C ASN B 160 -1.47 -33.23 -1.83
N PHE B 161 -0.65 -33.22 -0.79
CA PHE B 161 -0.90 -32.36 0.36
C PHE B 161 -0.46 -30.94 0.05
N PRO B 162 -1.26 -29.94 0.40
CA PRO B 162 -0.94 -28.56 0.00
C PRO B 162 0.28 -28.01 0.71
N ASP B 163 0.92 -27.07 0.03
CA ASP B 163 1.91 -26.19 0.63
C ASP B 163 1.21 -24.91 1.05
N PHE B 164 1.30 -24.54 2.31
CA PHE B 164 0.79 -23.26 2.77
C PHE B 164 1.81 -22.62 3.69
N ASP B 165 1.45 -21.46 4.22
CA ASP B 165 2.29 -20.78 5.20
C ASP B 165 2.46 -21.65 6.44
N GLU B 166 3.69 -21.69 6.96
CA GLU B 166 3.97 -22.44 8.18
C GLU B 166 3.26 -21.87 9.40
N ASN B 167 2.74 -20.65 9.32
CA ASN B 167 1.99 -20.03 10.40
C ASN B 167 0.51 -20.36 10.35
N THR B 168 0.09 -21.22 9.42
CA THR B 168 -1.25 -21.78 9.47
C THR B 168 -1.46 -22.51 10.79
N VAL B 169 -2.56 -22.21 11.46
CA VAL B 169 -2.89 -22.90 12.70
C VAL B 169 -3.20 -24.36 12.39
N ALA B 170 -2.53 -25.26 13.10
CA ALA B 170 -2.67 -26.70 12.89
C ALA B 170 -3.54 -27.36 13.94
N THR B 171 -3.40 -26.97 15.21
CA THR B 171 -4.08 -27.63 16.31
C THR B 171 -4.65 -26.59 17.27
N THR B 172 -5.83 -26.88 17.80
CA THR B 172 -6.44 -26.11 18.86
C THR B 172 -6.92 -27.06 19.95
N PHE B 173 -6.90 -26.57 21.18
CA PHE B 173 -7.53 -27.27 22.30
C PHE B 173 -7.71 -26.26 23.41
N TYR B 174 -8.50 -26.65 24.41
CA TYR B 174 -8.92 -25.73 25.46
C TYR B 174 -8.39 -26.22 26.79
N THR B 175 -7.77 -25.31 27.53
CA THR B 175 -7.30 -25.59 28.87
C THR B 175 -8.24 -24.95 29.88
N THR B 176 -8.52 -25.68 30.95
CA THR B 176 -9.29 -25.17 32.07
C THR B 176 -8.41 -24.71 33.21
N GLY B 177 -7.11 -24.55 32.97
CA GLY B 177 -6.16 -24.15 33.98
C GLY B 177 -6.24 -22.72 34.42
N THR B 178 -7.12 -21.93 33.81
CA THR B 178 -7.33 -20.55 34.20
C THR B 178 -8.72 -20.39 34.81
N THR B 179 -8.97 -19.20 35.34
CA THR B 179 -10.29 -18.87 35.86
C THR B 179 -11.25 -18.57 34.71
N GLY B 180 -12.54 -18.69 34.99
CA GLY B 180 -13.56 -18.42 34.00
C GLY B 180 -13.83 -19.59 33.08
N PHE B 181 -14.03 -19.30 31.80
CA PHE B 181 -14.33 -20.32 30.82
C PHE B 181 -13.04 -20.96 30.30
N PRO B 182 -13.13 -22.16 29.72
CA PRO B 182 -11.93 -22.76 29.11
C PRO B 182 -11.35 -21.83 28.04
N LYS B 183 -10.02 -21.75 28.04
CA LYS B 183 -9.30 -20.87 27.14
C LYS B 183 -8.72 -21.68 25.99
N GLY B 184 -8.90 -21.17 24.77
CA GLY B 184 -8.41 -21.85 23.60
C GLY B 184 -6.98 -21.48 23.25
N VAL B 185 -6.09 -22.48 23.29
CA VAL B 185 -4.72 -22.31 22.83
C VAL B 185 -4.59 -22.99 21.49
N PHE B 186 -3.80 -22.40 20.62
CA PHE B 186 -3.63 -22.89 19.27
C PHE B 186 -2.14 -22.91 18.93
N PHE B 187 -1.79 -23.78 17.99
CA PHE B 187 -0.41 -23.91 17.58
C PHE B 187 -0.36 -24.07 16.08
N THR B 188 0.67 -23.48 15.47
CA THR B 188 0.82 -23.51 14.03
C THR B 188 1.63 -24.72 13.61
N HIS B 189 1.73 -24.94 12.30
CA HIS B 189 2.57 -26.01 11.79
C HIS B 189 4.03 -25.78 12.16
N ARG B 190 4.51 -24.55 12.02
CA ARG B 190 5.89 -24.24 12.36
C ARG B 190 6.18 -24.54 13.83
N GLN B 191 5.27 -24.14 14.71
CA GLN B 191 5.47 -24.36 16.14
C GLN B 191 5.52 -25.84 16.48
N LEU B 192 4.65 -26.64 15.88
CA LEU B 192 4.64 -28.07 16.14
C LEU B 192 5.88 -28.75 15.58
N VAL B 193 6.33 -28.32 14.40
CA VAL B 193 7.55 -28.87 13.82
C VAL B 193 8.75 -28.52 14.69
N LEU B 194 8.82 -27.27 15.15
CA LEU B 194 9.94 -26.85 16.00
C LEU B 194 9.90 -27.55 17.35
N HIS B 195 8.71 -27.78 17.88
CA HIS B 195 8.59 -28.51 19.14
C HIS B 195 9.10 -29.95 18.98
N THR B 196 8.81 -30.56 17.83
CA THR B 196 9.31 -31.91 17.57
C THR B 196 10.84 -31.93 17.49
N MET B 197 11.42 -31.07 16.66
CA MET B 197 12.88 -31.04 16.53
C MET B 197 13.53 -30.53 17.81
N GLY B 198 12.94 -29.53 18.46
CA GLY B 198 13.54 -28.98 19.65
C GLY B 198 13.68 -29.99 20.77
N ILE B 199 12.64 -30.79 21.00
CA ILE B 199 12.71 -31.75 22.09
C ILE B 199 13.47 -33.00 21.66
N LEU B 200 13.41 -33.37 20.38
CA LEU B 200 14.24 -34.47 19.91
C LEU B 200 15.71 -34.15 20.06
N SER B 201 16.11 -32.91 19.73
CA SER B 201 17.48 -32.49 19.96
C SER B 201 17.85 -32.49 21.43
N THR B 202 16.88 -32.35 22.33
CA THR B 202 17.14 -32.33 23.76
C THR B 202 17.25 -33.74 24.33
N ILE B 203 16.20 -34.54 24.18
CA ILE B 203 16.18 -35.88 24.76
C ILE B 203 16.82 -36.93 23.86
N GLY B 204 16.92 -36.68 22.56
CA GLY B 204 17.66 -37.59 21.70
C GLY B 204 19.14 -37.59 22.00
N THR B 205 19.71 -36.44 22.34
CA THR B 205 21.14 -36.29 22.50
C THR B 205 21.61 -36.57 23.92
N ASN B 206 20.73 -37.04 24.80
CA ASN B 206 21.16 -37.51 26.10
C ASN B 206 22.15 -38.66 25.95
N ALA B 207 23.19 -38.69 26.74
CA ALA B 207 24.22 -39.71 26.60
C ALA B 207 23.77 -41.13 26.87
N SER B 208 23.03 -41.33 27.94
CA SER B 208 22.63 -42.64 28.33
C SER B 208 21.23 -42.68 28.90
N GLN B 209 20.93 -41.82 29.85
CA GLN B 209 19.65 -41.84 30.54
C GLN B 209 18.63 -40.94 29.83
N GLY B 210 17.37 -41.36 29.89
CA GLY B 210 16.28 -40.52 29.41
C GLY B 210 16.31 -40.25 27.93
N ARG B 211 16.60 -41.28 27.13
CA ARG B 211 16.77 -41.14 25.70
C ARG B 211 15.50 -41.54 24.97
N LEU B 212 15.08 -40.71 24.01
CA LEU B 212 14.12 -41.09 23.00
C LEU B 212 14.90 -41.24 21.70
N HIS B 213 15.04 -42.48 21.23
CA HIS B 213 15.86 -42.74 20.05
C HIS B 213 15.11 -43.66 19.09
N GLN B 214 15.74 -43.91 17.94
CA GLN B 214 15.09 -44.63 16.85
C GLN B 214 14.83 -46.09 17.17
N GLY B 215 15.50 -46.66 18.16
CA GLY B 215 15.25 -48.03 18.56
C GLY B 215 14.18 -48.20 19.61
N ASP B 216 13.60 -47.12 20.10
CA ASP B 216 12.60 -47.19 21.15
C ASP B 216 11.27 -47.70 20.60
N ILE B 217 10.45 -48.23 21.50
CA ILE B 217 9.07 -48.57 21.21
C ILE B 217 8.18 -47.67 22.05
N TYR B 218 7.30 -46.92 21.39
CA TYR B 218 6.58 -45.83 22.00
C TYR B 218 5.16 -46.23 22.36
N MET B 219 4.76 -45.93 23.59
CA MET B 219 3.38 -46.08 24.01
C MET B 219 2.99 -44.88 24.87
N PRO B 220 2.11 -44.01 24.40
CA PRO B 220 1.64 -42.91 25.26
C PRO B 220 0.70 -43.40 26.34
N ILE B 221 0.89 -42.87 27.54
CA ILE B 221 -0.12 -42.97 28.59
C ILE B 221 -0.58 -41.59 29.02
N THR B 222 -0.29 -40.58 28.19
CA THR B 222 -0.90 -39.28 28.28
C THR B 222 -1.95 -39.18 27.20
N PRO B 223 -3.16 -38.74 27.53
CA PRO B 223 -4.22 -38.65 26.51
C PRO B 223 -3.79 -37.77 25.35
N MET B 224 -4.24 -38.13 24.15
CA MET B 224 -3.84 -37.39 22.97
C MET B 224 -4.57 -36.06 22.83
N PHE B 225 -5.57 -35.79 23.67
CA PHE B 225 -6.14 -34.46 23.71
C PHE B 225 -5.41 -33.53 24.67
N HIS B 226 -4.44 -34.03 25.43
CA HIS B 226 -3.70 -33.21 26.37
C HIS B 226 -2.42 -32.71 25.70
N VAL B 227 -2.47 -31.45 25.27
CA VAL B 227 -1.37 -30.79 24.59
C VAL B 227 -0.63 -31.70 23.62
N HIS B 228 -1.33 -32.30 22.64
CA HIS B 228 -0.76 -33.23 21.65
C HIS B 228 -0.11 -34.47 22.20
N ALA B 229 -0.60 -35.02 23.31
CA ALA B 229 0.04 -36.11 24.03
C ALA B 229 1.48 -35.66 24.34
N TRP B 230 1.62 -34.43 24.77
CA TRP B 230 2.93 -33.81 25.06
C TRP B 230 3.81 -33.64 23.88
N GLY B 231 3.24 -33.86 22.72
CA GLY B 231 4.00 -33.80 21.49
C GLY B 231 4.77 -35.06 21.14
N LEU B 232 4.71 -36.10 21.97
CA LEU B 232 5.49 -37.30 21.69
C LEU B 232 5.03 -38.10 20.46
N PRO B 233 3.73 -38.20 20.12
CA PRO B 233 3.39 -38.90 18.88
C PRO B 233 4.01 -38.28 17.64
N TYR B 234 4.14 -36.95 17.60
CA TYR B 234 4.86 -36.31 16.49
C TYR B 234 6.33 -36.72 16.48
N MET B 235 6.95 -36.77 17.65
CA MET B 235 8.35 -37.17 17.74
C MET B 235 8.52 -38.66 17.46
N ALA B 236 7.58 -39.48 17.91
CA ALA B 236 7.64 -40.92 17.66
C ALA B 236 7.49 -41.22 16.18
N THR B 237 6.59 -40.50 15.50
CA THR B 237 6.46 -40.66 14.05
C THR B 237 7.71 -40.15 13.34
N MET B 238 8.28 -39.05 13.83
CA MET B 238 9.48 -38.49 13.23
C MET B 238 10.64 -39.48 13.29
N LEU B 239 10.76 -40.21 14.42
CA LEU B 239 11.79 -41.22 14.55
C LEU B 239 11.43 -42.53 13.86
N GLY B 240 10.19 -42.67 13.39
CA GLY B 240 9.78 -43.89 12.72
C GLY B 240 9.77 -45.10 13.62
N VAL B 241 9.62 -44.91 14.92
CA VAL B 241 9.65 -46.02 15.87
C VAL B 241 8.30 -46.73 15.87
N LYS B 242 8.30 -47.93 16.44
CA LYS B 242 7.05 -48.65 16.67
C LYS B 242 6.22 -47.93 17.72
N GLN B 243 4.97 -47.65 17.39
CA GLN B 243 4.06 -46.93 18.26
C GLN B 243 2.92 -47.85 18.69
N VAL B 244 2.70 -47.94 20.00
CA VAL B 244 1.64 -48.74 20.57
C VAL B 244 0.63 -47.79 21.20
N TYR B 245 -0.62 -47.84 20.72
CA TYR B 245 -1.67 -47.00 21.26
C TYR B 245 -2.61 -47.83 22.10
N PRO B 246 -2.74 -47.53 23.40
CA PRO B 246 -3.44 -48.43 24.31
C PRO B 246 -4.97 -48.29 24.32
N GLY B 247 -5.53 -47.29 23.64
CA GLY B 247 -6.94 -47.04 23.77
C GLY B 247 -7.28 -46.52 25.15
N LYS B 248 -8.43 -46.94 25.67
CA LYS B 248 -8.84 -46.56 27.01
C LYS B 248 -7.90 -47.15 28.04
N TYR B 249 -7.48 -46.32 29.00
CA TYR B 249 -6.44 -46.70 29.95
C TYR B 249 -6.99 -47.68 30.97
N VAL B 250 -6.51 -48.91 30.92
CA VAL B 250 -6.78 -49.93 31.93
C VAL B 250 -5.44 -50.43 32.45
N PRO B 251 -5.20 -50.41 33.77
CA PRO B 251 -3.85 -50.76 34.26
C PRO B 251 -3.37 -52.13 33.84
N ASP B 252 -4.24 -53.13 33.79
CA ASP B 252 -3.83 -54.45 33.32
C ASP B 252 -3.57 -54.44 31.82
N VAL B 253 -4.41 -53.72 31.06
CA VAL B 253 -4.19 -53.62 29.62
C VAL B 253 -2.89 -52.88 29.33
N LEU B 254 -2.61 -51.80 30.06
CA LEU B 254 -1.37 -51.07 29.86
C LEU B 254 -0.15 -51.93 30.19
N LEU B 255 -0.22 -52.67 31.30
CA LEU B 255 0.90 -53.51 31.70
C LEU B 255 1.11 -54.65 30.71
N ASN B 256 0.02 -55.20 30.16
CA ASN B 256 0.16 -56.26 29.16
C ASN B 256 0.81 -55.73 27.89
N LEU B 257 0.47 -54.52 27.48
CA LEU B 257 1.05 -53.94 26.27
C LEU B 257 2.54 -53.68 26.44
N ILE B 258 2.96 -53.23 27.63
CA ILE B 258 4.38 -53.00 27.87
C ILE B 258 5.18 -54.28 27.74
N GLU B 259 4.66 -55.38 28.30
CA GLU B 259 5.35 -56.65 28.21
C GLU B 259 5.26 -57.25 26.81
N GLN B 260 4.06 -57.23 26.23
CA GLN B 260 3.85 -57.95 24.98
C GLN B 260 4.49 -57.22 23.80
N GLU B 261 4.37 -55.90 23.76
CA GLU B 261 4.95 -55.12 22.67
C GLU B 261 6.35 -54.61 22.98
N LYS B 262 6.88 -54.92 24.17
CA LYS B 262 8.23 -54.51 24.58
C LYS B 262 8.38 -53.00 24.53
N VAL B 263 7.44 -52.30 25.16
CA VAL B 263 7.46 -50.84 25.19
C VAL B 263 8.67 -50.38 25.99
N THR B 264 9.41 -49.42 25.44
CA THR B 264 10.56 -48.85 26.11
C THR B 264 10.42 -47.38 26.47
N PHE B 265 9.55 -46.64 25.81
CA PHE B 265 9.37 -45.22 26.08
C PHE B 265 7.89 -44.90 26.24
N SER B 266 7.54 -44.27 27.35
CA SER B 266 6.17 -43.84 27.59
C SER B 266 6.20 -42.55 28.40
N HIS B 267 5.02 -42.01 28.66
CA HIS B 267 4.89 -40.80 29.47
C HIS B 267 3.49 -40.76 30.05
N CYS B 268 3.37 -40.13 31.22
CA CYS B 268 2.11 -40.08 31.94
C CYS B 268 2.21 -39.08 33.07
N VAL B 269 1.07 -38.82 33.70
CA VAL B 269 0.99 -38.02 34.91
C VAL B 269 1.38 -38.91 36.08
N PRO B 270 1.78 -38.35 37.23
CA PRO B 270 2.19 -39.21 38.36
C PRO B 270 1.09 -40.16 38.84
N THR B 271 -0.18 -39.80 38.67
CA THR B 271 -1.26 -40.69 39.10
C THR B 271 -1.25 -41.99 38.32
N ILE B 272 -1.01 -41.93 37.01
CA ILE B 272 -0.97 -43.14 36.19
C ILE B 272 0.16 -44.06 36.63
N LEU B 273 1.34 -43.49 36.87
CA LEU B 273 2.47 -44.31 37.32
C LEU B 273 2.19 -44.93 38.68
N HIS B 274 1.53 -44.18 39.56
CA HIS B 274 1.09 -44.75 40.83
C HIS B 274 0.17 -45.93 40.61
N LEU B 275 -0.77 -45.81 39.67
CA LEU B 275 -1.71 -46.89 39.39
C LEU B 275 -1.00 -48.07 38.74
N LEU B 276 -0.06 -47.81 37.82
CA LEU B 276 0.67 -48.89 37.18
C LEU B 276 1.53 -49.66 38.18
N LEU B 277 2.21 -48.95 39.07
CA LEU B 277 3.09 -49.62 40.02
C LEU B 277 2.33 -50.33 41.13
N SER B 278 1.13 -49.85 41.46
CA SER B 278 0.32 -50.48 42.51
C SER B 278 -0.47 -51.68 42.01
N SER B 279 -0.56 -51.89 40.70
CA SER B 279 -1.33 -53.00 40.18
C SER B 279 -0.68 -54.33 40.54
N PRO B 280 -1.45 -55.32 40.99
CA PRO B 280 -0.85 -56.61 41.37
C PRO B 280 -0.09 -57.29 40.25
N LYS B 281 -0.51 -57.09 39.00
CA LYS B 281 0.15 -57.74 37.87
C LYS B 281 1.53 -57.14 37.61
N SER B 282 1.76 -55.89 38.01
CA SER B 282 3.04 -55.25 37.80
C SER B 282 4.16 -55.86 38.65
N LYS B 283 3.81 -56.59 39.71
CA LYS B 283 4.83 -57.14 40.59
C LYS B 283 5.73 -58.13 39.87
N ALA B 284 5.13 -58.99 39.04
CA ALA B 284 5.88 -59.98 38.28
C ALA B 284 6.39 -59.45 36.95
N MET B 285 6.11 -58.19 36.63
CA MET B 285 6.56 -57.61 35.37
C MET B 285 8.01 -57.19 35.43
N ASP B 286 8.65 -57.16 34.27
CA ASP B 286 10.02 -56.69 34.12
C ASP B 286 9.98 -55.30 33.47
N PHE B 287 10.57 -54.31 34.15
CA PHE B 287 10.58 -52.93 33.69
C PHE B 287 11.99 -52.44 33.39
N SER B 288 12.91 -53.35 33.09
CA SER B 288 14.32 -52.97 32.95
C SER B 288 14.51 -52.00 31.79
N GLY B 289 13.90 -52.27 30.65
CA GLY B 289 14.03 -51.43 29.48
C GLY B 289 12.99 -50.33 29.33
N TRP B 290 12.14 -50.13 30.32
CA TRP B 290 11.06 -49.16 30.22
C TRP B 290 11.50 -47.80 30.75
N LYS B 291 11.36 -46.78 29.92
CA LYS B 291 11.57 -45.41 30.34
C LYS B 291 10.23 -44.68 30.30
N VAL B 292 9.95 -43.90 31.33
CA VAL B 292 8.74 -43.10 31.38
C VAL B 292 9.11 -41.72 31.90
N VAL B 293 8.65 -40.69 31.21
CA VAL B 293 8.82 -39.32 31.67
C VAL B 293 7.50 -38.87 32.29
N ILE B 294 7.58 -38.25 33.46
CA ILE B 294 6.43 -37.90 34.27
C ILE B 294 6.23 -36.39 34.20
N GLY B 295 5.07 -35.96 33.72
CA GLY B 295 4.76 -34.55 33.66
C GLY B 295 3.38 -34.23 34.16
N GLY B 296 2.96 -32.98 33.99
CA GLY B 296 1.63 -32.58 34.39
C GLY B 296 1.50 -32.23 35.85
N ALA B 297 2.27 -32.93 36.69
CA ALA B 297 2.25 -32.70 38.12
C ALA B 297 3.63 -33.01 38.68
N ALA B 298 3.89 -32.51 39.88
CA ALA B 298 5.14 -32.80 40.55
C ALA B 298 5.25 -34.30 40.82
N LEU B 299 6.39 -34.87 40.50
CA LEU B 299 6.63 -36.28 40.77
C LEU B 299 7.07 -36.45 42.21
N PRO B 300 6.32 -37.18 43.04
CA PRO B 300 6.77 -37.41 44.41
C PRO B 300 8.04 -38.24 44.45
N LYS B 301 8.91 -37.91 45.41
CA LYS B 301 10.15 -38.64 45.57
C LYS B 301 9.90 -40.10 45.91
N ALA B 302 8.84 -40.38 46.67
CA ALA B 302 8.51 -41.76 47.01
C ALA B 302 8.08 -42.54 45.78
N LEU B 303 7.28 -41.92 44.91
CA LEU B 303 6.86 -42.60 43.68
C LEU B 303 8.04 -42.82 42.75
N CYS B 304 8.92 -41.82 42.63
CA CYS B 304 10.11 -41.97 41.80
C CYS B 304 11.02 -43.07 42.34
N LYS B 305 11.17 -43.14 43.66
CA LYS B 305 12.00 -44.17 44.27
C LYS B 305 11.42 -45.56 44.03
N SER B 306 10.11 -45.70 44.14
CA SER B 306 9.47 -47.00 43.90
C SER B 306 9.66 -47.44 42.45
N ALA B 307 9.55 -46.50 41.51
CA ALA B 307 9.79 -46.84 40.11
C ALA B 307 11.26 -47.21 39.88
N LEU B 308 12.18 -46.52 40.56
CA LEU B 308 13.60 -46.82 40.42
C LEU B 308 13.93 -48.22 40.93
N GLU B 309 13.28 -48.66 42.02
CA GLU B 309 13.49 -50.01 42.50
C GLU B 309 13.03 -51.06 41.50
N ARG B 310 12.10 -50.72 40.61
CA ARG B 310 11.69 -51.60 39.53
C ARG B 310 12.57 -51.47 38.30
N ASP B 311 13.69 -50.75 38.42
CA ASP B 311 14.63 -50.52 37.32
C ASP B 311 13.99 -49.72 36.18
N ILE B 312 13.09 -48.81 36.52
CA ILE B 312 12.47 -47.93 35.53
C ILE B 312 13.29 -46.66 35.41
N ASP B 313 13.64 -46.30 34.18
CA ASP B 313 14.23 -44.99 33.89
C ASP B 313 13.09 -43.97 33.96
N VAL B 314 12.84 -43.48 35.16
CA VAL B 314 11.77 -42.53 35.42
C VAL B 314 12.38 -41.17 35.68
N PHE B 315 11.94 -40.16 34.92
CA PHE B 315 12.39 -38.80 35.09
C PHE B 315 11.19 -37.87 34.85
N ALA B 316 11.33 -36.64 35.30
CA ALA B 316 10.23 -35.70 35.28
C ALA B 316 10.36 -34.71 34.12
N GLY B 317 9.22 -34.16 33.72
CA GLY B 317 9.18 -33.09 32.75
C GLY B 317 8.13 -32.09 33.13
N TYR B 318 8.24 -30.90 32.53
CA TYR B 318 7.37 -29.80 32.88
C TYR B 318 6.86 -29.10 31.62
N GLY B 319 5.61 -28.68 31.67
CA GLY B 319 5.04 -27.98 30.53
C GLY B 319 3.63 -27.52 30.82
N MET B 320 3.01 -26.95 29.79
CA MET B 320 1.67 -26.38 29.88
C MET B 320 0.93 -26.59 28.58
N SER B 321 -0.39 -26.43 28.66
CA SER B 321 -1.20 -26.37 27.45
C SER B 321 -0.78 -25.20 26.57
N GLU B 322 -0.47 -24.06 27.19
CA GLU B 322 -0.14 -22.84 26.47
C GLU B 322 1.25 -22.85 25.85
N THR B 323 2.12 -23.77 26.27
CA THR B 323 3.53 -23.64 25.98
C THR B 323 4.07 -24.74 25.08
N GLY B 324 3.22 -25.32 24.21
CA GLY B 324 3.70 -26.28 23.25
C GLY B 324 4.44 -27.35 24.01
N PRO B 325 3.70 -28.23 24.65
CA PRO B 325 3.83 -28.40 26.11
C PRO B 325 5.22 -28.18 26.68
N ILE B 326 6.24 -28.83 26.12
CA ILE B 326 7.44 -29.10 26.90
C ILE B 326 8.27 -27.83 27.06
N LEU B 327 8.59 -27.51 28.30
CA LEU B 327 9.50 -26.42 28.64
C LEU B 327 10.79 -26.90 29.28
N SER B 328 10.75 -27.95 30.08
CA SER B 328 11.92 -28.44 30.77
C SER B 328 11.79 -29.94 30.98
N ILE B 329 12.94 -30.62 30.94
CA ILE B 329 13.00 -32.07 31.16
C ILE B 329 14.18 -32.34 32.06
N VAL B 330 14.08 -33.39 32.88
CA VAL B 330 15.17 -33.77 33.76
C VAL B 330 16.23 -34.52 32.94
N GLN B 331 17.44 -33.98 32.91
CA GLN B 331 18.59 -34.63 32.33
C GLN B 331 19.63 -34.86 33.42
N LEU B 332 20.15 -36.07 33.50
CA LEU B 332 21.11 -36.44 34.53
C LEU B 332 22.51 -36.56 33.91
N THR B 333 23.47 -35.88 34.53
CA THR B 333 24.86 -36.01 34.14
C THR B 333 25.38 -37.39 34.54
N PRO B 334 26.49 -37.84 33.92
CA PRO B 334 27.05 -39.15 34.31
C PRO B 334 27.39 -39.26 35.78
N GLU B 335 27.83 -38.17 36.42
CA GLU B 335 28.08 -38.19 37.84
C GLU B 335 26.78 -38.39 38.62
N GLN B 336 25.70 -37.74 38.19
CA GLN B 336 24.42 -37.91 38.87
C GLN B 336 23.84 -39.30 38.68
N LEU B 337 24.20 -39.98 37.58
CA LEU B 337 23.70 -41.32 37.34
C LEU B 337 24.38 -42.37 38.21
N GLU B 338 25.50 -42.02 38.85
CA GLU B 338 26.21 -42.93 39.73
C GLU B 338 25.79 -42.81 41.19
N LEU B 339 24.82 -41.95 41.49
CA LEU B 339 24.38 -41.76 42.87
C LEU B 339 23.49 -42.91 43.32
N ASP B 340 23.22 -42.96 44.62
CA ASP B 340 22.34 -43.97 45.18
C ASP B 340 20.89 -43.66 44.80
N VAL B 341 20.03 -44.65 45.05
CA VAL B 341 18.63 -44.54 44.61
C VAL B 341 17.92 -43.39 45.31
N ASP B 342 18.26 -43.12 46.57
CA ASP B 342 17.62 -42.01 47.27
C ASP B 342 18.05 -40.66 46.69
N GLN B 343 19.34 -40.51 46.41
CA GLN B 343 19.81 -39.26 45.83
C GLN B 343 19.41 -39.12 44.37
N GLN B 344 19.37 -40.24 43.64
CA GLN B 344 18.92 -40.21 42.26
C GLN B 344 17.44 -39.84 42.15
N ALA B 345 16.62 -40.34 43.07
CA ALA B 345 15.19 -40.05 43.03
C ALA B 345 14.91 -38.57 43.26
N GLU B 346 15.77 -37.88 43.99
CA GLU B 346 15.60 -36.44 44.18
C GLU B 346 15.82 -35.68 42.88
N TYR B 347 16.90 -36.01 42.15
CA TYR B 347 17.19 -35.34 40.89
C TYR B 347 16.14 -35.69 39.83
N ARG B 348 15.72 -36.94 39.77
CA ARG B 348 14.75 -37.37 38.77
C ARG B 348 13.37 -36.77 38.98
N SER B 349 13.06 -36.32 40.19
CA SER B 349 11.77 -35.75 40.51
C SER B 349 11.75 -34.22 40.43
N LYS B 350 12.85 -33.61 39.99
CA LYS B 350 12.88 -32.16 39.84
C LYS B 350 12.02 -31.72 38.66
N THR B 351 11.70 -30.44 38.63
CA THR B 351 10.96 -29.89 37.51
C THR B 351 11.75 -30.01 36.21
N GLY B 352 13.07 -29.86 36.30
CA GLY B 352 13.93 -30.14 35.16
C GLY B 352 14.72 -28.94 34.67
N LYS B 353 15.63 -29.19 33.75
CA LYS B 353 16.35 -28.12 33.07
C LYS B 353 15.61 -27.76 31.78
N LYS B 354 15.61 -26.47 31.46
CA LYS B 354 14.91 -26.00 30.28
C LYS B 354 15.45 -26.67 29.03
N VAL B 355 14.55 -26.97 28.10
CA VAL B 355 14.92 -27.64 26.86
C VAL B 355 15.49 -26.62 25.89
N ALA B 356 16.04 -27.11 24.78
CA ALA B 356 16.63 -26.25 23.77
C ALA B 356 15.64 -25.20 23.30
N LEU B 357 16.16 -23.98 23.10
CA LEU B 357 15.43 -22.83 22.56
C LEU B 357 14.38 -22.28 23.52
N VAL B 358 14.47 -22.62 24.80
CA VAL B 358 13.53 -22.13 25.81
C VAL B 358 14.28 -21.18 26.72
N GLU B 359 13.74 -19.98 26.89
CA GLU B 359 14.26 -18.98 27.82
C GLU B 359 13.31 -18.92 29.01
N ALA B 360 13.68 -19.60 30.09
CA ALA B 360 12.87 -19.63 31.31
C ALA B 360 13.49 -18.73 32.36
N TYR B 361 12.69 -17.82 32.91
CA TYR B 361 13.14 -16.87 33.92
C TYR B 361 12.24 -16.91 35.13
N ILE B 362 12.82 -16.59 36.28
CA ILE B 362 12.07 -16.39 37.53
C ILE B 362 11.96 -14.88 37.75
N VAL B 363 10.73 -14.39 37.84
CA VAL B 363 10.46 -12.96 38.03
C VAL B 363 9.51 -12.78 39.20
N ASP B 364 9.39 -11.53 39.64
CA ASP B 364 8.43 -11.15 40.65
C ASP B 364 7.23 -10.48 39.97
N GLU B 365 6.32 -9.93 40.78
CA GLU B 365 5.12 -9.32 40.24
C GLU B 365 5.42 -8.09 39.39
N ASP B 366 6.61 -7.51 39.52
CA ASP B 366 7.01 -6.36 38.72
C ASP B 366 7.82 -6.76 37.50
N MET B 367 7.85 -8.06 37.17
CA MET B 367 8.60 -8.60 36.03
C MET B 367 10.10 -8.38 36.15
N ASN B 368 10.61 -8.25 37.38
CA ASN B 368 12.04 -8.15 37.62
C ASN B 368 12.64 -9.55 37.72
N LYS B 369 13.66 -9.82 36.93
CA LYS B 369 14.26 -11.15 36.92
C LYS B 369 15.03 -11.39 38.21
N LEU B 370 14.80 -12.54 38.82
CA LEU B 370 15.37 -12.88 40.11
C LEU B 370 16.62 -13.75 39.94
N PRO B 371 17.55 -13.69 40.90
CA PRO B 371 18.75 -14.53 40.81
C PRO B 371 18.41 -16.01 40.85
N HIS B 372 19.23 -16.80 40.17
CA HIS B 372 18.99 -18.25 40.10
C HIS B 372 19.78 -18.98 41.19
N ASP B 373 19.45 -18.64 42.43
CA ASP B 373 19.86 -19.45 43.56
C ASP B 373 18.79 -20.50 43.85
N GLY B 374 19.15 -21.49 44.65
CA GLY B 374 18.20 -22.55 44.92
C GLY B 374 17.13 -22.22 45.94
N GLU B 375 16.97 -20.95 46.30
CA GLU B 375 16.00 -20.57 47.32
C GLU B 375 15.02 -19.51 46.84
N THR B 376 15.47 -18.51 46.09
CA THR B 376 14.60 -17.41 45.69
C THR B 376 13.56 -17.92 44.70
N ALA B 377 12.29 -17.66 45.01
CA ALA B 377 11.18 -18.18 44.23
C ALA B 377 10.44 -17.04 43.53
N GLY B 378 9.90 -17.34 42.35
CA GLY B 378 9.13 -16.38 41.58
C GLY B 378 8.41 -17.11 40.48
N GLU B 379 7.60 -16.35 39.75
CA GLU B 379 6.85 -16.93 38.64
C GLU B 379 7.79 -17.26 37.48
N ILE B 380 7.58 -18.44 36.89
CA ILE B 380 8.29 -18.81 35.67
C ILE B 380 7.66 -18.07 34.50
N VAL B 381 8.48 -17.34 33.76
CA VAL B 381 8.09 -16.71 32.51
C VAL B 381 9.01 -17.25 31.42
N VAL B 382 8.43 -17.54 30.26
CA VAL B 382 9.15 -18.28 29.23
C VAL B 382 9.05 -17.57 27.90
N ARG B 383 10.09 -17.75 27.09
CA ARG B 383 10.07 -17.48 25.66
C ARG B 383 10.55 -18.72 24.95
N ALA B 384 9.81 -19.16 23.94
CA ALA B 384 10.11 -20.41 23.25
C ALA B 384 9.48 -20.34 21.86
N PRO B 385 9.94 -21.17 20.92
CA PRO B 385 9.35 -21.17 19.59
C PRO B 385 8.02 -21.88 19.47
N TRP B 386 7.42 -22.36 20.56
CA TRP B 386 6.17 -23.11 20.49
C TRP B 386 5.21 -22.67 21.58
N LEU B 387 5.09 -21.36 21.79
CA LEU B 387 4.13 -20.83 22.75
C LEU B 387 2.92 -20.28 22.00
N THR B 388 1.75 -20.43 22.62
CA THR B 388 0.56 -19.82 22.05
C THR B 388 0.68 -18.30 22.16
N PRO B 389 0.41 -17.56 21.08
CA PRO B 389 0.58 -16.11 21.15
C PRO B 389 -0.48 -15.42 21.97
N ASN B 390 -1.65 -16.05 22.10
CA ASN B 390 -2.79 -15.49 22.81
C ASN B 390 -3.78 -16.62 23.00
N TYR B 391 -4.86 -16.33 23.72
CA TYR B 391 -6.00 -17.22 23.78
C TYR B 391 -6.94 -16.94 22.62
N TYR B 392 -7.60 -17.98 22.15
CA TYR B 392 -8.48 -17.85 21.00
C TYR B 392 -9.66 -16.95 21.32
N LYS B 393 -9.89 -15.95 20.45
CA LYS B 393 -11.00 -15.00 20.59
C LYS B 393 -11.02 -14.37 21.99
N ASP B 394 -9.85 -14.01 22.48
CA ASP B 394 -9.68 -13.47 23.81
C ASP B 394 -8.64 -12.37 23.77
N ASN B 395 -8.92 -11.26 24.45
CA ASN B 395 -8.02 -10.12 24.47
C ASN B 395 -7.42 -9.85 25.83
N LYS B 396 -8.26 -9.68 26.86
CA LYS B 396 -7.76 -9.27 28.17
C LYS B 396 -6.95 -10.38 28.83
N ASN B 397 -7.43 -11.62 28.76
CA ASN B 397 -6.67 -12.73 29.32
C ASN B 397 -5.40 -13.01 28.53
N SER B 398 -5.44 -12.76 27.22
CA SER B 398 -4.25 -12.90 26.38
C SER B 398 -3.17 -11.90 26.78
N LYS B 399 -3.58 -10.66 27.10
CA LYS B 399 -2.61 -9.65 27.53
C LYS B 399 -1.94 -10.04 28.84
N ALA B 400 -2.70 -10.61 29.77
CA ALA B 400 -2.12 -11.06 31.03
C ALA B 400 -1.18 -12.24 30.82
N LEU B 401 -1.49 -13.10 29.86
CA LEU B 401 -0.63 -14.26 29.57
C LEU B 401 0.74 -13.81 29.07
N TRP B 402 0.79 -12.75 28.28
CA TRP B 402 2.04 -12.25 27.70
C TRP B 402 2.46 -10.92 28.31
N ARG B 403 2.18 -10.72 29.59
CA ARG B 403 2.53 -9.48 30.27
C ARG B 403 4.05 -9.34 30.36
N GLY B 404 4.55 -8.17 30.01
CA GLY B 404 5.98 -7.93 30.09
C GLY B 404 6.79 -8.58 29.00
N GLY B 405 6.15 -9.08 27.94
CA GLY B 405 6.85 -9.69 26.85
C GLY B 405 7.25 -11.13 27.05
N TYR B 406 6.78 -11.77 28.11
CA TYR B 406 7.05 -13.18 28.36
C TYR B 406 5.74 -13.88 28.66
N LEU B 407 5.67 -15.17 28.33
CA LEU B 407 4.51 -15.96 28.68
C LEU B 407 4.57 -16.33 30.15
N HIS B 408 3.50 -16.04 30.87
CA HIS B 408 3.42 -16.28 32.31
C HIS B 408 2.85 -17.68 32.56
N THR B 409 3.62 -18.52 33.23
CA THR B 409 3.19 -19.89 33.50
C THR B 409 2.21 -19.99 34.66
N GLY B 410 2.22 -19.01 35.58
CA GLY B 410 1.44 -19.14 36.78
C GLY B 410 2.04 -20.07 37.81
N ASP B 411 3.30 -20.47 37.62
CA ASP B 411 3.97 -21.41 38.51
C ASP B 411 5.09 -20.68 39.24
N VAL B 412 5.19 -20.91 40.54
CA VAL B 412 6.25 -20.33 41.36
C VAL B 412 7.35 -21.37 41.51
N ALA B 413 8.58 -20.96 41.22
CA ALA B 413 9.69 -21.91 41.24
C ALA B 413 10.98 -21.20 41.62
N HIS B 414 11.96 -21.98 42.02
CA HIS B 414 13.34 -21.52 42.14
C HIS B 414 14.21 -22.34 41.20
N ILE B 415 15.17 -21.67 40.57
CA ILE B 415 16.13 -22.31 39.67
C ILE B 415 17.49 -22.26 40.34
N ASP B 416 18.14 -23.41 40.46
CA ASP B 416 19.42 -23.47 41.15
C ASP B 416 20.56 -23.09 40.21
N ASP B 417 21.79 -23.20 40.71
CA ASP B 417 22.96 -22.80 39.94
C ASP B 417 23.13 -23.66 38.69
N GLU B 418 22.89 -24.96 38.81
CA GLU B 418 23.04 -25.88 37.69
C GLU B 418 21.86 -25.84 36.72
N GLY B 419 20.90 -24.93 36.90
CA GLY B 419 19.79 -24.80 36.00
C GLY B 419 18.59 -25.65 36.33
N PHE B 420 18.63 -26.43 37.41
CA PHE B 420 17.50 -27.29 37.76
C PHE B 420 16.37 -26.45 38.35
N ILE B 421 15.24 -26.45 37.66
CA ILE B 421 14.04 -25.77 38.14
C ILE B 421 13.36 -26.64 39.18
N LYS B 422 12.77 -25.99 40.19
CA LYS B 422 11.96 -26.68 41.18
C LYS B 422 10.74 -25.84 41.47
N ILE B 423 9.58 -26.32 41.04
CA ILE B 423 8.32 -25.59 41.25
C ILE B 423 7.90 -25.72 42.70
N THR B 424 7.60 -24.58 43.33
CA THR B 424 7.23 -24.55 44.73
C THR B 424 5.72 -24.46 44.95
N ASP B 425 5.04 -23.52 44.28
CA ASP B 425 3.59 -23.43 44.39
C ASP B 425 3.07 -22.71 43.14
N ARG B 426 1.81 -22.29 43.19
CA ARG B 426 1.11 -21.73 42.05
C ARG B 426 0.74 -20.27 42.29
N VAL B 427 0.80 -19.47 41.23
CA VAL B 427 0.24 -18.13 41.28
C VAL B 427 -1.27 -18.18 41.17
N LYS B 428 -1.77 -18.91 40.17
CA LYS B 428 -3.19 -19.03 39.93
C LYS B 428 -3.86 -19.83 41.05
N ASP B 429 -5.12 -19.47 41.34
CA ASP B 429 -5.90 -20.16 42.38
C ASP B 429 -6.62 -21.35 41.76
N MET B 430 -5.82 -22.32 41.30
CA MET B 430 -6.32 -23.50 40.63
C MET B 430 -5.72 -24.74 41.27
N ILE B 431 -6.47 -25.83 41.20
CA ILE B 431 -6.08 -27.12 41.76
C ILE B 431 -6.13 -28.15 40.65
N LYS B 432 -5.05 -28.91 40.48
CA LYS B 432 -4.99 -29.97 39.48
C LYS B 432 -5.17 -31.31 40.17
N ILE B 433 -6.15 -32.09 39.72
CA ILE B 433 -6.49 -33.37 40.32
C ILE B 433 -6.35 -34.44 39.24
N SER B 434 -5.37 -35.33 39.41
CA SER B 434 -5.14 -36.45 38.50
C SER B 434 -4.98 -35.98 37.05
N GLY B 435 -4.42 -34.79 36.86
CA GLY B 435 -4.23 -34.25 35.52
C GLY B 435 -5.36 -33.37 35.01
N GLU B 436 -6.39 -33.13 35.80
CA GLU B 436 -7.49 -32.26 35.41
C GLU B 436 -7.57 -31.06 36.33
N TRP B 437 -8.02 -29.93 35.79
CA TRP B 437 -8.06 -28.68 36.51
C TRP B 437 -9.41 -28.48 37.20
N VAL B 438 -9.38 -27.89 38.38
CA VAL B 438 -10.57 -27.39 39.05
C VAL B 438 -10.25 -26.01 39.59
N SER B 439 -11.22 -25.10 39.50
CA SER B 439 -11.03 -23.74 39.97
C SER B 439 -11.55 -23.61 41.39
N SER B 440 -10.72 -23.10 42.29
CA SER B 440 -11.13 -22.93 43.67
C SER B 440 -12.29 -21.95 43.78
N LEU B 441 -12.21 -20.83 43.06
CA LEU B 441 -13.28 -19.84 43.09
C LEU B 441 -14.59 -20.41 42.56
N GLU B 442 -14.53 -21.21 41.50
CA GLU B 442 -15.73 -21.85 40.99
C GLU B 442 -16.29 -22.86 41.98
N LEU B 443 -15.41 -23.60 42.66
CA LEU B 443 -15.86 -24.54 43.68
C LEU B 443 -16.44 -23.80 44.88
N GLU B 444 -15.86 -22.66 45.24
CA GLU B 444 -16.40 -21.85 46.33
C GLU B 444 -17.80 -21.36 46.01
N ASP B 445 -18.02 -20.92 44.76
CA ASP B 445 -19.32 -20.39 44.37
C ASP B 445 -20.41 -21.45 44.49
N ILE B 446 -20.12 -22.68 44.05
CA ILE B 446 -21.12 -23.74 44.13
C ILE B 446 -21.42 -24.09 45.59
N LEU B 447 -20.38 -24.23 46.41
CA LEU B 447 -20.61 -24.54 47.82
C LEU B 447 -21.23 -23.37 48.56
N HIS B 448 -21.03 -22.13 48.08
CA HIS B 448 -21.67 -20.98 48.69
C HIS B 448 -23.16 -20.94 48.39
N GLN B 449 -23.62 -21.65 47.37
CA GLN B 449 -25.05 -21.71 47.06
C GLN B 449 -25.85 -22.46 48.12
N HIS B 450 -25.18 -23.19 49.00
CA HIS B 450 -25.87 -23.82 50.12
C HIS B 450 -26.43 -22.78 51.07
N GLN B 451 -27.63 -23.05 51.59
CA GLN B 451 -28.32 -22.07 52.44
C GLN B 451 -27.64 -21.89 53.79
N SER B 452 -27.00 -22.94 54.31
CA SER B 452 -26.38 -22.91 55.62
C SER B 452 -24.86 -22.74 55.52
N VAL B 453 -24.42 -21.96 54.53
CA VAL B 453 -23.00 -21.67 54.32
C VAL B 453 -22.82 -20.17 54.37
N SER B 454 -21.86 -19.71 55.17
CA SER B 454 -21.53 -18.30 55.27
C SER B 454 -20.29 -17.93 54.45
N GLU B 455 -19.21 -18.70 54.58
CA GLU B 455 -17.98 -18.46 53.84
C GLU B 455 -17.35 -19.79 53.44
N VAL B 456 -16.80 -19.84 52.24
CA VAL B 456 -16.14 -21.03 51.72
C VAL B 456 -14.77 -20.63 51.18
N ALA B 457 -13.74 -21.38 51.55
CA ALA B 457 -12.39 -21.21 51.01
C ALA B 457 -11.88 -22.57 50.61
N VAL B 458 -11.63 -22.77 49.32
CA VAL B 458 -11.18 -24.03 48.78
C VAL B 458 -9.68 -23.95 48.51
N ILE B 459 -8.93 -24.89 49.06
CA ILE B 459 -7.49 -24.96 48.87
C ILE B 459 -7.12 -26.35 48.38
N GLY B 460 -6.00 -26.44 47.68
CA GLY B 460 -5.52 -27.72 47.20
C GLY B 460 -4.64 -28.43 48.20
N MET B 461 -5.11 -29.55 48.72
CA MET B 461 -4.30 -30.36 49.62
C MET B 461 -3.52 -31.39 48.82
N PRO B 462 -2.20 -31.50 49.01
CA PRO B 462 -1.43 -32.51 48.29
C PRO B 462 -1.92 -33.91 48.61
N HIS B 463 -1.84 -34.78 47.61
CA HIS B 463 -2.29 -36.17 47.72
C HIS B 463 -1.24 -37.08 47.11
N ASN B 464 -1.03 -38.23 47.74
CA ASN B 464 -0.01 -39.17 47.25
C ASN B 464 -0.42 -39.79 45.92
N LYS B 465 -1.73 -39.99 45.73
CA LYS B 465 -2.23 -40.67 44.54
C LYS B 465 -2.77 -39.69 43.50
N TRP B 466 -3.56 -38.70 43.93
CA TRP B 466 -4.19 -37.76 43.03
C TRP B 466 -3.35 -36.52 42.76
N GLY B 467 -2.25 -36.33 43.47
CA GLY B 467 -1.47 -35.11 43.34
C GLY B 467 -1.96 -34.02 44.27
N GLU B 468 -3.13 -33.46 43.96
CA GLU B 468 -3.79 -32.50 44.84
C GLU B 468 -5.27 -32.87 44.93
N VAL B 469 -5.85 -32.68 46.10
CA VAL B 469 -7.29 -32.84 46.27
C VAL B 469 -7.84 -31.52 46.80
N PRO B 470 -9.09 -31.16 46.47
CA PRO B 470 -9.63 -29.90 46.97
C PRO B 470 -10.12 -30.03 48.40
N LEU B 471 -9.79 -29.03 49.21
CA LEU B 471 -10.22 -28.96 50.60
C LEU B 471 -11.02 -27.69 50.79
N ALA B 472 -12.28 -27.82 51.19
CA ALA B 472 -13.17 -26.69 51.41
C ALA B 472 -13.28 -26.44 52.91
N LEU B 473 -12.84 -25.27 53.34
CA LEU B 473 -12.97 -24.85 54.73
C LEU B 473 -14.17 -23.92 54.84
N VAL B 474 -15.26 -24.43 55.42
CA VAL B 474 -16.56 -23.78 55.40
C VAL B 474 -16.85 -23.21 56.77
N THR B 475 -17.19 -21.93 56.83
CA THR B 475 -17.65 -21.28 58.05
C THR B 475 -19.17 -21.31 58.05
N LEU B 476 -19.75 -21.86 59.12
CA LEU B 476 -21.20 -21.99 59.20
C LEU B 476 -21.85 -20.63 59.43
N LYS B 477 -23.17 -20.60 59.26
CA LYS B 477 -23.93 -19.37 59.41
C LYS B 477 -24.07 -19.05 60.91
N GLU B 478 -24.89 -18.05 61.22
CA GLU B 478 -25.01 -17.58 62.60
C GLU B 478 -25.51 -18.68 63.52
N ASP B 479 -26.51 -19.44 63.08
CA ASP B 479 -27.05 -20.54 63.88
C ASP B 479 -27.33 -21.74 62.99
N ALA B 480 -26.40 -22.08 62.10
CA ALA B 480 -26.57 -23.20 61.19
C ALA B 480 -25.76 -24.41 61.66
N GLN B 481 -26.28 -25.59 61.36
CA GLN B 481 -25.61 -26.86 61.68
C GLN B 481 -25.86 -27.82 60.52
N VAL B 482 -24.87 -27.93 59.65
CA VAL B 482 -24.92 -28.81 58.48
C VAL B 482 -23.68 -29.69 58.49
N THR B 483 -23.89 -30.99 58.33
CA THR B 483 -22.76 -31.92 58.37
C THR B 483 -21.91 -31.76 57.12
N GLU B 484 -20.66 -32.25 57.21
CA GLU B 484 -19.72 -32.11 56.11
C GLU B 484 -20.13 -32.96 54.91
N LYS B 485 -20.61 -34.17 55.15
CA LYS B 485 -20.98 -35.06 54.05
C LYS B 485 -22.20 -34.56 53.28
N GLU B 486 -23.03 -33.73 53.90
CA GLU B 486 -24.17 -33.15 53.18
C GLU B 486 -23.71 -32.24 52.06
N LEU B 487 -22.66 -31.45 52.29
CA LEU B 487 -22.12 -30.59 51.25
C LEU B 487 -21.48 -31.40 50.13
N LEU B 488 -20.87 -32.53 50.46
CA LEU B 488 -20.31 -33.39 49.42
C LEU B 488 -21.39 -33.93 48.50
N GLY B 489 -22.52 -34.36 49.07
CA GLY B 489 -23.66 -34.74 48.26
C GLY B 489 -24.28 -33.59 47.52
N PHE B 490 -24.27 -32.40 48.13
CA PHE B 490 -24.77 -31.20 47.46
C PHE B 490 -23.95 -30.89 46.20
N ALA B 491 -22.62 -30.99 46.31
CA ALA B 491 -21.78 -30.71 45.15
C ALA B 491 -21.85 -31.84 44.12
N LYS B 492 -22.17 -33.06 44.57
CA LYS B 492 -22.25 -34.18 43.63
C LYS B 492 -23.38 -33.97 42.63
N ASP B 493 -24.46 -33.32 43.05
CA ASP B 493 -25.58 -33.08 42.15
C ASP B 493 -25.18 -32.18 40.99
N PHE B 494 -24.29 -31.21 41.25
CA PHE B 494 -23.75 -30.39 40.17
C PHE B 494 -22.95 -31.23 39.19
N ILE B 495 -22.23 -32.23 39.70
CA ILE B 495 -21.48 -33.13 38.82
C ILE B 495 -22.43 -33.98 38.00
N ASN B 496 -23.51 -34.47 38.61
CA ASN B 496 -24.46 -35.31 37.89
C ASN B 496 -25.16 -34.55 36.78
N LYS B 497 -25.28 -33.24 36.91
CA LYS B 497 -25.86 -32.41 35.87
C LYS B 497 -24.84 -31.99 34.81
N GLY B 498 -23.57 -32.35 34.99
CA GLY B 498 -22.55 -32.00 34.02
C GLY B 498 -22.04 -30.58 34.11
N ILE B 499 -22.30 -29.88 35.21
CA ILE B 499 -21.85 -28.50 35.38
C ILE B 499 -20.50 -28.43 36.06
N LEU B 500 -20.32 -29.21 37.12
CA LEU B 500 -19.05 -29.27 37.85
C LEU B 500 -18.25 -30.48 37.40
N ALA B 501 -16.93 -30.34 37.50
CA ALA B 501 -16.02 -31.39 37.04
C ALA B 501 -16.14 -32.64 37.90
N ARG B 502 -15.93 -33.79 37.26
CA ARG B 502 -15.98 -35.06 37.95
C ARG B 502 -14.93 -35.16 39.04
N GLU B 503 -13.83 -34.43 38.90
CA GLU B 503 -12.72 -34.51 39.85
C GLU B 503 -13.05 -33.87 41.19
N ALA B 504 -14.16 -33.13 41.29
CA ALA B 504 -14.59 -32.59 42.57
C ALA B 504 -15.22 -33.64 43.47
N LEU B 505 -15.41 -34.87 42.97
CA LEU B 505 -15.89 -35.97 43.81
C LEU B 505 -14.93 -36.28 44.95
N LEU B 506 -13.67 -35.86 44.84
CA LEU B 506 -12.67 -36.05 45.89
C LEU B 506 -12.55 -34.84 46.80
N LEU B 507 -13.51 -33.94 46.77
CA LEU B 507 -13.50 -32.78 47.65
C LEU B 507 -13.66 -33.20 49.10
N LYS B 508 -12.92 -32.54 49.99
CA LYS B 508 -13.03 -32.73 51.43
C LYS B 508 -13.53 -31.43 52.05
N VAL B 509 -14.56 -31.54 52.87
CA VAL B 509 -15.14 -30.39 53.55
C VAL B 509 -14.69 -30.42 55.01
N LYS B 510 -14.05 -29.34 55.45
CA LYS B 510 -13.60 -29.19 56.83
C LYS B 510 -14.27 -27.95 57.41
N ILE B 511 -15.24 -28.16 58.30
CA ILE B 511 -15.96 -27.05 58.91
C ILE B 511 -15.03 -26.36 59.91
N VAL B 512 -14.88 -25.05 59.77
CA VAL B 512 -13.98 -24.27 60.61
C VAL B 512 -14.74 -23.07 61.15
N ASP B 513 -14.35 -22.63 62.36
CA ASP B 513 -15.07 -21.53 63.01
C ASP B 513 -14.80 -20.20 62.32
N GLU B 514 -13.60 -20.02 61.76
CA GLU B 514 -13.25 -18.77 61.09
C GLU B 514 -12.32 -19.07 59.93
N ILE B 515 -12.24 -18.12 59.00
CA ILE B 515 -11.36 -18.20 57.84
C ILE B 515 -10.39 -17.02 57.92
N ALA B 516 -9.10 -17.32 57.95
CA ALA B 516 -8.08 -16.29 58.08
C ALA B 516 -8.09 -15.37 56.86
N LYS B 517 -8.02 -14.07 57.10
CA LYS B 517 -8.06 -13.06 56.05
C LYS B 517 -6.87 -12.13 56.16
N THR B 518 -6.84 -11.11 55.33
CA THR B 518 -5.77 -10.13 55.29
C THR B 518 -6.26 -8.79 55.81
N SER B 519 -5.33 -7.83 55.93
CA SER B 519 -5.68 -6.49 56.36
C SER B 519 -6.61 -5.80 55.36
N VAL B 520 -6.51 -6.18 54.08
CA VAL B 520 -7.36 -5.59 53.06
C VAL B 520 -8.74 -6.23 53.04
N GLY B 521 -8.91 -7.35 53.73
CA GLY B 521 -10.17 -8.07 53.75
C GLY B 521 -10.23 -9.30 52.89
N LYS B 522 -9.24 -9.50 52.01
CA LYS B 522 -9.23 -10.68 51.15
C LYS B 522 -8.87 -11.93 51.95
N VAL B 523 -9.28 -13.08 51.41
CA VAL B 523 -8.94 -14.35 52.03
C VAL B 523 -7.45 -14.62 51.82
N ASP B 524 -6.76 -14.98 52.92
CA ASP B 524 -5.33 -15.26 52.88
C ASP B 524 -5.13 -16.76 52.70
N LYS B 525 -5.14 -17.21 51.45
CA LYS B 525 -4.96 -18.63 51.18
C LYS B 525 -3.55 -19.10 51.46
N LYS B 526 -2.56 -18.21 51.31
CA LYS B 526 -1.18 -18.58 51.63
C LYS B 526 -1.02 -18.93 53.10
N GLU B 527 -1.61 -18.11 53.98
CA GLU B 527 -1.62 -18.44 55.41
C GLU B 527 -2.63 -19.53 55.72
N LEU B 528 -3.66 -19.68 54.88
CA LEU B 528 -4.70 -20.66 55.15
C LEU B 528 -4.18 -22.09 54.99
N ARG B 529 -3.28 -22.31 54.03
CA ARG B 529 -2.74 -23.65 53.81
C ARG B 529 -1.84 -24.10 54.96
N LYS B 530 -1.16 -23.15 55.61
CA LYS B 530 -0.33 -23.50 56.76
C LYS B 530 -1.17 -24.05 57.90
N LEU B 531 -2.31 -23.41 58.18
CA LEU B 531 -3.16 -23.85 59.28
C LEU B 531 -3.77 -25.22 58.99
N HIS B 532 -4.19 -25.45 57.76
CA HIS B 532 -4.81 -26.73 57.40
C HIS B 532 -4.07 -27.39 56.25
N ASN C 6 -19.78 -4.17 -3.05
CA ASN C 6 -21.04 -4.00 -2.32
C ASN C 6 -21.24 -5.10 -1.26
N ASP C 7 -20.94 -4.77 -0.01
CA ASP C 7 -21.23 -5.65 1.11
C ASP C 7 -22.69 -5.48 1.52
N PRO C 8 -23.51 -6.54 1.48
CA PRO C 8 -24.93 -6.37 1.80
C PRO C 8 -25.20 -5.83 3.20
N SER C 9 -24.38 -6.20 4.19
CA SER C 9 -24.59 -5.68 5.53
C SER C 9 -24.12 -4.23 5.64
N ASN C 10 -23.23 -3.79 4.75
CA ASN C 10 -22.74 -2.42 4.75
C ASN C 10 -23.76 -1.56 4.01
N TYR C 11 -24.76 -1.10 4.75
CA TYR C 11 -25.85 -0.32 4.15
C TYR C 11 -25.35 1.03 3.64
N GLN C 12 -25.78 1.38 2.44
CA GLN C 12 -25.46 2.67 1.84
C GLN C 12 -26.70 3.53 1.80
N LEU C 13 -26.58 4.76 2.26
CA LEU C 13 -27.67 5.72 2.22
C LEU C 13 -27.80 6.25 0.79
N LEU C 14 -28.72 5.66 0.03
CA LEU C 14 -28.89 5.97 -1.37
C LEU C 14 -30.27 6.56 -1.61
N ILE C 15 -30.36 7.44 -2.62
CA ILE C 15 -31.63 8.07 -2.94
C ILE C 15 -32.66 7.05 -3.39
N LYS C 16 -32.21 5.91 -3.94
CA LYS C 16 -33.14 4.84 -4.27
C LYS C 16 -33.81 4.27 -3.03
N ASN C 17 -33.19 4.39 -1.86
CA ASN C 17 -33.83 3.95 -0.63
C ASN C 17 -34.91 4.93 -0.19
N LEU C 18 -34.77 6.22 -0.54
CA LEU C 18 -35.85 7.16 -0.28
C LEU C 18 -37.10 6.81 -1.07
N LEU C 19 -36.93 6.27 -2.27
CA LEU C 19 -38.04 5.96 -3.16
C LEU C 19 -38.67 4.60 -2.85
N PHE C 20 -37.85 3.56 -2.75
CA PHE C 20 -38.35 2.20 -2.59
C PHE C 20 -38.41 1.73 -1.14
N SER C 21 -37.86 2.50 -0.21
CA SER C 21 -38.00 2.23 1.23
C SER C 21 -38.49 3.49 1.93
N PRO C 22 -39.66 4.01 1.54
CA PRO C 22 -40.11 5.29 2.10
C PRO C 22 -40.80 5.12 3.45
N VAL C 23 -41.13 6.25 4.08
CA VAL C 23 -41.96 6.20 5.29
C VAL C 23 -43.32 5.60 4.97
N ALA C 24 -43.91 6.02 3.85
CA ALA C 24 -45.19 5.50 3.41
C ALA C 24 -45.22 5.46 1.89
N PHE C 25 -45.87 4.43 1.35
CA PHE C 25 -46.08 4.32 -0.08
C PHE C 25 -47.52 3.90 -0.35
N ASN C 26 -48.29 4.80 -0.93
CA ASN C 26 -49.61 4.47 -1.46
C ASN C 26 -49.50 4.41 -2.97
N PRO C 27 -49.62 3.24 -3.59
CA PRO C 27 -49.46 3.16 -5.05
C PRO C 27 -50.52 3.94 -5.81
N GLU C 28 -51.66 4.24 -5.19
CA GLU C 28 -52.72 4.98 -5.83
C GLU C 28 -52.73 6.46 -5.46
N GLN C 29 -51.79 6.91 -4.63
CA GLN C 29 -51.62 8.32 -4.38
C GLN C 29 -51.12 9.02 -5.63
N GLU C 30 -51.56 10.25 -5.85
CA GLU C 30 -51.36 10.93 -7.12
C GLU C 30 -50.18 11.90 -7.07
N ILE C 31 -49.47 11.98 -8.20
CA ILE C 31 -48.60 13.10 -8.52
C ILE C 31 -49.32 13.94 -9.56
N VAL C 32 -49.59 15.20 -9.21
CA VAL C 32 -50.37 16.11 -10.06
C VAL C 32 -49.44 17.18 -10.60
N TYR C 33 -49.46 17.35 -11.93
CA TYR C 33 -48.70 18.41 -12.59
C TYR C 33 -49.70 19.45 -13.08
N ALA C 34 -50.01 20.42 -12.21
CA ALA C 34 -50.91 21.52 -12.51
C ALA C 34 -52.21 21.02 -13.12
N ASN C 35 -52.48 21.38 -14.38
CA ASN C 35 -53.62 20.87 -15.12
C ASN C 35 -53.20 20.10 -16.36
N HIS C 36 -51.91 19.78 -16.47
CA HIS C 36 -51.39 19.08 -17.64
C HIS C 36 -51.45 17.56 -17.49
N ARG C 37 -51.04 17.05 -16.34
CA ARG C 37 -50.88 15.61 -16.18
C ARG C 37 -51.25 15.23 -14.75
N ARG C 38 -51.62 13.96 -14.59
CA ARG C 38 -52.00 13.42 -13.28
C ARG C 38 -51.85 11.91 -13.35
N HIS C 39 -51.01 11.35 -12.48
CA HIS C 39 -50.81 9.91 -12.43
C HIS C 39 -50.57 9.50 -10.99
N SER C 40 -50.46 8.19 -10.77
CA SER C 40 -50.30 7.64 -9.44
C SER C 40 -48.83 7.50 -9.07
N TYR C 41 -48.60 7.18 -7.79
CA TYR C 41 -47.24 6.91 -7.32
C TYR C 41 -46.67 5.67 -7.98
N LYS C 42 -47.53 4.68 -8.24
CA LYS C 42 -47.11 3.48 -8.96
C LYS C 42 -46.64 3.82 -10.37
N THR C 43 -47.35 4.72 -11.04
CA THR C 43 -46.89 5.22 -12.34
C THR C 43 -45.59 6.00 -12.19
N PHE C 44 -45.47 6.81 -11.14
CA PHE C 44 -44.25 7.58 -10.91
C PHE C 44 -43.04 6.68 -10.75
N HIS C 45 -43.21 5.56 -10.04
CA HIS C 45 -42.11 4.60 -9.93
C HIS C 45 -41.81 3.95 -11.27
N ASP C 46 -42.86 3.71 -12.08
CA ASP C 46 -42.64 3.18 -13.42
C ASP C 46 -41.87 4.18 -14.28
N ARG C 47 -42.24 5.46 -14.21
CA ARG C 47 -41.60 6.46 -15.06
C ARG C 47 -40.16 6.73 -14.63
N VAL C 48 -39.83 6.51 -13.35
CA VAL C 48 -38.45 6.61 -12.92
C VAL C 48 -37.63 5.49 -13.53
N ARG C 49 -38.16 4.28 -13.56
CA ARG C 49 -37.45 3.16 -14.18
C ARG C 49 -37.39 3.33 -15.69
N GLN C 50 -38.45 3.85 -16.31
CA GLN C 50 -38.41 4.14 -17.74
C GLN C 50 -37.36 5.20 -18.05
N PHE C 51 -37.29 6.25 -17.22
CA PHE C 51 -36.28 7.27 -17.39
C PHE C 51 -34.87 6.70 -17.19
N ALA C 52 -34.70 5.83 -16.21
CA ALA C 52 -33.42 5.16 -16.00
C ALA C 52 -33.04 4.32 -17.22
N ASN C 53 -34.02 3.63 -17.81
CA ASN C 53 -33.77 2.90 -19.05
C ASN C 53 -33.40 3.84 -20.18
N ALA C 54 -34.14 4.94 -20.32
CA ALA C 54 -33.86 5.91 -21.37
C ALA C 54 -32.49 6.56 -21.19
N LEU C 55 -32.12 6.87 -19.95
CA LEU C 55 -30.80 7.44 -19.69
C LEU C 55 -29.70 6.44 -20.02
N THR C 56 -29.91 5.16 -19.70
CA THR C 56 -28.93 4.15 -20.04
C THR C 56 -28.78 4.02 -21.55
N LYS C 57 -29.89 4.10 -22.29
CA LYS C 57 -29.82 4.04 -23.74
C LYS C 57 -29.11 5.25 -24.31
N MET C 58 -29.33 6.43 -23.75
CA MET C 58 -28.62 7.62 -24.19
C MET C 58 -27.15 7.62 -23.78
N GLY C 59 -26.65 6.54 -23.17
CA GLY C 59 -25.27 6.48 -22.79
C GLY C 59 -24.90 7.24 -21.54
N VAL C 60 -25.85 7.53 -20.66
CA VAL C 60 -25.51 8.13 -19.38
C VAL C 60 -24.96 7.04 -18.47
N LYS C 61 -23.73 7.21 -18.03
CA LYS C 61 -23.08 6.29 -17.11
C LYS C 61 -22.96 6.94 -15.73
N LYS C 62 -22.54 6.13 -14.75
CA LYS C 62 -22.26 6.67 -13.44
C LYS C 62 -21.15 7.71 -13.53
N GLY C 63 -21.37 8.85 -12.90
CA GLY C 63 -20.44 9.96 -12.98
C GLY C 63 -20.75 10.98 -14.04
N ASP C 64 -21.69 10.69 -14.95
CA ASP C 64 -22.10 11.65 -15.94
C ASP C 64 -22.98 12.73 -15.32
N THR C 65 -23.07 13.87 -16.00
CA THR C 65 -23.89 14.98 -15.56
C THR C 65 -25.06 15.15 -16.52
N VAL C 66 -26.27 15.09 -15.99
CA VAL C 66 -27.48 15.41 -16.74
C VAL C 66 -28.01 16.72 -16.18
N ALA C 67 -28.13 17.73 -17.05
CA ALA C 67 -28.61 19.04 -16.67
C ALA C 67 -30.10 19.16 -16.98
N VAL C 68 -30.82 19.89 -16.12
CA VAL C 68 -32.26 20.06 -16.27
C VAL C 68 -32.57 21.55 -16.26
N MET C 69 -33.29 22.00 -17.28
CA MET C 69 -33.80 23.37 -17.38
C MET C 69 -35.30 23.25 -17.53
N ASP C 70 -36.01 23.28 -16.40
CA ASP C 70 -37.42 22.94 -16.40
C ASP C 70 -38.13 23.72 -15.30
N TYR C 71 -39.45 23.78 -15.40
CA TYR C 71 -40.28 24.32 -14.34
C TYR C 71 -40.54 23.23 -13.29
N ASP C 72 -41.32 23.59 -12.27
CA ASP C 72 -41.72 22.67 -11.23
C ASP C 72 -42.76 21.68 -11.77
N SER C 73 -42.32 20.49 -12.17
CA SER C 73 -43.17 19.54 -12.84
C SER C 73 -42.94 18.14 -12.29
N HIS C 74 -43.72 17.19 -12.81
CA HIS C 74 -43.48 15.78 -12.54
C HIS C 74 -42.17 15.31 -13.15
N ARG C 75 -41.79 15.85 -14.32
CA ARG C 75 -40.53 15.48 -14.94
C ARG C 75 -39.35 15.81 -14.06
N TYR C 76 -39.38 16.98 -13.42
CA TYR C 76 -38.31 17.36 -12.49
C TYR C 76 -38.26 16.41 -11.30
N LEU C 77 -39.42 15.99 -10.79
CA LEU C 77 -39.42 15.04 -9.68
C LEU C 77 -38.81 13.71 -10.09
N GLU C 78 -39.13 13.25 -11.30
CA GLU C 78 -38.49 12.04 -11.82
C GLU C 78 -36.98 12.25 -12.01
N CYS C 79 -36.58 13.46 -12.41
CA CYS C 79 -35.16 13.77 -12.51
C CYS C 79 -34.48 13.74 -11.15
N TYR C 80 -35.20 14.13 -10.09
CA TYR C 80 -34.63 14.09 -8.75
C TYR C 80 -34.22 12.69 -8.36
N PHE C 81 -34.92 11.68 -8.85
CA PHE C 81 -34.65 10.29 -8.48
C PHE C 81 -33.86 9.56 -9.55
N ALA C 82 -34.37 9.52 -10.79
CA ALA C 82 -33.80 8.63 -11.79
C ALA C 82 -32.34 8.95 -12.10
N ILE C 83 -32.01 10.24 -12.24
CA ILE C 83 -30.64 10.60 -12.58
C ILE C 83 -29.65 10.22 -11.47
N PRO C 84 -29.84 10.63 -10.21
CA PRO C 84 -28.90 10.17 -9.17
C PRO C 84 -28.94 8.67 -8.96
N MET C 85 -30.07 8.03 -9.25
CA MET C 85 -30.27 6.63 -8.88
C MET C 85 -29.51 5.69 -9.81
N ILE C 86 -29.12 6.15 -10.99
CA ILE C 86 -28.27 5.36 -11.87
C ILE C 86 -26.81 5.75 -11.63
N GLY C 87 -26.58 6.59 -10.63
CA GLY C 87 -25.24 7.04 -10.32
C GLY C 87 -24.78 8.27 -11.07
N ALA C 88 -25.67 8.92 -11.82
CA ALA C 88 -25.33 10.13 -12.55
C ALA C 88 -25.51 11.36 -11.67
N LYS C 89 -24.92 12.46 -12.12
CA LYS C 89 -24.98 13.73 -11.41
C LYS C 89 -26.10 14.57 -12.01
N LEU C 90 -27.04 14.99 -11.17
CA LEU C 90 -28.11 15.86 -11.60
C LEU C 90 -27.66 17.30 -11.40
N HIS C 91 -27.64 18.07 -12.48
CA HIS C 91 -27.29 19.49 -12.42
C HIS C 91 -28.58 20.29 -12.61
N MET C 92 -29.00 20.99 -11.57
CA MET C 92 -30.17 21.85 -11.63
C MET C 92 -29.72 23.23 -12.09
N ILE C 93 -30.07 23.58 -13.32
CA ILE C 93 -29.68 24.88 -13.87
C ILE C 93 -30.65 25.93 -13.39
N ASN C 94 -30.12 26.96 -12.74
CA ASN C 94 -30.90 28.11 -12.32
C ASN C 94 -31.25 28.93 -13.56
N VAL C 95 -32.48 28.77 -14.05
CA VAL C 95 -32.90 29.46 -15.27
C VAL C 95 -33.14 30.95 -15.06
N ARG C 96 -33.12 31.41 -13.80
CA ARG C 96 -33.27 32.83 -13.52
C ARG C 96 -31.95 33.58 -13.56
N LEU C 97 -30.83 32.89 -13.75
CA LEU C 97 -29.56 33.57 -13.94
C LEU C 97 -29.50 34.16 -15.35
N SER C 98 -28.56 35.07 -15.54
CA SER C 98 -28.34 35.60 -16.87
C SER C 98 -27.79 34.50 -17.77
N PRO C 99 -28.02 34.59 -19.08
CA PRO C 99 -27.52 33.54 -19.99
C PRO C 99 -26.02 33.33 -19.90
N GLU C 100 -25.24 34.40 -19.67
CA GLU C 100 -23.80 34.24 -19.52
C GLU C 100 -23.45 33.42 -18.29
N GLN C 101 -24.16 33.68 -17.18
CA GLN C 101 -23.96 32.87 -15.99
C GLN C 101 -24.38 31.42 -16.21
N ILE C 102 -25.51 31.22 -16.90
CA ILE C 102 -25.98 29.87 -17.20
C ILE C 102 -24.97 29.14 -18.07
N LEU C 103 -24.41 29.84 -19.06
CA LEU C 103 -23.39 29.23 -19.92
C LEU C 103 -22.18 28.80 -19.10
N TYR C 104 -21.77 29.63 -18.14
CA TYR C 104 -20.65 29.28 -17.29
C TYR C 104 -20.90 27.99 -16.53
N THR C 105 -22.08 27.85 -15.91
CA THR C 105 -22.35 26.68 -15.08
C THR C 105 -22.47 25.42 -15.92
N ILE C 106 -22.97 25.53 -17.16
CA ILE C 106 -23.06 24.38 -18.03
C ILE C 106 -21.67 23.90 -18.43
N ASP C 107 -20.78 24.83 -18.77
CA ASP C 107 -19.43 24.45 -19.16
C ASP C 107 -18.60 24.03 -17.95
N HIS C 108 -18.77 24.71 -16.82
CA HIS C 108 -18.07 24.34 -15.60
C HIS C 108 -18.47 22.94 -15.14
N ALA C 109 -19.78 22.63 -15.16
CA ALA C 109 -20.26 21.33 -14.73
C ALA C 109 -20.05 20.26 -15.78
N GLU C 110 -19.79 20.63 -17.03
CA GLU C 110 -19.59 19.70 -18.14
C GLU C 110 -20.77 18.74 -18.27
N ASP C 111 -21.94 19.33 -18.50
CA ASP C 111 -23.15 18.55 -18.68
C ASP C 111 -23.09 17.73 -19.96
N ASP C 112 -23.48 16.49 -19.93
CA ASP C 112 -23.53 15.66 -21.11
C ASP C 112 -24.85 15.82 -21.81
N ILE C 113 -25.94 15.81 -21.06
CA ILE C 113 -27.27 15.91 -21.64
C ILE C 113 -28.03 17.00 -20.89
N ILE C 114 -28.76 17.81 -21.64
CA ILE C 114 -29.57 18.88 -21.08
C ILE C 114 -31.03 18.57 -21.37
N LEU C 115 -31.83 18.46 -20.31
CA LEU C 115 -33.28 18.39 -20.42
C LEU C 115 -33.79 19.81 -20.23
N ILE C 116 -34.19 20.46 -21.33
CA ILE C 116 -34.56 21.86 -21.31
C ILE C 116 -36.02 21.97 -21.75
N HIS C 117 -36.78 22.79 -21.04
CA HIS C 117 -38.14 23.09 -21.46
C HIS C 117 -38.10 23.99 -22.71
N GLU C 118 -39.15 23.87 -23.52
CA GLU C 118 -39.21 24.65 -24.76
C GLU C 118 -39.21 26.15 -24.48
N GLU C 119 -39.77 26.59 -23.35
CA GLU C 119 -39.82 28.01 -23.04
C GLU C 119 -38.45 28.56 -22.67
N PHE C 120 -37.49 27.71 -22.34
CA PHE C 120 -36.13 28.17 -22.04
C PHE C 120 -35.21 28.08 -23.25
N LEU C 121 -35.71 27.59 -24.38
CA LEU C 121 -34.90 27.56 -25.60
C LEU C 121 -34.35 28.92 -26.01
N PRO C 122 -35.09 30.04 -25.89
CA PRO C 122 -34.47 31.33 -26.20
C PRO C 122 -33.23 31.63 -25.39
N ILE C 123 -33.14 31.15 -24.14
CA ILE C 123 -31.90 31.27 -23.38
C ILE C 123 -30.80 30.44 -24.05
N LEU C 124 -31.14 29.26 -24.54
CA LEU C 124 -30.15 28.39 -25.16
C LEU C 124 -29.55 29.01 -26.41
N ASP C 125 -30.39 29.63 -27.24
CA ASP C 125 -29.91 30.21 -28.50
C ASP C 125 -28.91 31.34 -28.27
N GLN C 126 -28.91 31.95 -27.08
CA GLN C 126 -27.93 32.97 -26.77
C GLN C 126 -26.55 32.39 -26.44
N ILE C 127 -26.48 31.13 -26.00
CA ILE C 127 -25.25 30.58 -25.46
C ILE C 127 -24.94 29.24 -26.09
N LYS C 128 -25.74 28.82 -27.07
CA LYS C 128 -25.60 27.49 -27.64
C LYS C 128 -24.24 27.32 -28.31
N GLY C 129 -23.74 28.35 -28.97
CA GLY C 129 -22.47 28.23 -29.67
C GLY C 129 -21.28 28.02 -28.77
N ARG C 130 -21.36 28.49 -27.53
CA ARG C 130 -20.27 28.38 -26.57
C ARG C 130 -20.41 27.18 -25.63
N ILE C 131 -21.37 26.29 -25.90
CA ILE C 131 -21.54 25.06 -25.13
C ILE C 131 -20.81 23.95 -25.87
N ASP C 132 -19.87 23.29 -25.19
CA ASP C 132 -19.04 22.29 -25.82
C ASP C 132 -19.19 20.88 -25.28
N THR C 133 -19.72 20.71 -24.06
CA THR C 133 -19.78 19.39 -23.45
C THR C 133 -21.09 18.66 -23.73
N VAL C 134 -22.15 19.36 -24.12
CA VAL C 134 -23.46 18.74 -24.25
C VAL C 134 -23.57 18.07 -25.62
N THR C 135 -23.92 16.78 -25.61
CA THR C 135 -24.09 16.03 -26.84
C THR C 135 -25.55 15.85 -27.24
N ARG C 136 -26.49 16.04 -26.32
CA ARG C 136 -27.90 15.83 -26.62
C ARG C 136 -28.74 16.82 -25.83
N TYR C 137 -29.72 17.41 -26.49
CA TYR C 137 -30.73 18.26 -25.87
C TYR C 137 -32.07 17.55 -25.97
N VAL C 138 -32.71 17.32 -24.83
CA VAL C 138 -34.07 16.80 -24.78
C VAL C 138 -34.99 17.96 -24.45
N VAL C 139 -35.89 18.28 -25.38
CA VAL C 139 -36.79 19.40 -25.21
C VAL C 139 -38.03 18.93 -24.47
N LEU C 140 -38.42 19.67 -23.44
CA LEU C 140 -39.55 19.31 -22.59
C LEU C 140 -40.75 20.17 -22.96
N ARG C 141 -41.89 19.52 -23.10
CA ARG C 141 -43.13 20.19 -23.46
C ARG C 141 -44.23 19.70 -22.54
N ASP C 142 -45.20 20.59 -22.29
CA ASP C 142 -46.32 20.26 -21.41
C ASP C 142 -47.42 19.50 -22.14
N ASP C 143 -47.29 19.28 -23.43
CA ASP C 143 -48.24 18.54 -24.23
C ASP C 143 -47.67 17.17 -24.57
N GLU C 144 -48.37 16.45 -25.45
CA GLU C 144 -47.97 15.11 -25.85
C GLU C 144 -46.73 15.09 -26.74
N GLU C 145 -46.29 16.24 -27.25
CA GLU C 145 -45.14 16.32 -28.14
C GLU C 145 -43.82 16.44 -27.39
N CYS C 146 -43.80 16.10 -26.11
CA CYS C 146 -42.60 16.21 -25.29
C CYS C 146 -41.57 15.16 -25.70
N GLU C 147 -40.32 15.58 -25.89
CA GLU C 147 -39.26 14.64 -26.20
C GLU C 147 -38.95 13.75 -25.01
N TYR C 148 -39.07 14.28 -23.79
CA TYR C 148 -38.89 13.46 -22.59
C TYR C 148 -39.96 12.39 -22.50
N GLU C 149 -41.22 12.74 -22.78
CA GLU C 149 -42.29 11.76 -22.72
C GLU C 149 -42.12 10.68 -23.79
N ARG C 150 -41.64 11.06 -24.97
CA ARG C 150 -41.41 10.08 -26.02
C ARG C 150 -40.24 9.16 -25.69
N LEU C 151 -39.19 9.71 -25.06
CA LEU C 151 -38.08 8.87 -24.64
C LEU C 151 -38.51 7.84 -23.60
N LEU C 152 -39.42 8.23 -22.70
CA LEU C 152 -39.88 7.31 -21.67
C LEU C 152 -40.79 6.23 -22.24
N GLU C 153 -41.62 6.57 -23.22
CA GLU C 153 -42.56 5.60 -23.77
C GLU C 153 -41.85 4.43 -24.44
N GLN C 154 -40.64 4.65 -24.96
CA GLN C 154 -39.86 3.62 -25.64
C GLN C 154 -39.08 2.72 -24.68
N GLU C 155 -39.40 2.71 -23.39
CA GLU C 155 -38.61 1.98 -22.41
C GLU C 155 -39.52 1.12 -21.54
N SER C 156 -38.93 0.07 -20.98
CA SER C 156 -39.64 -0.78 -20.03
C SER C 156 -39.69 -0.12 -18.66
N THR C 157 -40.71 -0.49 -17.89
CA THR C 157 -40.87 -0.03 -16.52
C THR C 157 -40.07 -0.88 -15.54
N GLU C 158 -39.08 -1.63 -16.02
CA GLU C 158 -38.26 -2.49 -15.19
C GLU C 158 -36.81 -2.01 -15.25
N TYR C 159 -36.20 -1.84 -14.09
CA TYR C 159 -34.81 -1.40 -14.00
C TYR C 159 -34.26 -1.83 -12.65
N ASN C 160 -33.06 -2.38 -12.66
CA ASN C 160 -32.35 -2.73 -11.44
C ASN C 160 -31.36 -1.61 -11.13
N PHE C 161 -31.66 -0.84 -10.11
CA PHE C 161 -30.86 0.34 -9.80
C PHE C 161 -29.59 -0.07 -9.07
N PRO C 162 -28.44 0.49 -9.44
CA PRO C 162 -27.17 0.04 -8.87
C PRO C 162 -27.03 0.39 -7.40
N ASP C 163 -26.24 -0.43 -6.71
CA ASP C 163 -25.72 -0.11 -5.39
C ASP C 163 -24.32 0.49 -5.59
N PHE C 164 -24.11 1.68 -5.07
CA PHE C 164 -22.78 2.27 -5.06
C PHE C 164 -22.52 2.87 -3.69
N ASP C 165 -21.35 3.49 -3.56
CA ASP C 165 -21.00 4.21 -2.34
C ASP C 165 -21.99 5.36 -2.11
N GLU C 166 -22.39 5.52 -0.85
CA GLU C 166 -23.29 6.61 -0.49
C GLU C 166 -22.66 7.98 -0.66
N ASN C 167 -21.33 8.05 -0.82
CA ASN C 167 -20.63 9.30 -1.07
C ASN C 167 -20.55 9.66 -2.54
N THR C 168 -21.18 8.87 -3.40
CA THR C 168 -21.36 9.28 -4.79
C THR C 168 -22.12 10.60 -4.84
N VAL C 169 -21.60 11.55 -5.60
CA VAL C 169 -22.27 12.82 -5.78
C VAL C 169 -23.56 12.60 -6.55
N ALA C 170 -24.67 13.09 -6.00
CA ALA C 170 -25.99 12.92 -6.59
C ALA C 170 -26.48 14.17 -7.30
N THR C 171 -26.25 15.35 -6.74
CA THR C 171 -26.79 16.58 -7.26
C THR C 171 -25.73 17.67 -7.25
N THR C 172 -25.73 18.50 -8.29
CA THR C 172 -24.92 19.70 -8.36
C THR C 172 -25.78 20.87 -8.78
N PHE C 173 -25.42 22.05 -8.32
CA PHE C 173 -26.02 23.29 -8.80
C PHE C 173 -25.10 24.42 -8.39
N TYR C 174 -25.33 25.59 -8.98
CA TYR C 174 -24.44 26.72 -8.82
C TYR C 174 -25.16 27.85 -8.13
N THR C 175 -24.51 28.40 -7.11
CA THR C 175 -25.02 29.57 -6.41
C THR C 175 -24.24 30.80 -6.83
N THR C 176 -24.95 31.90 -7.03
CA THR C 176 -24.34 33.19 -7.31
C THR C 176 -24.24 34.05 -6.06
N GLY C 177 -24.41 33.46 -4.88
CA GLY C 177 -24.37 34.18 -3.63
C GLY C 177 -23.01 34.63 -3.19
N THR C 178 -21.96 34.31 -3.94
CA THR C 178 -20.61 34.73 -3.64
C THR C 178 -20.14 35.70 -4.72
N THR C 179 -18.98 36.29 -4.48
CA THR C 179 -18.35 37.15 -5.48
C THR C 179 -17.71 36.31 -6.58
N GLY C 180 -17.51 36.93 -7.73
CA GLY C 180 -16.89 36.25 -8.85
C GLY C 180 -17.85 35.44 -9.68
N PHE C 181 -17.42 34.27 -10.11
CA PHE C 181 -18.24 33.40 -10.93
C PHE C 181 -19.15 32.54 -10.04
N PRO C 182 -20.23 32.00 -10.62
CA PRO C 182 -21.07 31.07 -9.84
C PRO C 182 -20.27 29.90 -9.31
N LYS C 183 -20.54 29.54 -8.06
CA LYS C 183 -19.81 28.48 -7.38
C LYS C 183 -20.64 27.21 -7.38
N GLY C 184 -20.01 26.09 -7.72
CA GLY C 184 -20.69 24.81 -7.75
C GLY C 184 -20.70 24.10 -6.42
N VAL C 185 -21.88 23.89 -5.87
CA VAL C 185 -22.05 23.08 -4.67
C VAL C 185 -22.63 21.74 -5.10
N PHE C 186 -22.20 20.69 -4.42
CA PHE C 186 -22.61 19.35 -4.75
C PHE C 186 -23.01 18.62 -3.48
N PHE C 187 -23.84 17.61 -3.63
CA PHE C 187 -24.32 16.84 -2.50
C PHE C 187 -24.35 15.37 -2.88
N THR C 188 -24.02 14.52 -1.93
CA THR C 188 -23.96 13.09 -2.18
C THR C 188 -25.31 12.45 -1.87
N HIS C 189 -25.43 11.17 -2.18
CA HIS C 189 -26.63 10.43 -1.84
C HIS C 189 -26.84 10.40 -0.34
N ARG C 190 -25.77 10.14 0.42
CA ARG C 190 -25.88 10.10 1.87
C ARG C 190 -26.36 11.43 2.43
N GLN C 191 -25.81 12.53 1.93
CA GLN C 191 -26.19 13.85 2.43
C GLN C 191 -27.66 14.14 2.16
N LEU C 192 -28.14 13.80 0.96
CA LEU C 192 -29.54 14.04 0.62
C LEU C 192 -30.47 13.16 1.44
N VAL C 193 -30.08 11.91 1.67
CA VAL C 193 -30.89 11.02 2.49
C VAL C 193 -30.95 11.53 3.92
N LEU C 194 -29.81 11.96 4.45
CA LEU C 194 -29.77 12.47 5.83
C LEU C 194 -30.55 13.77 5.95
N HIS C 195 -30.50 14.62 4.92
CA HIS C 195 -31.27 15.86 4.93
C HIS C 195 -32.76 15.56 4.95
N THR C 196 -33.20 14.52 4.22
CA THR C 196 -34.59 14.12 4.24
C THR C 196 -35.01 13.63 5.62
N MET C 197 -34.28 12.67 6.19
CA MET C 197 -34.63 12.16 7.50
C MET C 197 -34.42 13.21 8.58
N GLY C 198 -33.35 14.00 8.49
CA GLY C 198 -33.08 14.99 9.50
C GLY C 198 -34.18 16.02 9.64
N ILE C 199 -34.69 16.53 8.52
CA ILE C 199 -35.72 17.54 8.60
C ILE C 199 -37.09 16.92 8.83
N LEU C 200 -37.32 15.71 8.34
CA LEU C 200 -38.57 15.01 8.68
C LEU C 200 -38.66 14.75 10.18
N SER C 201 -37.55 14.35 10.80
CA SER C 201 -37.53 14.20 12.25
C SER C 201 -37.76 15.51 12.97
N THR C 202 -37.44 16.64 12.34
CA THR C 202 -37.60 17.94 12.97
C THR C 202 -39.03 18.46 12.82
N ILE C 203 -39.50 18.58 11.57
CA ILE C 203 -40.84 19.14 11.35
C ILE C 203 -41.94 18.09 11.40
N GLY C 204 -41.62 16.81 11.23
CA GLY C 204 -42.62 15.78 11.43
C GLY C 204 -43.05 15.66 12.87
N THR C 205 -42.12 15.83 13.81
CA THR C 205 -42.37 15.61 15.23
C THR C 205 -42.89 16.85 15.95
N ASN C 206 -43.17 17.93 15.23
CA ASN C 206 -43.85 19.07 15.84
C ASN C 206 -45.21 18.64 16.38
N ALA C 207 -45.57 19.11 17.55
CA ALA C 207 -46.82 18.70 18.18
C ALA C 207 -48.08 19.07 17.44
N SER C 208 -48.16 20.29 16.97
CA SER C 208 -49.36 20.77 16.34
C SER C 208 -49.07 21.70 15.17
N GLN C 209 -48.24 22.70 15.39
CA GLN C 209 -47.97 23.71 14.37
C GLN C 209 -46.78 23.31 13.50
N GLY C 210 -46.84 23.70 12.24
CA GLY C 210 -45.70 23.55 11.35
C GLY C 210 -45.34 22.11 11.06
N ARG C 211 -46.33 21.27 10.83
CA ARG C 211 -46.12 19.84 10.66
C ARG C 211 -46.10 19.48 9.18
N LEU C 212 -45.12 18.69 8.79
CA LEU C 212 -45.14 17.97 7.52
C LEU C 212 -45.39 16.50 7.86
N HIS C 213 -46.57 15.99 7.52
CA HIS C 213 -46.95 14.64 7.90
C HIS C 213 -47.55 13.91 6.70
N GLN C 214 -47.87 12.64 6.91
CA GLN C 214 -48.29 11.76 5.82
C GLN C 214 -49.65 12.12 5.25
N GLY C 215 -50.46 12.88 5.98
CA GLY C 215 -51.74 13.33 5.46
C GLY C 215 -51.71 14.64 4.70
N ASP C 216 -50.55 15.27 4.59
CA ASP C 216 -50.44 16.56 3.92
C ASP C 216 -50.53 16.39 2.40
N ILE C 217 -50.90 17.47 1.73
CA ILE C 217 -50.83 17.57 0.29
C ILE C 217 -49.79 18.63 -0.06
N TYR C 218 -48.79 18.23 -0.83
CA TYR C 218 -47.58 19.03 -1.03
C TYR C 218 -47.63 19.75 -2.37
N MET C 219 -47.33 21.05 -2.34
CA MET C 219 -47.14 21.83 -3.54
C MET C 219 -45.96 22.77 -3.34
N PRO C 220 -44.85 22.57 -4.05
CA PRO C 220 -43.73 23.52 -3.94
C PRO C 220 -44.05 24.82 -4.66
N ILE C 221 -43.69 25.93 -4.03
CA ILE C 221 -43.60 27.20 -4.72
C ILE C 221 -42.18 27.76 -4.64
N THR C 222 -41.23 26.90 -4.32
CA THR C 222 -39.82 27.15 -4.48
C THR C 222 -39.35 26.40 -5.71
N PRO C 223 -38.63 27.05 -6.63
CA PRO C 223 -38.18 26.36 -7.84
C PRO C 223 -37.35 25.13 -7.50
N MET C 224 -37.49 24.10 -8.32
CA MET C 224 -36.78 22.86 -8.06
C MET C 224 -35.30 22.94 -8.39
N PHE C 225 -34.84 24.01 -9.02
CA PHE C 225 -33.40 24.21 -9.16
C PHE C 225 -32.80 24.95 -7.98
N HIS C 226 -33.60 25.41 -7.03
CA HIS C 226 -33.09 26.13 -5.86
C HIS C 226 -32.89 25.13 -4.72
N VAL C 227 -31.63 24.75 -4.53
CA VAL C 227 -31.23 23.79 -3.50
C VAL C 227 -32.24 22.65 -3.33
N HIS C 228 -32.54 21.90 -4.39
CA HIS C 228 -33.50 20.78 -4.38
C HIS C 228 -34.91 21.12 -3.98
N ALA C 229 -35.40 22.32 -4.29
CA ALA C 229 -36.69 22.83 -3.83
C ALA C 229 -36.66 22.75 -2.30
N TRP C 230 -35.55 23.13 -1.71
CA TRP C 230 -35.33 23.05 -0.25
C TRP C 230 -35.31 21.67 0.30
N GLY C 231 -35.27 20.72 -0.58
CA GLY C 231 -35.31 19.32 -0.18
C GLY C 231 -36.69 18.77 0.09
N LEU C 232 -37.74 19.57 -0.04
CA LEU C 232 -39.09 19.09 0.26
C LEU C 232 -39.62 18.03 -0.70
N PRO C 233 -39.34 18.06 -2.01
CA PRO C 233 -39.83 16.94 -2.86
C PRO C 233 -39.29 15.58 -2.44
N TYR C 234 -38.06 15.52 -1.94
CA TYR C 234 -37.54 14.26 -1.40
C TYR C 234 -38.32 13.84 -0.15
N MET C 235 -38.63 14.80 0.72
CA MET C 235 -39.40 14.51 1.92
C MET C 235 -40.85 14.18 1.58
N ALA C 236 -41.42 14.86 0.60
CA ALA C 236 -42.79 14.59 0.20
C ALA C 236 -42.92 13.21 -0.42
N THR C 237 -41.95 12.81 -1.23
CA THR C 237 -41.93 11.45 -1.76
C THR C 237 -41.72 10.43 -0.64
N MET C 238 -40.85 10.75 0.31
CA MET C 238 -40.59 9.85 1.43
C MET C 238 -41.86 9.60 2.23
N LEU C 239 -42.68 10.63 2.43
CA LEU C 239 -43.94 10.47 3.13
C LEU C 239 -45.04 9.89 2.26
N GLY C 240 -44.81 9.77 0.95
CA GLY C 240 -45.82 9.25 0.06
C GLY C 240 -47.06 10.10 -0.07
N VAL C 241 -46.93 11.40 0.19
CA VAL C 241 -48.09 12.28 0.16
C VAL C 241 -48.40 12.66 -1.29
N LYS C 242 -49.60 13.19 -1.48
CA LYS C 242 -49.98 13.75 -2.77
C LYS C 242 -49.15 15.00 -3.06
N GLN C 243 -48.53 15.02 -4.24
CA GLN C 243 -47.66 16.10 -4.65
C GLN C 243 -48.27 16.82 -5.84
N VAL C 244 -48.41 18.14 -5.73
CA VAL C 244 -48.95 18.99 -6.79
C VAL C 244 -47.82 19.86 -7.30
N TYR C 245 -47.49 19.74 -8.58
CA TYR C 245 -46.44 20.55 -9.17
C TYR C 245 -47.06 21.61 -10.07
N PRO C 246 -46.84 22.90 -9.76
CA PRO C 246 -47.60 23.95 -10.43
C PRO C 246 -47.04 24.38 -11.79
N GLY C 247 -45.89 23.89 -12.21
CA GLY C 247 -45.27 24.40 -13.42
C GLY C 247 -44.81 25.83 -13.23
N LYS C 248 -44.94 26.63 -14.27
CA LYS C 248 -44.57 28.04 -14.19
C LYS C 248 -45.48 28.78 -13.21
N TYR C 249 -44.88 29.59 -12.35
CA TYR C 249 -45.60 30.21 -11.24
C TYR C 249 -46.48 31.34 -11.76
N VAL C 250 -47.78 31.16 -11.68
CA VAL C 250 -48.78 32.20 -11.95
C VAL C 250 -49.66 32.32 -10.72
N PRO C 251 -49.81 33.52 -10.15
CA PRO C 251 -50.55 33.63 -8.87
C PRO C 251 -51.96 33.07 -8.92
N ASP C 252 -52.68 33.27 -10.02
CA ASP C 252 -54.02 32.69 -10.13
C ASP C 252 -53.95 31.18 -10.28
N VAL C 253 -52.97 30.68 -11.04
CA VAL C 253 -52.81 29.23 -11.19
C VAL C 253 -52.43 28.59 -9.86
N LEU C 254 -51.53 29.24 -9.12
CA LEU C 254 -51.14 28.72 -7.81
C LEU C 254 -52.32 28.70 -6.85
N LEU C 255 -53.10 29.78 -6.82
CA LEU C 255 -54.26 29.84 -5.93
C LEU C 255 -55.32 28.82 -6.30
N ASN C 256 -55.51 28.60 -7.60
CA ASN C 256 -56.48 27.59 -8.04
C ASN C 256 -56.05 26.19 -7.61
N LEU C 257 -54.75 25.90 -7.69
CA LEU C 257 -54.25 24.58 -7.31
C LEU C 257 -54.41 24.34 -5.81
N ILE C 258 -54.20 25.38 -5.00
CA ILE C 258 -54.36 25.22 -3.56
C ILE C 258 -55.81 24.87 -3.22
N GLU C 259 -56.76 25.55 -3.85
CA GLU C 259 -58.17 25.26 -3.58
C GLU C 259 -58.60 23.94 -4.21
N GLN C 260 -58.22 23.69 -5.47
CA GLN C 260 -58.74 22.54 -6.19
C GLN C 260 -58.11 21.23 -5.69
N GLU C 261 -56.81 21.24 -5.43
CA GLU C 261 -56.13 20.05 -4.96
C GLU C 261 -56.03 19.97 -3.45
N LYS C 262 -56.58 20.96 -2.73
CA LYS C 262 -56.58 21.00 -1.27
C LYS C 262 -55.16 20.92 -0.72
N VAL C 263 -54.29 21.78 -1.24
CA VAL C 263 -52.91 21.81 -0.80
C VAL C 263 -52.84 22.26 0.66
N THR C 264 -52.07 21.54 1.45
CA THR C 264 -51.90 21.87 2.87
C THR C 264 -50.48 22.27 3.23
N PHE C 265 -49.48 21.88 2.47
CA PHE C 265 -48.09 22.20 2.77
C PHE C 265 -47.41 22.75 1.53
N SER C 266 -46.80 23.92 1.67
CA SER C 266 -46.03 24.53 0.59
C SER C 266 -44.87 25.31 1.19
N HIS C 267 -44.05 25.88 0.32
CA HIS C 267 -42.93 26.70 0.74
C HIS C 267 -42.57 27.66 -0.38
N CYS C 268 -42.03 28.81 -0.02
CA CYS C 268 -41.71 29.85 -0.99
C CYS C 268 -40.87 30.92 -0.31
N VAL C 269 -40.36 31.83 -1.13
CA VAL C 269 -39.67 33.03 -0.67
C VAL C 269 -40.73 34.04 -0.25
N PRO C 270 -40.39 35.05 0.57
CA PRO C 270 -41.42 36.01 0.99
C PRO C 270 -42.07 36.77 -0.15
N THR C 271 -41.38 36.95 -1.27
CA THR C 271 -41.97 37.65 -2.41
C THR C 271 -43.17 36.88 -2.96
N ILE C 272 -43.06 35.56 -3.05
CA ILE C 272 -44.17 34.75 -3.58
C ILE C 272 -45.38 34.86 -2.67
N LEU C 273 -45.18 34.77 -1.36
CA LEU C 273 -46.30 34.89 -0.43
C LEU C 273 -46.93 36.27 -0.51
N HIS C 274 -46.11 37.31 -0.68
CA HIS C 274 -46.64 38.65 -0.92
C HIS C 274 -47.51 38.67 -2.16
N LEU C 275 -47.06 38.03 -3.24
CA LEU C 275 -47.84 38.01 -4.48
C LEU C 275 -49.11 37.18 -4.33
N LEU C 276 -49.02 36.05 -3.62
CA LEU C 276 -50.21 35.21 -3.42
C LEU C 276 -51.26 35.93 -2.59
N LEU C 277 -50.84 36.62 -1.52
CA LEU C 277 -51.79 37.28 -0.64
C LEU C 277 -52.36 38.55 -1.26
N SER C 278 -51.61 39.20 -2.15
CA SER C 278 -52.08 40.42 -2.79
C SER C 278 -52.98 40.15 -4.00
N SER C 279 -53.05 38.92 -4.47
CA SER C 279 -53.86 38.63 -5.64
C SER C 279 -55.35 38.78 -5.31
N PRO C 280 -56.13 39.41 -6.19
CA PRO C 280 -57.56 39.61 -5.89
C PRO C 280 -58.32 38.31 -5.67
N LYS C 281 -57.92 37.23 -6.34
CA LYS C 281 -58.62 35.97 -6.20
C LYS C 281 -58.39 35.34 -4.83
N SER C 282 -57.28 35.68 -4.16
CA SER C 282 -57.00 35.12 -2.85
C SER C 282 -57.94 35.64 -1.77
N LYS C 283 -58.65 36.74 -2.02
CA LYS C 283 -59.53 37.31 -1.00
C LYS C 283 -60.65 36.35 -0.64
N ALA C 284 -61.26 35.72 -1.64
CA ALA C 284 -62.34 34.77 -1.42
C ALA C 284 -61.86 33.36 -1.15
N MET C 285 -60.54 33.14 -1.12
CA MET C 285 -60.00 31.81 -0.90
C MET C 285 -59.99 31.47 0.59
N ASP C 286 -60.03 30.19 0.88
CA ASP C 286 -59.94 29.67 2.25
C ASP C 286 -58.55 29.06 2.42
N PHE C 287 -57.81 29.56 3.42
CA PHE C 287 -56.45 29.13 3.70
C PHE C 287 -56.34 28.46 5.06
N SER C 288 -57.43 27.91 5.59
CA SER C 288 -57.42 27.40 6.96
C SER C 288 -56.44 26.24 7.11
N GLY C 289 -56.44 25.31 6.16
CA GLY C 289 -55.58 24.15 6.22
C GLY C 289 -54.24 24.30 5.54
N TRP C 290 -53.89 25.49 5.06
CA TRP C 290 -52.67 25.69 4.29
C TRP C 290 -51.54 26.08 5.23
N LYS C 291 -50.44 25.34 5.17
CA LYS C 291 -49.20 25.69 5.85
C LYS C 291 -48.15 26.02 4.81
N VAL C 292 -47.42 27.10 5.04
CA VAL C 292 -46.32 27.49 4.16
C VAL C 292 -45.14 27.90 5.02
N VAL C 293 -43.97 27.36 4.71
CA VAL C 293 -42.74 27.76 5.37
C VAL C 293 -42.00 28.73 4.44
N ILE C 294 -41.54 29.83 4.99
CA ILE C 294 -40.95 30.92 4.22
C ILE C 294 -39.45 30.92 4.44
N GLY C 295 -38.69 30.78 3.36
CA GLY C 295 -37.25 30.82 3.47
C GLY C 295 -36.61 31.69 2.41
N GLY C 296 -35.29 31.64 2.33
CA GLY C 296 -34.57 32.39 1.31
C GLY C 296 -34.33 33.84 1.67
N ALA C 297 -35.27 34.43 2.42
CA ALA C 297 -35.17 35.81 2.83
C ALA C 297 -35.89 35.97 4.15
N ALA C 298 -35.56 37.05 4.85
CA ALA C 298 -36.25 37.36 6.09
C ALA C 298 -37.73 37.58 5.84
N LEU C 299 -38.56 36.96 6.67
CA LEU C 299 -40.00 37.14 6.57
C LEU C 299 -40.40 38.41 7.29
N PRO C 300 -40.97 39.39 6.61
CA PRO C 300 -41.43 40.60 7.31
C PRO C 300 -42.55 40.28 8.27
N LYS C 301 -42.55 40.98 9.41
CA LYS C 301 -43.61 40.78 10.40
C LYS C 301 -44.97 41.16 9.84
N ALA C 302 -45.01 42.19 8.98
CA ALA C 302 -46.28 42.60 8.38
C ALA C 302 -46.81 41.52 7.43
N LEU C 303 -45.93 40.90 6.65
CA LEU C 303 -46.37 39.83 5.76
C LEU C 303 -46.81 38.61 6.55
N CYS C 304 -46.08 38.26 7.60
CA CYS C 304 -46.48 37.14 8.45
C CYS C 304 -47.82 37.40 9.12
N LYS C 305 -48.03 38.64 9.59
CA LYS C 305 -49.29 38.99 10.22
C LYS C 305 -50.46 38.91 9.24
N SER C 306 -50.25 39.37 8.00
CA SER C 306 -51.30 39.30 6.99
C SER C 306 -51.66 37.85 6.66
N ALA C 307 -50.65 36.98 6.58
CA ALA C 307 -50.93 35.57 6.35
C ALA C 307 -51.64 34.95 7.54
N LEU C 308 -51.28 35.36 8.76
CA LEU C 308 -51.95 34.83 9.94
C LEU C 308 -53.42 35.22 10.00
N GLU C 309 -53.77 36.44 9.56
CA GLU C 309 -55.16 36.84 9.50
C GLU C 309 -55.96 35.99 8.51
N ARG C 310 -55.31 35.39 7.53
CA ARG C 310 -55.95 34.46 6.61
C ARG C 310 -55.95 33.04 7.15
N ASP C 311 -55.58 32.85 8.43
CA ASP C 311 -55.52 31.54 9.07
C ASP C 311 -54.49 30.63 8.40
N ILE C 312 -53.40 31.19 7.91
CA ILE C 312 -52.32 30.42 7.32
C ILE C 312 -51.30 30.09 8.41
N ASP C 313 -50.94 28.82 8.52
CA ASP C 313 -49.82 28.39 9.36
C ASP C 313 -48.54 28.77 8.61
N VAL C 314 -48.11 30.00 8.82
CA VAL C 314 -46.93 30.55 8.17
C VAL C 314 -45.80 30.64 9.19
N PHE C 315 -44.66 30.04 8.85
CA PHE C 315 -43.49 30.09 9.69
C PHE C 315 -42.26 30.19 8.79
N ALA C 316 -41.14 30.59 9.38
CA ALA C 316 -39.94 30.88 8.62
C ALA C 316 -38.94 29.74 8.73
N GLY C 317 -38.07 29.68 7.72
CA GLY C 317 -36.96 28.75 7.73
C GLY C 317 -35.73 29.41 7.13
N TYR C 318 -34.58 28.82 7.42
CA TYR C 318 -33.32 29.40 7.02
C TYR C 318 -32.42 28.33 6.41
N GLY C 319 -31.67 28.72 5.39
CA GLY C 319 -30.76 27.79 4.75
C GLY C 319 -29.96 28.45 3.66
N MET C 320 -29.16 27.63 2.98
CA MET C 320 -28.26 28.09 1.94
C MET C 320 -28.16 27.04 0.84
N SER C 321 -27.66 27.47 -0.31
CA SER C 321 -27.28 26.53 -1.36
C SER C 321 -26.20 25.57 -0.87
N GLU C 322 -25.23 26.10 -0.11
CA GLU C 322 -24.09 25.32 0.35
C GLU C 322 -24.43 24.35 1.47
N THR C 323 -25.57 24.51 2.12
CA THR C 323 -25.81 23.85 3.40
C THR C 323 -26.93 22.83 3.35
N GLY C 324 -27.18 22.23 2.18
CA GLY C 324 -28.16 21.16 2.11
C GLY C 324 -29.45 21.68 2.68
N PRO C 325 -30.14 22.49 1.92
CA PRO C 325 -30.47 23.85 2.38
C PRO C 325 -30.68 24.03 3.87
N ILE C 326 -31.53 23.21 4.48
CA ILE C 326 -32.17 23.63 5.72
C ILE C 326 -31.18 23.57 6.88
N LEU C 327 -31.06 24.69 7.59
CA LEU C 327 -30.29 24.76 8.81
C LEU C 327 -31.15 25.02 10.04
N SER C 328 -32.21 25.80 9.91
CA SER C 328 -33.05 26.14 11.06
C SER C 328 -34.48 26.36 10.57
N ILE C 329 -35.44 26.01 11.42
CA ILE C 329 -36.86 26.20 11.13
C ILE C 329 -37.52 26.74 12.39
N VAL C 330 -38.56 27.54 12.20
CA VAL C 330 -39.30 28.08 13.33
C VAL C 330 -40.23 27.01 13.88
N GLN C 331 -40.03 26.66 15.15
CA GLN C 331 -40.92 25.77 15.88
C GLN C 331 -41.50 26.54 17.06
N LEU C 332 -42.81 26.46 17.22
CA LEU C 332 -43.51 27.19 18.28
C LEU C 332 -43.94 26.21 19.37
N THR C 333 -43.60 26.55 20.61
CA THR C 333 -44.07 25.80 21.76
C THR C 333 -45.57 26.03 21.96
N PRO C 334 -46.24 25.13 22.70
CA PRO C 334 -47.67 25.34 22.94
C PRO C 334 -47.99 26.67 23.61
N GLU C 335 -47.12 27.16 24.48
CA GLU C 335 -47.33 28.47 25.08
C GLU C 335 -47.24 29.57 24.03
N GLN C 336 -46.29 29.46 23.10
CA GLN C 336 -46.16 30.45 22.05
C GLN C 336 -47.33 30.41 21.07
N LEU C 337 -47.99 29.26 20.94
CA LEU C 337 -49.13 29.15 20.03
C LEU C 337 -50.38 29.80 20.60
N GLU C 338 -50.40 30.12 21.89
CA GLU C 338 -51.54 30.76 22.52
C GLU C 338 -51.43 32.28 22.54
N LEU C 339 -50.37 32.84 21.97
CA LEU C 339 -50.18 34.28 21.97
C LEU C 339 -51.08 34.95 20.94
N ASP C 340 -51.16 36.27 21.03
CA ASP C 340 -51.94 37.04 20.07
C ASP C 340 -51.24 37.08 18.72
N VAL C 341 -51.97 37.54 17.70
CA VAL C 341 -51.46 37.50 16.34
C VAL C 341 -50.22 38.38 16.18
N ASP C 342 -50.16 39.50 16.89
CA ASP C 342 -48.98 40.36 16.79
C ASP C 342 -47.76 39.70 17.41
N GLN C 343 -47.93 39.08 18.59
CA GLN C 343 -46.81 38.39 19.23
C GLN C 343 -46.45 37.10 18.50
N GLN C 344 -47.45 36.41 17.96
CA GLN C 344 -47.18 35.19 17.21
C GLN C 344 -46.42 35.50 15.92
N ALA C 345 -46.76 36.61 15.25
CA ALA C 345 -46.09 36.95 14.00
C ALA C 345 -44.63 37.27 14.20
N GLU C 346 -44.25 37.74 15.40
CA GLU C 346 -42.84 37.98 15.67
C GLU C 346 -42.05 36.67 15.77
N TYR C 347 -42.61 35.67 16.47
CA TYR C 347 -41.93 34.38 16.60
C TYR C 347 -41.89 33.65 15.28
N ARG C 348 -42.98 33.71 14.51
CA ARG C 348 -43.05 32.98 13.24
C ARG C 348 -42.12 33.58 12.18
N SER C 349 -41.71 34.83 12.35
CA SER C 349 -40.84 35.49 11.38
C SER C 349 -39.36 35.44 11.78
N LYS C 350 -39.03 34.72 12.84
CA LYS C 350 -37.64 34.58 13.25
C LYS C 350 -36.89 33.67 12.27
N THR C 351 -35.56 33.74 12.33
CA THR C 351 -34.75 32.86 11.50
C THR C 351 -34.97 31.40 11.86
N GLY C 352 -35.18 31.12 13.15
CA GLY C 352 -35.59 29.81 13.58
C GLY C 352 -34.62 29.11 14.50
N LYS C 353 -35.02 27.98 15.05
CA LYS C 353 -34.13 27.13 15.83
C LYS C 353 -33.48 26.12 14.92
N LYS C 354 -32.21 25.82 15.18
CA LYS C 354 -31.46 24.87 14.37
C LYS C 354 -32.16 23.51 14.36
N VAL C 355 -32.12 22.86 13.20
CA VAL C 355 -32.76 21.56 13.02
C VAL C 355 -31.86 20.48 13.59
N ALA C 356 -32.38 19.26 13.67
CA ALA C 356 -31.64 18.13 14.19
C ALA C 356 -30.31 17.95 13.45
N LEU C 357 -29.27 17.63 14.22
CA LEU C 357 -27.93 17.32 13.73
C LEU C 357 -27.21 18.54 13.16
N VAL C 358 -27.66 19.75 13.48
CA VAL C 358 -27.02 20.96 13.01
C VAL C 358 -26.38 21.65 14.21
N GLU C 359 -25.10 21.97 14.08
CA GLU C 359 -24.36 22.72 15.09
C GLU C 359 -24.15 24.13 14.55
N ALA C 360 -24.98 25.07 14.97
CA ALA C 360 -24.91 26.46 14.54
C ALA C 360 -24.28 27.31 15.64
N TYR C 361 -23.24 28.06 15.30
CA TYR C 361 -22.54 28.91 16.24
C TYR C 361 -22.44 30.34 15.70
N ILE C 362 -22.38 31.29 16.62
CA ILE C 362 -22.09 32.69 16.33
C ILE C 362 -20.64 32.94 16.69
N VAL C 363 -19.84 33.38 15.72
CA VAL C 363 -18.42 33.63 15.92
C VAL C 363 -18.09 35.02 15.40
N ASP C 364 -16.89 35.48 15.75
CA ASP C 364 -16.35 36.72 15.22
C ASP C 364 -15.32 36.40 14.13
N GLU C 365 -14.63 37.43 13.65
CA GLU C 365 -13.67 37.24 12.57
C GLU C 365 -12.50 36.35 12.98
N ASP C 366 -12.27 36.15 14.27
CA ASP C 366 -11.21 35.29 14.76
C ASP C 366 -11.70 33.88 15.08
N MET C 367 -12.93 33.54 14.67
CA MET C 367 -13.56 32.26 14.90
C MET C 367 -13.76 31.95 16.38
N ASN C 368 -13.88 32.99 17.21
CA ASN C 368 -14.19 32.84 18.62
C ASN C 368 -15.69 32.77 18.80
N LYS C 369 -16.16 31.72 19.47
CA LYS C 369 -17.59 31.54 19.65
C LYS C 369 -18.14 32.58 20.63
N LEU C 370 -19.24 33.22 20.25
CA LEU C 370 -19.82 34.30 21.02
C LEU C 370 -20.97 33.79 21.88
N PRO C 371 -21.25 34.45 23.01
CA PRO C 371 -22.36 34.02 23.86
C PRO C 371 -23.70 34.15 23.14
N HIS C 372 -24.63 33.27 23.49
CA HIS C 372 -25.94 33.26 22.85
C HIS C 372 -26.94 34.08 23.66
N ASP C 373 -26.64 35.37 23.78
CA ASP C 373 -27.61 36.35 24.22
C ASP C 373 -28.36 36.91 23.02
N GLY C 374 -29.48 37.57 23.28
CA GLY C 374 -30.26 38.09 22.18
C GLY C 374 -29.74 39.35 21.54
N GLU C 375 -28.51 39.76 21.84
CA GLU C 375 -27.97 41.01 21.31
C GLU C 375 -26.64 40.83 20.58
N THR C 376 -25.75 39.99 21.10
CA THR C 376 -24.43 39.84 20.49
C THR C 376 -24.54 39.18 19.13
N ALA C 377 -23.98 39.81 18.10
CA ALA C 377 -24.12 39.37 16.73
C ALA C 377 -22.78 38.90 16.18
N GLY C 378 -22.83 37.91 15.30
CA GLY C 378 -21.64 37.39 14.66
C GLY C 378 -22.04 36.52 13.50
N GLU C 379 -21.04 36.04 12.77
CA GLU C 379 -21.31 35.17 11.63
C GLU C 379 -21.78 33.81 12.09
N ILE C 380 -22.81 33.28 11.43
CA ILE C 380 -23.24 31.91 11.66
C ILE C 380 -22.27 30.96 10.99
N VAL C 381 -21.73 30.03 11.76
CA VAL C 381 -20.92 28.94 11.24
C VAL C 381 -21.59 27.64 11.65
N VAL C 382 -21.62 26.67 10.74
CA VAL C 382 -22.44 25.49 10.93
C VAL C 382 -21.62 24.24 10.70
N ARG C 383 -22.01 23.17 11.39
CA ARG C 383 -21.61 21.81 11.08
C ARG C 383 -22.88 20.99 10.99
N ALA C 384 -23.01 20.21 9.93
CA ALA C 384 -24.23 19.45 9.67
C ALA C 384 -23.89 18.29 8.75
N PRO C 385 -24.73 17.26 8.70
CA PRO C 385 -24.46 16.13 7.81
C PRO C 385 -24.77 16.38 6.34
N TRP C 386 -25.17 17.58 5.95
CA TRP C 386 -25.55 17.85 4.57
C TRP C 386 -24.95 19.17 4.08
N LEU C 387 -23.68 19.41 4.39
CA LEU C 387 -23.00 20.59 3.90
C LEU C 387 -22.08 20.22 2.74
N THR C 388 -21.97 21.12 1.77
CA THR C 388 -21.02 20.91 0.70
C THR C 388 -19.60 20.98 1.26
N PRO C 389 -18.73 20.03 0.95
CA PRO C 389 -17.38 20.06 1.53
C PRO C 389 -16.51 21.14 0.94
N ASN C 390 -16.81 21.58 -0.27
CA ASN C 390 -16.02 22.57 -0.99
C ASN C 390 -16.86 23.03 -2.17
N TYR C 391 -16.35 24.01 -2.89
CA TYR C 391 -16.91 24.37 -4.18
C TYR C 391 -16.29 23.50 -5.27
N TYR C 392 -17.07 23.24 -6.31
CA TYR C 392 -16.61 22.37 -7.38
C TYR C 392 -15.46 23.01 -8.13
N LYS C 393 -14.37 22.24 -8.29
CA LYS C 393 -13.17 22.68 -9.01
C LYS C 393 -12.68 24.04 -8.49
N ASP C 394 -12.69 24.19 -7.17
CA ASP C 394 -12.32 25.44 -6.53
C ASP C 394 -11.55 25.13 -5.27
N ASN C 395 -10.46 25.87 -5.04
CA ASN C 395 -9.60 25.64 -3.89
C ASN C 395 -9.63 26.79 -2.90
N LYS C 396 -9.32 28.01 -3.36
CA LYS C 396 -9.17 29.13 -2.44
C LYS C 396 -10.51 29.53 -1.83
N ASN C 397 -11.56 29.59 -2.64
CA ASN C 397 -12.88 29.92 -2.12
C ASN C 397 -13.42 28.81 -1.22
N SER C 398 -13.06 27.56 -1.52
CA SER C 398 -13.45 26.44 -0.68
C SER C 398 -12.80 26.53 0.70
N LYS C 399 -11.54 26.96 0.76
CA LYS C 399 -10.86 27.11 2.05
C LYS C 399 -11.53 28.19 2.89
N ALA C 400 -11.94 29.29 2.27
CA ALA C 400 -12.63 30.34 3.02
C ALA C 400 -14.01 29.88 3.49
N LEU C 401 -14.67 29.02 2.72
CA LEU C 401 -15.98 28.50 3.11
C LEU C 401 -15.88 27.65 4.38
N TRP C 402 -14.81 26.88 4.51
CA TRP C 402 -14.62 26.00 5.65
C TRP C 402 -13.50 26.47 6.57
N ARG C 403 -13.35 27.78 6.71
CA ARG C 403 -12.30 28.34 7.55
C ARG C 403 -12.58 28.03 9.02
N GLY C 404 -11.56 27.56 9.72
CA GLY C 404 -11.71 27.25 11.13
C GLY C 404 -12.48 25.97 11.41
N GLY C 405 -12.69 25.13 10.41
CA GLY C 405 -13.38 23.88 10.60
C GLY C 405 -14.89 23.96 10.61
N TYR C 406 -15.46 25.10 10.28
CA TYR C 406 -16.90 25.25 10.19
C TYR C 406 -17.25 25.90 8.86
N LEU C 407 -18.44 25.59 8.35
CA LEU C 407 -18.92 26.23 7.15
C LEU C 407 -19.41 27.63 7.49
N HIS C 408 -18.91 28.63 6.76
CA HIS C 408 -19.25 30.02 7.00
C HIS C 408 -20.45 30.40 6.15
N THR C 409 -21.52 30.84 6.80
CA THR C 409 -22.74 31.20 6.08
C THR C 409 -22.67 32.59 5.46
N GLY C 410 -21.81 33.47 5.97
CA GLY C 410 -21.83 34.84 5.53
C GLY C 410 -22.96 35.66 6.09
N ASP C 411 -23.68 35.13 7.09
CA ASP C 411 -24.82 35.80 7.68
C ASP C 411 -24.49 36.20 9.11
N VAL C 412 -24.83 37.42 9.47
CA VAL C 412 -24.63 37.92 10.83
C VAL C 412 -25.94 37.77 11.60
N ALA C 413 -25.86 37.15 12.77
CA ALA C 413 -27.07 36.86 13.54
C ALA C 413 -26.75 36.89 15.03
N HIS C 414 -27.80 36.99 15.82
CA HIS C 414 -27.74 36.74 17.24
C HIS C 414 -28.69 35.59 17.58
N ILE C 415 -28.25 34.73 18.49
CA ILE C 415 -29.04 33.59 18.97
C ILE C 415 -29.41 33.86 20.42
N ASP C 416 -30.70 33.80 20.72
CA ASP C 416 -31.15 34.12 22.07
C ASP C 416 -31.00 32.90 22.98
N ASP C 417 -31.50 33.05 24.22
CA ASP C 417 -31.36 31.98 25.21
C ASP C 417 -32.13 30.74 24.80
N GLU C 418 -33.32 30.91 24.24
CA GLU C 418 -34.15 29.78 23.83
C GLU C 418 -33.72 29.17 22.51
N GLY C 419 -32.60 29.61 21.93
CA GLY C 419 -32.10 29.05 20.70
C GLY C 419 -32.63 29.69 19.43
N PHE C 420 -33.48 30.71 19.53
CA PHE C 420 -34.03 31.35 18.35
C PHE C 420 -32.97 32.22 17.68
N ILE C 421 -32.60 31.88 16.46
CA ILE C 421 -31.67 32.66 15.67
C ILE C 421 -32.40 33.84 15.06
N LYS C 422 -31.72 34.98 14.96
CA LYS C 422 -32.25 36.16 14.28
C LYS C 422 -31.14 36.77 13.46
N ILE C 423 -31.24 36.67 12.14
CA ILE C 423 -30.24 37.22 11.23
C ILE C 423 -30.36 38.73 11.19
N THR C 424 -29.24 39.42 11.39
CA THR C 424 -29.22 40.88 11.43
C THR C 424 -28.75 41.49 10.11
N ASP C 425 -27.62 41.05 9.58
CA ASP C 425 -27.13 41.55 8.29
C ASP C 425 -26.22 40.50 7.68
N ARG C 426 -25.48 40.88 6.64
CA ARG C 426 -24.66 39.98 5.86
C ARG C 426 -23.18 40.33 5.99
N VAL C 427 -22.34 39.30 5.99
CA VAL C 427 -20.90 39.51 5.88
C VAL C 427 -20.54 39.81 4.42
N LYS C 428 -21.03 38.97 3.51
CA LYS C 428 -20.74 39.14 2.09
C LYS C 428 -21.42 40.39 1.54
N ASP C 429 -20.76 41.01 0.56
CA ASP C 429 -21.30 42.21 -0.08
C ASP C 429 -22.20 41.81 -1.25
N MET C 430 -23.30 41.15 -0.90
CA MET C 430 -24.25 40.63 -1.87
C MET C 430 -25.65 41.07 -1.49
N ILE C 431 -26.50 41.21 -2.51
CA ILE C 431 -27.88 41.62 -2.36
C ILE C 431 -28.76 40.56 -2.99
N LYS C 432 -29.77 40.10 -2.25
CA LYS C 432 -30.72 39.11 -2.75
C LYS C 432 -32.01 39.82 -3.10
N ILE C 433 -32.47 39.64 -4.34
CA ILE C 433 -33.66 40.31 -4.87
C ILE C 433 -34.63 39.23 -5.32
N SER C 434 -35.76 39.11 -4.63
CA SER C 434 -36.82 38.16 -4.95
C SER C 434 -36.30 36.73 -5.05
N GLY C 435 -35.29 36.40 -4.26
CA GLY C 435 -34.71 35.07 -4.28
C GLY C 435 -33.52 34.88 -5.21
N GLU C 436 -33.07 35.93 -5.89
CA GLU C 436 -31.91 35.86 -6.76
C GLU C 436 -30.81 36.78 -6.25
N TRP C 437 -29.57 36.38 -6.50
CA TRP C 437 -28.42 37.11 -6.00
C TRP C 437 -27.92 38.13 -7.01
N VAL C 438 -27.46 39.27 -6.51
CA VAL C 438 -26.71 40.24 -7.29
C VAL C 438 -25.52 40.67 -6.47
N SER C 439 -24.39 40.86 -7.14
CA SER C 439 -23.17 41.27 -6.46
C SER C 439 -23.02 42.78 -6.54
N SER C 440 -22.83 43.42 -5.38
CA SER C 440 -22.67 44.87 -5.36
C SER C 440 -21.42 45.30 -6.13
N LEU C 441 -20.31 44.59 -5.93
CA LEU C 441 -19.07 44.92 -6.63
C LEU C 441 -19.23 44.76 -8.15
N GLU C 442 -19.93 43.72 -8.58
CA GLU C 442 -20.17 43.55 -10.01
C GLU C 442 -21.08 44.65 -10.55
N LEU C 443 -22.09 45.05 -9.77
CA LEU C 443 -22.94 46.15 -10.18
C LEU C 443 -22.19 47.47 -10.21
N GLU C 444 -21.28 47.67 -9.25
CA GLU C 444 -20.45 48.87 -9.24
C GLU C 444 -19.56 48.94 -10.48
N ASP C 445 -18.99 47.81 -10.88
CA ASP C 445 -18.09 47.79 -12.04
C ASP C 445 -18.83 48.19 -13.31
N ILE C 446 -20.05 47.69 -13.50
CA ILE C 446 -20.81 48.03 -14.70
C ILE C 446 -21.18 49.50 -14.69
N LEU C 447 -21.66 50.01 -13.57
CA LEU C 447 -22.02 51.43 -13.49
C LEU C 447 -20.78 52.32 -13.55
N HIS C 448 -19.63 51.81 -13.14
CA HIS C 448 -18.39 52.58 -13.26
C HIS C 448 -17.93 52.71 -14.70
N GLN C 449 -18.40 51.83 -15.59
CA GLN C 449 -18.05 51.93 -17.00
C GLN C 449 -18.65 53.15 -17.68
N HIS C 450 -19.60 53.82 -17.04
CA HIS C 450 -20.12 55.08 -17.57
C HIS C 450 -19.04 56.15 -17.54
N GLN C 451 -19.02 56.98 -18.59
CA GLN C 451 -17.97 57.99 -18.73
C GLN C 451 -18.09 59.11 -17.71
N SER C 452 -19.31 59.42 -17.27
CA SER C 452 -19.57 60.52 -16.35
C SER C 452 -19.80 60.01 -14.93
N VAL C 453 -19.09 58.95 -14.55
CA VAL C 453 -19.16 58.35 -13.22
C VAL C 453 -17.77 58.37 -12.62
N SER C 454 -17.66 58.88 -11.40
CA SER C 454 -16.41 58.89 -10.66
C SER C 454 -16.32 57.77 -9.63
N GLU C 455 -17.36 57.60 -8.82
CA GLU C 455 -17.39 56.55 -7.80
C GLU C 455 -18.80 55.99 -7.70
N VAL C 456 -18.90 54.68 -7.51
CA VAL C 456 -20.17 53.99 -7.37
C VAL C 456 -20.10 53.10 -6.14
N ALA C 457 -21.14 53.17 -5.30
CA ALA C 457 -21.28 52.29 -4.15
C ALA C 457 -22.71 51.75 -4.15
N VAL C 458 -22.85 50.44 -4.32
CA VAL C 458 -24.15 49.78 -4.39
C VAL C 458 -24.43 49.13 -3.05
N ILE C 459 -25.59 49.44 -2.48
CA ILE C 459 -26.02 48.86 -1.22
C ILE C 459 -27.41 48.28 -1.40
N GLY C 460 -27.75 47.30 -0.56
CA GLY C 460 -29.06 46.70 -0.60
C GLY C 460 -30.06 47.42 0.27
N MET C 461 -31.05 48.04 -0.35
CA MET C 461 -32.13 48.67 0.41
C MET C 461 -33.25 47.69 0.63
N PRO C 462 -33.72 47.51 1.87
CA PRO C 462 -34.84 46.59 2.11
C PRO C 462 -36.09 47.02 1.36
N HIS C 463 -36.86 46.04 0.92
CA HIS C 463 -38.07 46.27 0.15
C HIS C 463 -39.18 45.37 0.70
N ASN C 464 -40.40 45.92 0.75
CA ASN C 464 -41.53 45.16 1.29
C ASN C 464 -41.90 44.00 0.38
N LYS C 465 -41.73 44.16 -0.92
CA LYS C 465 -42.15 43.15 -1.89
C LYS C 465 -40.98 42.31 -2.38
N TRP C 466 -39.86 42.94 -2.72
CA TRP C 466 -38.71 42.25 -3.28
C TRP C 466 -37.71 41.77 -2.22
N GLY C 467 -37.89 42.16 -0.96
CA GLY C 467 -36.92 41.83 0.06
C GLY C 467 -35.82 42.86 0.15
N GLU C 468 -34.94 42.89 -0.84
CA GLU C 468 -33.91 43.92 -0.96
C GLU C 468 -33.88 44.40 -2.40
N VAL C 469 -33.65 45.70 -2.59
CA VAL C 469 -33.43 46.25 -3.91
C VAL C 469 -32.05 46.92 -3.93
N PRO C 470 -31.35 46.94 -5.05
CA PRO C 470 -30.03 47.58 -5.08
C PRO C 470 -30.15 49.10 -5.20
N LEU C 471 -29.35 49.78 -4.39
CA LEU C 471 -29.28 51.24 -4.42
C LEU C 471 -27.85 51.65 -4.75
N ALA C 472 -27.68 52.37 -5.84
CA ALA C 472 -26.37 52.84 -6.29
C ALA C 472 -26.23 54.32 -5.94
N LEU C 473 -25.26 54.63 -5.08
CA LEU C 473 -24.93 56.01 -4.73
C LEU C 473 -23.73 56.43 -5.56
N VAL C 474 -23.98 57.28 -6.55
CA VAL C 474 -23.00 57.63 -7.57
C VAL C 474 -22.50 59.03 -7.32
N THR C 475 -21.17 59.18 -7.27
CA THR C 475 -20.54 60.49 -7.19
C THR C 475 -20.15 60.91 -8.61
N LEU C 476 -20.62 62.09 -9.02
CA LEU C 476 -20.36 62.56 -10.37
C LEU C 476 -18.90 62.96 -10.53
N LYS C 477 -18.50 63.16 -11.78
CA LYS C 477 -17.14 63.53 -12.12
C LYS C 477 -16.91 65.01 -11.76
N GLU C 478 -15.75 65.53 -12.15
CA GLU C 478 -15.39 66.90 -11.78
C GLU C 478 -16.40 67.91 -12.30
N ASP C 479 -16.82 67.76 -13.56
CA ASP C 479 -17.79 68.66 -14.16
C ASP C 479 -18.80 67.88 -14.99
N ALA C 480 -19.30 66.77 -14.45
CA ALA C 480 -20.25 65.93 -15.16
C ALA C 480 -21.66 66.15 -14.63
N GLN C 481 -22.64 65.99 -15.52
CA GLN C 481 -24.06 66.12 -15.18
C GLN C 481 -24.82 65.06 -15.97
N VAL C 482 -25.12 63.94 -15.31
CA VAL C 482 -25.85 62.83 -15.91
C VAL C 482 -27.03 62.50 -15.01
N THR C 483 -28.22 62.40 -15.61
CA THR C 483 -29.41 62.12 -14.82
C THR C 483 -29.38 60.68 -14.30
N GLU C 484 -30.19 60.42 -13.27
CA GLU C 484 -30.22 59.11 -12.65
C GLU C 484 -30.82 58.05 -13.57
N LYS C 485 -31.88 58.41 -14.30
CA LYS C 485 -32.53 57.44 -15.17
C LYS C 485 -31.67 57.04 -16.36
N GLU C 486 -30.69 57.87 -16.74
CA GLU C 486 -29.78 57.50 -17.81
C GLU C 486 -28.93 56.28 -17.41
N LEU C 487 -28.48 56.25 -16.16
CA LEU C 487 -27.71 55.10 -15.69
C LEU C 487 -28.57 53.84 -15.63
N LEU C 488 -29.85 53.98 -15.29
CA LEU C 488 -30.73 52.82 -15.28
C LEU C 488 -30.88 52.24 -16.68
N GLY C 489 -31.05 53.09 -17.69
CA GLY C 489 -31.04 52.61 -19.06
C GLY C 489 -29.70 52.07 -19.50
N PHE C 490 -28.60 52.67 -19.01
CA PHE C 490 -27.27 52.17 -19.31
C PHE C 490 -27.09 50.74 -18.79
N ALA C 491 -27.54 50.48 -17.56
CA ALA C 491 -27.42 49.13 -17.00
C ALA C 491 -28.38 48.16 -17.65
N LYS C 492 -29.51 48.66 -18.16
CA LYS C 492 -30.49 47.78 -18.80
C LYS C 492 -29.90 47.12 -20.05
N ASP C 493 -29.03 47.83 -20.76
CA ASP C 493 -28.41 47.27 -21.96
C ASP C 493 -27.57 46.05 -21.63
N PHE C 494 -26.89 46.06 -20.47
CA PHE C 494 -26.15 44.89 -20.03
C PHE C 494 -27.10 43.72 -19.77
N ILE C 495 -28.30 44.01 -19.26
CA ILE C 495 -29.28 42.96 -19.04
C ILE C 495 -29.78 42.40 -20.38
N ASN C 496 -30.01 43.29 -21.35
CA ASN C 496 -30.51 42.84 -22.65
C ASN C 496 -29.50 41.98 -23.37
N LYS C 497 -28.22 42.14 -23.08
CA LYS C 497 -27.18 41.30 -23.65
C LYS C 497 -26.96 40.01 -22.88
N GLY C 498 -27.66 39.83 -21.75
CA GLY C 498 -27.51 38.63 -20.96
C GLY C 498 -26.30 38.59 -20.07
N ILE C 499 -25.64 39.72 -19.83
CA ILE C 499 -24.46 39.76 -18.99
C ILE C 499 -24.82 40.05 -17.53
N LEU C 500 -25.69 41.02 -17.31
CA LEU C 500 -26.15 41.39 -15.98
C LEU C 500 -27.49 40.72 -15.69
N ALA C 501 -27.72 40.45 -14.40
CA ALA C 501 -28.93 39.75 -13.98
C ALA C 501 -30.17 40.61 -14.21
N ARG C 502 -31.27 39.92 -14.50
CA ARG C 502 -32.54 40.60 -14.73
C ARG C 502 -33.01 41.37 -13.50
N GLU C 503 -32.58 40.93 -12.31
CA GLU C 503 -33.04 41.55 -11.07
C GLU C 503 -32.45 42.93 -10.84
N ALA C 504 -31.45 43.33 -11.64
CA ALA C 504 -30.93 44.68 -11.56
C ALA C 504 -31.84 45.71 -12.21
N LEU C 505 -32.93 45.28 -12.85
CA LEU C 505 -33.92 46.20 -13.38
C LEU C 505 -34.57 47.04 -12.29
N LEU C 506 -34.49 46.60 -11.03
CA LEU C 506 -35.04 47.33 -9.89
C LEU C 506 -33.99 48.18 -9.20
N LEU C 507 -32.85 48.42 -9.85
CA LEU C 507 -31.82 49.27 -9.28
C LEU C 507 -32.30 50.71 -9.17
N LYS C 508 -31.94 51.36 -8.06
CA LYS C 508 -32.21 52.78 -7.85
C LYS C 508 -30.89 53.52 -7.78
N VAL C 509 -30.77 54.59 -8.56
CA VAL C 509 -29.57 55.42 -8.59
C VAL C 509 -29.85 56.69 -7.81
N LYS C 510 -29.02 56.94 -6.80
CA LYS C 510 -29.11 58.15 -5.98
C LYS C 510 -27.78 58.90 -6.11
N ILE C 511 -27.81 60.03 -6.83
CA ILE C 511 -26.60 60.81 -7.02
C ILE C 511 -26.27 61.53 -5.71
N VAL C 512 -25.04 61.36 -5.24
CA VAL C 512 -24.60 61.93 -3.98
C VAL C 512 -23.29 62.67 -4.20
N ASP C 513 -23.08 63.73 -3.41
CA ASP C 513 -21.88 64.55 -3.58
C ASP C 513 -20.61 63.83 -3.14
N GLU C 514 -20.71 62.96 -2.14
CA GLU C 514 -19.56 62.24 -1.64
C GLU C 514 -20.00 60.86 -1.17
N ILE C 515 -19.02 59.96 -1.06
CA ILE C 515 -19.24 58.60 -0.56
C ILE C 515 -18.38 58.43 0.67
N ALA C 516 -19.01 58.10 1.80
CA ALA C 516 -18.30 57.95 3.05
C ALA C 516 -17.31 56.79 2.98
N LYS C 517 -16.11 57.01 3.48
CA LYS C 517 -15.04 56.02 3.45
C LYS C 517 -14.49 55.81 4.85
N THR C 518 -13.43 55.00 4.94
CA THR C 518 -12.78 54.68 6.20
C THR C 518 -11.40 55.32 6.24
N SER C 519 -10.76 55.19 7.41
CA SER C 519 -9.40 55.71 7.57
C SER C 519 -8.41 55.01 6.65
N VAL C 520 -8.69 53.74 6.30
CA VAL C 520 -7.81 53.00 5.42
C VAL C 520 -8.06 53.36 3.95
N GLY C 521 -9.15 54.06 3.66
CA GLY C 521 -9.50 54.42 2.30
C GLY C 521 -10.59 53.58 1.68
N LYS C 522 -10.97 52.47 2.31
CA LYS C 522 -12.03 51.63 1.77
C LYS C 522 -13.39 52.29 1.95
N VAL C 523 -14.35 51.88 1.12
CA VAL C 523 -15.71 52.37 1.24
C VAL C 523 -16.35 51.78 2.48
N ASP C 524 -16.97 52.63 3.30
CA ASP C 524 -17.62 52.20 4.54
C ASP C 524 -19.10 51.97 4.25
N LYS C 525 -19.43 50.76 3.79
CA LYS C 525 -20.82 50.44 3.49
C LYS C 525 -21.67 50.32 4.74
N LYS C 526 -21.07 49.92 5.86
CA LYS C 526 -21.81 49.84 7.12
C LYS C 526 -22.31 51.22 7.54
N GLU C 527 -21.45 52.22 7.47
CA GLU C 527 -21.87 53.59 7.73
C GLU C 527 -22.68 54.17 6.57
N LEU C 528 -22.48 53.64 5.37
CA LEU C 528 -23.16 54.17 4.20
C LEU C 528 -24.66 53.87 4.24
N ARG C 529 -25.04 52.71 4.76
CA ARG C 529 -26.45 52.33 4.82
C ARG C 529 -27.21 53.18 5.82
N LYS C 530 -26.54 53.64 6.90
CA LYS C 530 -27.20 54.51 7.85
C LYS C 530 -27.59 55.84 7.22
N LEU C 531 -26.70 56.42 6.42
CA LEU C 531 -26.99 57.70 5.80
C LEU C 531 -28.11 57.59 4.77
N HIS C 532 -28.12 56.52 4.00
CA HIS C 532 -29.15 56.33 2.98
C HIS C 532 -29.89 55.01 3.17
N ASN D 6 -9.82 13.51 11.79
CA ASN D 6 -11.13 14.15 11.82
C ASN D 6 -11.21 15.34 10.84
N ASP D 7 -11.81 15.10 9.69
CA ASP D 7 -12.09 16.17 8.73
C ASP D 7 -13.39 16.87 9.13
N PRO D 8 -13.36 18.18 9.41
CA PRO D 8 -14.59 18.85 9.87
C PRO D 8 -15.76 18.76 8.90
N SER D 9 -15.49 18.79 7.59
CA SER D 9 -16.59 18.67 6.63
C SER D 9 -17.08 17.23 6.52
N ASN D 10 -16.26 16.26 6.91
CA ASN D 10 -16.66 14.85 6.88
C ASN D 10 -17.44 14.57 8.16
N TYR D 11 -18.75 14.83 8.10
CA TYR D 11 -19.61 14.67 9.27
C TYR D 11 -19.73 13.20 9.67
N GLN D 12 -19.62 12.94 10.97
CA GLN D 12 -19.78 11.61 11.52
C GLN D 12 -21.07 11.55 12.31
N LEU D 13 -21.87 10.53 12.05
CA LEU D 13 -23.11 10.30 12.78
C LEU D 13 -22.76 9.71 14.14
N LEU D 14 -22.71 10.57 15.15
CA LEU D 14 -22.29 10.18 16.49
C LEU D 14 -23.43 10.39 17.47
N ILE D 15 -23.45 9.54 18.51
CA ILE D 15 -24.50 9.64 19.52
C ILE D 15 -24.44 10.97 20.25
N LYS D 16 -23.25 11.59 20.32
CA LYS D 16 -23.15 12.92 20.89
C LYS D 16 -23.93 13.95 20.08
N ASN D 17 -24.15 13.71 18.79
CA ASN D 17 -24.97 14.61 17.99
C ASN D 17 -26.45 14.43 18.31
N LEU D 18 -26.86 13.23 18.74
CA LEU D 18 -28.24 13.07 19.20
C LEU D 18 -28.51 13.90 20.45
N LEU D 19 -27.51 14.07 21.30
CA LEU D 19 -27.67 14.78 22.56
C LEU D 19 -27.52 16.29 22.40
N PHE D 20 -26.46 16.74 21.74
CA PHE D 20 -26.16 18.16 21.64
C PHE D 20 -26.67 18.81 20.36
N SER D 21 -27.17 18.02 19.41
CA SER D 21 -27.84 18.54 18.21
C SER D 21 -29.19 17.86 18.06
N PRO D 22 -30.07 18.00 19.06
CA PRO D 22 -31.34 17.26 19.00
C PRO D 22 -32.40 17.98 18.17
N VAL D 23 -33.54 17.32 17.97
CA VAL D 23 -34.68 17.99 17.34
C VAL D 23 -35.13 19.15 18.20
N ALA D 24 -35.20 18.95 19.51
CA ALA D 24 -35.59 19.99 20.45
C ALA D 24 -34.83 19.80 21.74
N PHE D 25 -34.46 20.92 22.37
CA PHE D 25 -33.83 20.90 23.68
C PHE D 25 -34.47 21.97 24.56
N ASN D 26 -35.19 21.54 25.58
CA ASN D 26 -35.65 22.43 26.63
C ASN D 26 -34.79 22.19 27.86
N PRO D 27 -33.93 23.13 28.26
CA PRO D 27 -33.06 22.88 29.42
C PRO D 27 -33.82 22.68 30.72
N GLU D 28 -35.07 23.14 30.81
CA GLU D 28 -35.87 22.98 32.00
C GLU D 28 -36.85 21.81 31.91
N GLN D 29 -36.85 21.07 30.81
CA GLN D 29 -37.62 19.84 30.73
C GLN D 29 -37.02 18.79 31.66
N GLU D 30 -37.87 17.97 32.25
CA GLU D 30 -37.47 17.10 33.34
C GLU D 30 -37.19 15.68 32.87
N ILE D 31 -36.19 15.06 33.50
CA ILE D 31 -36.02 13.61 33.51
C ILE D 31 -36.45 13.13 34.89
N VAL D 32 -37.47 12.28 34.92
CA VAL D 32 -38.07 11.80 36.17
C VAL D 32 -37.73 10.33 36.34
N TYR D 33 -37.18 9.99 37.51
CA TYR D 33 -36.90 8.60 37.86
C TYR D 33 -37.89 8.19 38.94
N ALA D 34 -39.05 7.68 38.51
CA ALA D 34 -40.10 7.20 39.39
C ALA D 34 -40.43 8.22 40.48
N ASN D 35 -40.17 7.86 41.73
CA ASN D 35 -40.32 8.78 42.86
C ASN D 35 -39.00 9.00 43.59
N HIS D 36 -37.89 8.56 42.99
CA HIS D 36 -36.58 8.69 43.62
C HIS D 36 -35.89 10.00 43.28
N ARG D 37 -35.91 10.39 42.02
CA ARG D 37 -35.11 11.53 41.57
C ARG D 37 -35.87 12.27 40.49
N ARG D 38 -35.53 13.55 40.33
CA ARG D 38 -36.16 14.40 39.32
C ARG D 38 -35.21 15.57 39.06
N HIS D 39 -34.78 15.73 37.82
CA HIS D 39 -33.90 16.83 37.44
C HIS D 39 -34.23 17.27 36.03
N SER D 40 -33.57 18.33 35.59
CA SER D 40 -33.84 18.92 34.28
C SER D 40 -32.94 18.31 33.22
N TYR D 41 -33.25 18.65 31.96
CA TYR D 41 -32.40 18.22 30.84
C TYR D 41 -31.02 18.86 30.93
N LYS D 42 -30.95 20.09 31.42
CA LYS D 42 -29.67 20.75 31.63
C LYS D 42 -28.83 20.00 32.65
N THR D 43 -29.46 19.52 33.73
CA THR D 43 -28.77 18.65 34.67
C THR D 43 -28.36 17.34 34.03
N PHE D 44 -29.23 16.77 33.20
CA PHE D 44 -28.93 15.51 32.52
C PHE D 44 -27.70 15.64 31.64
N HIS D 45 -27.57 16.77 30.94
CA HIS D 45 -26.37 17.01 30.15
C HIS D 45 -25.14 17.18 31.04
N ASP D 46 -25.32 17.80 32.21
CA ASP D 46 -24.23 17.91 33.16
C ASP D 46 -23.80 16.55 33.67
N ARG D 47 -24.77 15.69 34.00
CA ARG D 47 -24.44 14.38 34.56
C ARG D 47 -23.82 13.46 33.52
N VAL D 48 -24.11 13.67 32.23
CA VAL D 48 -23.44 12.92 31.19
C VAL D 48 -21.97 13.31 31.13
N ARG D 49 -21.67 14.61 31.23
CA ARG D 49 -20.29 15.06 31.23
C ARG D 49 -19.58 14.65 32.51
N GLN D 50 -20.28 14.69 33.65
CA GLN D 50 -19.70 14.20 34.90
C GLN D 50 -19.39 12.71 34.81
N PHE D 51 -20.31 11.93 34.22
CA PHE D 51 -20.07 10.50 34.02
C PHE D 51 -18.90 10.28 33.08
N ALA D 52 -18.81 11.06 32.01
CA ALA D 52 -17.68 10.97 31.09
C ALA D 52 -16.37 11.27 31.81
N ASN D 53 -16.38 12.28 32.69
CA ASN D 53 -15.20 12.56 33.51
C ASN D 53 -14.89 11.40 34.44
N ALA D 54 -15.91 10.85 35.10
CA ALA D 54 -15.71 9.74 36.01
C ALA D 54 -15.21 8.50 35.27
N LEU D 55 -15.74 8.24 34.08
CA LEU D 55 -15.26 7.10 33.29
C LEU D 55 -13.82 7.29 32.87
N THR D 56 -13.44 8.52 32.50
CA THR D 56 -12.05 8.78 32.14
C THR D 56 -11.13 8.57 33.34
N LYS D 57 -11.57 8.99 34.53
CA LYS D 57 -10.77 8.77 35.73
C LYS D 57 -10.64 7.29 36.05
N MET D 58 -11.71 6.51 35.86
CA MET D 58 -11.63 5.08 36.07
C MET D 58 -10.82 4.36 34.99
N GLY D 59 -10.21 5.09 34.06
CA GLY D 59 -9.42 4.47 33.03
C GLY D 59 -10.19 3.83 31.90
N VAL D 60 -11.44 4.24 31.67
CA VAL D 60 -12.16 3.76 30.50
C VAL D 60 -11.65 4.52 29.28
N LYS D 61 -11.12 3.79 28.32
CA LYS D 61 -10.65 4.35 27.06
C LYS D 61 -11.59 3.96 25.94
N LYS D 62 -11.37 4.57 24.77
CA LYS D 62 -12.11 4.18 23.59
C LYS D 62 -11.86 2.71 23.27
N GLY D 63 -12.93 1.97 23.02
CA GLY D 63 -12.85 0.54 22.81
C GLY D 63 -13.07 -0.31 24.03
N ASP D 64 -13.11 0.29 25.22
CA ASP D 64 -13.41 -0.45 26.43
C ASP D 64 -14.89 -0.78 26.51
N THR D 65 -15.23 -1.78 27.31
CA THR D 65 -16.59 -2.20 27.52
C THR D 65 -17.01 -1.88 28.94
N VAL D 66 -18.07 -1.10 29.09
CA VAL D 66 -18.69 -0.84 30.38
C VAL D 66 -20.03 -1.56 30.37
N ALA D 67 -20.21 -2.47 31.33
CA ALA D 67 -21.44 -3.25 31.45
C ALA D 67 -22.37 -2.60 32.48
N VAL D 68 -23.67 -2.69 32.22
CA VAL D 68 -24.68 -2.10 33.08
C VAL D 68 -25.69 -3.17 33.46
N MET D 69 -25.91 -3.32 34.77
CA MET D 69 -26.94 -4.21 35.32
C MET D 69 -27.83 -3.33 36.17
N ASP D 70 -28.89 -2.80 35.57
CA ASP D 70 -29.68 -1.76 36.21
C ASP D 70 -31.13 -1.86 35.74
N TYR D 71 -32.01 -1.23 36.50
CA TYR D 71 -33.40 -1.06 36.09
C TYR D 71 -33.52 0.15 35.16
N ASP D 72 -34.76 0.42 34.74
CA ASP D 72 -35.06 1.56 33.90
C ASP D 72 -34.97 2.85 34.72
N SER D 73 -33.84 3.53 34.65
CA SER D 73 -33.59 4.68 35.51
C SER D 73 -32.96 5.81 34.70
N HIS D 74 -32.73 6.93 35.38
CA HIS D 74 -31.94 8.02 34.81
C HIS D 74 -30.49 7.63 34.61
N ARG D 75 -29.94 6.78 35.50
CA ARG D 75 -28.57 6.33 35.35
C ARG D 75 -28.38 5.56 34.06
N TYR D 76 -29.34 4.71 33.71
CA TYR D 76 -29.27 3.97 32.45
C TYR D 76 -29.32 4.92 31.26
N LEU D 77 -30.14 5.97 31.33
CA LEU D 77 -30.20 6.92 30.24
C LEU D 77 -28.86 7.65 30.08
N GLU D 78 -28.23 8.01 31.19
CA GLU D 78 -26.89 8.60 31.12
C GLU D 78 -25.88 7.59 30.57
N CYS D 79 -26.04 6.31 30.91
CA CYS D 79 -25.19 5.28 30.33
C CYS D 79 -25.39 5.15 28.83
N TYR D 80 -26.62 5.38 28.34
CA TYR D 80 -26.87 5.32 26.91
C TYR D 80 -26.04 6.33 26.15
N PHE D 81 -25.74 7.47 26.77
CA PHE D 81 -25.00 8.52 26.09
C PHE D 81 -23.53 8.56 26.50
N ALA D 82 -23.24 8.66 27.80
CA ALA D 82 -21.88 8.94 28.23
C ALA D 82 -20.90 7.85 27.82
N ILE D 83 -21.29 6.58 27.98
CA ILE D 83 -20.37 5.50 27.64
C ILE D 83 -20.05 5.46 26.14
N PRO D 84 -21.02 5.42 25.23
CA PRO D 84 -20.65 5.47 23.80
C PRO D 84 -19.98 6.77 23.41
N MET D 85 -20.27 7.86 24.11
CA MET D 85 -19.85 9.18 23.68
C MET D 85 -18.37 9.42 23.95
N ILE D 86 -17.75 8.65 24.83
CA ILE D 86 -16.31 8.71 25.03
C ILE D 86 -15.64 7.65 24.17
N GLY D 87 -16.42 6.98 23.33
CA GLY D 87 -15.90 5.94 22.47
C GLY D 87 -15.87 4.56 23.08
N ALA D 88 -16.45 4.38 24.25
CA ALA D 88 -16.50 3.07 24.90
C ALA D 88 -17.71 2.29 24.43
N LYS D 89 -17.67 0.99 24.69
CA LYS D 89 -18.74 0.07 24.32
C LYS D 89 -19.65 -0.13 25.52
N LEU D 90 -20.94 0.15 25.34
CA LEU D 90 -21.92 -0.07 26.38
C LEU D 90 -22.48 -1.48 26.21
N HIS D 91 -22.34 -2.30 27.23
CA HIS D 91 -22.88 -3.65 27.24
C HIS D 91 -24.10 -3.67 28.16
N MET D 92 -25.27 -3.86 27.59
CA MET D 92 -26.51 -3.97 28.36
C MET D 92 -26.70 -5.43 28.75
N ILE D 93 -26.52 -5.73 30.03
CA ILE D 93 -26.66 -7.09 30.51
C ILE D 93 -28.13 -7.38 30.75
N ASN D 94 -28.63 -8.42 30.09
CA ASN D 94 -30.00 -8.89 30.30
C ASN D 94 -30.05 -9.59 31.66
N VAL D 95 -30.57 -8.88 32.67
CA VAL D 95 -30.61 -9.42 34.02
C VAL D 95 -31.67 -10.49 34.19
N ARG D 96 -32.53 -10.69 33.19
CA ARG D 96 -33.54 -11.75 33.24
C ARG D 96 -33.00 -13.08 32.74
N LEU D 97 -31.78 -13.13 32.23
CA LEU D 97 -31.17 -14.41 31.88
C LEU D 97 -30.74 -15.15 33.14
N SER D 98 -30.49 -16.44 32.97
CA SER D 98 -29.96 -17.21 34.08
C SER D 98 -28.54 -16.72 34.41
N PRO D 99 -28.10 -16.88 35.66
CA PRO D 99 -26.75 -16.41 36.01
C PRO D 99 -25.65 -17.03 35.16
N GLU D 100 -25.80 -18.29 34.75
CA GLU D 100 -24.80 -18.90 33.88
C GLU D 100 -24.74 -18.21 32.52
N GLN D 101 -25.91 -17.88 31.97
CA GLN D 101 -25.94 -17.12 30.72
C GLN D 101 -25.35 -15.72 30.90
N ILE D 102 -25.67 -15.06 32.01
CA ILE D 102 -25.13 -13.74 32.29
C ILE D 102 -23.61 -13.81 32.42
N LEU D 103 -23.11 -14.84 33.10
CA LEU D 103 -21.66 -15.00 33.21
C LEU D 103 -21.01 -15.17 31.85
N TYR D 104 -21.65 -15.92 30.96
CA TYR D 104 -21.12 -16.09 29.62
C TYR D 104 -20.98 -14.77 28.89
N THR D 105 -22.02 -13.94 28.93
CA THR D 105 -22.00 -12.69 28.18
C THR D 105 -20.99 -11.71 28.76
N ILE D 106 -20.78 -11.73 30.08
CA ILE D 106 -19.79 -10.86 30.69
C ILE D 106 -18.39 -11.26 30.26
N ASP D 107 -18.10 -12.56 30.26
CA ASP D 107 -16.78 -13.03 29.85
C ASP D 107 -16.59 -12.93 28.35
N HIS D 108 -17.63 -13.22 27.57
CA HIS D 108 -17.56 -13.09 26.12
C HIS D 108 -17.33 -11.64 25.71
N ALA D 109 -18.04 -10.70 26.33
CA ALA D 109 -17.90 -9.30 25.99
C ALA D 109 -16.66 -8.67 26.62
N GLU D 110 -16.05 -9.32 27.62
CA GLU D 110 -14.87 -8.83 28.31
C GLU D 110 -15.11 -7.42 28.87
N ASP D 111 -16.10 -7.33 29.74
CA ASP D 111 -16.43 -6.06 30.37
C ASP D 111 -15.32 -5.61 31.30
N ASP D 112 -14.93 -4.36 31.28
CA ASP D 112 -13.94 -3.83 32.18
C ASP D 112 -14.59 -3.37 33.45
N ILE D 113 -15.70 -2.67 33.35
CA ILE D 113 -16.38 -2.13 34.52
C ILE D 113 -17.85 -2.52 34.44
N ILE D 114 -18.41 -2.93 35.57
CA ILE D 114 -19.82 -3.30 35.66
C ILE D 114 -20.51 -2.31 36.59
N LEU D 115 -21.52 -1.62 36.07
CA LEU D 115 -22.42 -0.81 36.87
C LEU D 115 -23.62 -1.69 37.19
N ILE D 116 -23.70 -2.19 38.42
CA ILE D 116 -24.70 -3.16 38.81
C ILE D 116 -25.54 -2.55 39.93
N HIS D 117 -26.85 -2.70 39.83
CA HIS D 117 -27.73 -2.30 40.91
C HIS D 117 -27.57 -3.27 42.09
N GLU D 118 -27.82 -2.74 43.30
CA GLU D 118 -27.66 -3.55 44.50
C GLU D 118 -28.59 -4.75 44.50
N GLU D 119 -29.77 -4.64 43.88
CA GLU D 119 -30.72 -5.75 43.87
C GLU D 119 -30.25 -6.88 42.96
N PHE D 120 -29.31 -6.63 42.06
CA PHE D 120 -28.77 -7.68 41.21
C PHE D 120 -27.49 -8.29 41.77
N LEU D 121 -27.01 -7.80 42.90
CA LEU D 121 -25.83 -8.39 43.53
C LEU D 121 -25.98 -9.88 43.82
N PRO D 122 -27.13 -10.40 44.27
CA PRO D 122 -27.25 -11.85 44.42
C PRO D 122 -26.96 -12.64 43.16
N ILE D 123 -27.26 -12.08 41.98
CA ILE D 123 -26.85 -12.73 40.73
C ILE D 123 -25.33 -12.73 40.62
N LEU D 124 -24.69 -11.64 41.02
CA LEU D 124 -23.24 -11.54 40.92
C LEU D 124 -22.54 -12.57 41.79
N ASP D 125 -23.02 -12.77 43.02
CA ASP D 125 -22.38 -13.71 43.94
C ASP D 125 -22.41 -15.15 43.42
N GLN D 126 -23.32 -15.46 42.50
CA GLN D 126 -23.35 -16.78 41.91
C GLN D 126 -22.26 -16.99 40.86
N ILE D 127 -21.77 -15.91 40.25
CA ILE D 127 -20.90 -16.02 39.09
C ILE D 127 -19.66 -15.16 39.26
N LYS D 128 -19.49 -14.54 40.43
CA LYS D 128 -18.41 -13.60 40.64
C LYS D 128 -17.05 -14.28 40.49
N GLY D 129 -16.93 -15.52 40.98
CA GLY D 129 -15.65 -16.21 40.93
C GLY D 129 -15.17 -16.52 39.53
N ARG D 130 -16.09 -16.67 38.58
CA ARG D 130 -15.76 -17.01 37.21
C ARG D 130 -15.68 -15.79 36.29
N ILE D 131 -15.74 -14.58 36.85
CA ILE D 131 -15.59 -13.35 36.09
C ILE D 131 -14.13 -12.93 36.18
N ASP D 132 -13.47 -12.77 35.03
CA ASP D 132 -12.05 -12.48 35.00
C ASP D 132 -11.67 -11.14 34.39
N THR D 133 -12.56 -10.53 33.59
CA THR D 133 -12.20 -9.29 32.89
C THR D 133 -12.56 -8.04 33.67
N VAL D 134 -13.47 -8.12 34.63
CA VAL D 134 -13.98 -6.93 35.30
C VAL D 134 -13.01 -6.52 36.42
N THR D 135 -12.58 -5.26 36.38
CA THR D 135 -11.68 -4.74 37.40
C THR D 135 -12.38 -3.88 38.44
N ARG D 136 -13.59 -3.39 38.15
CA ARG D 136 -14.29 -2.52 39.08
C ARG D 136 -15.79 -2.77 38.97
N TYR D 137 -16.44 -2.84 40.12
CA TYR D 137 -17.89 -2.90 40.22
C TYR D 137 -18.38 -1.62 40.87
N VAL D 138 -19.27 -0.92 40.17
CA VAL D 138 -19.95 0.25 40.73
C VAL D 138 -21.36 -0.18 41.09
N VAL D 139 -21.68 -0.11 42.38
CA VAL D 139 -22.99 -0.54 42.86
C VAL D 139 -23.95 0.63 42.77
N LEU D 140 -25.12 0.38 42.21
CA LEU D 140 -26.12 1.42 41.99
C LEU D 140 -27.22 1.28 43.03
N ARG D 141 -27.59 2.40 43.62
CA ARG D 141 -28.62 2.45 44.65
C ARG D 141 -29.57 3.59 44.34
N ASP D 142 -30.83 3.40 44.74
CA ASP D 142 -31.86 4.41 44.50
C ASP D 142 -31.85 5.51 45.54
N ASP D 143 -31.00 5.42 46.55
CA ASP D 143 -30.86 6.42 47.59
C ASP D 143 -29.57 7.21 47.38
N GLU D 144 -29.23 8.04 48.37
CA GLU D 144 -28.04 8.88 48.30
C GLU D 144 -26.74 8.09 48.44
N GLU D 145 -26.80 6.82 48.83
CA GLU D 145 -25.60 6.01 49.03
C GLU D 145 -25.14 5.32 47.75
N CYS D 146 -25.58 5.80 46.59
CA CYS D 146 -25.21 5.19 45.32
C CYS D 146 -23.75 5.46 44.99
N GLU D 147 -23.03 4.41 44.60
CA GLU D 147 -21.64 4.58 44.18
C GLU D 147 -21.55 5.35 42.88
N TYR D 148 -22.53 5.16 41.98
CA TYR D 148 -22.56 5.93 40.74
C TYR D 148 -22.77 7.41 41.02
N GLU D 149 -23.68 7.74 41.95
CA GLU D 149 -23.92 9.14 42.27
C GLU D 149 -22.71 9.78 42.93
N ARG D 150 -21.99 9.02 43.76
CA ARG D 150 -20.79 9.55 44.39
C ARG D 150 -19.66 9.74 43.39
N LEU D 151 -19.54 8.83 42.41
CA LEU D 151 -18.54 9.00 41.36
C LEU D 151 -18.81 10.25 40.53
N LEU D 152 -20.09 10.55 40.28
CA LEU D 152 -20.43 11.72 39.48
C LEU D 152 -20.20 13.01 40.25
N GLU D 153 -20.46 13.02 41.55
CA GLU D 153 -20.31 14.24 42.34
C GLU D 153 -18.86 14.72 42.36
N GLN D 154 -17.89 13.82 42.24
CA GLN D 154 -16.48 14.17 42.28
C GLN D 154 -15.94 14.64 40.93
N GLU D 155 -16.80 15.02 39.98
CA GLU D 155 -16.36 15.37 38.64
C GLU D 155 -16.96 16.70 38.21
N SER D 156 -16.27 17.35 37.28
CA SER D 156 -16.78 18.58 36.69
C SER D 156 -17.85 18.28 35.65
N THR D 157 -18.73 19.25 35.45
CA THR D 157 -19.77 19.17 34.43
C THR D 157 -19.25 19.60 33.06
N GLU D 158 -17.94 19.63 32.86
CA GLU D 158 -17.33 20.03 31.60
C GLU D 158 -16.56 18.86 31.01
N TYR D 159 -16.82 18.57 29.75
CA TYR D 159 -16.14 17.48 29.05
C TYR D 159 -16.21 17.76 27.56
N ASN D 160 -15.08 17.57 26.87
CA ASN D 160 -15.02 17.68 25.43
C ASN D 160 -15.09 16.27 24.85
N PHE D 161 -16.22 15.95 24.25
CA PHE D 161 -16.45 14.59 23.77
C PHE D 161 -15.73 14.37 22.45
N PRO D 162 -15.05 13.24 22.28
CA PRO D 162 -14.23 13.02 21.09
C PRO D 162 -15.05 12.89 19.82
N ASP D 163 -14.41 13.26 18.72
CA ASP D 163 -14.88 12.93 17.38
C ASP D 163 -14.14 11.65 16.94
N PHE D 164 -14.89 10.63 16.58
CA PHE D 164 -14.30 9.43 16.01
C PHE D 164 -15.12 9.01 14.80
N ASP D 165 -14.71 7.89 14.21
CA ASP D 165 -15.46 7.30 13.11
C ASP D 165 -16.86 6.90 13.58
N GLU D 166 -17.85 7.18 12.73
CA GLU D 166 -19.23 6.81 13.04
C GLU D 166 -19.44 5.30 13.10
N ASN D 167 -18.49 4.51 12.58
CA ASN D 167 -18.56 3.06 12.63
C ASN D 167 -17.95 2.49 13.91
N THR D 168 -17.54 3.34 14.84
CA THR D 168 -17.19 2.89 16.17
C THR D 168 -18.38 2.18 16.80
N VAL D 169 -18.15 1.00 17.34
CA VAL D 169 -19.21 0.26 18.02
C VAL D 169 -19.58 1.02 19.29
N ALA D 170 -20.88 1.29 19.45
CA ALA D 170 -21.40 2.03 20.58
C ALA D 170 -22.05 1.14 21.63
N THR D 171 -22.79 0.13 21.22
CA THR D 171 -23.57 -0.70 22.14
C THR D 171 -23.42 -2.17 21.77
N THR D 172 -23.34 -3.02 22.79
CA THR D 172 -23.39 -4.45 22.62
C THR D 172 -24.40 -5.03 23.60
N PHE D 173 -25.01 -6.14 23.21
CA PHE D 173 -25.83 -6.92 24.11
C PHE D 173 -26.01 -8.29 23.48
N TYR D 174 -26.50 -9.23 24.29
CA TYR D 174 -26.56 -10.62 23.88
C TYR D 174 -28.01 -11.07 23.83
N THR D 175 -28.36 -11.72 22.73
CA THR D 175 -29.68 -12.31 22.56
C THR D 175 -29.59 -13.81 22.73
N THR D 176 -30.57 -14.38 23.42
CA THR D 176 -30.69 -15.83 23.55
C THR D 176 -31.70 -16.39 22.58
N GLY D 177 -32.09 -15.63 21.56
CA GLY D 177 -33.08 -16.06 20.59
C GLY D 177 -32.60 -17.08 19.61
N THR D 178 -31.34 -17.49 19.67
CA THR D 178 -30.78 -18.52 18.82
C THR D 178 -30.44 -19.74 19.66
N THR D 179 -30.08 -20.81 18.97
CA THR D 179 -29.61 -22.02 19.64
C THR D 179 -28.17 -21.83 20.12
N GLY D 180 -27.79 -22.64 21.11
CA GLY D 180 -26.44 -22.58 21.65
C GLY D 180 -26.26 -21.51 22.70
N PHE D 181 -25.13 -20.84 22.68
CA PHE D 181 -24.82 -19.81 23.64
C PHE D 181 -25.43 -18.47 23.21
N PRO D 182 -25.59 -17.53 24.15
CA PRO D 182 -26.07 -16.20 23.76
C PRO D 182 -25.16 -15.57 22.72
N LYS D 183 -25.77 -14.93 21.74
CA LYS D 183 -25.05 -14.33 20.62
C LYS D 183 -24.94 -12.81 20.83
N GLY D 184 -23.75 -12.28 20.63
CA GLY D 184 -23.52 -10.86 20.81
C GLY D 184 -23.80 -10.05 19.56
N VAL D 185 -24.77 -9.16 19.65
CA VAL D 185 -25.06 -8.21 18.58
C VAL D 185 -24.53 -6.86 19.02
N PHE D 186 -24.01 -6.11 18.07
CA PHE D 186 -23.42 -4.82 18.35
C PHE D 186 -23.94 -3.81 17.34
N PHE D 187 -23.89 -2.54 17.73
CA PHE D 187 -24.37 -1.47 16.88
C PHE D 187 -23.42 -0.29 16.99
N THR D 188 -23.22 0.39 15.88
CA THR D 188 -22.29 1.51 15.84
C THR D 188 -23.03 2.80 16.14
N HIS D 189 -22.27 3.89 16.27
CA HIS D 189 -22.88 5.20 16.46
C HIS D 189 -23.76 5.57 15.28
N ARG D 190 -23.26 5.33 14.06
CA ARG D 190 -24.04 5.66 12.87
C ARG D 190 -25.35 4.89 12.84
N GLN D 191 -25.31 3.60 13.16
CA GLN D 191 -26.52 2.79 13.14
C GLN D 191 -27.55 3.28 14.15
N LEU D 192 -27.10 3.64 15.35
CA LEU D 192 -28.02 4.12 16.38
C LEU D 192 -28.59 5.48 16.00
N VAL D 193 -27.77 6.35 15.42
CA VAL D 193 -28.27 7.65 14.98
C VAL D 193 -29.29 7.48 13.87
N LEU D 194 -29.00 6.60 12.91
CA LEU D 194 -29.93 6.37 11.80
C LEU D 194 -31.22 5.72 12.29
N HIS D 195 -31.12 4.83 13.27
CA HIS D 195 -32.31 4.21 13.85
C HIS D 195 -33.18 5.26 14.53
N THR D 196 -32.57 6.23 15.20
CA THR D 196 -33.32 7.31 15.82
C THR D 196 -34.04 8.16 14.77
N MET D 197 -33.31 8.65 13.77
CA MET D 197 -33.93 9.48 12.74
C MET D 197 -34.88 8.66 11.88
N GLY D 198 -34.52 7.42 11.56
CA GLY D 198 -35.37 6.61 10.71
C GLY D 198 -36.74 6.36 11.30
N ILE D 199 -36.80 6.03 12.59
CA ILE D 199 -38.08 5.75 13.20
C ILE D 199 -38.81 7.03 13.58
N LEU D 200 -38.08 8.09 13.92
CA LEU D 200 -38.73 9.39 14.15
C LEU D 200 -39.40 9.89 12.87
N SER D 201 -38.73 9.73 11.72
CA SER D 201 -39.36 10.07 10.45
C SER D 201 -40.58 9.21 10.16
N THR D 202 -40.64 8.01 10.72
CA THR D 202 -41.76 7.10 10.47
C THR D 202 -42.94 7.41 11.39
N ILE D 203 -42.71 7.36 12.71
CA ILE D 203 -43.81 7.58 13.65
C ILE D 203 -44.03 9.04 13.99
N GLY D 204 -43.05 9.91 13.77
CA GLY D 204 -43.29 11.33 13.93
C GLY D 204 -44.23 11.89 12.90
N THR D 205 -44.15 11.38 11.67
CA THR D 205 -44.91 11.93 10.54
C THR D 205 -46.29 11.29 10.38
N ASN D 206 -46.70 10.43 11.31
CA ASN D 206 -48.07 9.94 11.30
C ASN D 206 -49.04 11.11 11.45
N ALA D 207 -50.12 11.09 10.71
CA ALA D 207 -51.07 12.20 10.73
C ALA D 207 -51.76 12.44 12.05
N SER D 208 -52.24 11.39 12.68
CA SER D 208 -53.00 11.53 13.88
C SER D 208 -52.71 10.42 14.88
N GLN D 209 -52.79 9.19 14.45
CA GLN D 209 -52.63 8.04 15.34
C GLN D 209 -51.17 7.60 15.42
N GLY D 210 -50.79 7.11 16.59
CA GLY D 210 -49.49 6.49 16.76
C GLY D 210 -48.33 7.45 16.60
N ARG D 211 -48.44 8.64 17.15
CA ARG D 211 -47.46 9.69 16.98
C ARG D 211 -46.52 9.75 18.17
N LEU D 212 -45.23 9.82 17.89
CA LEU D 212 -44.23 10.24 18.87
C LEU D 212 -43.78 11.64 18.48
N HIS D 213 -44.16 12.64 19.27
CA HIS D 213 -43.89 14.03 18.93
C HIS D 213 -43.31 14.76 20.13
N GLN D 214 -42.96 16.02 19.91
CA GLN D 214 -42.24 16.81 20.91
C GLN D 214 -43.08 17.14 22.13
N GLY D 215 -44.40 17.06 22.03
CA GLY D 215 -45.26 17.27 23.18
C GLY D 215 -45.56 16.06 24.02
N ASP D 216 -45.05 14.90 23.64
CA ASP D 216 -45.32 13.66 24.36
C ASP D 216 -44.54 13.61 25.67
N ILE D 217 -45.03 12.80 26.59
CA ILE D 217 -44.31 12.46 27.81
C ILE D 217 -43.99 10.97 27.75
N TYR D 218 -42.71 10.65 27.85
CA TYR D 218 -42.21 9.31 27.54
C TYR D 218 -41.96 8.52 28.83
N MET D 219 -42.46 7.29 28.86
CA MET D 219 -42.15 6.34 29.91
C MET D 219 -41.94 4.97 29.30
N PRO D 220 -40.72 4.44 29.31
CA PRO D 220 -40.52 3.07 28.82
C PRO D 220 -41.07 2.04 29.79
N ILE D 221 -41.72 1.03 29.25
CA ILE D 221 -41.99 -0.19 29.99
C ILE D 221 -41.36 -1.40 29.31
N THR D 222 -40.41 -1.13 28.42
CA THR D 222 -39.49 -2.12 27.90
C THR D 222 -38.16 -1.94 28.60
N PRO D 223 -37.56 -3.01 29.12
CA PRO D 223 -36.28 -2.86 29.83
C PRO D 223 -35.23 -2.23 28.93
N MET D 224 -34.37 -1.42 29.54
CA MET D 224 -33.35 -0.72 28.77
C MET D 224 -32.21 -1.63 28.33
N PHE D 225 -32.15 -2.87 28.81
CA PHE D 225 -31.20 -3.82 28.24
C PHE D 225 -31.77 -4.58 27.05
N HIS D 226 -33.04 -4.38 26.71
CA HIS D 226 -33.65 -5.06 25.57
C HIS D 226 -33.55 -4.17 24.34
N VAL D 227 -32.58 -4.48 23.49
CA VAL D 227 -32.31 -3.73 22.26
C VAL D 227 -32.48 -2.23 22.44
N HIS D 228 -31.76 -1.61 23.38
CA HIS D 228 -31.82 -0.17 23.67
C HIS D 228 -33.17 0.36 24.08
N ALA D 229 -33.99 -0.42 24.79
CA ALA D 229 -35.37 -0.09 25.11
C ALA D 229 -36.08 0.21 23.78
N TRP D 230 -35.81 -0.61 22.78
CA TRP D 230 -36.34 -0.43 21.42
C TRP D 230 -35.87 0.79 20.71
N GLY D 231 -34.90 1.43 21.30
CA GLY D 231 -34.38 2.67 20.76
C GLY D 231 -35.17 3.91 21.12
N LEU D 232 -36.25 3.78 21.89
CA LEU D 232 -37.07 4.95 22.22
C LEU D 232 -36.39 5.96 23.14
N PRO D 233 -35.56 5.59 24.13
CA PRO D 233 -34.88 6.63 24.92
C PRO D 233 -34.00 7.54 24.08
N TYR D 234 -33.36 7.02 23.03
CA TYR D 234 -32.61 7.87 22.12
C TYR D 234 -33.54 8.83 21.37
N MET D 235 -34.70 8.34 20.94
CA MET D 235 -35.67 9.19 20.25
C MET D 235 -36.32 10.17 21.20
N ALA D 236 -36.59 9.76 22.44
CA ALA D 236 -37.18 10.64 23.42
C ALA D 236 -36.22 11.77 23.79
N THR D 237 -34.94 11.46 23.94
CA THR D 237 -33.95 12.49 24.16
C THR D 237 -33.81 13.41 22.95
N MET D 238 -33.87 12.83 21.75
CA MET D 238 -33.76 13.62 20.53
C MET D 238 -34.90 14.63 20.44
N LEU D 239 -36.10 14.24 20.83
CA LEU D 239 -37.24 15.15 20.84
C LEU D 239 -37.25 16.08 22.04
N GLY D 240 -36.38 15.85 23.02
CA GLY D 240 -36.34 16.68 24.20
C GLY D 240 -37.58 16.61 25.06
N VAL D 241 -38.31 15.51 24.98
CA VAL D 241 -39.56 15.38 25.73
C VAL D 241 -39.26 15.01 27.17
N LYS D 242 -40.27 15.17 28.02
CA LYS D 242 -40.18 14.70 29.39
C LYS D 242 -40.13 13.18 29.43
N GLN D 243 -39.13 12.65 30.13
CA GLN D 243 -38.91 11.21 30.21
C GLN D 243 -39.12 10.76 31.65
N VAL D 244 -39.97 9.76 31.83
CA VAL D 244 -40.26 9.17 33.13
C VAL D 244 -39.70 7.76 33.14
N TYR D 245 -38.78 7.48 34.05
CA TYR D 245 -38.18 6.16 34.16
C TYR D 245 -38.73 5.46 35.40
N PRO D 246 -39.41 4.32 35.23
CA PRO D 246 -40.16 3.73 36.35
C PRO D 246 -39.34 2.88 37.30
N GLY D 247 -38.07 2.61 37.00
CA GLY D 247 -37.32 1.66 37.81
C GLY D 247 -37.86 0.26 37.64
N LYS D 248 -37.86 -0.50 38.72
CA LYS D 248 -38.39 -1.86 38.69
C LYS D 248 -39.89 -1.84 38.42
N TYR D 249 -40.34 -2.69 37.52
CA TYR D 249 -41.72 -2.66 37.03
C TYR D 249 -42.66 -3.21 38.08
N VAL D 250 -43.50 -2.35 38.63
CA VAL D 250 -44.60 -2.73 39.52
C VAL D 250 -45.88 -2.17 38.93
N PRO D 251 -46.90 -3.00 38.71
CA PRO D 251 -48.11 -2.50 38.00
C PRO D 251 -48.76 -1.29 38.66
N ASP D 252 -48.81 -1.24 39.99
CA ASP D 252 -49.36 -0.06 40.65
C ASP D 252 -48.44 1.14 40.51
N VAL D 253 -47.12 0.91 40.60
CA VAL D 253 -46.17 2.00 40.42
C VAL D 253 -46.23 2.54 39.00
N LEU D 254 -46.32 1.65 38.01
CA LEU D 254 -46.42 2.07 36.62
C LEU D 254 -47.70 2.87 36.38
N LEU D 255 -48.83 2.39 36.92
CA LEU D 255 -50.10 3.09 36.74
C LEU D 255 -50.10 4.44 37.43
N ASN D 256 -49.47 4.53 38.60
CA ASN D 256 -49.38 5.82 39.30
C ASN D 256 -48.54 6.82 38.50
N LEU D 257 -47.46 6.35 37.87
CA LEU D 257 -46.61 7.25 37.09
C LEU D 257 -47.34 7.77 35.86
N ILE D 258 -48.15 6.93 35.22
CA ILE D 258 -48.89 7.36 34.05
C ILE D 258 -49.87 8.48 34.42
N GLU D 259 -50.56 8.32 35.54
CA GLU D 259 -51.51 9.35 35.97
C GLU D 259 -50.79 10.58 36.51
N GLN D 260 -49.77 10.38 37.36
CA GLN D 260 -49.16 11.51 38.05
C GLN D 260 -48.28 12.33 37.12
N GLU D 261 -47.52 11.69 36.25
CA GLU D 261 -46.65 12.39 35.31
C GLU D 261 -47.30 12.64 33.96
N LYS D 262 -48.56 12.23 33.79
CA LYS D 262 -49.30 12.42 32.54
C LYS D 262 -48.57 11.82 31.35
N VAL D 263 -48.17 10.55 31.50
CA VAL D 263 -47.46 9.86 30.43
C VAL D 263 -48.37 9.68 29.23
N THR D 264 -47.86 10.00 28.05
CA THR D 264 -48.62 9.85 26.82
C THR D 264 -48.04 8.82 25.86
N PHE D 265 -46.76 8.50 25.95
CA PHE D 265 -46.13 7.53 25.06
C PHE D 265 -45.35 6.52 25.86
N SER D 266 -45.62 5.24 25.62
CA SER D 266 -44.89 4.16 26.26
C SER D 266 -44.80 2.99 25.29
N HIS D 267 -44.11 1.94 25.71
CA HIS D 267 -43.99 0.73 24.92
C HIS D 267 -43.70 -0.43 25.85
N CYS D 268 -44.11 -1.63 25.45
CA CYS D 268 -43.96 -2.81 26.28
C CYS D 268 -44.29 -4.04 25.46
N VAL D 269 -44.02 -5.20 26.05
CA VAL D 269 -44.42 -6.49 25.50
C VAL D 269 -45.89 -6.71 25.83
N PRO D 270 -46.60 -7.60 25.12
CA PRO D 270 -48.03 -7.79 25.42
C PRO D 270 -48.31 -8.24 26.84
N THR D 271 -47.37 -8.94 27.48
CA THR D 271 -47.58 -9.38 28.85
C THR D 271 -47.72 -8.20 29.80
N ILE D 272 -46.90 -7.17 29.62
CA ILE D 272 -46.97 -5.99 30.49
C ILE D 272 -48.31 -5.30 30.34
N LEU D 273 -48.78 -5.12 29.11
CA LEU D 273 -50.07 -4.48 28.89
C LEU D 273 -51.20 -5.30 29.48
N HIS D 274 -51.10 -6.63 29.39
CA HIS D 274 -52.06 -7.50 30.06
C HIS D 274 -52.05 -7.25 31.56
N LEU D 275 -50.86 -7.13 32.15
CA LEU D 275 -50.77 -6.89 33.59
C LEU D 275 -51.26 -5.50 33.97
N LEU D 276 -50.96 -4.50 33.15
CA LEU D 276 -51.43 -3.14 33.44
C LEU D 276 -52.95 -3.05 33.36
N LEU D 277 -53.55 -3.68 32.35
CA LEU D 277 -55.00 -3.58 32.18
C LEU D 277 -55.75 -4.43 33.19
N SER D 278 -55.14 -5.51 33.68
CA SER D 278 -55.80 -6.38 34.65
C SER D 278 -55.67 -5.86 36.08
N SER D 279 -54.83 -4.88 36.33
CA SER D 279 -54.64 -4.38 37.68
C SER D 279 -55.91 -3.67 38.16
N PRO D 280 -56.34 -3.91 39.40
CA PRO D 280 -57.57 -3.28 39.89
C PRO D 280 -57.51 -1.76 39.88
N LYS D 281 -56.33 -1.18 40.08
CA LYS D 281 -56.21 0.27 40.11
C LYS D 281 -56.41 0.89 38.73
N SER D 282 -56.16 0.12 37.66
CA SER D 282 -56.31 0.64 36.31
C SER D 282 -57.78 0.88 35.94
N LYS D 283 -58.72 0.30 36.67
CA LYS D 283 -60.14 0.45 36.33
C LYS D 283 -60.57 1.91 36.44
N ALA D 284 -60.15 2.60 37.49
CA ALA D 284 -60.50 3.99 37.70
C ALA D 284 -59.55 4.96 37.00
N MET D 285 -58.55 4.45 36.29
CA MET D 285 -57.59 5.30 35.62
C MET D 285 -58.14 5.80 34.29
N ASP D 286 -57.63 6.95 33.86
CA ASP D 286 -57.97 7.54 32.57
C ASP D 286 -56.78 7.33 31.63
N PHE D 287 -57.04 6.68 30.49
CA PHE D 287 -56.01 6.37 29.51
C PHE D 287 -56.26 7.08 28.18
N SER D 288 -56.98 8.19 28.20
CA SER D 288 -57.38 8.83 26.94
C SER D 288 -56.17 9.30 26.15
N GLY D 289 -55.20 9.92 26.81
CA GLY D 289 -54.02 10.44 26.15
C GLY D 289 -52.85 9.50 26.08
N TRP D 290 -53.00 8.24 26.50
CA TRP D 290 -51.89 7.31 26.58
C TRP D 290 -51.79 6.52 25.29
N LYS D 291 -50.61 6.55 24.67
CA LYS D 291 -50.29 5.70 23.53
C LYS D 291 -49.23 4.71 23.95
N VAL D 292 -49.41 3.46 23.55
CA VAL D 292 -48.43 2.42 23.82
C VAL D 292 -48.27 1.58 22.56
N VAL D 293 -47.02 1.36 22.16
CA VAL D 293 -46.72 0.47 21.05
C VAL D 293 -46.27 -0.87 21.63
N ILE D 294 -46.81 -1.95 21.10
CA ILE D 294 -46.61 -3.29 21.63
C ILE D 294 -45.69 -4.06 20.70
N GLY D 295 -44.55 -4.51 21.22
CA GLY D 295 -43.64 -5.29 20.42
C GLY D 295 -43.14 -6.52 21.14
N GLY D 296 -42.17 -7.20 20.54
CA GLY D 296 -41.56 -8.36 21.17
C GLY D 296 -42.36 -9.64 20.97
N ALA D 297 -43.68 -9.51 20.90
CA ALA D 297 -44.55 -10.65 20.71
C ALA D 297 -45.79 -10.20 19.97
N ALA D 298 -46.48 -11.15 19.38
CA ALA D 298 -47.74 -10.86 18.71
C ALA D 298 -48.74 -10.29 19.70
N LEU D 299 -49.40 -9.21 19.30
CA LEU D 299 -50.42 -8.60 20.13
C LEU D 299 -51.74 -9.33 19.92
N PRO D 300 -52.31 -9.95 20.94
CA PRO D 300 -53.62 -10.60 20.76
C PRO D 300 -54.69 -9.59 20.45
N LYS D 301 -55.63 -9.99 19.58
CA LYS D 301 -56.75 -9.11 19.23
C LYS D 301 -57.60 -8.79 20.45
N ALA D 302 -57.75 -9.76 21.36
CA ALA D 302 -58.53 -9.52 22.57
C ALA D 302 -57.86 -8.48 23.48
N LEU D 303 -56.53 -8.56 23.61
CA LEU D 303 -55.82 -7.58 24.42
C LEU D 303 -55.87 -6.20 23.78
N CYS D 304 -55.71 -6.13 22.46
CA CYS D 304 -55.80 -4.86 21.75
C CYS D 304 -57.20 -4.26 21.89
N LYS D 305 -58.23 -5.10 21.79
CA LYS D 305 -59.61 -4.62 21.93
C LYS D 305 -59.86 -4.09 23.34
N SER D 306 -59.35 -4.78 24.36
CA SER D 306 -59.53 -4.32 25.74
C SER D 306 -58.84 -2.98 25.97
N ALA D 307 -57.65 -2.80 25.40
CA ALA D 307 -56.97 -1.52 25.51
C ALA D 307 -57.72 -0.43 24.76
N LEU D 308 -58.30 -0.77 23.60
CA LEU D 308 -59.07 0.21 22.84
C LEU D 308 -60.31 0.67 23.59
N GLU D 309 -60.98 -0.22 24.32
CA GLU D 309 -62.12 0.17 25.13
C GLU D 309 -61.72 1.15 26.24
N ARG D 310 -60.47 1.14 26.66
CA ARG D 310 -59.95 2.12 27.61
C ARG D 310 -59.47 3.39 26.93
N ASP D 311 -59.75 3.55 25.63
CA ASP D 311 -59.33 4.71 24.85
C ASP D 311 -57.81 4.81 24.76
N ILE D 312 -57.12 3.69 24.72
CA ILE D 312 -55.67 3.66 24.57
C ILE D 312 -55.34 3.57 23.08
N ASP D 313 -54.47 4.45 22.61
CA ASP D 313 -53.89 4.34 21.27
C ASP D 313 -52.84 3.23 21.33
N VAL D 314 -53.31 2.01 21.12
CA VAL D 314 -52.47 0.82 21.18
C VAL D 314 -52.25 0.31 19.77
N PHE D 315 -50.99 0.14 19.39
CA PHE D 315 -50.62 -0.39 18.10
C PHE D 315 -49.39 -1.27 18.27
N ALA D 316 -49.13 -2.10 17.28
CA ALA D 316 -48.08 -3.10 17.38
C ALA D 316 -46.84 -2.67 16.60
N GLY D 317 -45.71 -3.24 17.02
CA GLY D 317 -44.46 -3.05 16.32
C GLY D 317 -43.67 -4.35 16.32
N TYR D 318 -42.71 -4.43 15.41
CA TYR D 318 -41.96 -5.64 15.21
C TYR D 318 -40.47 -5.32 15.11
N GLY D 319 -39.66 -6.21 15.68
CA GLY D 319 -38.22 -6.02 15.61
C GLY D 319 -37.48 -7.17 16.25
N MET D 320 -36.16 -7.01 16.31
CA MET D 320 -35.26 -8.04 16.82
C MET D 320 -34.10 -7.39 17.54
N SER D 321 -33.41 -8.20 18.34
CA SER D 321 -32.13 -7.78 18.90
C SER D 321 -31.12 -7.49 17.79
N GLU D 322 -31.11 -8.31 16.75
CA GLU D 322 -30.15 -8.21 15.66
C GLU D 322 -30.42 -7.04 14.73
N THR D 323 -31.62 -6.46 14.76
CA THR D 323 -32.06 -5.58 13.69
C THR D 323 -32.26 -4.15 14.13
N GLY D 324 -31.53 -3.70 15.16
CA GLY D 324 -31.60 -2.30 15.54
C GLY D 324 -33.04 -1.95 15.78
N PRO D 325 -33.57 -2.39 16.90
CA PRO D 325 -34.74 -3.27 16.88
C PRO D 325 -35.73 -3.07 15.74
N ILE D 326 -36.18 -1.85 15.51
CA ILE D 326 -37.45 -1.66 14.84
C ILE D 326 -37.32 -1.95 13.35
N LEU D 327 -38.19 -2.83 12.86
CA LEU D 327 -38.31 -3.11 11.45
C LEU D 327 -39.65 -2.68 10.86
N SER D 328 -40.74 -2.78 11.63
CA SER D 328 -42.05 -2.44 11.12
C SER D 328 -42.90 -1.94 12.28
N ILE D 329 -43.80 -1.00 11.98
CA ILE D 329 -44.73 -0.45 12.96
C ILE D 329 -46.09 -0.35 12.30
N VAL D 330 -47.14 -0.49 13.10
CA VAL D 330 -48.50 -0.38 12.60
C VAL D 330 -48.83 1.10 12.42
N GLN D 331 -49.14 1.48 11.18
CA GLN D 331 -49.65 2.81 10.86
C GLN D 331 -51.04 2.67 10.26
N LEU D 332 -51.98 3.46 10.77
CA LEU D 332 -53.37 3.39 10.33
C LEU D 332 -53.69 4.59 9.46
N THR D 333 -54.26 4.33 8.29
CA THR D 333 -54.74 5.39 7.42
C THR D 333 -56.00 6.02 8.03
N PRO D 334 -56.35 7.24 7.59
CA PRO D 334 -57.56 7.87 8.14
C PRO D 334 -58.82 7.04 7.93
N GLU D 335 -58.92 6.31 6.83
CA GLU D 335 -60.05 5.42 6.63
C GLU D 335 -60.05 4.29 7.65
N GLN D 336 -58.88 3.74 7.96
CA GLN D 336 -58.80 2.67 8.95
C GLN D 336 -59.09 3.18 10.35
N LEU D 337 -58.86 4.47 10.62
CA LEU D 337 -59.14 5.02 11.94
C LEU D 337 -60.62 5.23 12.17
N GLU D 338 -61.45 5.18 11.13
CA GLU D 338 -62.88 5.34 11.27
C GLU D 338 -63.63 4.03 11.43
N LEU D 339 -62.91 2.91 11.48
CA LEU D 339 -63.55 1.61 11.61
C LEU D 339 -64.02 1.38 13.05
N ASP D 340 -64.81 0.33 13.22
CA ASP D 340 -65.28 -0.05 14.55
C ASP D 340 -64.15 -0.67 15.35
N VAL D 341 -64.39 -0.82 16.66
CA VAL D 341 -63.34 -1.27 17.56
C VAL D 341 -62.87 -2.69 17.22
N ASP D 342 -63.78 -3.54 16.75
CA ASP D 342 -63.38 -4.90 16.39
C ASP D 342 -62.50 -4.90 15.15
N GLN D 343 -62.87 -4.11 14.13
CA GLN D 343 -62.06 -4.04 12.92
C GLN D 343 -60.77 -3.27 13.16
N GLN D 344 -60.81 -2.24 14.01
CA GLN D 344 -59.61 -1.48 14.34
C GLN D 344 -58.61 -2.35 15.10
N ALA D 345 -59.10 -3.20 16.01
CA ALA D 345 -58.20 -4.04 16.80
C ALA D 345 -57.47 -5.04 15.94
N GLU D 346 -58.05 -5.46 14.81
CA GLU D 346 -57.35 -6.36 13.91
C GLU D 346 -56.17 -5.67 13.23
N TYR D 347 -56.37 -4.44 12.75
CA TYR D 347 -55.28 -3.71 12.10
C TYR D 347 -54.20 -3.32 13.10
N ARG D 348 -54.60 -2.91 14.31
CA ARG D 348 -53.63 -2.47 15.31
C ARG D 348 -52.78 -3.63 15.84
N SER D 349 -53.25 -4.87 15.69
CA SER D 349 -52.52 -6.03 16.19
C SER D 349 -51.68 -6.70 15.10
N LYS D 350 -51.60 -6.12 13.92
CA LYS D 350 -50.77 -6.67 12.86
C LYS D 350 -49.29 -6.47 13.18
N THR D 351 -48.45 -7.23 12.48
CA THR D 351 -47.01 -7.06 12.64
C THR D 351 -46.56 -5.67 12.21
N GLY D 352 -47.20 -5.13 11.18
CA GLY D 352 -46.99 -3.75 10.81
C GLY D 352 -46.42 -3.54 9.43
N LYS D 353 -46.37 -2.30 8.99
CA LYS D 353 -45.70 -1.95 7.74
C LYS D 353 -44.25 -1.59 8.04
N LYS D 354 -43.36 -1.97 7.13
CA LYS D 354 -41.94 -1.71 7.30
C LYS D 354 -41.68 -0.20 7.45
N VAL D 355 -40.73 0.13 8.31
CA VAL D 355 -40.40 1.53 8.58
C VAL D 355 -39.48 2.04 7.48
N ALA D 356 -39.23 3.34 7.48
CA ALA D 356 -38.38 3.97 6.49
C ALA D 356 -37.01 3.29 6.43
N LEU D 357 -36.51 3.13 5.21
CA LEU D 357 -35.19 2.60 4.91
C LEU D 357 -35.05 1.11 5.22
N VAL D 358 -36.16 0.40 5.37
CA VAL D 358 -36.15 -1.03 5.64
C VAL D 358 -36.66 -1.76 4.41
N GLU D 359 -35.89 -2.72 3.93
CA GLU D 359 -36.28 -3.59 2.82
C GLU D 359 -36.62 -4.95 3.40
N ALA D 360 -37.90 -5.22 3.60
CA ALA D 360 -38.38 -6.49 4.14
C ALA D 360 -38.95 -7.35 3.03
N TYR D 361 -38.46 -8.59 2.93
CA TYR D 361 -38.91 -9.52 1.91
C TYR D 361 -39.32 -10.84 2.53
N ILE D 362 -40.25 -11.52 1.87
CA ILE D 362 -40.65 -12.89 2.20
C ILE D 362 -39.97 -13.82 1.20
N VAL D 363 -39.17 -14.75 1.71
CA VAL D 363 -38.42 -15.69 0.87
C VAL D 363 -38.68 -17.10 1.37
N ASP D 364 -38.28 -18.07 0.54
CA ASP D 364 -38.31 -19.47 0.92
C ASP D 364 -36.89 -19.92 1.28
N GLU D 365 -36.73 -21.23 1.51
CA GLU D 365 -35.43 -21.74 1.92
C GLU D 365 -34.35 -21.56 0.86
N ASP D 366 -34.74 -21.33 -0.39
CA ASP D 366 -33.79 -21.09 -1.47
C ASP D 366 -33.55 -19.60 -1.71
N MET D 367 -34.00 -18.73 -0.81
CA MET D 367 -33.86 -17.29 -0.90
C MET D 367 -34.58 -16.70 -2.11
N ASN D 368 -35.62 -17.37 -2.59
CA ASN D 368 -36.45 -16.86 -3.67
C ASN D 368 -37.54 -15.97 -3.09
N LYS D 369 -37.63 -14.75 -3.59
CA LYS D 369 -38.61 -13.80 -3.06
C LYS D 369 -40.02 -14.22 -3.45
N LEU D 370 -40.93 -14.23 -2.48
CA LEU D 370 -42.29 -14.70 -2.68
C LEU D 370 -43.23 -13.52 -2.92
N PRO D 371 -44.33 -13.75 -3.64
CA PRO D 371 -45.29 -12.67 -3.88
C PRO D 371 -45.92 -12.18 -2.59
N HIS D 372 -46.26 -10.90 -2.56
CA HIS D 372 -46.84 -10.29 -1.36
C HIS D 372 -48.37 -10.31 -1.43
N ASP D 373 -48.89 -11.53 -1.47
CA ASP D 373 -50.30 -11.76 -1.21
C ASP D 373 -50.52 -12.02 0.27
N GLY D 374 -51.76 -11.93 0.71
CA GLY D 374 -52.03 -12.12 2.12
C GLY D 374 -52.03 -13.55 2.61
N GLU D 375 -51.55 -14.49 1.80
CA GLU D 375 -51.58 -15.90 2.18
C GLU D 375 -50.21 -16.57 2.11
N THR D 376 -49.41 -16.27 1.10
CA THR D 376 -48.13 -16.95 0.94
C THR D 376 -47.17 -16.55 2.05
N ALA D 377 -46.61 -17.53 2.74
CA ALA D 377 -45.79 -17.30 3.92
C ALA D 377 -44.35 -17.71 3.64
N GLY D 378 -43.41 -17.00 4.26
CA GLY D 378 -42.01 -17.29 4.13
C GLY D 378 -41.24 -16.55 5.19
N GLU D 379 -39.94 -16.80 5.24
CA GLU D 379 -39.10 -16.12 6.21
C GLU D 379 -38.92 -14.65 5.83
N ILE D 380 -39.01 -13.77 6.83
CA ILE D 380 -38.70 -12.36 6.63
C ILE D 380 -37.19 -12.19 6.57
N VAL D 381 -36.71 -11.59 5.49
CA VAL D 381 -35.32 -11.20 5.37
C VAL D 381 -35.29 -9.69 5.15
N VAL D 382 -34.34 -9.01 5.78
CA VAL D 382 -34.37 -7.56 5.85
C VAL D 382 -33.02 -6.99 5.44
N ARG D 383 -33.07 -5.79 4.87
CA ARG D 383 -31.92 -4.91 4.73
C ARG D 383 -32.31 -3.57 5.31
N ALA D 384 -31.46 -3.02 6.16
CA ALA D 384 -31.76 -1.78 6.86
C ALA D 384 -30.45 -1.14 7.30
N PRO D 385 -30.45 0.16 7.60
CA PRO D 385 -29.22 0.81 8.04
C PRO D 385 -28.84 0.54 9.49
N TRP D 386 -29.56 -0.31 10.22
CA TRP D 386 -29.27 -0.55 11.62
C TRP D 386 -29.32 -2.04 11.95
N LEU D 387 -28.73 -2.87 11.09
CA LEU D 387 -28.65 -4.29 11.35
C LEU D 387 -27.25 -4.65 11.83
N THR D 388 -27.17 -5.61 12.73
CA THR D 388 -25.87 -6.11 13.15
C THR D 388 -25.22 -6.84 11.97
N PRO D 389 -23.96 -6.56 11.66
CA PRO D 389 -23.34 -7.20 10.50
C PRO D 389 -23.03 -8.67 10.74
N ASN D 390 -22.87 -9.06 11.98
CA ASN D 390 -22.49 -10.42 12.36
C ASN D 390 -22.72 -10.53 13.86
N TYR D 391 -22.53 -11.74 14.38
CA TYR D 391 -22.47 -11.94 15.81
C TYR D 391 -21.04 -11.73 16.29
N TYR D 392 -20.92 -11.25 17.52
CA TYR D 392 -19.61 -10.94 18.08
C TYR D 392 -18.78 -12.20 18.25
N LYS D 393 -17.55 -12.17 17.72
CA LYS D 393 -16.61 -13.29 17.80
C LYS D 393 -17.25 -14.60 17.33
N ASP D 394 -17.99 -14.51 16.23
CA ASP D 394 -18.72 -15.64 15.70
C ASP D 394 -18.65 -15.59 14.19
N ASN D 395 -18.42 -16.75 13.57
CA ASN D 395 -18.28 -16.84 12.12
C ASN D 395 -19.40 -17.63 11.48
N LYS D 396 -19.61 -18.87 11.90
CA LYS D 396 -20.57 -19.75 11.22
C LYS D 396 -21.99 -19.27 11.43
N ASN D 397 -22.35 -18.89 12.66
CA ASN D 397 -23.69 -18.38 12.92
C ASN D 397 -23.91 -17.03 12.24
N SER D 398 -22.85 -16.23 12.12
CA SER D 398 -22.94 -14.96 11.42
C SER D 398 -23.22 -15.16 9.94
N LYS D 399 -22.63 -16.18 9.33
CA LYS D 399 -22.88 -16.46 7.92
C LYS D 399 -24.33 -16.87 7.69
N ALA D 400 -24.89 -17.66 8.60
CA ALA D 400 -26.29 -18.05 8.48
C ALA D 400 -27.23 -16.87 8.69
N LEU D 401 -26.84 -15.92 9.54
CA LEU D 401 -27.66 -14.73 9.78
C LEU D 401 -27.76 -13.88 8.51
N TRP D 402 -26.69 -13.79 7.74
CA TRP D 402 -26.65 -12.97 6.54
C TRP D 402 -26.60 -13.82 5.27
N ARG D 403 -27.26 -14.97 5.28
CA ARG D 403 -27.26 -15.86 4.13
C ARG D 403 -28.01 -15.22 2.97
N GLY D 404 -27.42 -15.26 1.79
CA GLY D 404 -28.06 -14.70 0.62
C GLY D 404 -28.04 -13.19 0.55
N GLY D 405 -27.24 -12.53 1.38
CA GLY D 405 -27.14 -11.09 1.36
C GLY D 405 -28.22 -10.35 2.12
N TYR D 406 -29.06 -11.05 2.87
CA TYR D 406 -30.08 -10.43 3.68
C TYR D 406 -30.01 -10.98 5.09
N LEU D 407 -30.40 -10.18 6.07
CA LEU D 407 -30.47 -10.65 7.44
C LEU D 407 -31.72 -11.50 7.61
N HIS D 408 -31.54 -12.70 8.13
CA HIS D 408 -32.64 -13.65 8.32
C HIS D 408 -33.24 -13.47 9.71
N THR D 409 -34.53 -13.15 9.75
CA THR D 409 -35.20 -12.92 11.03
C THR D 409 -35.58 -14.21 11.74
N GLY D 410 -35.71 -15.32 11.02
CA GLY D 410 -36.24 -16.52 11.62
C GLY D 410 -37.73 -16.50 11.83
N ASP D 411 -38.43 -15.53 11.25
CA ASP D 411 -39.86 -15.39 11.42
C ASP D 411 -40.56 -15.67 10.10
N VAL D 412 -41.64 -16.45 10.15
CA VAL D 412 -42.44 -16.75 8.98
C VAL D 412 -43.63 -15.81 8.95
N ALA D 413 -43.83 -15.15 7.80
CA ALA D 413 -44.88 -14.15 7.71
C ALA D 413 -45.42 -14.11 6.29
N HIS D 414 -46.59 -13.51 6.15
CA HIS D 414 -47.13 -13.11 4.86
C HIS D 414 -47.34 -11.60 4.86
N ILE D 415 -47.03 -10.97 3.74
CA ILE D 415 -47.21 -9.53 3.54
C ILE D 415 -48.32 -9.33 2.54
N ASP D 416 -49.32 -8.54 2.91
CA ASP D 416 -50.47 -8.36 2.03
C ASP D 416 -50.18 -7.28 0.99
N ASP D 417 -51.21 -6.95 0.21
CA ASP D 417 -51.04 -5.98 -0.88
C ASP D 417 -50.71 -4.59 -0.34
N GLU D 418 -51.33 -4.19 0.76
CA GLU D 418 -51.10 -2.87 1.34
C GLU D 418 -49.82 -2.81 2.16
N GLY D 419 -49.00 -3.86 2.16
CA GLY D 419 -47.75 -3.85 2.88
C GLY D 419 -47.82 -4.30 4.33
N PHE D 420 -48.99 -4.69 4.82
CA PHE D 420 -49.12 -5.11 6.21
C PHE D 420 -48.53 -6.50 6.38
N ILE D 421 -47.48 -6.60 7.19
CA ILE D 421 -46.87 -7.87 7.52
C ILE D 421 -47.70 -8.57 8.59
N LYS D 422 -47.78 -9.89 8.51
CA LYS D 422 -48.44 -10.69 9.54
C LYS D 422 -47.59 -11.93 9.79
N ILE D 423 -46.95 -11.99 10.95
CA ILE D 423 -46.10 -13.13 11.31
C ILE D 423 -46.97 -14.32 11.64
N THR D 424 -46.67 -15.46 11.02
CA THR D 424 -47.45 -16.69 11.21
C THR D 424 -46.80 -17.65 12.20
N ASP D 425 -45.52 -17.96 12.02
CA ASP D 425 -44.82 -18.84 12.96
C ASP D 425 -43.33 -18.55 12.86
N ARG D 426 -42.51 -19.43 13.43
CA ARG D 426 -41.07 -19.23 13.55
C ARG D 426 -40.31 -20.29 12.75
N VAL D 427 -39.19 -19.87 12.17
CA VAL D 427 -38.26 -20.84 11.59
C VAL D 427 -37.44 -21.51 12.70
N LYS D 428 -36.88 -20.71 13.59
CA LYS D 428 -36.07 -21.21 14.69
C LYS D 428 -36.93 -21.98 15.69
N ASP D 429 -36.33 -22.99 16.30
CA ASP D 429 -37.01 -23.82 17.31
C ASP D 429 -36.82 -23.18 18.68
N MET D 430 -37.40 -21.99 18.83
CA MET D 430 -37.29 -21.21 20.04
C MET D 430 -38.68 -20.77 20.49
N ILE D 431 -38.82 -20.59 21.80
CA ILE D 431 -40.07 -20.18 22.42
C ILE D 431 -39.79 -18.92 23.23
N LYS D 432 -40.61 -17.89 23.03
CA LYS D 432 -40.48 -16.64 23.78
C LYS D 432 -41.57 -16.59 24.83
N ILE D 433 -41.17 -16.41 26.09
CA ILE D 433 -42.08 -16.41 27.23
C ILE D 433 -41.95 -15.06 27.93
N SER D 434 -43.00 -14.25 27.88
CA SER D 434 -43.06 -12.95 28.54
C SER D 434 -41.89 -12.05 28.14
N GLY D 435 -41.42 -12.19 26.91
CA GLY D 435 -40.31 -11.39 26.43
C GLY D 435 -38.93 -12.02 26.60
N GLU D 436 -38.84 -13.24 27.12
CA GLU D 436 -37.58 -13.93 27.28
C GLU D 436 -37.56 -15.20 26.44
N TRP D 437 -36.38 -15.57 25.97
CA TRP D 437 -36.22 -16.71 25.08
C TRP D 437 -35.92 -17.98 25.86
N VAL D 438 -36.46 -19.09 25.38
CA VAL D 438 -36.08 -20.42 25.83
C VAL D 438 -35.90 -21.29 24.61
N SER D 439 -34.89 -22.15 24.64
CA SER D 439 -34.61 -23.04 23.52
C SER D 439 -35.27 -24.39 23.75
N SER D 440 -36.05 -24.84 22.78
CA SER D 440 -36.73 -26.13 22.90
C SER D 440 -35.72 -27.27 23.00
N LEU D 441 -34.68 -27.24 22.17
CA LEU D 441 -33.66 -28.27 22.20
C LEU D 441 -32.93 -28.30 23.54
N GLU D 442 -32.64 -27.13 24.10
CA GLU D 442 -32.00 -27.09 25.42
C GLU D 442 -32.94 -27.61 26.49
N LEU D 443 -34.24 -27.28 26.40
CA LEU D 443 -35.20 -27.80 27.35
C LEU D 443 -35.37 -29.31 27.20
N GLU D 444 -35.33 -29.80 25.96
CA GLU D 444 -35.40 -31.24 25.73
C GLU D 444 -34.22 -31.97 26.36
N ASP D 445 -33.02 -31.40 26.24
CA ASP D 445 -31.83 -32.04 26.78
C ASP D 445 -31.91 -32.18 28.29
N ILE D 446 -32.38 -31.14 28.98
CA ILE D 446 -32.49 -31.20 30.44
C ILE D 446 -33.53 -32.24 30.85
N LEU D 447 -34.69 -32.23 30.20
CA LEU D 447 -35.73 -33.21 30.54
C LEU D 447 -35.33 -34.61 30.12
N HIS D 448 -34.46 -34.74 29.11
CA HIS D 448 -33.97 -36.05 28.72
C HIS D 448 -33.00 -36.64 29.74
N GLN D 449 -32.42 -35.80 30.60
CA GLN D 449 -31.52 -36.28 31.64
C GLN D 449 -32.25 -37.09 32.71
N HIS D 450 -33.57 -37.04 32.74
CA HIS D 450 -34.34 -37.89 33.65
C HIS D 450 -34.18 -39.36 33.25
N GLN D 451 -34.09 -40.22 34.27
CA GLN D 451 -33.84 -41.64 34.03
C GLN D 451 -35.02 -42.34 33.39
N SER D 452 -36.24 -41.89 33.68
CA SER D 452 -37.46 -42.52 33.18
C SER D 452 -38.05 -41.75 32.01
N VAL D 453 -37.19 -41.19 31.17
CA VAL D 453 -37.59 -40.44 29.98
C VAL D 453 -36.94 -41.10 28.77
N SER D 454 -37.76 -41.39 27.76
CA SER D 454 -37.26 -41.96 26.50
C SER D 454 -37.11 -40.91 25.41
N GLU D 455 -38.14 -40.09 25.21
CA GLU D 455 -38.11 -39.03 24.19
C GLU D 455 -38.83 -37.80 24.72
N VAL D 456 -38.29 -36.63 24.40
CA VAL D 456 -38.87 -35.35 24.80
C VAL D 456 -38.96 -34.46 23.58
N ALA D 457 -40.13 -33.84 23.39
CA ALA D 457 -40.33 -32.84 22.33
C ALA D 457 -41.02 -31.64 22.97
N VAL D 458 -40.33 -30.50 22.98
CA VAL D 458 -40.84 -29.27 23.58
C VAL D 458 -41.35 -28.37 22.47
N ILE D 459 -42.60 -27.92 22.61
CA ILE D 459 -43.21 -27.01 21.66
C ILE D 459 -43.77 -25.82 22.41
N GLY D 460 -43.89 -24.69 21.72
CA GLY D 460 -44.45 -23.49 22.31
C GLY D 460 -45.95 -23.43 22.18
N MET D 461 -46.66 -23.52 23.29
CA MET D 461 -48.10 -23.36 23.28
C MET D 461 -48.46 -21.90 23.50
N PRO D 462 -49.30 -21.31 22.65
CA PRO D 462 -49.70 -19.91 22.85
C PRO D 462 -50.42 -19.72 24.19
N HIS D 463 -50.20 -18.56 24.79
CA HIS D 463 -50.77 -18.23 26.08
C HIS D 463 -51.33 -16.82 26.03
N ASN D 464 -52.48 -16.61 26.68
CA ASN D 464 -53.11 -15.29 26.65
C ASN D 464 -52.30 -14.27 27.43
N LYS D 465 -51.62 -14.70 28.49
CA LYS D 465 -50.89 -13.78 29.36
C LYS D 465 -49.40 -13.78 29.07
N TRP D 466 -48.80 -14.96 28.90
CA TRP D 466 -47.36 -15.09 28.69
C TRP D 466 -46.95 -15.05 27.22
N GLY D 467 -47.90 -15.08 26.30
CA GLY D 467 -47.57 -15.16 24.89
C GLY D 467 -47.42 -16.59 24.43
N GLU D 468 -46.33 -17.24 24.85
CA GLU D 468 -46.12 -18.66 24.60
C GLU D 468 -45.63 -19.31 25.88
N VAL D 469 -46.07 -20.54 26.13
CA VAL D 469 -45.56 -21.33 27.24
C VAL D 469 -44.96 -22.61 26.67
N PRO D 470 -43.93 -23.18 27.28
CA PRO D 470 -43.35 -24.42 26.75
C PRO D 470 -44.18 -25.64 27.15
N LEU D 471 -44.40 -26.52 26.18
CA LEU D 471 -45.12 -27.77 26.38
C LEU D 471 -44.19 -28.91 26.02
N ALA D 472 -43.92 -29.78 26.99
CA ALA D 472 -43.04 -30.94 26.79
C ALA D 472 -43.91 -32.19 26.65
N LEU D 473 -43.83 -32.83 25.48
CA LEU D 473 -44.52 -34.09 25.24
C LEU D 473 -43.50 -35.21 25.41
N VAL D 474 -43.64 -35.94 26.52
CA VAL D 474 -42.64 -36.90 26.96
C VAL D 474 -43.17 -38.31 26.71
N THR D 475 -42.37 -39.13 26.03
CA THR D 475 -42.67 -40.54 25.86
C THR D 475 -41.92 -41.32 26.94
N LEU D 476 -42.66 -42.12 27.71
CA LEU D 476 -42.06 -42.86 28.81
C LEU D 476 -41.19 -44.00 28.28
N LYS D 477 -40.40 -44.57 29.18
CA LYS D 477 -39.50 -45.66 28.84
C LYS D 477 -40.31 -46.95 28.66
N GLU D 478 -39.60 -48.06 28.50
CA GLU D 478 -40.26 -49.34 28.21
C GLU D 478 -41.23 -49.73 29.32
N ASP D 479 -40.81 -49.57 30.57
CA ASP D 479 -41.67 -49.90 31.72
C ASP D 479 -41.53 -48.84 32.80
N ALA D 480 -41.54 -47.56 32.41
CA ALA D 480 -41.40 -46.47 33.36
C ALA D 480 -42.74 -45.83 33.65
N GLN D 481 -42.89 -45.32 34.87
CA GLN D 481 -44.09 -44.61 35.30
C GLN D 481 -43.66 -43.45 36.19
N VAL D 482 -43.60 -42.25 35.60
CA VAL D 482 -43.21 -41.03 36.30
C VAL D 482 -44.29 -39.99 36.07
N THR D 483 -44.76 -39.37 37.15
CA THR D 483 -45.81 -38.38 37.03
C THR D 483 -45.29 -37.11 36.35
N GLU D 484 -46.22 -36.31 35.83
CA GLU D 484 -45.85 -35.11 35.11
C GLU D 484 -45.25 -34.04 36.03
N LYS D 485 -45.80 -33.90 37.24
CA LYS D 485 -45.29 -32.88 38.15
C LYS D 485 -43.90 -33.19 38.67
N GLU D 486 -43.48 -34.46 38.64
CA GLU D 486 -42.12 -34.81 39.04
C GLU D 486 -41.09 -34.19 38.10
N LEU D 487 -41.39 -34.20 36.79
CA LEU D 487 -40.48 -33.58 35.82
C LEU D 487 -40.43 -32.06 36.00
N LEU D 488 -41.55 -31.45 36.37
CA LEU D 488 -41.55 -30.01 36.63
C LEU D 488 -40.64 -29.66 37.80
N GLY D 489 -40.70 -30.45 38.88
CA GLY D 489 -39.77 -30.26 39.97
C GLY D 489 -38.34 -30.60 39.59
N PHE D 490 -38.15 -31.59 38.71
CA PHE D 490 -36.82 -31.94 38.23
C PHE D 490 -36.20 -30.77 37.48
N ALA D 491 -36.97 -30.11 36.61
CA ALA D 491 -36.46 -28.98 35.86
C ALA D 491 -36.28 -27.75 36.74
N LYS D 492 -37.06 -27.65 37.82
CA LYS D 492 -36.95 -26.50 38.71
C LYS D 492 -35.57 -26.45 39.38
N ASP D 493 -34.99 -27.63 39.67
CA ASP D 493 -33.68 -27.67 40.30
C ASP D 493 -32.62 -27.06 39.40
N PHE D 494 -32.74 -27.24 38.08
CA PHE D 494 -31.83 -26.59 37.15
C PHE D 494 -31.98 -25.07 37.22
N ILE D 495 -33.21 -24.60 37.43
CA ILE D 495 -33.43 -23.17 37.56
C ILE D 495 -32.82 -22.65 38.86
N ASN D 496 -32.96 -23.41 39.95
CA ASN D 496 -32.42 -22.98 41.23
C ASN D 496 -30.90 -22.91 41.20
N LYS D 497 -30.26 -23.69 40.35
CA LYS D 497 -28.82 -23.63 40.18
C LYS D 497 -28.37 -22.55 39.22
N GLY D 498 -29.31 -21.85 38.58
CA GLY D 498 -28.96 -20.81 37.64
C GLY D 498 -28.56 -21.28 36.27
N ILE D 499 -28.83 -22.53 35.92
CA ILE D 499 -28.46 -23.06 34.61
C ILE D 499 -29.58 -22.89 33.60
N LEU D 500 -30.80 -23.19 33.99
CA LEU D 500 -31.98 -23.04 33.14
C LEU D 500 -32.69 -21.73 33.46
N ALA D 501 -33.34 -21.18 32.43
CA ALA D 501 -34.01 -19.89 32.56
C ALA D 501 -35.19 -19.98 33.51
N ARG D 502 -35.44 -18.86 34.20
CA ARG D 502 -36.56 -18.79 35.14
C ARG D 502 -37.90 -18.99 34.44
N GLU D 503 -37.97 -18.67 33.15
CA GLU D 503 -39.22 -18.73 32.40
C GLU D 503 -39.67 -20.17 32.14
N ALA D 504 -38.81 -21.16 32.39
CA ALA D 504 -39.20 -22.55 32.27
C ALA D 504 -40.06 -23.02 33.44
N LEU D 505 -40.25 -22.18 34.46
CA LEU D 505 -41.15 -22.51 35.55
C LEU D 505 -42.59 -22.69 35.07
N LEU D 506 -42.93 -22.17 33.89
CA LEU D 506 -44.26 -22.30 33.30
C LEU D 506 -44.33 -23.46 32.33
N LEU D 507 -43.36 -24.37 32.35
CA LEU D 507 -43.38 -25.54 31.49
C LEU D 507 -44.54 -26.47 31.86
N LYS D 508 -45.19 -27.02 30.84
CA LYS D 508 -46.23 -28.02 31.02
C LYS D 508 -45.76 -29.33 30.41
N VAL D 509 -45.86 -30.41 31.19
CA VAL D 509 -45.46 -31.74 30.75
C VAL D 509 -46.71 -32.53 30.42
N LYS D 510 -46.79 -33.03 29.18
CA LYS D 510 -47.89 -33.85 28.72
C LYS D 510 -47.32 -35.20 28.29
N ILE D 511 -47.58 -36.24 29.09
CA ILE D 511 -47.08 -37.56 28.78
C ILE D 511 -47.88 -38.13 27.60
N VAL D 512 -47.19 -38.57 26.57
CA VAL D 512 -47.81 -39.07 25.36
C VAL D 512 -47.20 -40.43 25.02
N ASP D 513 -48.01 -41.30 24.40
CA ASP D 513 -47.54 -42.65 24.09
C ASP D 513 -46.51 -42.65 22.96
N GLU D 514 -46.62 -41.71 22.02
CA GLU D 514 -45.69 -41.65 20.91
C GLU D 514 -45.49 -40.19 20.50
N ILE D 515 -44.39 -39.95 19.79
CA ILE D 515 -44.07 -38.62 19.25
C ILE D 515 -44.01 -38.74 17.74
N ALA D 516 -44.82 -37.95 17.05
CA ALA D 516 -44.88 -38.01 15.60
C ALA D 516 -43.55 -37.58 14.99
N LYS D 517 -43.09 -38.33 14.00
CA LYS D 517 -41.82 -38.07 13.34
C LYS D 517 -42.02 -37.98 11.83
N THR D 518 -40.91 -37.85 11.11
CA THR D 518 -40.92 -37.73 9.66
C THR D 518 -40.34 -39.00 9.03
N SER D 519 -40.41 -39.04 7.69
CA SER D 519 -39.84 -40.17 6.97
C SER D 519 -38.33 -40.26 7.15
N VAL D 520 -37.67 -39.11 7.39
CA VAL D 520 -36.23 -39.10 7.59
C VAL D 520 -35.86 -39.50 9.02
N GLY D 521 -36.84 -39.54 9.92
CA GLY D 521 -36.60 -39.87 11.31
C GLY D 521 -36.59 -38.69 12.25
N LYS D 522 -36.58 -37.47 11.74
CA LYS D 522 -36.58 -36.29 12.58
C LYS D 522 -37.96 -36.09 13.21
N VAL D 523 -37.98 -35.37 14.33
CA VAL D 523 -39.24 -35.03 14.99
C VAL D 523 -39.99 -34.00 14.15
N ASP D 524 -41.26 -34.25 13.90
CA ASP D 524 -42.10 -33.36 13.10
C ASP D 524 -42.84 -32.42 14.04
N LYS D 525 -42.20 -31.31 14.41
CA LYS D 525 -42.83 -30.36 15.31
C LYS D 525 -43.97 -29.61 14.64
N LYS D 526 -43.91 -29.42 13.32
CA LYS D 526 -45.00 -28.76 12.61
C LYS D 526 -46.28 -29.57 12.71
N GLU D 527 -46.19 -30.88 12.50
CA GLU D 527 -47.34 -31.76 12.71
C GLU D 527 -47.62 -31.98 14.19
N LEU D 528 -46.60 -31.84 15.04
CA LEU D 528 -46.78 -32.10 16.46
C LEU D 528 -47.66 -31.05 17.11
N ARG D 529 -47.56 -29.80 16.68
CA ARG D 529 -48.35 -28.73 17.27
C ARG D 529 -49.83 -28.87 16.93
N LYS D 530 -50.14 -29.44 15.75
CA LYS D 530 -51.54 -29.66 15.40
C LYS D 530 -52.20 -30.66 16.34
N LEU D 531 -51.49 -31.74 16.67
CA LEU D 531 -52.07 -32.76 17.55
C LEU D 531 -52.27 -32.23 18.95
N HIS D 532 -51.32 -31.45 19.46
CA HIS D 532 -51.41 -30.91 20.81
C HIS D 532 -51.31 -29.39 20.81
N ASN E 6 1.54 2.43 -20.24
CA ASN E 6 1.97 3.48 -21.16
C ASN E 6 0.89 4.54 -21.38
N ASP E 7 1.02 5.67 -20.70
CA ASP E 7 0.16 6.81 -20.91
C ASP E 7 0.68 7.61 -22.10
N PRO E 8 -0.12 7.79 -23.17
CA PRO E 8 0.41 8.48 -24.36
C PRO E 8 0.87 9.90 -24.09
N SER E 9 0.22 10.63 -23.19
CA SER E 9 0.67 11.98 -22.88
C SER E 9 1.92 11.98 -22.01
N ASN E 10 2.17 10.89 -21.30
CA ASN E 10 3.36 10.75 -20.46
C ASN E 10 4.52 10.32 -21.35
N TYR E 11 5.18 11.31 -21.96
CA TYR E 11 6.25 11.05 -22.90
C TYR E 11 7.46 10.42 -22.18
N GLN E 12 8.02 9.40 -22.81
CA GLN E 12 9.21 8.74 -22.30
C GLN E 12 10.38 9.05 -23.22
N LEU E 13 11.49 9.46 -22.65
CA LEU E 13 12.72 9.72 -23.40
C LEU E 13 13.36 8.39 -23.74
N LEU E 14 13.11 7.91 -24.94
CA LEU E 14 13.57 6.60 -25.39
C LEU E 14 14.53 6.76 -26.56
N ILE E 15 15.47 5.82 -26.65
CA ILE E 15 16.46 5.85 -27.73
C ILE E 15 15.78 5.70 -29.09
N LYS E 16 14.63 5.03 -29.14
CA LYS E 16 13.86 4.97 -30.37
C LYS E 16 13.39 6.33 -30.84
N ASN E 17 13.25 7.29 -29.93
CA ASN E 17 12.89 8.65 -30.32
C ASN E 17 14.08 9.38 -30.94
N LEU E 18 15.31 9.01 -30.53
CA LEU E 18 16.48 9.57 -31.20
C LEU E 18 16.54 9.15 -32.66
N LEU E 19 16.08 7.94 -32.97
CA LEU E 19 16.15 7.38 -34.31
C LEU E 19 14.99 7.84 -35.19
N PHE E 20 13.77 7.71 -34.70
CA PHE E 20 12.58 7.99 -35.50
C PHE E 20 12.03 9.39 -35.31
N SER E 21 12.54 10.14 -34.34
CA SER E 21 12.21 11.56 -34.18
C SER E 21 13.49 12.37 -34.09
N PRO E 22 14.33 12.32 -35.13
CA PRO E 22 15.62 13.01 -35.04
C PRO E 22 15.54 14.49 -35.38
N VAL E 23 16.65 15.19 -35.21
CA VAL E 23 16.73 16.58 -35.67
C VAL E 23 16.55 16.64 -37.17
N ALA E 24 17.19 15.72 -37.89
CA ALA E 24 17.08 15.65 -39.34
C ALA E 24 17.17 14.20 -39.77
N PHE E 25 16.41 13.85 -40.80
CA PHE E 25 16.48 12.52 -41.39
C PHE E 25 16.48 12.65 -42.92
N ASN E 26 17.60 12.32 -43.53
CA ASN E 26 17.68 12.16 -44.98
C ASN E 26 17.72 10.68 -45.28
N PRO E 27 16.68 10.10 -45.88
CA PRO E 27 16.69 8.66 -46.14
C PRO E 27 17.78 8.22 -47.10
N GLU E 28 18.32 9.13 -47.91
CA GLU E 28 19.38 8.81 -48.85
C GLU E 28 20.76 9.18 -48.34
N GLN E 29 20.86 9.72 -47.13
CA GLN E 29 22.17 9.93 -46.52
C GLN E 29 22.80 8.59 -46.18
N GLU E 30 24.12 8.52 -46.30
CA GLU E 30 24.83 7.25 -46.25
C GLU E 30 25.43 6.97 -44.88
N ILE E 31 25.41 5.70 -44.50
CA ILE E 31 26.28 5.16 -43.46
C ILE E 31 27.37 4.37 -44.16
N VAL E 32 28.62 4.77 -43.96
CA VAL E 32 29.77 4.18 -44.65
C VAL E 32 30.59 3.41 -43.63
N TYR E 33 30.87 2.15 -43.95
CA TYR E 33 31.75 1.32 -43.12
C TYR E 33 33.05 1.13 -43.88
N ALA E 34 34.00 2.05 -43.67
CA ALA E 34 35.32 2.01 -44.27
C ALA E 34 35.24 1.78 -45.78
N ASN E 35 35.75 0.65 -46.25
CA ASN E 35 35.63 0.25 -47.64
C ASN E 35 34.89 -1.08 -47.79
N HIS E 36 34.24 -1.54 -46.72
CA HIS E 36 33.53 -2.81 -46.73
C HIS E 36 32.08 -2.66 -47.18
N ARG E 37 31.38 -1.67 -46.64
CA ARG E 37 29.94 -1.56 -46.86
C ARG E 37 29.55 -0.09 -46.94
N ARG E 38 28.42 0.16 -47.59
CA ARG E 38 27.90 1.50 -47.75
C ARG E 38 26.41 1.39 -48.05
N HIS E 39 25.58 1.99 -47.21
CA HIS E 39 24.14 1.98 -47.42
C HIS E 39 23.55 3.29 -46.93
N SER E 40 22.26 3.47 -47.14
CA SER E 40 21.57 4.71 -46.81
C SER E 40 21.02 4.66 -45.39
N TYR E 41 20.54 5.82 -44.93
CA TYR E 41 19.88 5.90 -43.63
C TYR E 41 18.60 5.09 -43.62
N LYS E 42 17.89 5.07 -44.76
CA LYS E 42 16.68 4.26 -44.89
C LYS E 42 17.00 2.78 -44.73
N THR E 43 18.12 2.33 -45.31
CA THR E 43 18.58 0.96 -45.08
C THR E 43 18.97 0.75 -43.62
N PHE E 44 19.63 1.74 -43.01
CA PHE E 44 20.03 1.63 -41.61
C PHE E 44 18.82 1.46 -40.70
N HIS E 45 17.73 2.17 -40.98
CA HIS E 45 16.51 1.97 -40.21
C HIS E 45 15.92 0.59 -40.47
N ASP E 46 16.03 0.10 -41.70
CA ASP E 46 15.58 -1.26 -42.00
C ASP E 46 16.40 -2.29 -41.24
N ARG E 47 17.72 -2.11 -41.20
CA ARG E 47 18.58 -3.08 -40.55
C ARG E 47 18.42 -3.07 -39.03
N VAL E 48 18.01 -1.92 -38.46
CA VAL E 48 17.70 -1.89 -37.04
C VAL E 48 16.46 -2.71 -36.75
N ARG E 49 15.44 -2.60 -37.60
CA ARG E 49 14.24 -3.40 -37.41
C ARG E 49 14.50 -4.88 -37.70
N GLN E 50 15.33 -5.17 -38.69
CA GLN E 50 15.73 -6.56 -38.95
C GLN E 50 16.49 -7.13 -37.76
N PHE E 51 17.41 -6.34 -37.19
CA PHE E 51 18.13 -6.78 -36.01
C PHE E 51 17.19 -6.98 -34.83
N ALA E 52 16.23 -6.07 -34.66
CA ALA E 52 15.23 -6.24 -33.60
C ALA E 52 14.42 -7.52 -33.80
N ASN E 53 14.06 -7.83 -35.05
CA ASN E 53 13.40 -9.09 -35.35
C ASN E 53 14.31 -10.28 -35.04
N ALA E 54 15.57 -10.20 -35.45
CA ALA E 54 16.51 -11.29 -35.19
C ALA E 54 16.76 -11.47 -33.70
N LEU E 55 16.85 -10.37 -32.95
CA LEU E 55 17.02 -10.47 -31.50
C LEU E 55 15.80 -11.11 -30.84
N THR E 56 14.60 -10.75 -31.31
CA THR E 56 13.39 -11.37 -30.78
C THR E 56 13.36 -12.86 -31.07
N LYS E 57 13.78 -13.26 -32.26
CA LYS E 57 13.84 -14.67 -32.60
C LYS E 57 14.85 -15.42 -31.75
N MET E 58 16.00 -14.80 -31.48
CA MET E 58 16.99 -15.41 -30.59
C MET E 58 16.57 -15.41 -29.14
N GLY E 59 15.35 -14.97 -28.83
CA GLY E 59 14.88 -14.98 -27.46
C GLY E 59 15.41 -13.88 -26.57
N VAL E 60 15.87 -12.77 -27.15
CA VAL E 60 16.25 -11.63 -26.34
C VAL E 60 14.97 -10.91 -25.90
N LYS E 61 14.77 -10.81 -24.60
CA LYS E 61 13.64 -10.11 -24.01
C LYS E 61 14.12 -8.82 -23.36
N LYS E 62 13.16 -8.00 -22.96
CA LYS E 62 13.48 -6.80 -22.20
C LYS E 62 14.18 -7.19 -20.91
N GLY E 63 15.29 -6.51 -20.61
CA GLY E 63 16.11 -6.83 -19.47
C GLY E 63 17.26 -7.77 -19.75
N ASP E 64 17.31 -8.38 -20.94
CA ASP E 64 18.43 -9.22 -21.30
C ASP E 64 19.64 -8.37 -21.66
N THR E 65 20.82 -8.99 -21.59
CA THR E 65 22.07 -8.34 -21.93
C THR E 65 22.62 -8.94 -23.21
N VAL E 66 22.85 -8.11 -24.21
CA VAL E 66 23.55 -8.49 -25.43
C VAL E 66 24.90 -7.80 -25.42
N ALA E 67 25.96 -8.59 -25.46
CA ALA E 67 27.32 -8.08 -25.44
C ALA E 67 27.86 -7.98 -26.86
N VAL E 68 28.68 -6.96 -27.11
CA VAL E 68 29.24 -6.70 -28.42
C VAL E 68 30.75 -6.60 -28.29
N MET E 69 31.47 -7.37 -29.10
CA MET E 69 32.92 -7.32 -29.21
C MET E 69 33.23 -7.06 -30.67
N ASP E 70 33.35 -5.78 -31.02
CA ASP E 70 33.40 -5.39 -32.42
C ASP E 70 34.24 -4.14 -32.56
N TYR E 71 34.66 -3.87 -33.80
CA TYR E 71 35.31 -2.62 -34.15
C TYR E 71 34.25 -1.55 -34.42
N ASP E 72 34.72 -0.35 -34.77
CA ASP E 72 33.85 0.76 -35.14
C ASP E 72 33.23 0.51 -36.50
N SER E 73 32.00 -0.01 -36.53
CA SER E 73 31.38 -0.43 -37.77
C SER E 73 29.93 0.03 -37.80
N HIS E 74 29.26 -0.26 -38.92
CA HIS E 74 27.82 -0.08 -39.02
C HIS E 74 27.06 -1.03 -38.10
N ARG E 75 27.59 -2.25 -37.90
CA ARG E 75 26.94 -3.20 -37.01
C ARG E 75 26.87 -2.67 -35.59
N TYR E 76 27.95 -2.04 -35.13
CA TYR E 76 27.96 -1.43 -33.80
C TYR E 76 26.92 -0.31 -33.70
N LEU E 77 26.79 0.49 -34.76
CA LEU E 77 25.79 1.56 -34.74
C LEU E 77 24.38 0.99 -34.65
N GLU E 78 24.12 -0.09 -35.38
CA GLU E 78 22.83 -0.78 -35.26
C GLU E 78 22.65 -1.37 -33.87
N CYS E 79 23.74 -1.86 -33.27
CA CYS E 79 23.67 -2.34 -31.89
C CYS E 79 23.35 -1.22 -30.92
N TYR E 80 23.82 0.00 -31.19
CA TYR E 80 23.51 1.13 -30.33
C TYR E 80 22.02 1.39 -30.24
N PHE E 81 21.29 1.09 -31.30
CA PHE E 81 19.86 1.37 -31.35
C PHE E 81 19.03 0.12 -31.10
N ALA E 82 19.23 -0.93 -31.90
CA ALA E 82 18.30 -2.06 -31.89
C ALA E 82 18.25 -2.75 -30.53
N ILE E 83 19.41 -2.97 -29.89
CA ILE E 83 19.41 -3.66 -28.61
C ILE E 83 18.70 -2.87 -27.52
N PRO E 84 19.04 -1.60 -27.25
CA PRO E 84 18.25 -0.86 -26.24
C PRO E 84 16.80 -0.65 -26.65
N MET E 85 16.53 -0.63 -27.95
CA MET E 85 15.20 -0.24 -28.42
C MET E 85 14.17 -1.34 -28.23
N ILE E 86 14.61 -2.58 -28.04
CA ILE E 86 13.69 -3.67 -27.70
C ILE E 86 13.66 -3.83 -26.19
N GLY E 87 14.32 -2.93 -25.48
CA GLY E 87 14.37 -2.99 -24.04
C GLY E 87 15.49 -3.83 -23.47
N ALA E 88 16.41 -4.30 -24.29
CA ALA E 88 17.54 -5.08 -23.83
C ALA E 88 18.69 -4.18 -23.42
N LYS E 89 19.63 -4.76 -22.69
CA LYS E 89 20.81 -4.06 -22.20
C LYS E 89 21.96 -4.32 -23.16
N LEU E 90 22.54 -3.26 -23.69
CA LEU E 90 23.71 -3.37 -24.55
C LEU E 90 24.96 -3.29 -23.68
N HIS E 91 25.78 -4.32 -23.73
CA HIS E 91 27.04 -4.35 -23.00
C HIS E 91 28.18 -4.19 -24.00
N MET E 92 28.87 -3.05 -23.93
CA MET E 92 30.02 -2.79 -24.78
C MET E 92 31.26 -3.35 -24.10
N ILE E 93 31.79 -4.44 -24.64
CA ILE E 93 32.97 -5.06 -24.07
C ILE E 93 34.21 -4.32 -24.54
N ASN E 94 35.00 -3.84 -23.59
CA ASN E 94 36.28 -3.21 -23.89
C ASN E 94 37.27 -4.30 -24.30
N VAL E 95 37.48 -4.44 -25.61
CA VAL E 95 38.36 -5.49 -26.12
C VAL E 95 39.83 -5.20 -25.88
N ARG E 96 40.16 -4.00 -25.40
CA ARG E 96 41.54 -3.68 -25.06
C ARG E 96 41.91 -4.08 -23.65
N LEU E 97 40.96 -4.56 -22.85
CA LEU E 97 41.30 -5.09 -21.54
C LEU E 97 41.95 -6.46 -21.68
N SER E 98 42.60 -6.89 -20.61
CA SER E 98 43.16 -8.23 -20.60
C SER E 98 42.03 -9.25 -20.64
N PRO E 99 42.29 -10.45 -21.17
CA PRO E 99 41.22 -11.46 -21.24
C PRO E 99 40.62 -11.80 -19.88
N GLU E 100 41.41 -11.79 -18.81
CA GLU E 100 40.86 -12.03 -17.48
C GLU E 100 39.88 -10.94 -17.07
N GLN E 101 40.22 -9.69 -17.37
CA GLN E 101 39.29 -8.58 -17.10
C GLN E 101 38.04 -8.71 -17.95
N ILE E 102 38.21 -9.06 -19.23
CA ILE E 102 37.06 -9.24 -20.11
C ILE E 102 36.16 -10.36 -19.61
N LEU E 103 36.75 -11.46 -19.16
CA LEU E 103 35.98 -12.56 -18.61
C LEU E 103 35.17 -12.10 -17.39
N TYR E 104 35.78 -11.28 -16.54
CA TYR E 104 35.07 -10.78 -15.37
C TYR E 104 33.83 -9.98 -15.77
N THR E 105 33.97 -9.07 -16.74
CA THR E 105 32.85 -8.21 -17.10
C THR E 105 31.75 -8.99 -17.79
N ILE E 106 32.10 -10.04 -18.54
CA ILE E 106 31.08 -10.87 -19.17
C ILE E 106 30.28 -11.64 -18.13
N ASP E 107 30.96 -12.20 -17.13
CA ASP E 107 30.27 -12.95 -16.08
C ASP E 107 29.54 -12.02 -15.12
N HIS E 108 30.15 -10.87 -14.80
CA HIS E 108 29.50 -9.89 -13.94
C HIS E 108 28.23 -9.34 -14.58
N ALA E 109 28.28 -9.02 -15.88
CA ALA E 109 27.12 -8.48 -16.57
C ALA E 109 26.12 -9.56 -16.95
N GLU E 110 26.52 -10.83 -16.93
CA GLU E 110 25.66 -11.95 -17.30
C GLU E 110 25.07 -11.77 -18.70
N ASP E 111 25.97 -11.67 -19.67
CA ASP E 111 25.55 -11.51 -21.06
C ASP E 111 24.86 -12.77 -21.55
N ASP E 112 23.77 -12.64 -22.26
CA ASP E 112 23.08 -13.77 -22.85
C ASP E 112 23.65 -14.08 -24.21
N ILE E 113 23.87 -13.06 -25.01
CA ILE E 113 24.37 -13.26 -26.36
C ILE E 113 25.55 -12.33 -26.57
N ILE E 114 26.59 -12.84 -27.22
CA ILE E 114 27.79 -12.07 -27.52
C ILE E 114 27.92 -11.95 -29.03
N LEU E 115 27.93 -10.72 -29.52
CA LEU E 115 28.27 -10.43 -30.92
C LEU E 115 29.75 -10.10 -30.94
N ILE E 116 30.56 -11.03 -31.41
CA ILE E 116 32.01 -10.91 -31.35
C ILE E 116 32.54 -10.93 -32.79
N HIS E 117 33.46 -10.03 -33.08
CA HIS E 117 34.16 -10.07 -34.36
C HIS E 117 35.11 -11.26 -34.40
N GLU E 118 35.36 -11.77 -35.61
CA GLU E 118 36.22 -12.93 -35.77
C GLU E 118 37.64 -12.66 -35.27
N GLU E 119 38.11 -11.42 -35.38
CA GLU E 119 39.46 -11.09 -34.94
C GLU E 119 39.60 -11.11 -33.43
N PHE E 120 38.49 -11.06 -32.69
CA PHE E 120 38.54 -11.14 -31.24
C PHE E 120 38.31 -12.55 -30.72
N LEU E 121 38.07 -13.51 -31.62
CA LEU E 121 37.92 -14.90 -31.19
C LEU E 121 39.13 -15.43 -30.41
N PRO E 122 40.38 -15.11 -30.75
CA PRO E 122 41.49 -15.56 -29.89
C PRO E 122 41.36 -15.12 -28.44
N ILE E 123 40.79 -13.95 -28.18
CA ILE E 123 40.50 -13.55 -26.80
C ILE E 123 39.48 -14.51 -26.19
N LEU E 124 38.46 -14.89 -26.97
CA LEU E 124 37.41 -15.76 -26.45
C LEU E 124 37.96 -17.12 -26.05
N ASP E 125 38.85 -17.69 -26.87
CA ASP E 125 39.38 -19.02 -26.59
C ASP E 125 40.18 -19.07 -25.29
N GLN E 126 40.66 -17.92 -24.82
CA GLN E 126 41.35 -17.88 -23.54
C GLN E 126 40.41 -17.95 -22.34
N ILE E 127 39.14 -17.55 -22.51
CA ILE E 127 38.24 -17.37 -21.39
C ILE E 127 36.92 -18.07 -21.64
N LYS E 128 36.81 -18.80 -22.76
CA LYS E 128 35.54 -19.40 -23.15
C LYS E 128 35.06 -20.41 -22.10
N GLY E 129 35.98 -21.18 -21.52
CA GLY E 129 35.59 -22.20 -20.57
C GLY E 129 35.00 -21.66 -19.29
N ARG E 130 35.36 -20.43 -18.92
CA ARG E 130 34.88 -19.82 -17.69
C ARG E 130 33.70 -18.89 -17.92
N ILE E 131 33.12 -18.89 -19.12
CA ILE E 131 31.92 -18.11 -19.42
C ILE E 131 30.72 -19.03 -19.25
N ASP E 132 29.78 -18.63 -18.39
CA ASP E 132 28.65 -19.48 -18.07
C ASP E 132 27.28 -18.92 -18.46
N THR E 133 27.16 -17.61 -18.67
CA THR E 133 25.87 -17.01 -18.95
C THR E 133 25.53 -16.95 -20.43
N VAL E 134 26.52 -17.01 -21.31
CA VAL E 134 26.29 -16.79 -22.74
C VAL E 134 25.78 -18.08 -23.37
N THR E 135 24.65 -17.98 -24.07
CA THR E 135 24.07 -19.12 -24.75
C THR E 135 24.32 -19.12 -26.25
N ARG E 136 24.68 -17.97 -26.83
CA ARG E 136 24.88 -17.88 -28.27
C ARG E 136 25.99 -16.88 -28.56
N TYR E 137 26.88 -17.25 -29.48
CA TYR E 137 27.90 -16.36 -30.01
C TYR E 137 27.60 -16.10 -31.48
N VAL E 138 27.45 -14.83 -31.83
CA VAL E 138 27.31 -14.42 -33.22
C VAL E 138 28.64 -13.84 -33.66
N VAL E 139 29.26 -14.49 -34.64
CA VAL E 139 30.57 -14.07 -35.13
C VAL E 139 30.38 -13.02 -36.20
N LEU E 140 31.12 -11.92 -36.09
CA LEU E 140 31.00 -10.80 -37.01
C LEU E 140 32.17 -10.82 -37.97
N ARG E 141 31.87 -10.65 -39.25
CA ARG E 141 32.88 -10.65 -40.30
C ARG E 141 32.63 -9.47 -41.22
N ASP E 142 33.71 -8.95 -41.80
CA ASP E 142 33.62 -7.81 -42.70
C ASP E 142 33.25 -8.20 -44.12
N ASP E 143 33.11 -9.50 -44.39
CA ASP E 143 32.72 -10.00 -45.69
C ASP E 143 31.27 -10.50 -45.63
N GLU E 144 30.86 -11.16 -46.72
CA GLU E 144 29.50 -11.68 -46.82
C GLU E 144 29.22 -12.86 -45.91
N GLU E 145 30.25 -13.46 -45.31
CA GLU E 145 30.08 -14.63 -44.46
C GLU E 145 29.79 -14.27 -43.01
N CYS E 146 29.34 -13.04 -42.75
CA CYS E 146 29.07 -12.60 -41.39
C CYS E 146 27.81 -13.27 -40.85
N GLU E 147 27.90 -13.79 -39.63
CA GLU E 147 26.74 -14.39 -38.99
C GLU E 147 25.70 -13.34 -38.64
N TYR E 148 26.14 -12.12 -38.29
CA TYR E 148 25.21 -11.02 -38.04
C TYR E 148 24.46 -10.65 -39.30
N GLU E 149 25.16 -10.58 -40.44
CA GLU E 149 24.49 -10.23 -41.69
C GLU E 149 23.50 -11.31 -42.12
N ARG E 150 23.84 -12.58 -41.87
CA ARG E 150 22.92 -13.65 -42.21
C ARG E 150 21.70 -13.67 -41.30
N LEU E 151 21.89 -13.35 -40.01
CA LEU E 151 20.75 -13.25 -39.11
C LEU E 151 19.80 -12.14 -39.53
N LEU E 152 20.33 -11.03 -40.02
CA LEU E 152 19.50 -9.91 -40.44
C LEU E 152 18.75 -10.21 -41.73
N GLU E 153 19.38 -10.94 -42.65
CA GLU E 153 18.75 -11.22 -43.94
C GLU E 153 17.48 -12.06 -43.78
N GLN E 154 17.42 -12.89 -42.74
CA GLN E 154 16.27 -13.76 -42.49
C GLN E 154 15.12 -13.07 -41.77
N GLU E 155 15.09 -11.74 -41.72
CA GLU E 155 14.10 -11.01 -40.95
C GLU E 155 13.44 -9.94 -41.80
N SER E 156 12.23 -9.56 -41.41
CA SER E 156 11.53 -8.47 -42.06
C SER E 156 12.06 -7.13 -41.56
N THR E 157 11.91 -6.11 -42.41
CA THR E 157 12.28 -4.74 -42.08
C THR E 157 11.17 -4.03 -41.32
N GLU E 158 10.22 -4.77 -40.73
CA GLU E 158 9.11 -4.20 -39.99
C GLU E 158 9.19 -4.64 -38.55
N TYR E 159 9.09 -3.69 -37.64
CA TYR E 159 9.13 -3.98 -36.21
C TYR E 159 8.46 -2.84 -35.46
N ASN E 160 7.61 -3.18 -34.50
CA ASN E 160 6.98 -2.20 -33.63
C ASN E 160 7.77 -2.17 -32.33
N PHE E 161 8.51 -1.10 -32.13
CA PHE E 161 9.39 -1.01 -30.97
C PHE E 161 8.61 -0.65 -29.72
N PRO E 162 8.86 -1.32 -28.60
CA PRO E 162 8.04 -1.12 -27.40
C PRO E 162 8.23 0.27 -26.80
N ASP E 163 7.17 0.70 -26.12
CA ASP E 163 7.22 1.83 -25.20
C ASP E 163 7.44 1.27 -23.80
N PHE E 164 8.48 1.72 -23.13
CA PHE E 164 8.70 1.36 -21.73
C PHE E 164 9.08 2.61 -20.96
N ASP E 165 9.36 2.43 -19.68
CA ASP E 165 9.86 3.50 -18.84
C ASP E 165 11.20 4.01 -19.37
N GLU E 166 11.36 5.33 -19.37
CA GLU E 166 12.62 5.93 -19.80
C GLU E 166 13.78 5.60 -18.88
N ASN E 167 13.51 5.09 -17.68
CA ASN E 167 14.54 4.67 -16.74
C ASN E 167 14.98 3.24 -16.95
N THR E 168 14.47 2.58 -17.98
CA THR E 168 15.02 1.29 -18.39
C THR E 168 16.50 1.46 -18.74
N VAL E 169 17.33 0.59 -18.18
CA VAL E 169 18.75 0.62 -18.50
C VAL E 169 18.95 0.22 -19.95
N ALA E 170 19.66 1.06 -20.69
CA ALA E 170 19.90 0.85 -22.11
C ALA E 170 21.29 0.30 -22.41
N THR E 171 22.32 0.79 -21.71
CA THR E 171 23.70 0.45 -22.01
C THR E 171 24.45 0.17 -20.71
N THR E 172 25.33 -0.82 -20.75
CA THR E 172 26.27 -1.09 -19.68
C THR E 172 27.66 -1.26 -20.27
N PHE E 173 28.66 -0.89 -19.48
CA PHE E 173 30.05 -1.19 -19.81
C PHE E 173 30.86 -1.04 -18.54
N TYR E 174 32.09 -1.53 -18.59
CA TYR E 174 32.93 -1.62 -17.40
C TYR E 174 34.15 -0.75 -17.57
N THR E 175 34.42 0.06 -16.55
CA THR E 175 35.60 0.89 -16.51
C THR E 175 36.62 0.27 -15.55
N THR E 176 37.88 0.29 -15.96
CA THR E 176 38.97 -0.14 -15.10
C THR E 176 39.67 1.04 -14.44
N GLY E 177 39.06 2.22 -14.46
CA GLY E 177 39.64 3.42 -13.89
C GLY E 177 39.66 3.47 -12.39
N THR E 178 39.14 2.46 -11.72
CA THR E 178 39.16 2.38 -10.26
C THR E 178 40.05 1.22 -9.84
N THR E 179 40.29 1.14 -8.54
CA THR E 179 41.03 0.02 -7.98
C THR E 179 40.14 -1.22 -7.90
N GLY E 180 40.78 -2.38 -7.84
CA GLY E 180 40.05 -3.63 -7.76
C GLY E 180 39.60 -4.16 -9.09
N PHE E 181 38.40 -4.71 -9.13
CA PHE E 181 37.85 -5.28 -10.35
C PHE E 181 37.20 -4.20 -11.20
N PRO E 182 37.01 -4.45 -12.50
CA PRO E 182 36.29 -3.48 -13.33
C PRO E 182 34.90 -3.20 -12.78
N LYS E 183 34.52 -1.93 -12.80
CA LYS E 183 33.25 -1.48 -12.25
C LYS E 183 32.25 -1.25 -13.38
N GLY E 184 31.05 -1.77 -13.20
CA GLY E 184 30.00 -1.62 -14.19
C GLY E 184 29.21 -0.35 -14.04
N VAL E 185 29.27 0.50 -15.06
CA VAL E 185 28.44 1.70 -15.14
C VAL E 185 27.35 1.44 -16.16
N PHE E 186 26.17 1.96 -15.88
CA PHE E 186 25.02 1.74 -16.71
C PHE E 186 24.32 3.07 -16.95
N PHE E 187 23.58 3.14 -18.05
CA PHE E 187 22.87 4.36 -18.41
C PHE E 187 21.51 3.98 -18.95
N THR E 188 20.51 4.80 -18.63
CA THR E 188 19.15 4.54 -19.04
C THR E 188 18.88 5.20 -20.39
N HIS E 189 17.70 4.92 -20.94
CA HIS E 189 17.29 5.58 -22.18
C HIS E 189 17.19 7.08 -21.98
N ARG E 190 16.60 7.51 -20.87
CA ARG E 190 16.46 8.94 -20.61
C ARG E 190 17.81 9.62 -20.53
N GLN E 191 18.77 8.99 -19.84
CA GLN E 191 20.10 9.59 -19.70
C GLN E 191 20.79 9.73 -21.04
N LEU E 192 20.69 8.71 -21.90
CA LEU E 192 21.33 8.76 -23.20
C LEU E 192 20.66 9.79 -24.10
N VAL E 193 19.34 9.90 -24.03
CA VAL E 193 18.63 10.90 -24.83
C VAL E 193 19.01 12.31 -24.36
N LEU E 194 19.08 12.51 -23.05
CA LEU E 194 19.45 13.83 -22.51
C LEU E 194 20.90 14.16 -22.83
N HIS E 195 21.78 13.16 -22.81
CA HIS E 195 23.17 13.39 -23.17
C HIS E 195 23.28 13.82 -24.64
N THR E 196 22.46 13.22 -25.51
CA THR E 196 22.46 13.62 -26.91
C THR E 196 21.98 15.06 -27.08
N MET E 197 20.82 15.40 -26.52
CA MET E 197 20.31 16.76 -26.65
C MET E 197 21.17 17.75 -25.88
N GLY E 198 21.65 17.37 -24.70
CA GLY E 198 22.45 18.28 -23.90
C GLY E 198 23.71 18.72 -24.60
N ILE E 199 24.43 17.78 -25.21
CA ILE E 199 25.68 18.15 -25.87
C ILE E 199 25.43 18.75 -27.25
N LEU E 200 24.36 18.33 -27.93
CA LEU E 200 24.00 18.98 -29.18
C LEU E 200 23.64 20.45 -28.95
N SER E 201 22.91 20.74 -27.87
CA SER E 201 22.64 22.13 -27.52
C SER E 201 23.91 22.90 -27.18
N THR E 202 24.95 22.21 -26.73
CA THR E 202 26.20 22.87 -26.36
C THR E 202 27.08 23.12 -27.57
N ILE E 203 27.44 22.05 -28.30
CA ILE E 203 28.35 22.20 -29.43
C ILE E 203 27.64 22.55 -30.74
N GLY E 204 26.33 22.28 -30.84
CA GLY E 204 25.60 22.75 -32.00
C GLY E 204 25.47 24.26 -32.05
N THR E 205 25.31 24.90 -30.90
CA THR E 205 25.05 26.33 -30.82
C THR E 205 26.31 27.17 -30.77
N ASN E 206 27.48 26.57 -30.92
CA ASN E 206 28.70 27.35 -31.07
C ASN E 206 28.62 28.24 -32.30
N ALA E 207 29.07 29.46 -32.21
CA ALA E 207 28.94 30.41 -33.31
C ALA E 207 29.71 30.03 -34.56
N SER E 208 30.94 29.62 -34.42
CA SER E 208 31.77 29.34 -35.55
C SER E 208 32.68 28.15 -35.33
N GLN E 209 33.40 28.14 -34.23
CA GLN E 209 34.38 27.09 -33.96
C GLN E 209 33.76 25.93 -33.20
N GLY E 210 34.26 24.73 -33.47
CA GLY E 210 33.88 23.56 -32.70
C GLY E 210 32.44 23.17 -32.83
N ARG E 211 31.90 23.22 -34.05
CA ARG E 211 30.49 22.99 -34.30
C ARG E 211 30.27 21.56 -34.76
N LEU E 212 29.27 20.90 -34.18
CA LEU E 212 28.69 19.69 -34.74
C LEU E 212 27.32 20.07 -35.28
N HIS E 213 27.18 20.06 -36.61
CA HIS E 213 25.95 20.51 -37.24
C HIS E 213 25.51 19.51 -38.30
N GLN E 214 24.36 19.80 -38.90
CA GLN E 214 23.72 18.87 -39.83
C GLN E 214 24.47 18.69 -41.12
N GLY E 215 25.36 19.61 -41.47
CA GLY E 215 26.17 19.47 -42.66
C GLY E 215 27.48 18.74 -42.47
N ASP E 216 27.80 18.33 -41.25
CA ASP E 216 29.05 17.65 -40.96
C ASP E 216 29.05 16.23 -41.49
N ILE E 217 30.24 15.70 -41.69
CA ILE E 217 30.43 14.27 -41.98
C ILE E 217 31.20 13.67 -40.81
N TYR E 218 30.62 12.65 -40.20
CA TYR E 218 31.08 12.14 -38.92
C TYR E 218 31.89 10.87 -39.11
N MET E 219 33.05 10.83 -38.46
CA MET E 219 33.86 9.62 -38.37
C MET E 219 34.42 9.49 -36.96
N PRO E 220 33.99 8.52 -36.18
CA PRO E 220 34.60 8.32 -34.85
C PRO E 220 35.99 7.73 -34.97
N ILE E 221 36.91 8.23 -34.17
CA ILE E 221 38.17 7.56 -33.90
C ILE E 221 38.31 7.26 -32.41
N THR E 222 37.21 7.31 -31.70
CA THR E 222 37.09 6.76 -30.36
C THR E 222 36.34 5.44 -30.46
N PRO E 223 36.85 4.38 -29.85
CA PRO E 223 36.17 3.08 -29.95
C PRO E 223 34.74 3.17 -29.42
N MET E 224 33.86 2.41 -30.06
CA MET E 224 32.46 2.46 -29.69
C MET E 224 32.16 1.73 -28.38
N PHE E 225 33.13 1.01 -27.82
CA PHE E 225 32.95 0.48 -26.47
C PHE E 225 33.40 1.45 -25.40
N HIS E 226 33.97 2.60 -25.76
CA HIS E 226 34.41 3.59 -24.79
C HIS E 226 33.32 4.62 -24.58
N VAL E 227 32.59 4.46 -23.48
CA VAL E 227 31.48 5.33 -23.11
C VAL E 227 30.64 5.76 -24.31
N HIS E 228 30.09 4.81 -25.08
CA HIS E 228 29.27 5.08 -26.28
C HIS E 228 29.95 5.86 -27.38
N ALA E 229 31.26 5.70 -27.58
CA ALA E 229 32.04 6.50 -28.51
C ALA E 229 31.83 7.96 -28.11
N TRP E 230 31.85 8.23 -26.82
CA TRP E 230 31.60 9.57 -26.26
C TRP E 230 30.22 10.09 -26.49
N GLY E 231 29.37 9.22 -26.94
CA GLY E 231 28.01 9.61 -27.27
C GLY E 231 27.82 10.24 -28.62
N LEU E 232 28.88 10.40 -29.41
CA LEU E 232 28.75 11.06 -30.71
C LEU E 232 27.95 10.28 -31.75
N PRO E 233 28.02 8.94 -31.83
CA PRO E 233 27.15 8.24 -32.80
C PRO E 233 25.67 8.50 -32.59
N TYR E 234 25.24 8.63 -31.33
CA TYR E 234 23.84 9.00 -31.06
C TYR E 234 23.55 10.41 -31.57
N MET E 235 24.48 11.34 -31.37
CA MET E 235 24.30 12.71 -31.85
C MET E 235 24.40 12.78 -33.37
N ALA E 236 25.30 11.99 -33.97
CA ALA E 236 25.44 11.97 -35.41
C ALA E 236 24.20 11.40 -36.08
N THR E 237 23.61 10.36 -35.50
CA THR E 237 22.35 9.83 -36.00
C THR E 237 21.22 10.84 -35.80
N MET E 238 21.22 11.52 -34.66
CA MET E 238 20.19 12.52 -34.39
C MET E 238 20.22 13.65 -35.42
N LEU E 239 21.41 14.07 -35.83
CA LEU E 239 21.55 15.08 -36.87
C LEU E 239 21.36 14.53 -38.27
N GLY E 240 21.29 13.21 -38.43
CA GLY E 240 21.12 12.62 -39.74
C GLY E 240 22.28 12.85 -40.68
N VAL E 241 23.48 13.08 -40.13
CA VAL E 241 24.64 13.36 -40.96
C VAL E 241 25.21 12.06 -41.52
N LYS E 242 26.05 12.20 -42.53
CA LYS E 242 26.79 11.07 -43.06
C LYS E 242 27.79 10.58 -42.02
N GLN E 243 27.75 9.28 -41.75
CA GLN E 243 28.60 8.66 -40.74
C GLN E 243 29.55 7.67 -41.42
N VAL E 244 30.83 7.83 -41.15
CA VAL E 244 31.87 6.96 -41.68
C VAL E 244 32.47 6.17 -40.53
N TYR E 245 32.37 4.85 -40.59
CA TYR E 245 32.92 3.99 -39.55
C TYR E 245 34.18 3.32 -40.06
N PRO E 246 35.32 3.56 -39.41
CA PRO E 246 36.60 3.13 -39.99
C PRO E 246 36.97 1.68 -39.72
N GLY E 247 36.22 0.96 -38.89
CA GLY E 247 36.65 -0.37 -38.50
C GLY E 247 37.88 -0.30 -37.62
N LYS E 248 38.78 -1.27 -37.78
CA LYS E 248 40.02 -1.29 -37.03
C LYS E 248 40.89 -0.08 -37.41
N TYR E 249 41.44 0.58 -36.40
CA TYR E 249 42.13 1.85 -36.60
C TYR E 249 43.50 1.60 -37.24
N VAL E 250 43.66 2.04 -38.47
CA VAL E 250 44.95 2.05 -39.16
C VAL E 250 45.20 3.48 -39.63
N PRO E 251 46.34 4.08 -39.29
CA PRO E 251 46.55 5.51 -39.60
C PRO E 251 46.38 5.84 -41.08
N ASP E 252 46.86 4.98 -41.97
CA ASP E 252 46.67 5.24 -43.40
C ASP E 252 45.21 5.07 -43.80
N VAL E 253 44.54 4.06 -43.24
CA VAL E 253 43.12 3.87 -43.53
C VAL E 253 42.30 5.03 -43.01
N LEU E 254 42.61 5.51 -41.81
CA LEU E 254 41.89 6.65 -41.25
C LEU E 254 42.11 7.90 -42.10
N LEU E 255 43.36 8.15 -42.51
CA LEU E 255 43.65 9.33 -43.32
C LEU E 255 42.99 9.25 -44.69
N ASN E 256 42.93 8.05 -45.27
CA ASN E 256 42.25 7.90 -46.55
C ASN E 256 40.76 8.17 -46.44
N LEU E 257 40.14 7.74 -45.34
CA LEU E 257 38.71 7.96 -45.15
C LEU E 257 38.40 9.44 -44.98
N ILE E 258 39.26 10.18 -44.29
CA ILE E 258 39.05 11.60 -44.10
C ILE E 258 39.07 12.32 -45.44
N GLU E 259 40.02 11.97 -46.30
CA GLU E 259 40.11 12.61 -47.62
C GLU E 259 39.00 12.12 -48.54
N GLN E 260 38.77 10.81 -48.58
CA GLN E 260 37.86 10.24 -49.58
C GLN E 260 36.40 10.54 -49.24
N GLU E 261 36.04 10.43 -47.97
CA GLU E 261 34.67 10.68 -47.54
C GLU E 261 34.44 12.12 -47.09
N LYS E 262 35.48 12.97 -47.13
CA LYS E 262 35.40 14.37 -46.74
C LYS E 262 34.89 14.52 -45.31
N VAL E 263 35.53 13.78 -44.40
CA VAL E 263 35.16 13.83 -42.99
C VAL E 263 35.44 15.22 -42.44
N THR E 264 34.48 15.77 -41.72
CA THR E 264 34.64 17.08 -41.09
C THR E 264 34.60 17.06 -39.58
N PHE E 265 34.03 16.03 -38.96
CA PHE E 265 33.94 15.95 -37.51
C PHE E 265 34.38 14.58 -37.04
N SER E 266 35.34 14.56 -36.11
CA SER E 266 35.82 13.32 -35.52
C SER E 266 36.20 13.58 -34.08
N HIS E 267 36.60 12.53 -33.38
CA HIS E 267 37.05 12.63 -32.01
C HIS E 267 37.96 11.46 -31.69
N CYS E 268 38.90 11.67 -30.78
CA CYS E 268 39.89 10.66 -30.44
C CYS E 268 40.63 11.08 -29.19
N VAL E 269 41.44 10.16 -28.68
CA VAL E 269 42.37 10.43 -27.59
C VAL E 269 43.59 11.13 -28.17
N PRO E 270 44.40 11.83 -27.37
CA PRO E 270 45.57 12.53 -27.94
C PRO E 270 46.56 11.62 -28.62
N THR E 271 46.64 10.35 -28.23
CA THR E 271 47.57 9.42 -28.88
C THR E 271 47.21 9.21 -30.34
N ILE E 272 45.90 9.08 -30.63
CA ILE E 272 45.47 8.87 -32.01
C ILE E 272 45.83 10.07 -32.87
N LEU E 273 45.57 11.28 -32.37
CA LEU E 273 45.91 12.48 -33.13
C LEU E 273 47.42 12.59 -33.35
N HIS E 274 48.20 12.21 -32.35
CA HIS E 274 49.66 12.14 -32.52
C HIS E 274 50.01 11.18 -33.65
N LEU E 275 49.36 10.02 -33.69
CA LEU E 275 49.66 9.03 -34.73
C LEU E 275 49.19 9.51 -36.10
N LEU E 276 48.01 10.17 -36.16
CA LEU E 276 47.51 10.68 -37.43
C LEU E 276 48.42 11.77 -37.98
N LEU E 277 48.87 12.68 -37.13
CA LEU E 277 49.69 13.80 -37.59
C LEU E 277 51.11 13.36 -37.92
N SER E 278 51.61 12.30 -37.28
CA SER E 278 52.97 11.83 -37.54
C SER E 278 53.05 10.92 -38.76
N SER E 279 51.92 10.47 -39.29
CA SER E 279 51.95 9.57 -40.43
C SER E 279 52.47 10.29 -41.67
N PRO E 280 53.36 9.66 -42.45
CA PRO E 280 53.90 10.34 -43.63
C PRO E 280 52.85 10.75 -44.64
N LYS E 281 51.76 9.98 -44.75
CA LYS E 281 50.71 10.31 -45.72
C LYS E 281 49.94 11.56 -45.33
N SER E 282 49.92 11.90 -44.03
CA SER E 282 49.19 13.08 -43.58
C SER E 282 49.85 14.38 -44.03
N LYS E 283 51.12 14.35 -44.44
CA LYS E 283 51.82 15.56 -44.82
C LYS E 283 51.17 16.21 -46.04
N ALA E 284 50.80 15.41 -47.03
CA ALA E 284 50.17 15.90 -48.25
C ALA E 284 48.66 16.02 -48.12
N MET E 285 48.10 15.69 -46.96
CA MET E 285 46.66 15.75 -46.78
C MET E 285 46.21 17.17 -46.47
N ASP E 286 44.96 17.46 -46.80
CA ASP E 286 44.32 18.73 -46.49
C ASP E 286 43.36 18.54 -45.34
N PHE E 287 43.56 19.29 -44.27
CA PHE E 287 42.74 19.19 -43.06
C PHE E 287 41.97 20.47 -42.77
N SER E 288 41.68 21.26 -43.81
CA SER E 288 41.07 22.57 -43.59
C SER E 288 39.69 22.44 -42.97
N GLY E 289 38.88 21.52 -43.48
CA GLY E 289 37.52 21.33 -42.99
C GLY E 289 37.37 20.31 -41.88
N TRP E 290 38.45 19.77 -41.35
CA TRP E 290 38.38 18.69 -40.37
C TRP E 290 38.38 19.28 -38.97
N LYS E 291 37.38 18.93 -38.18
CA LYS E 291 37.34 19.25 -36.76
C LYS E 291 37.46 17.96 -35.97
N VAL E 292 38.27 17.99 -34.92
CA VAL E 292 38.43 16.85 -34.04
C VAL E 292 38.43 17.36 -32.60
N VAL E 293 37.63 16.73 -31.75
CA VAL E 293 37.64 17.03 -30.34
C VAL E 293 38.44 15.94 -29.62
N ILE E 294 39.33 16.36 -28.73
CA ILE E 294 40.29 15.46 -28.09
C ILE E 294 39.86 15.28 -26.64
N GLY E 295 39.62 14.02 -26.26
CA GLY E 295 39.26 13.73 -24.89
C GLY E 295 40.01 12.55 -24.34
N GLY E 296 39.62 12.10 -23.15
CA GLY E 296 40.23 10.94 -22.54
C GLY E 296 41.53 11.23 -21.82
N ALA E 297 42.27 12.21 -22.33
CA ALA E 297 43.55 12.59 -21.74
C ALA E 297 43.78 14.06 -22.02
N ALA E 298 44.67 14.65 -21.23
CA ALA E 298 45.05 16.04 -21.46
C ALA E 298 45.67 16.20 -22.83
N LEU E 299 45.24 17.22 -23.55
CA LEU E 299 45.80 17.51 -24.86
C LEU E 299 47.07 18.33 -24.68
N PRO E 300 48.22 17.84 -25.12
CA PRO E 300 49.44 18.65 -25.02
C PRO E 300 49.35 19.87 -25.90
N LYS E 301 49.93 20.97 -25.41
CA LYS E 301 49.95 22.21 -26.18
C LYS E 301 50.72 22.04 -27.48
N ALA E 302 51.78 21.25 -27.45
CA ALA E 302 52.56 21.01 -28.66
C ALA E 302 51.76 20.24 -29.71
N LEU E 303 50.99 19.24 -29.27
CA LEU E 303 50.15 18.49 -30.20
C LEU E 303 49.04 19.37 -30.75
N CYS E 304 48.41 20.18 -29.90
CA CYS E 304 47.38 21.09 -30.36
C CYS E 304 47.93 22.10 -31.35
N LYS E 305 49.13 22.63 -31.08
CA LYS E 305 49.76 23.58 -31.98
C LYS E 305 50.07 22.95 -33.33
N SER E 306 50.56 21.70 -33.33
CA SER E 306 50.86 21.02 -34.59
C SER E 306 49.61 20.79 -35.40
N ALA E 307 48.50 20.43 -34.75
CA ALA E 307 47.24 20.28 -35.46
C ALA E 307 46.73 21.61 -35.99
N LEU E 308 46.92 22.69 -35.22
CA LEU E 308 46.50 24.00 -35.68
C LEU E 308 47.26 24.46 -36.91
N GLU E 309 48.56 24.14 -37.00
CA GLU E 309 49.32 24.47 -38.20
C GLU E 309 48.80 23.73 -39.43
N ARG E 310 48.14 22.60 -39.24
CA ARG E 310 47.49 21.89 -40.33
C ARG E 310 46.08 22.40 -40.60
N ASP E 311 45.69 23.52 -39.98
CA ASP E 311 44.37 24.11 -40.12
C ASP E 311 43.27 23.19 -39.61
N ILE E 312 43.56 22.42 -38.56
CA ILE E 312 42.58 21.55 -37.92
C ILE E 312 41.91 22.31 -36.80
N ASP E 313 40.57 22.32 -36.80
CA ASP E 313 39.80 22.81 -35.66
C ASP E 313 39.88 21.74 -34.57
N VAL E 314 40.92 21.84 -33.76
CA VAL E 314 41.19 20.89 -32.69
C VAL E 314 40.89 21.57 -31.36
N PHE E 315 40.04 20.93 -30.57
CA PHE E 315 39.70 21.41 -29.24
C PHE E 315 39.55 20.22 -28.32
N ALA E 316 39.59 20.48 -27.02
CA ALA E 316 39.60 19.42 -26.03
C ALA E 316 38.24 19.24 -25.39
N GLY E 317 38.02 18.03 -24.86
CA GLY E 317 36.84 17.73 -24.10
C GLY E 317 37.19 16.83 -22.94
N TYR E 318 36.30 16.79 -21.96
CA TYR E 318 36.54 16.06 -20.73
C TYR E 318 35.33 15.23 -20.36
N GLY E 319 35.58 14.05 -19.83
CA GLY E 319 34.51 13.17 -19.40
C GLY E 319 35.02 11.91 -18.77
N MET E 320 34.07 11.03 -18.44
CA MET E 320 34.36 9.78 -17.75
C MET E 320 33.42 8.70 -18.24
N SER E 321 33.80 7.46 -17.95
CA SER E 321 32.87 6.34 -18.14
C SER E 321 31.62 6.50 -17.28
N GLU E 322 31.81 6.98 -16.04
CA GLU E 322 30.72 7.10 -15.08
C GLU E 322 29.79 8.26 -15.38
N THR E 323 30.19 9.21 -16.22
CA THR E 323 29.50 10.49 -16.29
C THR E 323 28.83 10.75 -17.63
N GLY E 324 28.42 9.69 -18.33
CA GLY E 324 27.66 9.87 -19.55
C GLY E 324 28.45 10.78 -20.45
N PRO E 325 29.49 10.24 -21.06
CA PRO E 325 30.85 10.77 -20.86
C PRO E 325 30.94 12.27 -20.62
N ILE E 326 30.34 13.09 -21.47
CA ILE E 326 30.80 14.46 -21.63
C ILE E 326 30.39 15.31 -20.43
N LEU E 327 31.36 15.96 -19.82
CA LEU E 327 31.14 16.93 -18.77
C LEU E 327 31.51 18.35 -19.17
N SER E 328 32.55 18.52 -19.97
CA SER E 328 33.01 19.85 -20.36
C SER E 328 33.65 19.78 -21.74
N ILE E 329 33.50 20.84 -22.50
CA ILE E 329 34.08 20.96 -23.83
C ILE E 329 34.66 22.35 -23.96
N VAL E 330 35.73 22.47 -24.76
CA VAL E 330 36.35 23.76 -24.99
C VAL E 330 35.52 24.53 -26.01
N GLN E 331 35.02 25.70 -25.59
CA GLN E 331 34.36 26.64 -26.48
C GLN E 331 35.15 27.93 -26.49
N LEU E 332 35.41 28.45 -27.68
CA LEU E 332 36.20 29.66 -27.85
C LEU E 332 35.30 30.83 -28.24
N THR E 333 35.43 31.93 -27.51
CA THR E 333 34.73 33.15 -27.85
C THR E 333 35.34 33.76 -29.12
N PRO E 334 34.60 34.64 -29.79
CA PRO E 334 35.16 35.27 -31.00
C PRO E 334 36.46 36.01 -30.75
N GLU E 335 36.62 36.62 -29.58
CA GLU E 335 37.89 37.26 -29.25
C GLU E 335 39.02 36.23 -29.13
N GLN E 336 38.72 35.08 -28.53
CA GLN E 336 39.74 34.03 -28.40
C GLN E 336 40.09 33.42 -29.76
N LEU E 337 39.17 33.46 -30.71
CA LEU E 337 39.45 32.89 -32.03
C LEU E 337 40.36 33.79 -32.87
N GLU E 338 40.56 35.04 -32.45
CA GLU E 338 41.44 35.96 -33.16
C GLU E 338 42.86 35.96 -32.64
N LEU E 339 43.16 35.12 -31.64
CA LEU E 339 44.50 35.09 -31.06
C LEU E 339 45.46 34.35 -31.99
N ASP E 340 46.75 34.46 -31.66
CA ASP E 340 47.77 33.77 -32.42
C ASP E 340 47.74 32.27 -32.11
N VAL E 341 48.45 31.49 -32.92
CA VAL E 341 48.40 30.04 -32.81
C VAL E 341 48.92 29.56 -31.46
N ASP E 342 49.92 30.24 -30.91
CA ASP E 342 50.44 29.82 -29.60
C ASP E 342 49.42 30.08 -28.50
N GLN E 343 48.77 31.25 -28.52
CA GLN E 343 47.76 31.56 -27.51
C GLN E 343 46.50 30.75 -27.73
N GLN E 344 46.13 30.51 -28.99
CA GLN E 344 44.96 29.69 -29.28
C GLN E 344 45.16 28.25 -28.83
N ALA E 345 46.37 27.71 -29.00
CA ALA E 345 46.63 26.32 -28.61
C ALA E 345 46.52 26.12 -27.11
N GLU E 346 46.77 27.17 -26.32
CA GLU E 346 46.60 27.06 -24.88
C GLU E 346 45.13 26.93 -24.50
N TYR E 347 44.26 27.74 -25.11
CA TYR E 347 42.84 27.68 -24.81
C TYR E 347 42.23 26.38 -25.33
N ARG E 348 42.64 25.94 -26.52
CA ARG E 348 42.07 24.73 -27.10
C ARG E 348 42.48 23.47 -26.36
N SER E 349 43.56 23.52 -25.58
CA SER E 349 44.04 22.36 -24.84
C SER E 349 43.56 22.35 -23.40
N LYS E 350 42.70 23.27 -23.01
CA LYS E 350 42.15 23.27 -21.66
C LYS E 350 41.17 22.13 -21.47
N THR E 351 40.87 21.81 -20.21
CA THR E 351 39.88 20.79 -19.92
C THR E 351 38.51 21.19 -20.44
N GLY E 352 38.19 22.48 -20.38
CA GLY E 352 36.99 23.00 -21.01
C GLY E 352 35.99 23.62 -20.07
N LYS E 353 34.96 24.24 -20.61
CA LYS E 353 33.86 24.74 -19.83
C LYS E 353 32.78 23.69 -19.75
N LYS E 354 32.13 23.59 -18.60
CA LYS E 354 31.09 22.61 -18.38
C LYS E 354 29.96 22.76 -19.41
N VAL E 355 29.43 21.64 -19.85
CA VAL E 355 28.38 21.63 -20.87
C VAL E 355 27.05 21.92 -20.18
N ALA E 356 26.01 22.13 -20.99
CA ALA E 356 24.68 22.42 -20.47
C ALA E 356 24.22 21.34 -19.50
N LEU E 357 23.56 21.80 -18.42
CA LEU E 357 22.95 20.96 -17.39
C LEU E 357 23.97 20.23 -16.53
N VAL E 358 25.22 20.66 -16.53
CA VAL E 358 26.26 20.05 -15.72
C VAL E 358 26.65 21.03 -14.62
N GLU E 359 26.62 20.56 -13.38
CA GLU E 359 27.07 21.34 -12.22
C GLU E 359 28.41 20.76 -11.78
N ALA E 360 29.50 21.41 -12.18
CA ALA E 360 30.84 20.98 -11.83
C ALA E 360 31.41 21.88 -10.73
N TYR E 361 31.88 21.27 -9.65
CA TYR E 361 32.43 21.99 -8.52
C TYR E 361 33.81 21.46 -8.16
N ILE E 362 34.63 22.34 -7.60
CA ILE E 362 35.91 21.99 -7.02
C ILE E 362 35.75 21.94 -5.51
N VAL E 363 36.03 20.79 -4.90
CA VAL E 363 35.88 20.59 -3.47
C VAL E 363 37.17 20.02 -2.91
N ASP E 364 37.26 20.03 -1.58
CA ASP E 364 38.35 19.39 -0.87
C ASP E 364 37.86 18.06 -0.30
N GLU E 365 38.70 17.41 0.51
CA GLU E 365 38.35 16.11 1.07
C GLU E 365 37.15 16.17 2.00
N ASP E 366 36.80 17.35 2.49
CA ASP E 366 35.64 17.53 3.35
C ASP E 366 34.39 17.96 2.59
N MET E 367 34.44 17.89 1.25
CA MET E 367 33.34 18.28 0.37
C MET E 367 32.99 19.76 0.49
N ASN E 368 33.95 20.59 0.89
CA ASN E 368 33.75 22.03 0.93
C ASN E 368 34.09 22.62 -0.44
N LYS E 369 33.15 23.38 -0.99
CA LYS E 369 33.34 23.95 -2.32
C LYS E 369 34.40 25.04 -2.28
N LEU E 370 35.33 24.98 -3.21
CA LEU E 370 36.47 25.90 -3.26
C LEU E 370 36.22 27.03 -4.24
N PRO E 371 36.83 28.19 -4.01
CA PRO E 371 36.65 29.32 -4.94
C PRO E 371 37.19 28.99 -6.32
N HIS E 372 36.57 29.57 -7.34
CA HIS E 372 36.95 29.32 -8.72
C HIS E 372 37.95 30.38 -9.21
N ASP E 373 39.09 30.41 -8.54
CA ASP E 373 40.25 31.12 -9.05
C ASP E 373 41.10 30.16 -9.89
N GLY E 374 42.00 30.72 -10.67
CA GLY E 374 42.80 29.88 -11.53
C GLY E 374 43.94 29.13 -10.87
N GLU E 375 43.97 29.10 -9.54
CA GLU E 375 45.06 28.45 -8.83
C GLU E 375 44.60 27.39 -7.84
N THR E 376 43.51 27.63 -7.12
CA THR E 376 43.08 26.67 -6.10
C THR E 376 42.57 25.40 -6.74
N ALA E 377 43.11 24.26 -6.31
CA ALA E 377 42.84 22.98 -6.93
C ALA E 377 42.08 22.08 -5.95
N GLY E 378 41.22 21.23 -6.51
CA GLY E 378 40.45 20.29 -5.72
C GLY E 378 39.82 19.27 -6.64
N GLU E 379 39.16 18.30 -6.04
CA GLU E 379 38.50 17.27 -6.82
C GLU E 379 37.27 17.83 -7.51
N ILE E 380 37.09 17.47 -8.79
CA ILE E 380 35.88 17.80 -9.52
C ILE E 380 34.76 16.88 -9.06
N VAL E 381 33.66 17.48 -8.62
CA VAL E 381 32.44 16.74 -8.31
C VAL E 381 31.33 17.31 -9.19
N VAL E 382 30.49 16.44 -9.72
CA VAL E 382 29.55 16.82 -10.76
C VAL E 382 28.15 16.37 -10.41
N ARG E 383 27.18 17.14 -10.89
CA ARG E 383 25.79 16.72 -10.99
C ARG E 383 25.35 16.98 -12.42
N ALA E 384 24.72 15.98 -13.04
CA ALA E 384 24.35 16.07 -14.44
C ALA E 384 23.22 15.07 -14.69
N PRO E 385 22.45 15.25 -15.77
CA PRO E 385 21.37 14.31 -16.06
C PRO E 385 21.82 12.98 -16.66
N TRP E 386 23.12 12.72 -16.79
CA TRP E 386 23.59 11.49 -17.43
C TRP E 386 24.73 10.87 -16.64
N LEU E 387 24.60 10.83 -15.31
CA LEU E 387 25.59 10.17 -14.47
C LEU E 387 25.08 8.81 -14.04
N THR E 388 26.00 7.86 -13.93
CA THR E 388 25.63 6.56 -13.39
C THR E 388 25.28 6.72 -11.91
N PRO E 389 24.15 6.17 -11.45
CA PRO E 389 23.77 6.37 -10.05
C PRO E 389 24.63 5.57 -9.09
N ASN E 390 25.23 4.50 -9.57
CA ASN E 390 26.04 3.59 -8.74
C ASN E 390 26.80 2.69 -9.70
N TYR E 391 27.66 1.86 -9.14
CA TYR E 391 28.27 0.77 -9.89
C TYR E 391 27.37 -0.44 -9.85
N TYR E 392 27.40 -1.23 -10.91
CA TYR E 392 26.54 -2.40 -11.01
C TYR E 392 26.90 -3.43 -9.96
N LYS E 393 25.89 -3.89 -9.21
CA LYS E 393 26.06 -4.90 -8.16
C LYS E 393 27.17 -4.53 -7.20
N ASP E 394 27.21 -3.26 -6.81
CA ASP E 394 28.26 -2.73 -5.96
C ASP E 394 27.65 -1.73 -5.00
N ASN E 395 28.05 -1.79 -3.74
CA ASN E 395 27.50 -0.92 -2.71
C ASN E 395 28.54 0.03 -2.15
N LYS E 396 29.66 -0.48 -1.64
CA LYS E 396 30.62 0.38 -0.95
C LYS E 396 31.31 1.33 -1.92
N ASN E 397 31.72 0.84 -3.09
CA ASN E 397 32.34 1.71 -4.08
C ASN E 397 31.35 2.71 -4.65
N SER E 398 30.08 2.31 -4.75
CA SER E 398 29.03 3.21 -5.20
C SER E 398 28.83 4.37 -4.22
N LYS E 399 28.90 4.09 -2.92
CA LYS E 399 28.76 5.14 -1.91
C LYS E 399 29.90 6.15 -2.01
N ALA E 400 31.12 5.67 -2.25
CA ALA E 400 32.25 6.58 -2.40
C ALA E 400 32.14 7.41 -3.67
N LEU E 401 31.54 6.83 -4.73
CA LEU E 401 31.37 7.57 -5.98
C LEU E 401 30.43 8.74 -5.80
N TRP E 402 29.40 8.58 -4.99
CA TRP E 402 28.40 9.63 -4.76
C TRP E 402 28.47 10.20 -3.36
N ARG E 403 29.69 10.30 -2.81
CA ARG E 403 29.87 10.84 -1.47
C ARG E 403 29.52 12.32 -1.44
N GLY E 404 28.74 12.71 -0.44
CA GLY E 404 28.36 14.11 -0.31
C GLY E 404 27.31 14.58 -1.29
N GLY E 405 26.65 13.66 -1.98
CA GLY E 405 25.61 14.03 -2.92
C GLY E 405 26.09 14.45 -4.29
N TYR E 406 27.37 14.30 -4.59
CA TYR E 406 27.91 14.61 -5.90
C TYR E 406 28.74 13.43 -6.39
N LEU E 407 28.80 13.26 -7.71
CA LEU E 407 29.64 12.24 -8.28
C LEU E 407 31.09 12.71 -8.26
N HIS E 408 31.97 11.88 -7.70
CA HIS E 408 33.39 12.21 -7.56
C HIS E 408 34.14 11.71 -8.78
N THR E 409 34.80 12.64 -9.48
CA THR E 409 35.53 12.29 -10.69
C THR E 409 36.89 11.68 -10.40
N GLY E 410 37.46 11.95 -9.23
CA GLY E 410 38.82 11.54 -8.98
C GLY E 410 39.87 12.40 -9.65
N ASP E 411 39.47 13.54 -10.20
CA ASP E 411 40.36 14.43 -10.92
C ASP E 411 40.53 15.72 -10.12
N VAL E 412 41.78 16.17 -10.02
CA VAL E 412 42.09 17.43 -9.34
C VAL E 412 42.22 18.52 -10.38
N ALA E 413 41.51 19.62 -10.17
CA ALA E 413 41.50 20.68 -11.17
C ALA E 413 41.31 22.03 -10.48
N HIS E 414 41.62 23.09 -11.23
CA HIS E 414 41.25 24.44 -10.87
C HIS E 414 40.37 25.01 -11.98
N ILE E 415 39.34 25.76 -11.58
CA ILE E 415 38.43 26.43 -12.50
C ILE E 415 38.67 27.92 -12.40
N ASP E 416 38.93 28.57 -13.53
CA ASP E 416 39.25 29.98 -13.50
C ASP E 416 37.96 30.82 -13.47
N ASP E 417 38.13 32.14 -13.57
CA ASP E 417 36.99 33.05 -13.47
C ASP E 417 36.02 32.86 -14.64
N GLU E 418 36.56 32.64 -15.84
CA GLU E 418 35.73 32.47 -17.03
C GLU E 418 35.14 31.07 -17.14
N GLY E 419 35.32 30.22 -16.14
CA GLY E 419 34.75 28.89 -16.16
C GLY E 419 35.61 27.82 -16.80
N PHE E 420 36.80 28.15 -17.27
CA PHE E 420 37.67 27.17 -17.90
C PHE E 420 38.28 26.25 -16.85
N ILE E 421 37.94 24.97 -16.93
CA ILE E 421 38.51 23.96 -16.05
C ILE E 421 39.90 23.59 -16.56
N LYS E 422 40.82 23.32 -15.63
CA LYS E 422 42.14 22.81 -15.97
C LYS E 422 42.50 21.72 -14.97
N ILE E 423 42.54 20.48 -15.45
CA ILE E 423 42.87 19.34 -14.60
C ILE E 423 44.36 19.34 -14.30
N THR E 424 44.71 19.24 -13.02
CA THR E 424 46.10 19.27 -12.59
C THR E 424 46.67 17.89 -12.33
N ASP E 425 45.99 17.06 -11.54
CA ASP E 425 46.45 15.69 -11.30
C ASP E 425 45.24 14.85 -10.89
N ARG E 426 45.50 13.66 -10.37
CA ARG E 426 44.48 12.67 -10.07
C ARG E 426 44.41 12.40 -8.57
N VAL E 427 43.20 12.16 -8.09
CA VAL E 427 43.03 11.65 -6.72
C VAL E 427 43.34 10.17 -6.69
N LYS E 428 42.75 9.40 -7.61
CA LYS E 428 42.94 7.97 -7.67
C LYS E 428 44.37 7.63 -8.08
N ASP E 429 44.88 6.52 -7.56
CA ASP E 429 46.23 6.05 -7.89
C ASP E 429 46.18 5.17 -9.14
N MET E 430 45.80 5.80 -10.24
CA MET E 430 45.65 5.12 -11.52
C MET E 430 46.42 5.88 -12.60
N ILE E 431 46.85 5.13 -13.61
CA ILE E 431 47.61 5.65 -14.73
C ILE E 431 46.88 5.28 -16.01
N LYS E 432 46.64 6.27 -16.87
CA LYS E 432 45.99 6.03 -18.15
C LYS E 432 47.04 6.05 -19.26
N ILE E 433 47.09 4.98 -20.04
CA ILE E 433 48.09 4.81 -21.08
C ILE E 433 47.36 4.63 -22.40
N SER E 434 47.49 5.60 -23.30
CA SER E 434 46.90 5.57 -24.63
C SER E 434 45.38 5.32 -24.57
N GLY E 435 44.73 5.81 -23.52
CA GLY E 435 43.31 5.62 -23.37
C GLY E 435 42.89 4.40 -22.56
N GLU E 436 43.83 3.64 -22.04
CA GLU E 436 43.52 2.48 -21.21
C GLU E 436 44.07 2.67 -19.80
N TRP E 437 43.38 2.10 -18.83
CA TRP E 437 43.72 2.27 -17.43
C TRP E 437 44.66 1.16 -16.95
N VAL E 438 45.59 1.53 -16.07
CA VAL E 438 46.38 0.58 -15.32
C VAL E 438 46.41 1.05 -13.88
N SER E 439 46.34 0.10 -12.95
CA SER E 439 46.35 0.42 -11.53
C SER E 439 47.77 0.32 -10.99
N SER E 440 48.23 1.38 -10.33
CA SER E 440 49.58 1.37 -9.78
C SER E 440 49.72 0.29 -8.71
N LEU E 441 48.73 0.18 -7.83
CA LEU E 441 48.77 -0.83 -6.77
C LEU E 441 48.80 -2.24 -7.36
N GLU E 442 48.01 -2.49 -8.40
CA GLU E 442 48.04 -3.80 -9.06
C GLU E 442 49.38 -4.05 -9.72
N LEU E 443 49.97 -3.03 -10.34
CA LEU E 443 51.29 -3.18 -10.93
C LEU E 443 52.36 -3.40 -9.86
N GLU E 444 52.22 -2.73 -8.71
CA GLU E 444 53.15 -2.94 -7.62
C GLU E 444 53.09 -4.37 -7.10
N ASP E 445 51.88 -4.92 -6.99
CA ASP E 445 51.72 -6.28 -6.47
C ASP E 445 52.42 -7.30 -7.37
N ILE E 446 52.27 -7.16 -8.68
CA ILE E 446 52.90 -8.10 -9.60
C ILE E 446 54.42 -7.98 -9.53
N LEU E 447 54.94 -6.76 -9.54
CA LEU E 447 56.38 -6.58 -9.46
C LEU E 447 56.92 -6.97 -8.08
N HIS E 448 56.08 -6.89 -7.05
CA HIS E 448 56.50 -7.34 -5.72
C HIS E 448 56.62 -8.85 -5.63
N GLN E 449 55.98 -9.59 -6.54
CA GLN E 449 56.10 -11.04 -6.56
C GLN E 449 57.49 -11.51 -6.95
N HIS E 450 58.33 -10.63 -7.47
CA HIS E 450 59.72 -10.98 -7.74
C HIS E 450 60.46 -11.25 -6.43
N GLN E 451 61.33 -12.25 -6.45
CA GLN E 451 62.03 -12.67 -5.23
C GLN E 451 63.07 -11.65 -4.77
N SER E 452 63.65 -10.89 -5.70
CA SER E 452 64.69 -9.93 -5.38
C SER E 452 64.14 -8.50 -5.37
N VAL E 453 62.90 -8.34 -4.91
CA VAL E 453 62.25 -7.05 -4.81
C VAL E 453 61.84 -6.85 -3.36
N SER E 454 62.20 -5.68 -2.80
CA SER E 454 61.82 -5.33 -1.44
C SER E 454 60.63 -4.37 -1.41
N GLU E 455 60.67 -3.30 -2.20
CA GLU E 455 59.59 -2.33 -2.26
C GLU E 455 59.42 -1.85 -3.70
N VAL E 456 58.17 -1.66 -4.10
CA VAL E 456 57.83 -1.17 -5.44
C VAL E 456 56.86 -0.01 -5.31
N ALA E 457 57.14 1.08 -6.02
CA ALA E 457 56.23 2.22 -6.10
C ALA E 457 56.09 2.60 -7.57
N VAL E 458 54.89 2.46 -8.11
CA VAL E 458 54.62 2.74 -9.52
C VAL E 458 53.95 4.10 -9.62
N ILE E 459 54.51 4.98 -10.45
CA ILE E 459 53.97 6.30 -10.69
C ILE E 459 53.80 6.51 -12.18
N GLY E 460 52.87 7.39 -12.54
CA GLY E 460 52.65 7.70 -13.94
C GLY E 460 53.54 8.82 -14.43
N MET E 461 54.44 8.50 -15.34
CA MET E 461 55.28 9.53 -15.95
C MET E 461 54.62 10.05 -17.21
N PRO E 462 54.47 11.36 -17.38
CA PRO E 462 53.87 11.89 -18.61
C PRO E 462 54.68 11.51 -19.83
N HIS E 463 53.97 11.29 -20.93
CA HIS E 463 54.59 10.88 -22.19
C HIS E 463 53.98 11.71 -23.32
N ASN E 464 54.83 12.09 -24.28
CA ASN E 464 54.35 12.92 -25.40
C ASN E 464 53.41 12.14 -26.30
N LYS E 465 53.63 10.83 -26.44
CA LYS E 465 52.85 10.02 -27.37
C LYS E 465 51.77 9.21 -26.65
N TRP E 466 52.10 8.59 -25.52
CA TRP E 466 51.19 7.73 -24.79
C TRP E 466 50.37 8.47 -23.73
N GLY E 467 50.68 9.73 -23.46
CA GLY E 467 50.02 10.45 -22.39
C GLY E 467 50.71 10.25 -21.06
N GLU E 468 50.59 9.05 -20.51
CA GLU E 468 51.31 8.67 -19.30
C GLU E 468 51.89 7.27 -19.50
N VAL E 469 53.08 7.04 -18.98
CA VAL E 469 53.67 5.70 -18.95
C VAL E 469 53.94 5.33 -17.51
N PRO E 470 53.87 4.05 -17.14
CA PRO E 470 54.13 3.67 -15.75
C PRO E 470 55.62 3.60 -15.47
N LEU E 471 56.01 4.16 -14.32
CA LEU E 471 57.39 4.13 -13.85
C LEU E 471 57.42 3.42 -12.51
N ALA E 472 58.17 2.33 -12.43
CA ALA E 472 58.30 1.55 -11.21
C ALA E 472 59.66 1.86 -10.57
N LEU E 473 59.62 2.41 -9.37
CA LEU E 473 60.82 2.69 -8.59
C LEU E 473 60.98 1.56 -7.57
N VAL E 474 61.95 0.68 -7.82
CA VAL E 474 62.10 -0.57 -7.10
C VAL E 474 63.30 -0.46 -6.17
N THR E 475 63.08 -0.76 -4.89
CA THR E 475 64.16 -0.85 -3.92
C THR E 475 64.58 -2.32 -3.81
N LEU E 476 65.87 -2.57 -4.02
CA LEU E 476 66.37 -3.95 -4.00
C LEU E 476 66.38 -4.49 -2.57
N LYS E 477 66.57 -5.81 -2.48
CA LYS E 477 66.58 -6.49 -1.20
C LYS E 477 67.91 -6.20 -0.48
N GLU E 478 68.14 -6.89 0.63
CA GLU E 478 69.31 -6.62 1.45
C GLU E 478 70.61 -6.84 0.67
N ASP E 479 70.68 -7.94 -0.09
CA ASP E 479 71.85 -8.24 -0.90
C ASP E 479 71.44 -8.77 -2.26
N ALA E 480 70.46 -8.12 -2.90
CA ALA E 480 69.97 -8.55 -4.19
C ALA E 480 70.52 -7.66 -5.30
N GLN E 481 70.70 -8.25 -6.47
CA GLN E 481 71.17 -7.53 -7.66
C GLN E 481 70.42 -8.09 -8.87
N VAL E 482 69.37 -7.39 -9.29
CA VAL E 482 68.56 -7.78 -10.43
C VAL E 482 68.47 -6.59 -11.38
N THR E 483 68.75 -6.84 -12.66
CA THR E 483 68.73 -5.76 -13.63
C THR E 483 67.30 -5.28 -13.88
N GLU E 484 67.19 -4.07 -14.43
CA GLU E 484 65.88 -3.47 -14.65
C GLU E 484 65.10 -4.20 -15.76
N LYS E 485 65.79 -4.62 -16.82
CA LYS E 485 65.11 -5.28 -17.92
C LYS E 485 64.59 -6.66 -17.55
N GLU E 486 65.16 -7.29 -16.51
CA GLU E 486 64.64 -8.57 -16.05
C GLU E 486 63.23 -8.43 -15.51
N LEU E 487 62.97 -7.35 -14.77
CA LEU E 487 61.61 -7.11 -14.25
C LEU E 487 60.62 -6.84 -15.38
N LEU E 488 61.08 -6.15 -16.44
CA LEU E 488 60.20 -5.91 -17.58
C LEU E 488 59.79 -7.21 -18.25
N GLY E 489 60.74 -8.15 -18.42
CA GLY E 489 60.40 -9.46 -18.91
C GLY E 489 59.55 -10.26 -17.93
N PHE E 490 59.79 -10.07 -16.63
CA PHE E 490 58.98 -10.73 -15.61
C PHE E 490 57.53 -10.30 -15.71
N ALA E 491 57.29 -9.00 -15.88
CA ALA E 491 55.92 -8.51 -15.99
C ALA E 491 55.30 -8.86 -17.34
N LYS E 492 56.12 -9.06 -18.37
CA LYS E 492 55.59 -9.41 -19.68
C LYS E 492 54.90 -10.77 -19.65
N ASP E 493 55.41 -11.69 -18.82
CA ASP E 493 54.81 -13.01 -18.73
C ASP E 493 53.38 -12.94 -18.20
N PHE E 494 53.13 -12.00 -17.28
CA PHE E 494 51.76 -11.79 -16.81
C PHE E 494 50.87 -11.29 -17.94
N ILE E 495 51.42 -10.47 -18.83
CA ILE E 495 50.65 -10.01 -19.98
C ILE E 495 50.37 -11.15 -20.95
N ASN E 496 51.36 -12.02 -21.16
CA ASN E 496 51.18 -13.14 -22.09
C ASN E 496 50.13 -14.11 -21.58
N LYS E 497 49.92 -14.18 -20.27
CA LYS E 497 48.89 -15.03 -19.69
C LYS E 497 47.53 -14.35 -19.66
N GLY E 498 47.45 -13.08 -20.06
CA GLY E 498 46.19 -12.36 -20.06
C GLY E 498 45.75 -11.84 -18.71
N ILE E 499 46.65 -11.78 -17.73
CA ILE E 499 46.30 -11.29 -16.40
C ILE E 499 46.55 -9.79 -16.27
N LEU E 500 47.70 -9.33 -16.75
CA LEU E 500 48.05 -7.92 -16.73
C LEU E 500 47.75 -7.28 -18.08
N ALA E 501 47.45 -5.98 -18.03
CA ALA E 501 47.07 -5.25 -19.24
C ALA E 501 48.23 -5.13 -20.20
N ARG E 502 47.90 -5.12 -21.49
CA ARG E 502 48.91 -4.98 -22.54
C ARG E 502 49.67 -3.67 -22.43
N GLU E 503 49.04 -2.65 -21.86
CA GLU E 503 49.64 -1.32 -21.77
C GLU E 503 50.79 -1.26 -20.79
N ALA E 504 50.98 -2.28 -19.96
CA ALA E 504 52.13 -2.34 -19.07
C ALA E 504 53.42 -2.70 -19.80
N LEU E 505 53.34 -3.03 -21.09
CA LEU E 505 54.54 -3.26 -21.89
C LEU E 505 55.42 -2.03 -21.97
N LEU E 506 54.88 -0.84 -21.69
CA LEU E 506 55.62 0.41 -21.70
C LEU E 506 56.11 0.79 -20.31
N LEU E 507 56.09 -0.14 -19.37
CA LEU E 507 56.58 0.13 -18.02
C LEU E 507 58.09 0.38 -18.03
N LYS E 508 58.52 1.35 -17.23
CA LYS E 508 59.93 1.64 -17.03
C LYS E 508 60.29 1.35 -15.59
N VAL E 509 61.35 0.58 -15.38
CA VAL E 509 61.83 0.22 -14.05
C VAL E 509 63.06 1.06 -13.74
N LYS E 510 63.00 1.81 -12.64
CA LYS E 510 64.10 2.63 -12.17
C LYS E 510 64.49 2.16 -10.77
N ILE E 511 65.63 1.47 -10.66
CA ILE E 511 66.08 0.96 -9.37
C ILE E 511 66.57 2.14 -8.53
N VAL E 512 66.04 2.26 -7.32
CA VAL E 512 66.36 3.36 -6.42
C VAL E 512 66.74 2.79 -5.06
N ASP E 513 67.63 3.50 -4.37
CA ASP E 513 68.12 3.01 -3.08
C ASP E 513 67.05 3.09 -1.99
N GLU E 514 66.16 4.08 -2.07
CA GLU E 514 65.12 4.23 -1.07
C GLU E 514 63.87 4.80 -1.74
N ILE E 515 62.73 4.63 -1.07
CA ILE E 515 61.45 5.15 -1.52
C ILE E 515 60.95 6.11 -0.45
N ALA E 516 60.71 7.36 -0.84
CA ALA E 516 60.27 8.38 0.11
C ALA E 516 58.90 8.03 0.67
N LYS E 517 58.75 8.18 1.98
CA LYS E 517 57.51 7.85 2.68
C LYS E 517 57.04 9.04 3.50
N THR E 518 55.98 8.83 4.27
CA THR E 518 55.39 9.87 5.11
C THR E 518 55.64 9.54 6.57
N SER E 519 55.25 10.48 7.44
CA SER E 519 55.37 10.28 8.88
C SER E 519 54.50 9.12 9.35
N VAL E 520 53.39 8.85 8.66
CA VAL E 520 52.51 7.75 9.03
C VAL E 520 53.04 6.41 8.52
N GLY E 521 54.03 6.43 7.63
CA GLY E 521 54.59 5.22 7.06
C GLY E 521 54.14 4.92 5.65
N LYS E 522 53.12 5.61 5.15
CA LYS E 522 52.64 5.38 3.80
C LYS E 522 53.62 5.93 2.78
N VAL E 523 53.55 5.39 1.56
CA VAL E 523 54.38 5.87 0.46
C VAL E 523 53.86 7.24 0.02
N ASP E 524 54.79 8.21 -0.10
CA ASP E 524 54.45 9.57 -0.49
C ASP E 524 54.64 9.70 -1.99
N LYS E 525 53.61 9.34 -2.75
CA LYS E 525 53.70 9.42 -4.21
C LYS E 525 53.71 10.86 -4.70
N LYS E 526 53.07 11.77 -3.97
CA LYS E 526 53.09 13.18 -4.36
C LYS E 526 54.50 13.74 -4.32
N GLU E 527 55.25 13.43 -3.26
CA GLU E 527 56.65 13.82 -3.20
C GLU E 527 57.52 12.92 -4.08
N LEU E 528 57.06 11.70 -4.36
CA LEU E 528 57.85 10.77 -5.15
C LEU E 528 57.97 11.22 -6.61
N ARG E 529 56.89 11.81 -7.14
CA ARG E 529 56.91 12.25 -8.54
C ARG E 529 57.85 13.43 -8.74
N LYS E 530 58.02 14.28 -7.72
CA LYS E 530 58.94 15.39 -7.83
C LYS E 530 60.38 14.90 -7.99
N LEU E 531 60.77 13.89 -7.20
CA LEU E 531 62.13 13.38 -7.28
C LEU E 531 62.40 12.70 -8.61
N HIS E 532 61.44 11.95 -9.12
CA HIS E 532 61.62 11.25 -10.39
C HIS E 532 60.54 11.62 -11.39
N ASN F 6 14.59 14.12 -2.22
CA ASN F 6 15.57 14.51 -3.25
C ASN F 6 16.80 13.61 -3.24
N ASP F 7 16.84 12.65 -4.16
CA ASP F 7 18.02 11.82 -4.37
C ASP F 7 19.00 12.57 -5.27
N PRO F 8 20.22 12.84 -4.81
CA PRO F 8 21.15 13.62 -5.64
C PRO F 8 21.47 13.00 -6.99
N SER F 9 21.54 11.67 -7.08
CA SER F 9 21.79 11.05 -8.37
C SER F 9 20.55 11.07 -9.26
N ASN F 10 19.37 11.21 -8.68
CA ASN F 10 18.12 11.28 -9.44
C ASN F 10 17.96 12.72 -9.92
N TYR F 11 18.56 13.03 -11.06
CA TYR F 11 18.54 14.38 -11.60
C TYR F 11 17.13 14.78 -12.02
N GLN F 12 16.75 16.00 -11.65
CA GLN F 12 15.46 16.56 -12.03
C GLN F 12 15.68 17.67 -13.03
N LEU F 13 14.94 17.64 -14.13
CA LEU F 13 14.99 18.68 -15.15
C LEU F 13 14.22 19.89 -14.64
N LEU F 14 14.94 20.85 -14.08
CA LEU F 14 14.35 22.02 -13.46
C LEU F 14 14.77 23.28 -14.20
N ILE F 15 13.88 24.28 -14.19
CA ILE F 15 14.17 25.53 -14.87
C ILE F 15 15.38 26.22 -14.25
N LYS F 16 15.64 25.99 -12.96
CA LYS F 16 16.84 26.51 -12.35
C LYS F 16 18.11 25.95 -12.99
N ASN F 17 18.04 24.77 -13.59
CA ASN F 17 19.19 24.24 -14.30
C ASN F 17 19.40 24.94 -15.64
N LEU F 18 18.33 25.46 -16.24
CA LEU F 18 18.49 26.27 -17.44
C LEU F 18 19.25 27.55 -17.14
N LEU F 19 19.09 28.11 -15.94
CA LEU F 19 19.69 29.37 -15.56
C LEU F 19 21.12 29.18 -15.06
N PHE F 20 21.33 28.26 -14.12
CA PHE F 20 22.61 28.09 -13.46
C PHE F 20 23.48 27.00 -14.09
N SER F 21 22.94 26.22 -15.01
CA SER F 21 23.72 25.27 -15.79
C SER F 21 23.44 25.48 -17.27
N PRO F 22 23.72 26.68 -17.80
CA PRO F 22 23.36 26.95 -19.19
C PRO F 22 24.40 26.44 -20.18
N VAL F 23 24.09 26.56 -21.47
CA VAL F 23 25.09 26.28 -22.50
C VAL F 23 26.26 27.24 -22.37
N ALA F 24 25.97 28.52 -22.14
CA ALA F 24 27.00 29.53 -21.97
C ALA F 24 26.51 30.57 -20.99
N PHE F 25 27.43 31.08 -20.16
CA PHE F 25 27.13 32.17 -19.25
C PHE F 25 28.26 33.19 -19.31
N ASN F 26 27.95 34.37 -19.83
CA ASN F 26 28.84 35.51 -19.74
C ASN F 26 28.27 36.46 -18.70
N PRO F 27 28.92 36.62 -17.54
CA PRO F 27 28.35 37.50 -16.49
C PRO F 27 28.25 38.95 -16.92
N GLU F 28 29.02 39.38 -17.92
CA GLU F 28 28.98 40.75 -18.40
C GLU F 28 28.12 40.92 -19.65
N GLN F 29 27.51 39.85 -20.14
CA GLN F 29 26.54 39.98 -21.23
C GLN F 29 25.30 40.69 -20.72
N GLU F 30 24.68 41.49 -21.58
CA GLU F 30 23.65 42.43 -21.17
C GLU F 30 22.25 41.89 -21.43
N ILE F 31 21.33 42.21 -20.52
CA ILE F 31 19.90 42.16 -20.77
C ILE F 31 19.44 43.60 -20.95
N VAL F 32 18.88 43.91 -22.12
CA VAL F 32 18.50 45.27 -22.48
C VAL F 32 16.98 45.34 -22.53
N TYR F 33 16.40 46.30 -21.81
CA TYR F 33 14.97 46.55 -21.86
C TYR F 33 14.76 47.86 -22.62
N ALA F 34 14.60 47.75 -23.93
CA ALA F 34 14.36 48.89 -24.81
C ALA F 34 15.33 50.03 -24.55
N ASN F 35 14.81 51.17 -24.09
CA ASN F 35 15.64 52.30 -23.66
C ASN F 35 15.44 52.64 -22.20
N HIS F 36 14.77 51.76 -21.44
CA HIS F 36 14.48 52.01 -20.04
C HIS F 36 15.58 51.51 -19.13
N ARG F 37 16.08 50.30 -19.35
CA ARG F 37 16.99 49.65 -18.42
C ARG F 37 18.00 48.82 -19.19
N ARG F 38 19.14 48.59 -18.57
CA ARG F 38 20.21 47.80 -19.16
C ARG F 38 21.10 47.30 -18.04
N HIS F 39 21.24 45.99 -17.91
CA HIS F 39 22.10 45.40 -16.88
C HIS F 39 22.72 44.13 -17.44
N SER F 40 23.60 43.53 -16.65
CA SER F 40 24.35 42.36 -17.06
C SER F 40 23.61 41.07 -16.68
N TYR F 41 24.12 39.95 -17.20
CA TYR F 41 23.59 38.65 -16.82
C TYR F 41 23.82 38.36 -15.35
N LYS F 42 24.94 38.83 -14.82
CA LYS F 42 25.21 38.67 -13.39
C LYS F 42 24.18 39.44 -12.55
N THR F 43 23.80 40.63 -13.00
CA THR F 43 22.70 41.35 -12.35
C THR F 43 21.39 40.61 -12.51
N PHE F 44 21.14 40.04 -13.69
CA PHE F 44 19.91 39.30 -13.94
C PHE F 44 19.78 38.11 -13.00
N HIS F 45 20.89 37.41 -12.74
CA HIS F 45 20.85 36.33 -11.77
C HIS F 45 20.62 36.86 -10.36
N ASP F 46 21.17 38.03 -10.05
CA ASP F 46 20.91 38.65 -8.75
C ASP F 46 19.44 39.02 -8.61
N ARG F 47 18.84 39.58 -9.66
CA ARG F 47 17.46 40.03 -9.58
C ARG F 47 16.49 38.85 -9.54
N VAL F 48 16.88 37.70 -10.07
CA VAL F 48 16.06 36.50 -9.93
C VAL F 48 16.05 36.04 -8.48
N ARG F 49 17.21 36.07 -7.83
CA ARG F 49 17.27 35.70 -6.42
C ARG F 49 16.58 36.73 -5.53
N GLN F 50 16.71 38.02 -5.87
CA GLN F 50 15.98 39.05 -5.16
C GLN F 50 14.48 38.87 -5.32
N PHE F 51 14.02 38.56 -6.53
CA PHE F 51 12.61 38.29 -6.76
C PHE F 51 12.16 37.06 -5.99
N ALA F 52 12.98 36.01 -5.97
CA ALA F 52 12.66 34.82 -5.19
C ALA F 52 12.54 35.16 -3.71
N ASN F 53 13.43 36.02 -3.20
CA ASN F 53 13.32 36.48 -1.82
C ASN F 53 12.04 37.29 -1.62
N ALA F 54 11.74 38.20 -2.55
CA ALA F 54 10.53 39.00 -2.43
C ALA F 54 9.27 38.15 -2.51
N LEU F 55 9.26 37.15 -3.39
CA LEU F 55 8.11 36.24 -3.47
C LEU F 55 7.95 35.45 -2.19
N THR F 56 9.05 35.00 -1.59
CA THR F 56 8.97 34.28 -0.33
C THR F 56 8.41 35.18 0.78
N LYS F 57 8.83 36.45 0.80
CA LYS F 57 8.31 37.38 1.78
C LYS F 57 6.82 37.65 1.58
N MET F 58 6.38 37.75 0.32
CA MET F 58 4.96 37.92 0.05
C MET F 58 4.15 36.66 0.31
N GLY F 59 4.77 35.60 0.83
CA GLY F 59 4.04 34.39 1.13
C GLY F 59 3.73 33.50 -0.05
N VAL F 60 4.47 33.63 -1.16
CA VAL F 60 4.31 32.69 -2.26
C VAL F 60 5.00 31.39 -1.90
N LYS F 61 4.24 30.31 -1.86
CA LYS F 61 4.76 28.98 -1.59
C LYS F 61 4.73 28.15 -2.87
N LYS F 62 5.34 26.97 -2.79
CA LYS F 62 5.28 26.04 -3.90
C LYS F 62 3.82 25.66 -4.14
N GLY F 63 3.41 25.69 -5.41
CA GLY F 63 2.05 25.45 -5.80
C GLY F 63 1.18 26.69 -5.92
N ASP F 64 1.68 27.85 -5.48
CA ASP F 64 0.94 29.09 -5.65
C ASP F 64 1.02 29.56 -7.10
N THR F 65 0.07 30.41 -7.47
CA THR F 65 0.02 30.99 -8.80
C THR F 65 0.32 32.47 -8.72
N VAL F 66 1.34 32.92 -9.45
CA VAL F 66 1.66 34.33 -9.63
C VAL F 66 1.31 34.68 -11.06
N ALA F 67 0.42 35.64 -11.24
CA ALA F 67 -0.01 36.08 -12.56
C ALA F 67 0.77 37.33 -12.97
N VAL F 68 1.06 37.44 -14.25
CA VAL F 68 1.82 38.54 -14.80
C VAL F 68 1.03 39.18 -15.93
N MET F 69 0.84 40.50 -15.85
CA MET F 69 0.22 41.30 -16.90
C MET F 69 1.23 42.37 -17.26
N ASP F 70 2.07 42.08 -18.25
CA ASP F 70 3.22 42.92 -18.52
C ASP F 70 3.55 42.86 -20.00
N TYR F 71 4.34 43.84 -20.45
CA TYR F 71 4.91 43.83 -21.78
C TYR F 71 6.17 42.98 -21.81
N ASP F 72 6.80 42.90 -22.98
CA ASP F 72 8.06 42.19 -23.15
C ASP F 72 9.19 42.96 -22.50
N SER F 73 9.56 42.60 -21.28
CA SER F 73 10.52 43.36 -20.50
C SER F 73 11.49 42.42 -19.82
N HIS F 74 12.45 43.02 -19.11
CA HIS F 74 13.33 42.27 -18.24
C HIS F 74 12.59 41.67 -17.05
N ARG F 75 11.56 42.37 -16.55
CA ARG F 75 10.77 41.85 -15.44
C ARG F 75 10.08 40.54 -15.81
N TYR F 76 9.55 40.47 -17.03
CA TYR F 76 8.94 39.24 -17.50
C TYR F 76 9.94 38.11 -17.60
N LEU F 77 11.17 38.41 -18.05
CA LEU F 77 12.20 37.39 -18.10
C LEU F 77 12.55 36.87 -16.72
N GLU F 78 12.64 37.77 -15.74
CA GLU F 78 12.85 37.34 -14.36
C GLU F 78 11.65 36.53 -13.86
N CYS F 79 10.44 36.88 -14.27
CA CYS F 79 9.27 36.11 -13.92
C CYS F 79 9.32 34.70 -14.53
N TYR F 80 9.92 34.57 -15.72
CA TYR F 80 10.05 33.26 -16.35
C TYR F 80 10.85 32.31 -15.49
N PHE F 81 11.81 32.82 -14.74
CA PHE F 81 12.69 31.99 -13.94
C PHE F 81 12.29 31.98 -12.47
N ALA F 82 12.21 33.15 -11.84
CA ALA F 82 12.08 33.21 -10.38
C ALA F 82 10.80 32.53 -9.89
N ILE F 83 9.67 32.77 -10.56
CA ILE F 83 8.42 32.19 -10.10
C ILE F 83 8.42 30.66 -10.20
N PRO F 84 8.71 30.05 -11.36
CA PRO F 84 8.78 28.58 -11.37
C PRO F 84 9.88 28.02 -10.49
N MET F 85 10.94 28.79 -10.27
CA MET F 85 12.14 28.27 -9.62
C MET F 85 11.96 28.12 -8.12
N ILE F 86 10.97 28.80 -7.53
CA ILE F 86 10.62 28.60 -6.13
C ILE F 86 9.50 27.58 -6.03
N GLY F 87 9.13 26.98 -7.16
CA GLY F 87 8.08 26.01 -7.19
C GLY F 87 6.68 26.57 -7.39
N ALA F 88 6.57 27.85 -7.67
CA ALA F 88 5.28 28.48 -7.92
C ALA F 88 4.88 28.36 -9.38
N LYS F 89 3.60 28.59 -9.64
CA LYS F 89 3.04 28.51 -10.98
C LYS F 89 3.00 29.92 -11.57
N LEU F 90 3.63 30.09 -12.72
CA LEU F 90 3.59 31.36 -13.43
C LEU F 90 2.41 31.34 -14.39
N HIS F 91 1.49 32.28 -14.22
CA HIS F 91 0.34 32.43 -15.10
C HIS F 91 0.56 33.65 -15.98
N MET F 92 0.75 33.42 -17.28
CA MET F 92 0.91 34.49 -18.24
C MET F 92 -0.48 34.91 -18.73
N ILE F 93 -0.92 36.09 -18.31
CA ILE F 93 -2.22 36.58 -18.69
C ILE F 93 -2.13 37.20 -20.08
N ASN F 94 -2.95 36.70 -21.01
CA ASN F 94 -3.05 37.27 -22.34
C ASN F 94 -3.80 38.59 -22.24
N VAL F 95 -3.07 39.70 -22.25
CA VAL F 95 -3.69 41.01 -22.09
C VAL F 95 -4.45 41.46 -23.34
N ARG F 96 -4.33 40.73 -24.45
CA ARG F 96 -5.08 41.04 -25.65
C ARG F 96 -6.46 40.41 -25.66
N LEU F 97 -6.79 39.58 -24.67
CA LEU F 97 -8.15 39.07 -24.57
C LEU F 97 -9.08 40.15 -24.05
N SER F 98 -10.38 39.92 -24.22
CA SER F 98 -11.36 40.83 -23.65
C SER F 98 -11.30 40.77 -22.13
N PRO F 99 -11.67 41.85 -21.45
CA PRO F 99 -11.61 41.83 -19.97
C PRO F 99 -12.41 40.70 -19.35
N GLU F 100 -13.56 40.33 -19.94
CA GLU F 100 -14.34 39.22 -19.42
C GLU F 100 -13.58 37.91 -19.53
N GLN F 101 -12.90 37.70 -20.65
CA GLN F 101 -12.06 36.51 -20.80
C GLN F 101 -10.89 36.53 -19.82
N ILE F 102 -10.27 37.70 -19.64
CA ILE F 102 -9.17 37.82 -18.69
C ILE F 102 -9.64 37.53 -17.27
N LEU F 103 -10.82 38.04 -16.92
CA LEU F 103 -11.39 37.76 -15.60
C LEU F 103 -11.61 36.27 -15.40
N TYR F 104 -12.08 35.58 -16.43
CA TYR F 104 -12.29 34.14 -16.33
C TYR F 104 -10.98 33.41 -16.03
N THR F 105 -9.91 33.74 -16.75
CA THR F 105 -8.65 33.02 -16.57
C THR F 105 -8.02 33.31 -15.22
N ILE F 106 -8.21 34.53 -14.69
CA ILE F 106 -7.69 34.85 -13.37
C ILE F 106 -8.42 34.06 -12.29
N ASP F 107 -9.74 33.96 -12.39
CA ASP F 107 -10.52 33.21 -11.41
C ASP F 107 -10.34 31.70 -11.60
N HIS F 108 -10.28 31.24 -12.84
CA HIS F 108 -10.05 29.83 -13.11
C HIS F 108 -8.69 29.37 -12.60
N ALA F 109 -7.65 30.18 -12.84
CA ALA F 109 -6.31 29.82 -12.39
C ALA F 109 -6.09 30.09 -10.91
N GLU F 110 -6.96 30.89 -10.28
CA GLU F 110 -6.86 31.23 -8.86
C GLU F 110 -5.49 31.84 -8.54
N ASP F 111 -5.21 32.95 -9.21
CA ASP F 111 -3.95 33.66 -9.00
C ASP F 111 -3.91 34.25 -7.59
N ASP F 112 -2.81 34.14 -6.90
CA ASP F 112 -2.64 34.73 -5.60
C ASP F 112 -2.14 36.15 -5.73
N ILE F 113 -1.15 36.35 -6.60
CA ILE F 113 -0.56 37.67 -6.77
C ILE F 113 -0.53 37.99 -8.26
N ILE F 114 -0.86 39.22 -8.60
CA ILE F 114 -0.85 39.69 -9.97
C ILE F 114 0.21 40.78 -10.10
N LEU F 115 1.18 40.56 -10.98
CA LEU F 115 2.14 41.59 -11.38
C LEU F 115 1.59 42.21 -12.65
N ILE F 116 1.03 43.41 -12.53
CA ILE F 116 0.33 44.06 -13.64
C ILE F 116 1.06 45.37 -13.95
N HIS F 117 1.26 45.63 -15.23
CA HIS F 117 1.78 46.91 -15.64
C HIS F 117 0.73 48.00 -15.46
N GLU F 118 1.20 49.22 -15.23
CA GLU F 118 0.28 50.34 -15.00
C GLU F 118 -0.63 50.58 -16.20
N GLU F 119 -0.15 50.31 -17.41
CA GLU F 119 -0.96 50.54 -18.60
C GLU F 119 -2.10 49.54 -18.73
N PHE F 120 -2.04 48.42 -18.02
CA PHE F 120 -3.11 47.44 -18.03
C PHE F 120 -4.09 47.62 -16.88
N LEU F 121 -3.84 48.59 -16.00
CA LEU F 121 -4.78 48.86 -14.91
C LEU F 121 -6.20 49.18 -15.40
N PRO F 122 -6.42 49.92 -16.49
CA PRO F 122 -7.80 50.09 -16.97
C PRO F 122 -8.52 48.78 -17.25
N ILE F 123 -7.82 47.74 -17.68
CA ILE F 123 -8.43 46.42 -17.81
C ILE F 123 -8.84 45.91 -16.43
N LEU F 124 -8.00 46.12 -15.42
CA LEU F 124 -8.28 45.62 -14.08
C LEU F 124 -9.53 46.26 -13.50
N ASP F 125 -9.69 47.58 -13.69
CA ASP F 125 -10.84 48.28 -13.12
C ASP F 125 -12.17 47.78 -13.68
N GLN F 126 -12.15 47.15 -14.85
CA GLN F 126 -13.36 46.57 -15.40
C GLN F 126 -13.76 45.26 -14.73
N ILE F 127 -12.81 44.55 -14.13
CA ILE F 127 -13.05 43.19 -13.65
C ILE F 127 -12.57 43.02 -12.22
N LYS F 128 -12.12 44.12 -11.60
CA LYS F 128 -11.53 44.02 -10.26
C LYS F 128 -12.53 43.51 -9.24
N GLY F 129 -13.79 43.93 -9.35
CA GLY F 129 -14.79 43.54 -8.38
C GLY F 129 -15.11 42.05 -8.38
N ARG F 130 -14.92 41.39 -9.52
CA ARG F 130 -15.22 39.97 -9.67
C ARG F 130 -13.99 39.08 -9.50
N ILE F 131 -12.87 39.65 -9.06
CA ILE F 131 -11.66 38.88 -8.77
C ILE F 131 -11.66 38.57 -7.28
N ASP F 132 -11.59 37.29 -6.93
CA ASP F 132 -11.69 36.88 -5.54
C ASP F 132 -10.44 36.19 -4.98
N THR F 133 -9.57 35.66 -5.83
CA THR F 133 -8.41 34.92 -5.34
C THR F 133 -7.18 35.77 -5.12
N VAL F 134 -7.09 36.93 -5.73
CA VAL F 134 -5.86 37.74 -5.68
C VAL F 134 -5.83 38.54 -4.39
N THR F 135 -4.73 38.40 -3.65
CA THR F 135 -4.55 39.14 -2.41
C THR F 135 -3.62 40.34 -2.54
N ARG F 136 -2.82 40.39 -3.59
CA ARG F 136 -1.86 41.48 -3.76
C ARG F 136 -1.70 41.79 -5.25
N TYR F 137 -1.68 43.08 -5.57
CA TYR F 137 -1.37 43.56 -6.91
C TYR F 137 -0.06 44.33 -6.84
N VAL F 138 0.91 43.91 -7.64
CA VAL F 138 2.17 44.63 -7.78
C VAL F 138 2.11 45.36 -9.12
N VAL F 139 2.15 46.69 -9.06
CA VAL F 139 2.05 47.51 -10.26
C VAL F 139 3.45 47.69 -10.85
N LEU F 140 3.56 47.47 -12.15
CA LEU F 140 4.84 47.53 -12.84
C LEU F 140 4.92 48.83 -13.62
N ARG F 141 6.05 49.51 -13.50
CA ARG F 141 6.28 50.79 -14.16
C ARG F 141 7.65 50.75 -14.81
N ASP F 142 7.78 51.47 -15.92
CA ASP F 142 9.04 51.54 -16.65
C ASP F 142 10.02 52.55 -16.07
N ASP F 143 9.61 53.28 -15.03
CA ASP F 143 10.44 54.25 -14.35
C ASP F 143 10.87 53.70 -13.00
N GLU F 144 11.50 54.56 -12.20
CA GLU F 144 11.99 54.19 -10.88
C GLU F 144 10.88 53.96 -9.87
N GLU F 145 9.65 54.35 -10.17
CA GLU F 145 8.52 54.20 -9.24
C GLU F 145 7.85 52.84 -9.34
N CYS F 146 8.52 51.85 -9.92
CA CYS F 146 7.93 50.52 -10.08
C CYS F 146 7.84 49.81 -8.73
N GLU F 147 6.66 49.23 -8.46
CA GLU F 147 6.50 48.45 -7.24
C GLU F 147 7.31 47.17 -7.28
N TYR F 148 7.47 46.58 -8.47
CA TYR F 148 8.32 45.40 -8.61
C TYR F 148 9.78 45.73 -8.31
N GLU F 149 10.26 46.87 -8.82
CA GLU F 149 11.63 47.27 -8.57
C GLU F 149 11.87 47.56 -7.09
N ARG F 150 10.88 48.16 -6.43
CA ARG F 150 11.02 48.45 -5.00
C ARG F 150 10.99 47.17 -4.17
N LEU F 151 10.16 46.20 -4.58
CA LEU F 151 10.14 44.92 -3.87
C LEU F 151 11.48 44.21 -3.98
N LEU F 152 12.13 44.31 -5.15
CA LEU F 152 13.41 43.65 -5.35
C LEU F 152 14.53 44.32 -4.56
N GLU F 153 14.49 45.65 -4.46
CA GLU F 153 15.57 46.38 -3.78
C GLU F 153 15.65 46.02 -2.30
N GLN F 154 14.52 45.63 -1.69
CA GLN F 154 14.48 45.28 -0.28
C GLN F 154 14.89 43.84 0.00
N GLU F 155 15.57 43.16 -0.93
CA GLU F 155 15.90 41.75 -0.76
C GLU F 155 17.37 41.51 -1.06
N SER F 156 17.90 40.44 -0.49
CA SER F 156 19.26 40.02 -0.77
C SER F 156 19.34 39.31 -2.11
N THR F 157 20.52 39.36 -2.71
CA THR F 157 20.82 38.66 -3.95
C THR F 157 21.20 37.20 -3.71
N GLU F 158 20.88 36.66 -2.54
CA GLU F 158 21.22 35.29 -2.19
C GLU F 158 19.94 34.51 -1.97
N TYR F 159 19.83 33.35 -2.61
CA TYR F 159 18.67 32.48 -2.47
C TYR F 159 19.07 31.07 -2.84
N ASN F 160 18.65 30.10 -2.03
CA ASN F 160 18.86 28.69 -2.31
C ASN F 160 17.57 28.15 -2.93
N PHE F 161 17.62 27.87 -4.22
CA PHE F 161 16.41 27.47 -4.94
C PHE F 161 16.11 26.00 -4.68
N PRO F 162 14.86 25.64 -4.41
CA PRO F 162 14.54 24.27 -4.01
C PRO F 162 14.74 23.28 -5.15
N ASP F 163 15.01 22.04 -4.74
CA ASP F 163 14.92 20.87 -5.60
C ASP F 163 13.55 20.25 -5.40
N PHE F 164 12.79 20.10 -6.48
CA PHE F 164 11.53 19.38 -6.41
C PHE F 164 11.44 18.43 -7.60
N ASP F 165 10.31 17.74 -7.69
CA ASP F 165 10.04 16.89 -8.84
C ASP F 165 9.99 17.72 -10.12
N GLU F 166 10.59 17.18 -11.18
CA GLU F 166 10.58 17.84 -12.48
C GLU F 166 9.19 17.95 -13.08
N ASN F 167 8.22 17.19 -12.56
CA ASN F 167 6.84 17.25 -13.01
C ASN F 167 6.03 18.30 -12.28
N THR F 168 6.66 19.09 -11.42
CA THR F 168 6.01 20.28 -10.88
C THR F 168 5.60 21.20 -12.01
N VAL F 169 4.35 21.64 -11.99
CA VAL F 169 3.88 22.59 -13.00
C VAL F 169 4.59 23.92 -12.81
N ALA F 170 5.19 24.42 -13.88
CA ALA F 170 5.95 25.66 -13.86
C ALA F 170 5.19 26.84 -14.43
N THR F 171 4.44 26.64 -15.52
CA THR F 171 3.78 27.72 -16.23
C THR F 171 2.37 27.31 -16.60
N THR F 172 1.44 28.27 -16.50
CA THR F 172 0.09 28.11 -16.99
C THR F 172 -0.28 29.33 -17.82
N PHE F 173 -1.14 29.11 -18.81
CA PHE F 173 -1.76 30.20 -19.55
C PHE F 173 -2.96 29.63 -20.26
N TYR F 174 -3.80 30.53 -20.77
CA TYR F 174 -5.09 30.15 -21.32
C TYR F 174 -5.14 30.49 -22.80
N THR F 175 -5.56 29.52 -23.60
CA THR F 175 -5.76 29.71 -25.02
C THR F 175 -7.24 29.84 -25.31
N THR F 176 -7.58 30.76 -26.19
CA THR F 176 -8.94 30.91 -26.68
C THR F 176 -9.15 30.25 -28.03
N GLY F 177 -8.22 29.39 -28.44
CA GLY F 177 -8.29 28.71 -29.72
C GLY F 177 -9.32 27.63 -29.83
N THR F 178 -10.04 27.35 -28.74
CA THR F 178 -11.12 26.36 -28.75
C THR F 178 -12.45 27.07 -28.56
N THR F 179 -13.52 26.30 -28.70
CA THR F 179 -14.86 26.81 -28.43
C THR F 179 -15.10 26.88 -26.93
N GLY F 180 -16.06 27.72 -26.54
CA GLY F 180 -16.41 27.88 -25.15
C GLY F 180 -15.52 28.86 -24.41
N PHE F 181 -15.18 28.52 -23.18
CA PHE F 181 -14.35 29.38 -22.34
C PHE F 181 -12.87 29.13 -22.65
N PRO F 182 -12.00 30.09 -22.30
CA PRO F 182 -10.56 29.86 -22.47
C PRO F 182 -10.12 28.61 -21.71
N LYS F 183 -9.26 27.83 -22.35
CA LYS F 183 -8.77 26.57 -21.80
C LYS F 183 -7.38 26.76 -21.23
N GLY F 184 -7.16 26.25 -20.02
CA GLY F 184 -5.88 26.36 -19.38
C GLY F 184 -4.92 25.24 -19.74
N VAL F 185 -3.81 25.60 -20.36
CA VAL F 185 -2.73 24.66 -20.63
C VAL F 185 -1.61 24.95 -19.65
N PHE F 186 -0.96 23.90 -19.22
CA PHE F 186 0.10 24.00 -18.23
C PHE F 186 1.30 23.18 -18.68
N PHE F 187 2.46 23.56 -18.19
CA PHE F 187 3.69 22.88 -18.55
C PHE F 187 4.56 22.74 -17.32
N THR F 188 5.25 21.61 -17.22
CA THR F 188 6.08 21.33 -16.07
C THR F 188 7.49 21.84 -16.31
N HIS F 189 8.33 21.76 -15.27
CA HIS F 189 9.73 22.13 -15.42
C HIS F 189 10.42 21.22 -16.42
N ARG F 190 10.16 19.92 -16.35
CA ARG F 190 10.78 18.98 -17.28
C ARG F 190 10.40 19.30 -18.72
N GLN F 191 9.13 19.60 -18.96
CA GLN F 191 8.67 19.90 -20.32
C GLN F 191 9.33 21.15 -20.86
N LEU F 192 9.45 22.19 -20.04
CA LEU F 192 10.08 23.43 -20.48
C LEU F 192 11.56 23.24 -20.73
N VAL F 193 12.23 22.47 -19.88
CA VAL F 193 13.65 22.18 -20.08
C VAL F 193 13.85 21.39 -21.36
N LEU F 194 13.01 20.38 -21.60
CA LEU F 194 13.13 19.57 -22.81
C LEU F 194 12.80 20.38 -24.05
N HIS F 195 11.84 21.29 -23.96
CA HIS F 195 11.53 22.16 -25.08
C HIS F 195 12.71 23.06 -25.42
N THR F 196 13.42 23.55 -24.40
CA THR F 196 14.61 24.36 -24.64
C THR F 196 15.71 23.56 -25.33
N MET F 197 16.06 22.39 -24.77
CA MET F 197 17.10 21.58 -25.39
C MET F 197 16.65 21.01 -26.72
N GLY F 198 15.39 20.59 -26.82
CA GLY F 198 14.91 20.00 -28.05
C GLY F 198 14.99 20.94 -29.23
N ILE F 199 14.58 22.20 -29.04
CA ILE F 199 14.60 23.13 -30.16
C ILE F 199 16.00 23.70 -30.36
N LEU F 200 16.79 23.85 -29.30
CA LEU F 200 18.18 24.24 -29.48
C LEU F 200 18.94 23.21 -30.29
N SER F 201 18.72 21.92 -30.02
CA SER F 201 19.32 20.87 -30.83
C SER F 201 18.84 20.91 -32.28
N THR F 202 17.65 21.45 -32.53
CA THR F 202 17.12 21.52 -33.88
C THR F 202 17.65 22.73 -34.64
N ILE F 203 17.43 23.92 -34.11
CA ILE F 203 17.85 25.14 -34.81
C ILE F 203 19.29 25.54 -34.53
N GLY F 204 19.87 25.07 -33.43
CA GLY F 204 21.29 25.30 -33.21
C GLY F 204 22.16 24.56 -34.19
N THR F 205 21.76 23.35 -34.59
CA THR F 205 22.59 22.49 -35.42
C THR F 205 22.35 22.70 -36.90
N ASN F 206 21.57 23.70 -37.29
CA ASN F 206 21.46 24.06 -38.69
C ASN F 206 22.83 24.47 -39.23
N ALA F 207 23.16 24.06 -40.42
CA ALA F 207 24.48 24.34 -40.99
C ALA F 207 24.79 25.80 -41.21
N SER F 208 23.86 26.53 -41.78
CA SER F 208 24.09 27.89 -42.13
C SER F 208 22.86 28.76 -41.92
N GLN F 209 21.73 28.36 -42.45
CA GLN F 209 20.52 29.17 -42.40
C GLN F 209 19.70 28.85 -41.15
N GLY F 210 19.03 29.87 -40.64
CA GLY F 210 18.07 29.68 -39.56
C GLY F 210 18.68 29.21 -38.26
N ARG F 211 19.82 29.78 -37.89
CA ARG F 211 20.58 29.35 -36.73
C ARG F 211 20.28 30.24 -35.54
N LEU F 212 20.03 29.62 -34.39
CA LEU F 212 20.08 30.29 -33.10
C LEU F 212 21.34 29.80 -32.40
N HIS F 213 22.33 30.68 -32.26
CA HIS F 213 23.62 30.28 -31.71
C HIS F 213 24.07 31.29 -30.66
N GLN F 214 25.21 30.99 -30.04
CA GLN F 214 25.70 31.76 -28.89
C GLN F 214 26.13 33.17 -29.26
N GLY F 215 26.41 33.44 -30.53
CA GLY F 215 26.76 34.77 -30.96
C GLY F 215 25.60 35.65 -31.36
N ASP F 216 24.38 35.13 -31.32
CA ASP F 216 23.20 35.89 -31.72
C ASP F 216 22.84 36.94 -30.67
N ILE F 217 22.11 37.96 -31.12
CA ILE F 217 21.49 38.92 -30.23
C ILE F 217 19.98 38.78 -30.36
N TYR F 218 19.32 38.52 -29.25
CA TYR F 218 17.93 38.09 -29.24
C TYR F 218 17.00 39.24 -28.90
N MET F 219 15.95 39.40 -29.71
CA MET F 219 14.87 40.32 -29.40
C MET F 219 13.54 39.66 -29.75
N PRO F 220 12.71 39.34 -28.77
CA PRO F 220 11.37 38.80 -29.10
C PRO F 220 10.46 39.88 -29.63
N ILE F 221 9.70 39.53 -30.67
CA ILE F 221 8.54 40.31 -31.07
C ILE F 221 7.28 39.47 -31.00
N THR F 222 7.36 38.35 -30.28
CA THR F 222 6.20 37.60 -29.84
C THR F 222 5.97 37.91 -28.39
N PRO F 223 4.74 38.24 -28.00
CA PRO F 223 4.47 38.57 -26.58
C PRO F 223 4.87 37.43 -25.67
N MET F 224 5.35 37.78 -24.49
CA MET F 224 5.82 36.77 -23.55
C MET F 224 4.68 36.03 -22.87
N PHE F 225 3.44 36.46 -23.04
CA PHE F 225 2.32 35.66 -22.58
C PHE F 225 1.85 34.66 -23.62
N HIS F 226 2.40 34.68 -24.83
CA HIS F 226 2.01 33.75 -25.87
C HIS F 226 2.95 32.54 -25.86
N VAL F 227 2.45 31.45 -25.27
CA VAL F 227 3.20 30.21 -25.13
C VAL F 227 4.67 30.42 -24.81
N HIS F 228 5.00 31.14 -23.73
CA HIS F 228 6.38 31.45 -23.31
C HIS F 228 7.21 32.22 -24.30
N ALA F 229 6.62 33.12 -25.09
CA ALA F 229 7.28 33.80 -26.19
C ALA F 229 7.86 32.71 -27.10
N TRP F 230 7.09 31.68 -27.34
CA TRP F 230 7.52 30.51 -28.14
C TRP F 230 8.62 29.72 -27.55
N GLY F 231 8.92 30.02 -26.31
CA GLY F 231 10.02 29.37 -25.63
C GLY F 231 11.40 29.95 -25.91
N LEU F 232 11.50 30.98 -26.75
CA LEU F 232 12.81 31.52 -27.09
C LEU F 232 13.53 32.24 -25.94
N PRO F 233 12.86 32.96 -25.02
CA PRO F 233 13.61 33.54 -23.90
C PRO F 233 14.33 32.49 -23.05
N TYR F 234 13.73 31.31 -22.88
CA TYR F 234 14.44 30.23 -22.18
C TYR F 234 15.66 29.78 -22.97
N MET F 235 15.53 29.67 -24.29
CA MET F 235 16.66 29.28 -25.12
C MET F 235 17.71 30.38 -25.20
N ALA F 236 17.28 31.64 -25.25
CA ALA F 236 18.21 32.76 -25.29
C ALA F 236 19.00 32.86 -24.00
N THR F 237 18.34 32.64 -22.86
CA THR F 237 19.06 32.60 -21.58
C THR F 237 20.00 31.41 -21.52
N MET F 238 19.55 30.26 -22.05
CA MET F 238 20.38 29.06 -22.05
C MET F 238 21.67 29.30 -22.84
N LEU F 239 21.58 30.00 -23.97
CA LEU F 239 22.76 30.32 -24.76
C LEU F 239 23.56 31.49 -24.19
N GLY F 240 23.01 32.19 -23.19
CA GLY F 240 23.72 33.32 -22.61
C GLY F 240 23.90 34.48 -23.56
N VAL F 241 23.05 34.60 -24.57
CA VAL F 241 23.19 35.65 -25.56
C VAL F 241 22.63 36.96 -25.02
N LYS F 242 23.00 38.06 -25.68
CA LYS F 242 22.41 39.35 -25.37
C LYS F 242 20.93 39.36 -25.74
N GLN F 243 20.09 39.75 -24.79
CA GLN F 243 18.65 39.77 -24.97
C GLN F 243 18.15 41.20 -24.92
N VAL F 244 17.40 41.59 -25.93
CA VAL F 244 16.81 42.92 -26.02
C VAL F 244 15.30 42.76 -25.90
N TYR F 245 14.71 43.39 -24.88
CA TYR F 245 13.27 43.34 -24.69
C TYR F 245 12.65 44.66 -25.07
N PRO F 246 11.76 44.69 -26.06
CA PRO F 246 11.30 45.95 -26.63
C PRO F 246 10.18 46.64 -25.86
N GLY F 247 9.60 46.00 -24.84
CA GLY F 247 8.43 46.57 -24.21
C GLY F 247 7.24 46.53 -25.14
N LYS F 248 6.41 47.58 -25.07
CA LYS F 248 5.26 47.69 -25.96
C LYS F 248 5.71 47.84 -27.40
N TYR F 249 5.07 47.08 -28.30
CA TYR F 249 5.52 46.99 -29.67
C TYR F 249 5.15 48.26 -30.43
N VAL F 250 6.16 49.02 -30.82
CA VAL F 250 6.02 50.17 -31.71
C VAL F 250 6.94 49.95 -32.90
N PRO F 251 6.44 50.02 -34.14
CA PRO F 251 7.30 49.67 -35.28
C PRO F 251 8.58 50.48 -35.38
N ASP F 252 8.53 51.78 -35.06
CA ASP F 252 9.75 52.58 -35.07
C ASP F 252 10.67 52.20 -33.92
N VAL F 253 10.09 51.92 -32.74
CA VAL F 253 10.90 51.50 -31.60
C VAL F 253 11.55 50.15 -31.89
N LEU F 254 10.80 49.22 -32.48
CA LEU F 254 11.36 47.92 -32.81
C LEU F 254 12.49 48.03 -33.84
N LEU F 255 12.28 48.86 -34.86
CA LEU F 255 13.31 49.03 -35.89
C LEU F 255 14.55 49.71 -35.33
N ASN F 256 14.37 50.66 -34.41
CA ASN F 256 15.52 51.31 -33.79
C ASN F 256 16.31 50.32 -32.95
N LEU F 257 15.64 49.43 -32.24
CA LEU F 257 16.33 48.45 -31.40
C LEU F 257 17.13 47.47 -32.25
N ILE F 258 16.59 47.06 -33.40
CA ILE F 258 17.32 46.14 -34.27
C ILE F 258 18.61 46.78 -34.77
N GLU F 259 18.56 48.05 -35.16
CA GLU F 259 19.76 48.73 -35.63
C GLU F 259 20.70 49.05 -34.48
N GLN F 260 20.17 49.59 -33.38
CA GLN F 260 21.03 50.10 -32.32
C GLN F 260 21.67 48.96 -31.52
N GLU F 261 20.90 47.92 -31.22
CA GLU F 261 21.43 46.79 -30.46
C GLU F 261 21.96 45.67 -31.34
N LYS F 262 21.90 45.84 -32.67
CA LYS F 262 22.40 44.84 -33.62
C LYS F 262 21.72 43.49 -33.42
N VAL F 263 20.39 43.51 -33.38
CA VAL F 263 19.62 42.30 -33.19
C VAL F 263 19.80 41.39 -34.39
N THR F 264 20.06 40.12 -34.14
CA THR F 264 20.22 39.14 -35.20
C THR F 264 19.17 38.04 -35.21
N PHE F 265 18.50 37.79 -34.09
CA PHE F 265 17.49 36.75 -34.01
C PHE F 265 16.23 37.29 -33.36
N SER F 266 15.10 37.13 -34.04
CA SER F 266 13.82 37.53 -33.49
C SER F 266 12.74 36.57 -33.99
N HIS F 267 11.52 36.79 -33.55
CA HIS F 267 10.38 35.98 -33.98
C HIS F 267 9.12 36.78 -33.78
N CYS F 268 8.12 36.51 -34.61
CA CYS F 268 6.87 37.25 -34.59
C CYS F 268 5.84 36.54 -35.45
N VAL F 269 4.60 37.03 -35.37
CA VAL F 269 3.52 36.59 -36.24
C VAL F 269 3.68 37.31 -37.58
N PRO F 270 3.08 36.81 -38.67
CA PRO F 270 3.26 37.49 -39.97
C PRO F 270 2.78 38.94 -39.98
N THR F 271 1.80 39.29 -39.15
CA THR F 271 1.32 40.67 -39.11
C THR F 271 2.41 41.63 -38.66
N ILE F 272 3.19 41.24 -37.65
CA ILE F 272 4.27 42.09 -37.16
C ILE F 272 5.31 42.34 -38.25
N LEU F 273 5.70 41.26 -38.95
CA LEU F 273 6.69 41.41 -40.03
C LEU F 273 6.15 42.29 -41.13
N HIS F 274 4.86 42.16 -41.45
CA HIS F 274 4.23 43.06 -42.40
C HIS F 274 4.33 44.51 -41.94
N LEU F 275 4.09 44.76 -40.65
CA LEU F 275 4.17 46.12 -40.11
C LEU F 275 5.60 46.62 -40.10
N LEU F 276 6.56 45.76 -39.74
CA LEU F 276 7.96 46.17 -39.73
C LEU F 276 8.46 46.51 -41.12
N LEU F 277 8.10 45.70 -42.12
CA LEU F 277 8.60 45.93 -43.47
C LEU F 277 7.89 47.10 -44.15
N SER F 278 6.65 47.40 -43.76
CA SER F 278 5.92 48.51 -44.35
C SER F 278 6.25 49.86 -43.72
N SER F 279 6.96 49.87 -42.59
CA SER F 279 7.28 51.12 -41.93
C SER F 279 8.26 51.94 -42.78
N PRO F 280 8.03 53.24 -42.94
CA PRO F 280 8.94 54.06 -43.76
C PRO F 280 10.38 54.04 -43.29
N LYS F 281 10.61 53.91 -41.98
CA LYS F 281 11.96 53.92 -41.45
C LYS F 281 12.72 52.65 -41.83
N SER F 282 12.01 51.55 -42.08
CA SER F 282 12.65 50.29 -42.44
C SER F 282 13.32 50.34 -43.81
N LYS F 283 12.95 51.30 -44.66
CA LYS F 283 13.50 51.35 -46.01
C LYS F 283 15.00 51.59 -45.99
N ALA F 284 15.46 52.49 -45.13
CA ALA F 284 16.88 52.80 -45.00
C ALA F 284 17.60 51.88 -44.04
N MET F 285 16.90 50.92 -43.43
CA MET F 285 17.53 50.01 -42.48
C MET F 285 18.27 48.90 -43.19
N ASP F 286 19.27 48.35 -42.51
CA ASP F 286 20.03 47.20 -42.99
C ASP F 286 19.59 45.97 -42.21
N PHE F 287 19.13 44.94 -42.92
CA PHE F 287 18.63 43.71 -42.32
C PHE F 287 19.49 42.50 -42.69
N SER F 288 20.75 42.73 -43.04
CA SER F 288 21.59 41.64 -43.55
C SER F 288 21.78 40.55 -42.51
N GLY F 289 22.07 40.92 -41.27
CA GLY F 289 22.29 39.96 -40.21
C GLY F 289 21.08 39.58 -39.39
N TRP F 290 19.89 40.02 -39.78
CA TRP F 290 18.68 39.77 -39.00
C TRP F 290 18.00 38.49 -39.46
N LYS F 291 17.77 37.58 -38.52
CA LYS F 291 16.98 36.39 -38.76
C LYS F 291 15.69 36.50 -37.96
N VAL F 292 14.57 36.16 -38.58
CA VAL F 292 13.29 36.15 -37.89
C VAL F 292 12.55 34.88 -38.30
N VAL F 293 12.04 34.16 -37.32
CA VAL F 293 11.19 33.00 -37.58
C VAL F 293 9.74 33.43 -37.38
N ILE F 294 8.88 33.05 -38.32
CA ILE F 294 7.51 33.50 -38.38
C ILE F 294 6.60 32.33 -37.98
N GLY F 295 5.82 32.53 -36.93
CA GLY F 295 4.89 31.50 -36.51
C GLY F 295 3.52 32.05 -36.20
N GLY F 296 2.64 31.21 -35.65
CA GLY F 296 1.33 31.65 -35.26
C GLY F 296 0.33 31.65 -36.40
N ALA F 297 0.81 31.95 -37.60
CA ALA F 297 -0.03 32.00 -38.77
C ALA F 297 0.80 31.62 -39.99
N ALA F 298 0.11 31.24 -41.05
CA ALA F 298 0.79 30.93 -42.30
C ALA F 298 1.53 32.17 -42.82
N LEU F 299 2.77 31.98 -43.21
CA LEU F 299 3.55 33.06 -43.77
C LEU F 299 3.23 33.20 -45.25
N PRO F 300 2.69 34.33 -45.70
CA PRO F 300 2.43 34.51 -47.13
C PRO F 300 3.72 34.52 -47.93
N LYS F 301 3.66 33.95 -49.12
CA LYS F 301 4.83 33.91 -49.99
C LYS F 301 5.26 35.32 -50.38
N ALA F 302 4.31 36.24 -50.55
CA ALA F 302 4.65 37.61 -50.89
C ALA F 302 5.38 38.30 -49.75
N LEU F 303 4.94 38.06 -48.52
CA LEU F 303 5.62 38.66 -47.37
C LEU F 303 7.01 38.07 -47.19
N CYS F 304 7.14 36.75 -47.37
CA CYS F 304 8.45 36.12 -47.28
C CYS F 304 9.39 36.63 -48.37
N LYS F 305 8.87 36.81 -49.58
CA LYS F 305 9.68 37.33 -50.68
C LYS F 305 10.15 38.75 -50.40
N SER F 306 9.26 39.59 -49.86
CA SER F 306 9.64 40.97 -49.54
C SER F 306 10.72 41.01 -48.47
N ALA F 307 10.62 40.14 -47.47
CA ALA F 307 11.66 40.07 -46.44
C ALA F 307 12.97 39.56 -47.03
N LEU F 308 12.90 38.60 -47.97
CA LEU F 308 14.10 38.08 -48.60
C LEU F 308 14.82 39.15 -49.42
N GLU F 309 14.07 40.03 -50.10
CA GLU F 309 14.69 41.12 -50.82
C GLU F 309 15.43 42.08 -49.90
N ARG F 310 15.05 42.15 -48.63
CA ARG F 310 15.78 42.93 -47.64
C ARG F 310 16.92 42.16 -47.01
N ASP F 311 17.26 40.99 -47.56
CA ASP F 311 18.32 40.12 -47.05
C ASP F 311 18.03 39.62 -45.63
N ILE F 312 16.76 39.39 -45.33
CA ILE F 312 16.35 38.84 -44.04
C ILE F 312 16.30 37.32 -44.15
N ASP F 313 16.96 36.64 -43.22
CA ASP F 313 16.81 35.20 -43.06
C ASP F 313 15.46 34.96 -42.38
N VAL F 314 14.42 34.87 -43.21
CA VAL F 314 13.05 34.70 -42.75
C VAL F 314 12.62 33.28 -43.06
N PHE F 315 12.16 32.56 -42.04
CA PHE F 315 11.66 31.21 -42.19
C PHE F 315 10.47 31.04 -41.25
N ALA F 316 9.68 30.00 -41.50
CA ALA F 316 8.44 29.81 -40.79
C ALA F 316 8.58 28.73 -39.71
N GLY F 317 7.70 28.82 -38.72
CA GLY F 317 7.60 27.80 -37.70
C GLY F 317 6.15 27.58 -37.34
N TYR F 318 5.89 26.44 -36.71
CA TYR F 318 4.54 26.04 -36.40
C TYR F 318 4.44 25.53 -34.96
N GLY F 319 3.34 25.86 -34.31
CA GLY F 319 3.14 25.40 -32.95
C GLY F 319 1.79 25.81 -32.41
N MET F 320 1.57 25.50 -31.14
CA MET F 320 0.31 25.75 -30.46
C MET F 320 0.55 26.12 -29.02
N SER F 321 -0.47 26.71 -28.40
CA SER F 321 -0.46 26.89 -26.96
C SER F 321 -0.36 25.56 -26.23
N GLU F 322 -1.06 24.54 -26.74
CA GLU F 322 -1.13 23.24 -26.10
C GLU F 322 0.15 22.41 -26.26
N THR F 323 1.02 22.78 -27.20
CA THR F 323 2.06 21.87 -27.63
C THR F 323 3.47 22.35 -27.30
N GLY F 324 3.62 23.16 -26.23
CA GLY F 324 4.94 23.55 -25.80
C GLY F 324 5.64 24.17 -26.98
N PRO F 325 5.28 25.39 -27.30
CA PRO F 325 4.74 25.69 -28.64
C PRO F 325 5.29 24.87 -29.79
N ILE F 326 6.61 24.78 -29.91
CA ILE F 326 7.19 24.48 -31.22
C ILE F 326 7.00 23.01 -31.57
N LEU F 327 6.43 22.77 -32.73
CA LEU F 327 6.31 21.43 -33.30
C LEU F 327 7.12 21.25 -34.57
N SER F 328 7.26 22.27 -35.40
CA SER F 328 7.98 22.16 -36.65
C SER F 328 8.58 23.50 -37.00
N ILE F 329 9.75 23.46 -37.64
CA ILE F 329 10.45 24.67 -38.09
C ILE F 329 10.96 24.40 -39.49
N VAL F 330 11.05 25.46 -40.30
CA VAL F 330 11.56 25.34 -41.65
C VAL F 330 13.09 25.27 -41.60
N GLN F 331 13.64 24.17 -42.09
CA GLN F 331 15.07 24.01 -42.27
C GLN F 331 15.36 23.82 -43.75
N LEU F 332 16.32 24.56 -44.27
CA LEU F 332 16.66 24.52 -45.69
C LEU F 332 17.99 23.78 -45.88
N THR F 333 17.98 22.80 -46.77
CA THR F 333 19.20 22.11 -47.15
C THR F 333 20.09 23.04 -47.97
N PRO F 334 21.39 22.73 -48.06
CA PRO F 334 22.28 23.58 -48.87
C PRO F 334 21.83 23.73 -50.32
N GLU F 335 21.24 22.68 -50.91
CA GLU F 335 20.72 22.79 -52.25
C GLU F 335 19.55 23.77 -52.31
N GLN F 336 18.68 23.74 -51.29
CA GLN F 336 17.55 24.67 -51.26
C GLN F 336 17.99 26.10 -51.03
N LEU F 337 19.14 26.30 -50.38
CA LEU F 337 19.64 27.65 -50.14
C LEU F 337 20.22 28.29 -51.38
N GLU F 338 20.48 27.51 -52.43
CA GLU F 338 21.01 28.03 -53.68
C GLU F 338 19.94 28.38 -54.69
N LEU F 339 18.67 28.22 -54.34
CA LEU F 339 17.58 28.51 -55.26
C LEU F 339 17.36 30.02 -55.38
N ASP F 340 16.56 30.40 -56.37
CA ASP F 340 16.21 31.80 -56.56
C ASP F 340 15.24 32.26 -55.47
N VAL F 341 15.05 33.58 -55.41
CA VAL F 341 14.26 34.16 -54.32
C VAL F 341 12.81 33.69 -54.38
N ASP F 342 12.27 33.49 -55.59
CA ASP F 342 10.89 33.01 -55.69
C ASP F 342 10.76 31.57 -55.20
N GLN F 343 11.70 30.71 -55.58
CA GLN F 343 11.65 29.33 -55.12
C GLN F 343 12.02 29.20 -53.65
N GLN F 344 12.96 30.04 -53.19
CA GLN F 344 13.32 30.04 -51.78
C GLN F 344 12.17 30.50 -50.89
N ALA F 345 11.41 31.49 -51.36
CA ALA F 345 10.29 32.01 -50.56
C ALA F 345 9.20 30.96 -50.38
N GLU F 346 9.06 30.04 -51.32
CA GLU F 346 8.08 28.97 -51.17
C GLU F 346 8.48 28.01 -50.06
N TYR F 347 9.76 27.60 -50.02
CA TYR F 347 10.22 26.69 -48.99
C TYR F 347 10.22 27.37 -47.61
N ARG F 348 10.63 28.63 -47.55
CA ARG F 348 10.69 29.33 -46.27
C ARG F 348 9.32 29.61 -45.68
N SER F 349 8.27 29.59 -46.49
CA SER F 349 6.92 29.85 -46.03
C SER F 349 6.13 28.58 -45.71
N LYS F 350 6.78 27.42 -45.79
CA LYS F 350 6.10 26.17 -45.45
C LYS F 350 5.87 26.08 -43.94
N THR F 351 4.98 25.17 -43.56
CA THR F 351 4.74 24.93 -42.14
C THR F 351 6.00 24.41 -41.45
N GLY F 352 6.77 23.59 -42.16
CA GLY F 352 8.07 23.19 -41.67
C GLY F 352 8.23 21.70 -41.44
N LYS F 353 9.44 21.27 -41.15
CA LYS F 353 9.70 19.90 -40.76
C LYS F 353 9.64 19.79 -39.24
N LYS F 354 9.12 18.67 -38.76
CA LYS F 354 8.97 18.46 -37.33
C LYS F 354 10.32 18.53 -36.64
N VAL F 355 10.33 19.12 -35.45
CA VAL F 355 11.55 19.29 -34.68
C VAL F 355 11.88 17.98 -33.97
N ALA F 356 13.07 17.93 -33.38
CA ALA F 356 13.53 16.74 -32.67
C ALA F 356 12.52 16.31 -31.61
N LEU F 357 12.33 14.99 -31.51
CA LEU F 357 11.48 14.34 -30.51
C LEU F 357 10.00 14.59 -30.73
N VAL F 358 9.60 15.02 -31.91
CA VAL F 358 8.20 15.27 -32.23
C VAL F 358 7.75 14.23 -33.23
N GLU F 359 6.66 13.55 -32.91
CA GLU F 359 6.02 12.58 -33.81
C GLU F 359 4.75 13.22 -34.35
N ALA F 360 4.82 13.76 -35.56
CA ALA F 360 3.68 14.41 -36.20
C ALA F 360 3.10 13.48 -37.27
N TYR F 361 1.79 13.25 -37.19
CA TYR F 361 1.10 12.38 -38.13
C TYR F 361 -0.11 13.08 -38.72
N ILE F 362 -0.46 12.69 -39.93
CA ILE F 362 -1.69 13.11 -40.60
C ILE F 362 -2.68 11.95 -40.50
N VAL F 363 -3.83 12.21 -39.88
CA VAL F 363 -4.86 11.20 -39.67
C VAL F 363 -6.19 11.73 -40.18
N ASP F 364 -7.16 10.83 -40.30
CA ASP F 364 -8.52 11.18 -40.62
C ASP F 364 -9.36 11.15 -39.34
N GLU F 365 -10.69 11.31 -39.49
CA GLU F 365 -11.56 11.35 -38.33
C GLU F 365 -11.59 10.03 -37.57
N ASP F 366 -11.15 8.94 -38.18
CA ASP F 366 -11.09 7.65 -37.52
C ASP F 366 -9.71 7.36 -36.94
N MET F 367 -8.83 8.36 -36.88
CA MET F 367 -7.46 8.25 -36.36
C MET F 367 -6.61 7.28 -37.18
N ASN F 368 -6.94 7.09 -38.46
CA ASN F 368 -6.13 6.29 -39.36
C ASN F 368 -5.04 7.15 -39.97
N LYS F 369 -3.79 6.71 -39.85
CA LYS F 369 -2.68 7.49 -40.35
C LYS F 369 -2.66 7.48 -41.87
N LEU F 370 -2.51 8.66 -42.45
CA LEU F 370 -2.58 8.85 -43.88
C LEU F 370 -1.18 8.88 -44.50
N PRO F 371 -1.05 8.48 -45.77
CA PRO F 371 0.27 8.52 -46.41
C PRO F 371 0.79 9.95 -46.52
N HIS F 372 2.12 10.07 -46.47
CA HIS F 372 2.76 11.39 -46.53
C HIS F 372 3.15 11.74 -47.96
N ASP F 373 2.13 11.83 -48.80
CA ASP F 373 2.28 12.46 -50.10
C ASP F 373 1.95 13.95 -49.98
N GLY F 374 2.33 14.71 -50.99
CA GLY F 374 2.10 16.14 -50.92
C GLY F 374 0.70 16.60 -51.20
N GLU F 375 -0.27 15.68 -51.24
CA GLU F 375 -1.64 16.04 -51.56
C GLU F 375 -2.64 15.61 -50.50
N THR F 376 -2.49 14.41 -49.93
CA THR F 376 -3.48 13.90 -48.98
C THR F 376 -3.43 14.72 -47.69
N ALA F 377 -4.58 15.22 -47.28
CA ALA F 377 -4.68 16.13 -46.15
C ALA F 377 -5.45 15.46 -45.00
N GLY F 378 -5.07 15.82 -43.78
CA GLY F 378 -5.72 15.31 -42.59
C GLY F 378 -5.29 16.12 -41.40
N GLU F 379 -5.89 15.81 -40.26
CA GLU F 379 -5.53 16.51 -39.03
C GLU F 379 -4.15 16.11 -38.56
N ILE F 380 -3.36 17.10 -38.13
CA ILE F 380 -2.07 16.84 -37.51
C ILE F 380 -2.31 16.38 -36.08
N VAL F 381 -1.77 15.22 -35.75
CA VAL F 381 -1.74 14.71 -34.38
C VAL F 381 -0.29 14.50 -33.99
N VAL F 382 0.05 14.86 -32.76
CA VAL F 382 1.44 14.94 -32.36
C VAL F 382 1.66 14.18 -31.06
N ARG F 383 2.87 13.67 -30.91
CA ARG F 383 3.42 13.22 -29.65
C ARG F 383 4.77 13.90 -29.48
N ALA F 384 5.00 14.49 -28.31
CA ALA F 384 6.21 15.26 -28.07
C ALA F 384 6.43 15.32 -26.56
N PRO F 385 7.66 15.62 -26.12
CA PRO F 385 7.92 15.71 -24.68
C PRO F 385 7.44 17.00 -24.04
N TRP F 386 6.75 17.89 -24.75
CA TRP F 386 6.32 19.16 -24.18
C TRP F 386 4.89 19.48 -24.56
N LEU F 387 4.00 18.50 -24.47
CA LEU F 387 2.59 18.71 -24.73
C LEU F 387 1.83 18.78 -23.41
N THR F 388 0.81 19.62 -23.37
CA THR F 388 -0.05 19.66 -22.20
C THR F 388 -0.83 18.35 -22.12
N PRO F 389 -0.87 17.71 -20.95
CA PRO F 389 -1.56 16.42 -20.86
C PRO F 389 -3.06 16.54 -20.92
N ASN F 390 -3.59 17.70 -20.55
CA ASN F 390 -5.02 17.96 -20.50
C ASN F 390 -5.20 19.45 -20.35
N TYR F 391 -6.45 19.89 -20.38
CA TYR F 391 -6.78 21.26 -20.00
C TYR F 391 -7.00 21.34 -18.50
N TYR F 392 -6.67 22.48 -17.94
CA TYR F 392 -6.76 22.66 -16.50
C TYR F 392 -8.22 22.59 -16.04
N LYS F 393 -8.47 21.75 -15.03
CA LYS F 393 -9.81 21.57 -14.45
C LYS F 393 -10.85 21.27 -15.53
N ASP F 394 -10.47 20.42 -16.48
CA ASP F 394 -11.32 20.10 -17.61
C ASP F 394 -11.17 18.62 -17.92
N ASN F 395 -12.29 17.96 -18.19
CA ASN F 395 -12.29 16.53 -18.47
C ASN F 395 -12.70 16.20 -19.89
N LYS F 396 -13.88 16.67 -20.32
CA LYS F 396 -14.40 16.27 -21.63
C LYS F 396 -13.58 16.85 -22.76
N ASN F 397 -13.22 18.14 -22.66
CA ASN F 397 -12.39 18.75 -23.69
C ASN F 397 -10.98 18.17 -23.69
N SER F 398 -10.48 17.78 -22.52
CA SER F 398 -9.18 17.14 -22.42
C SER F 398 -9.17 15.78 -23.13
N LYS F 399 -10.27 15.03 -23.01
CA LYS F 399 -10.35 13.74 -23.70
C LYS F 399 -10.34 13.91 -25.21
N ALA F 400 -11.02 14.94 -25.72
CA ALA F 400 -11.01 15.20 -27.16
C ALA F 400 -9.64 15.66 -27.63
N LEU F 401 -8.91 16.38 -26.79
CA LEU F 401 -7.56 16.84 -27.15
C LEU F 401 -6.61 15.67 -27.33
N TRP F 402 -6.75 14.63 -26.52
CA TRP F 402 -5.88 13.47 -26.57
C TRP F 402 -6.59 12.23 -27.09
N ARG F 403 -7.53 12.41 -28.01
CA ARG F 403 -8.28 11.30 -28.57
C ARG F 403 -7.37 10.40 -29.39
N GLY F 404 -7.47 9.09 -29.15
CA GLY F 404 -6.66 8.14 -29.89
C GLY F 404 -5.21 8.09 -29.47
N GLY F 405 -4.87 8.67 -28.32
CA GLY F 405 -3.51 8.63 -27.83
C GLY F 405 -2.57 9.66 -28.43
N TYR F 406 -3.08 10.61 -29.21
CA TYR F 406 -2.27 11.68 -29.77
C TYR F 406 -2.95 13.00 -29.49
N LEU F 407 -2.15 14.05 -29.37
CA LEU F 407 -2.69 15.39 -29.22
C LEU F 407 -3.19 15.89 -30.56
N HIS F 408 -4.44 16.34 -30.60
CA HIS F 408 -5.08 16.81 -31.82
C HIS F 408 -4.85 18.31 -31.97
N THR F 409 -4.21 18.71 -33.06
CA THR F 409 -3.91 20.11 -33.29
C THR F 409 -5.10 20.90 -33.81
N GLY F 410 -6.07 20.23 -34.44
CA GLY F 410 -7.14 20.94 -35.10
C GLY F 410 -6.74 21.55 -36.42
N ASP F 411 -5.57 21.19 -36.95
CA ASP F 411 -5.06 21.75 -38.19
C ASP F 411 -5.04 20.66 -39.25
N VAL F 412 -5.50 21.01 -40.44
CA VAL F 412 -5.48 20.09 -41.58
C VAL F 412 -4.25 20.39 -42.43
N ALA F 413 -3.48 19.35 -42.73
CA ALA F 413 -2.23 19.55 -43.44
C ALA F 413 -1.91 18.34 -44.29
N HIS F 414 -1.02 18.53 -45.25
CA HIS F 414 -0.38 17.43 -45.96
C HIS F 414 1.12 17.50 -45.72
N ILE F 415 1.73 16.34 -45.56
CA ILE F 415 3.18 16.21 -45.37
C ILE F 415 3.75 15.55 -46.61
N ASP F 416 4.75 16.19 -47.22
CA ASP F 416 5.31 15.66 -48.45
C ASP F 416 6.35 14.59 -48.15
N ASP F 417 7.01 14.11 -49.21
CA ASP F 417 7.99 13.03 -49.08
C ASP F 417 9.18 13.47 -48.23
N GLU F 418 9.64 14.69 -48.41
CA GLU F 418 10.79 15.20 -47.68
C GLU F 418 10.45 15.65 -46.26
N GLY F 419 9.22 15.42 -45.80
CA GLY F 419 8.83 15.76 -44.45
C GLY F 419 8.30 17.17 -44.27
N PHE F 420 8.21 17.96 -45.33
CA PHE F 420 7.72 19.33 -45.21
C PHE F 420 6.20 19.32 -45.01
N ILE F 421 5.77 19.82 -43.86
CA ILE F 421 4.35 19.96 -43.57
C ILE F 421 3.82 21.21 -44.26
N LYS F 422 2.57 21.15 -44.72
CA LYS F 422 1.89 22.31 -45.28
C LYS F 422 0.46 22.30 -44.77
N ILE F 423 0.13 23.26 -43.91
CA ILE F 423 -1.21 23.35 -43.34
C ILE F 423 -2.16 23.91 -44.40
N THR F 424 -3.29 23.22 -44.60
CA THR F 424 -4.25 23.61 -45.61
C THR F 424 -5.44 24.37 -45.03
N ASP F 425 -6.07 23.85 -43.97
CA ASP F 425 -7.17 24.56 -43.33
C ASP F 425 -7.29 24.04 -41.89
N ARG F 426 -8.40 24.37 -41.24
CA ARG F 426 -8.61 24.10 -39.83
C ARG F 426 -9.76 23.12 -39.63
N VAL F 427 -9.61 22.25 -38.63
CA VAL F 427 -10.74 21.44 -38.18
C VAL F 427 -11.69 22.27 -37.34
N LYS F 428 -11.14 22.98 -36.36
CA LYS F 428 -11.94 23.81 -35.46
C LYS F 428 -12.53 25.00 -36.21
N ASP F 429 -13.72 25.42 -35.77
CA ASP F 429 -14.41 26.57 -36.38
C ASP F 429 -13.96 27.85 -35.68
N MET F 430 -12.67 28.15 -35.84
CA MET F 430 -12.06 29.30 -35.21
C MET F 430 -11.30 30.11 -36.25
N ILE F 431 -11.20 31.41 -35.99
CA ILE F 431 -10.52 32.36 -36.86
C ILE F 431 -9.46 33.06 -36.04
N LYS F 432 -8.23 33.10 -36.56
CA LYS F 432 -7.13 33.79 -35.90
C LYS F 432 -6.88 35.12 -36.62
N ILE F 433 -6.91 36.21 -35.87
CA ILE F 433 -6.77 37.55 -36.41
C ILE F 433 -5.56 38.21 -35.72
N SER F 434 -4.51 38.44 -36.49
CA SER F 434 -3.29 39.11 -36.01
C SER F 434 -2.71 38.41 -34.77
N GLY F 435 -2.87 37.09 -34.70
CA GLY F 435 -2.36 36.33 -33.58
C GLY F 435 -3.35 36.12 -32.44
N GLU F 436 -4.57 36.59 -32.56
CA GLU F 436 -5.60 36.39 -31.55
C GLU F 436 -6.75 35.58 -32.11
N TRP F 437 -7.39 34.79 -31.24
CA TRP F 437 -8.44 33.89 -31.64
C TRP F 437 -9.81 34.55 -31.52
N VAL F 438 -10.69 34.23 -32.46
CA VAL F 438 -12.10 34.55 -32.35
C VAL F 438 -12.89 33.31 -32.76
N SER F 439 -13.99 33.06 -32.05
CA SER F 439 -14.82 31.90 -32.33
C SER F 439 -15.95 32.29 -33.27
N SER F 440 -16.11 31.56 -34.37
CA SER F 440 -17.16 31.86 -35.32
C SER F 440 -18.54 31.68 -34.68
N LEU F 441 -18.71 30.58 -33.92
CA LEU F 441 -19.99 30.34 -33.27
C LEU F 441 -20.33 31.42 -32.25
N GLU F 442 -19.33 31.89 -31.51
CA GLU F 442 -19.56 32.98 -30.57
C GLU F 442 -19.90 34.28 -31.30
N LEU F 443 -19.23 34.54 -32.43
CA LEU F 443 -19.56 35.72 -33.23
C LEU F 443 -20.94 35.60 -33.84
N GLU F 444 -21.33 34.40 -34.26
CA GLU F 444 -22.67 34.18 -34.79
C GLU F 444 -23.73 34.46 -33.74
N ASP F 445 -23.49 34.02 -32.50
CA ASP F 445 -24.47 34.21 -31.44
C ASP F 445 -24.72 35.69 -31.17
N ILE F 446 -23.65 36.49 -31.13
CA ILE F 446 -23.81 37.92 -30.87
C ILE F 446 -24.55 38.59 -32.01
N LEU F 447 -24.18 38.29 -33.25
CA LEU F 447 -24.87 38.89 -34.40
C LEU F 447 -26.29 38.36 -34.53
N HIS F 448 -26.56 37.15 -34.02
CA HIS F 448 -27.92 36.63 -34.04
C HIS F 448 -28.82 37.34 -33.04
N GLN F 449 -28.24 38.02 -32.05
CA GLN F 449 -29.04 38.78 -31.09
C GLN F 449 -29.71 39.99 -31.71
N HIS F 450 -29.31 40.38 -32.91
CA HIS F 450 -30.00 41.46 -33.62
C HIS F 450 -31.41 41.03 -33.99
N GLN F 451 -32.35 41.98 -33.88
CA GLN F 451 -33.76 41.66 -34.11
C GLN F 451 -34.06 41.37 -35.57
N SER F 452 -33.33 41.98 -36.49
CA SER F 452 -33.57 41.83 -37.92
C SER F 452 -32.57 40.87 -38.56
N VAL F 453 -32.19 39.83 -37.82
CA VAL F 453 -31.27 38.80 -38.29
C VAL F 453 -31.97 37.46 -38.19
N SER F 454 -31.95 36.70 -39.28
CA SER F 454 -32.52 35.36 -39.31
C SER F 454 -31.46 34.27 -39.17
N GLU F 455 -30.38 34.35 -39.94
CA GLU F 455 -29.30 33.38 -39.88
C GLU F 455 -27.97 34.09 -40.06
N VAL F 456 -26.95 33.65 -39.32
CA VAL F 456 -25.61 34.20 -39.39
C VAL F 456 -24.62 33.05 -39.55
N ALA F 457 -23.70 33.19 -40.49
CA ALA F 457 -22.60 32.25 -40.68
C ALA F 457 -21.32 33.05 -40.81
N VAL F 458 -20.40 32.88 -39.85
CA VAL F 458 -19.15 33.61 -39.82
C VAL F 458 -18.04 32.70 -40.32
N ILE F 459 -17.29 33.17 -41.32
CA ILE F 459 -16.18 32.43 -41.88
C ILE F 459 -14.94 33.31 -41.85
N GLY F 460 -13.78 32.68 -41.84
CA GLY F 460 -12.53 33.41 -41.87
C GLY F 460 -12.05 33.70 -43.27
N MET F 461 -12.03 34.96 -43.66
CA MET F 461 -11.49 35.34 -44.96
C MET F 461 -10.01 35.66 -44.83
N PRO F 462 -9.15 35.08 -45.66
CA PRO F 462 -7.72 35.40 -45.58
C PRO F 462 -7.47 36.87 -45.84
N HIS F 463 -6.46 37.40 -45.16
CA HIS F 463 -6.08 38.81 -45.25
C HIS F 463 -4.58 38.91 -45.39
N ASN F 464 -4.13 39.86 -46.22
CA ASN F 464 -2.69 40.02 -46.45
C ASN F 464 -1.98 40.55 -45.21
N LYS F 465 -2.68 41.38 -44.43
CA LYS F 465 -2.07 42.02 -43.27
C LYS F 465 -2.44 41.33 -41.96
N TRP F 466 -3.72 41.00 -41.78
CA TRP F 466 -4.20 40.40 -40.55
C TRP F 466 -4.16 38.88 -40.54
N GLY F 467 -3.85 38.25 -41.67
CA GLY F 467 -3.91 36.80 -41.75
C GLY F 467 -5.28 36.31 -42.13
N GLU F 468 -6.23 36.41 -41.20
CA GLU F 468 -7.63 36.10 -41.46
C GLU F 468 -8.49 37.21 -40.86
N VAL F 469 -9.57 37.55 -41.54
CA VAL F 469 -10.55 38.48 -41.00
C VAL F 469 -11.90 37.75 -40.97
N PRO F 470 -12.78 38.06 -40.02
CA PRO F 470 -14.07 37.38 -39.97
C PRO F 470 -15.05 37.97 -40.97
N LEU F 471 -15.75 37.09 -41.67
CA LEU F 471 -16.78 37.48 -42.63
C LEU F 471 -18.10 36.88 -42.19
N ALA F 472 -19.09 37.73 -41.91
CA ALA F 472 -20.41 37.28 -41.50
C ALA F 472 -21.36 37.38 -42.68
N LEU F 473 -21.90 36.23 -43.09
CA LEU F 473 -22.91 36.17 -44.15
C LEU F 473 -24.28 36.05 -43.48
N VAL F 474 -25.04 37.15 -43.52
CA VAL F 474 -26.27 37.30 -42.75
C VAL F 474 -27.45 37.19 -43.69
N THR F 475 -28.39 36.31 -43.35
CA THR F 475 -29.66 36.21 -44.08
C THR F 475 -30.69 37.05 -43.33
N LEU F 476 -31.33 37.98 -44.04
CA LEU F 476 -32.29 38.87 -43.41
C LEU F 476 -33.58 38.12 -43.06
N LYS F 477 -34.41 38.77 -42.26
CA LYS F 477 -35.66 38.18 -41.82
C LYS F 477 -36.67 38.22 -42.97
N GLU F 478 -37.92 37.87 -42.67
CA GLU F 478 -38.94 37.76 -43.72
C GLU F 478 -39.16 39.08 -44.43
N ASP F 479 -39.22 40.18 -43.67
CA ASP F 479 -39.40 41.51 -44.26
C ASP F 479 -38.51 42.52 -43.55
N ALA F 480 -37.25 42.17 -43.31
CA ALA F 480 -36.31 43.05 -42.62
C ALA F 480 -35.36 43.70 -43.61
N GLN F 481 -34.93 44.91 -43.28
CA GLN F 481 -33.96 45.66 -44.09
C GLN F 481 -33.04 46.41 -43.13
N VAL F 482 -31.87 45.84 -42.89
CA VAL F 482 -30.86 46.41 -42.01
C VAL F 482 -29.54 46.49 -42.77
N THR F 483 -28.91 47.66 -42.74
CA THR F 483 -27.67 47.83 -43.48
C THR F 483 -26.54 47.06 -42.81
N GLU F 484 -25.48 46.81 -43.59
CA GLU F 484 -24.36 46.02 -43.09
C GLU F 484 -23.59 46.75 -42.00
N LYS F 485 -23.39 48.06 -42.15
CA LYS F 485 -22.63 48.82 -41.17
C LYS F 485 -23.35 48.93 -39.83
N GLU F 486 -24.68 48.78 -39.81
CA GLU F 486 -25.40 48.80 -38.54
C GLU F 486 -25.00 47.60 -37.67
N LEU F 487 -24.82 46.43 -38.27
CA LEU F 487 -24.39 45.26 -37.51
C LEU F 487 -22.97 45.43 -37.00
N LEU F 488 -22.11 46.10 -37.77
CA LEU F 488 -20.75 46.35 -37.30
C LEU F 488 -20.74 47.23 -36.06
N GLY F 489 -21.58 48.28 -36.05
CA GLY F 489 -21.75 49.07 -34.85
C GLY F 489 -22.42 48.33 -33.73
N PHE F 490 -23.35 47.43 -34.07
CA PHE F 490 -23.99 46.59 -33.06
C PHE F 490 -22.98 45.70 -32.34
N ALA F 491 -22.06 45.09 -33.11
CA ALA F 491 -21.06 44.23 -32.50
C ALA F 491 -20.00 45.04 -31.77
N LYS F 492 -19.79 46.29 -32.18
CA LYS F 492 -18.78 47.13 -31.51
C LYS F 492 -19.16 47.40 -30.07
N ASP F 493 -20.46 47.50 -29.78
CA ASP F 493 -20.91 47.75 -28.42
C ASP F 493 -20.54 46.60 -27.49
N PHE F 494 -20.58 45.37 -28.00
CA PHE F 494 -20.11 44.23 -27.22
C PHE F 494 -18.62 44.35 -26.92
N ILE F 495 -17.85 44.88 -27.86
CA ILE F 495 -16.43 45.09 -27.63
C ILE F 495 -16.20 46.17 -26.59
N ASN F 496 -16.99 47.25 -26.65
CA ASN F 496 -16.83 48.35 -25.70
C ASN F 496 -17.16 47.90 -24.28
N LYS F 497 -18.01 46.90 -24.13
CA LYS F 497 -18.33 46.35 -22.81
C LYS F 497 -17.33 45.30 -22.36
N GLY F 498 -16.36 44.95 -23.19
CA GLY F 498 -15.36 43.96 -22.83
C GLY F 498 -15.82 42.53 -22.94
N ILE F 499 -16.92 42.25 -23.63
CA ILE F 499 -17.42 40.90 -23.78
C ILE F 499 -16.87 40.22 -25.02
N LEU F 500 -16.86 40.94 -26.14
CA LEU F 500 -16.33 40.43 -27.40
C LEU F 500 -14.91 40.94 -27.61
N ALA F 501 -14.12 40.14 -28.33
CA ALA F 501 -12.71 40.45 -28.55
C ALA F 501 -12.56 41.70 -29.42
N ARG F 502 -11.49 42.44 -29.17
CA ARG F 502 -11.19 43.64 -29.93
C ARG F 502 -10.97 43.34 -31.39
N GLU F 503 -10.52 42.12 -31.71
CA GLU F 503 -10.20 41.74 -33.09
C GLU F 503 -11.42 41.60 -33.96
N ALA F 504 -12.63 41.59 -33.38
CA ALA F 504 -13.85 41.57 -34.17
C ALA F 504 -14.17 42.92 -34.79
N LEU F 505 -13.40 43.96 -34.47
CA LEU F 505 -13.56 45.26 -35.12
C LEU F 505 -13.31 45.19 -36.62
N LEU F 506 -12.61 44.15 -37.08
CA LEU F 506 -12.35 43.94 -38.50
C LEU F 506 -13.36 43.02 -39.15
N LEU F 507 -14.48 42.78 -38.50
CA LEU F 507 -15.53 41.93 -39.07
C LEU F 507 -16.14 42.61 -40.30
N LYS F 508 -16.42 41.80 -41.32
CA LYS F 508 -17.12 42.25 -42.53
C LYS F 508 -18.45 41.53 -42.61
N VAL F 509 -19.52 42.29 -42.81
CA VAL F 509 -20.86 41.76 -42.92
C VAL F 509 -21.26 41.76 -44.39
N LYS F 510 -21.62 40.59 -44.91
CA LYS F 510 -22.08 40.44 -46.29
C LYS F 510 -23.48 39.86 -46.26
N ILE F 511 -24.48 40.69 -46.57
CA ILE F 511 -25.87 40.25 -46.56
C ILE F 511 -26.09 39.34 -47.76
N VAL F 512 -26.62 38.15 -47.52
CA VAL F 512 -26.83 37.15 -48.55
C VAL F 512 -28.27 36.64 -48.45
N ASP F 513 -28.83 36.26 -49.60
CA ASP F 513 -30.23 35.83 -49.63
C ASP F 513 -30.40 34.47 -48.97
N GLU F 514 -29.40 33.59 -49.06
CA GLU F 514 -29.50 32.26 -48.46
C GLU F 514 -28.12 31.84 -47.98
N ILE F 515 -28.11 30.85 -47.08
CA ILE F 515 -26.89 30.27 -46.55
C ILE F 515 -26.90 28.79 -46.91
N ALA F 516 -25.86 28.35 -47.63
CA ALA F 516 -25.78 26.97 -48.08
C ALA F 516 -25.67 26.02 -46.89
N LYS F 517 -26.43 24.94 -46.93
CA LYS F 517 -26.47 23.96 -45.85
C LYS F 517 -26.20 22.57 -46.40
N THR F 518 -26.31 21.57 -45.54
CA THR F 518 -26.09 20.17 -45.88
C THR F 518 -27.39 19.41 -45.87
N SER F 519 -27.32 18.14 -46.29
CA SER F 519 -28.49 17.27 -46.27
C SER F 519 -28.99 17.04 -44.85
N VAL F 520 -28.08 17.10 -43.86
CA VAL F 520 -28.48 16.90 -42.47
C VAL F 520 -29.07 18.16 -41.87
N GLY F 521 -28.93 19.30 -42.55
CA GLY F 521 -29.43 20.56 -42.06
C GLY F 521 -28.38 21.49 -41.48
N LYS F 522 -27.16 20.99 -41.26
CA LYS F 522 -26.10 21.82 -40.72
C LYS F 522 -25.59 22.80 -41.77
N VAL F 523 -24.98 23.89 -41.30
CA VAL F 523 -24.38 24.87 -42.19
C VAL F 523 -23.12 24.27 -42.79
N ASP F 524 -23.00 24.38 -44.13
CA ASP F 524 -21.85 23.83 -44.85
C ASP F 524 -20.83 24.96 -45.04
N LYS F 525 -19.97 25.13 -44.03
CA LYS F 525 -18.96 26.18 -44.11
C LYS F 525 -17.88 25.86 -45.14
N LYS F 526 -17.60 24.57 -45.36
CA LYS F 526 -16.62 24.20 -46.37
C LYS F 526 -17.06 24.63 -47.76
N GLU F 527 -18.33 24.40 -48.09
CA GLU F 527 -18.87 24.90 -49.36
C GLU F 527 -19.15 26.40 -49.29
N LEU F 528 -19.35 26.94 -48.09
CA LEU F 528 -19.68 28.35 -47.95
C LEU F 528 -18.48 29.24 -48.31
N ARG F 529 -17.27 28.79 -47.97
CA ARG F 529 -16.08 29.59 -48.25
C ARG F 529 -15.79 29.65 -49.74
N LYS F 530 -16.15 28.62 -50.49
CA LYS F 530 -15.97 28.65 -51.94
C LYS F 530 -16.83 29.73 -52.59
N LEU F 531 -18.09 29.85 -52.16
CA LEU F 531 -18.98 30.84 -52.74
C LEU F 531 -18.53 32.26 -52.41
N HIS F 532 -18.08 32.48 -51.18
CA HIS F 532 -17.65 33.82 -50.77
C HIS F 532 -16.21 33.80 -50.26
#